data_9AVJ
#
_entry.id   9AVJ
#
_cell.length_a   1.00
_cell.length_b   1.00
_cell.length_c   1.00
_cell.angle_alpha   90.00
_cell.angle_beta   90.00
_cell.angle_gamma   90.00
#
_symmetry.space_group_name_H-M   'P 1'
#
loop_
_entity.id
_entity.type
_entity.pdbx_description
1 polymer 'ATP synthase subunit alpha'
2 polymer 'ATP synthase subunit alpha'
3 polymer 'ATP synthase subunit alpha'
4 polymer 'ATP synthase subunit beta'
5 polymer 'ATP synthase subunit beta'
6 polymer 'ATP synthase subunit beta'
7 polymer 'ATP synthase gamma chain'
8 non-polymer 'PHOSPHOAMINOPHOSPHONIC ACID-ADENYLATE ESTER'
9 non-polymer 'MAGNESIUM ION'
#
loop_
_entity_poly.entity_id
_entity_poly.type
_entity_poly.pdbx_seq_one_letter_code
_entity_poly.pdbx_strand_id
1 'polypeptide(L)'
;SDVGTVIQVGDGIARAHGLDNVMSGELVEFANGVMGMALNLEENNVGIVILGPYTGIKEGDEVRRTGRIMEVPVGEALIG
RVVNPLGQPVDGLGPVETTETRPIESRAPGVMDRRSVHEPLQTGIKAIDALVPIGRGQRELIIGDRQTGKTSVAIDTIIN
QKDQNMISIYVAIGQKESTVRTVVETLRKHGALDYTIVVTASASQPAPLLFLAPYAGVAMGEYFMYKGKHVLVVYDDLSK
QAAAYRELSLLLRRPPGREAYPGDIFYLHSRLLERAAKLSDAKGGGSLTALPFVETQAGDISAYIPTNVISITDGQIFLQ
SDLFFSGVRPAINAGLSVSRVGGAAQIKAMKKVAGTLRLDLAAYRELEAFAQFGSDLDKATQAKLARGARTVEVLKQDLH
QPIPVEKQVLIIYALTRGFLDDIPVEDVRRFEKEFYLFLDQNGQHLLEHIRTTKDLPNEDDLNKAIEAFKKTFV
;
A
2 'polypeptide(L)'
;DVGTVIQVGDGIARAHGLDNVMSGELVEFANGVMGMALNLEENNVGIVILGPYTGIKEGDEVRRTGRIMEVPVGEALIGR
VVNPLGQPVDGLGPVETTETRPIESRAPGVMDRRSVHEPLQTGIKAIDALVPIGRGQRELIIGDRQTGKTSVAIDTIINQ
KDQNMISIYVAIGQKESTVRTVVETLRKHGALDYTIVVTASASQPAPLLFLAPYAGVAMGEYFMYKGKHVLVVYDDLSKQ
AAAYRELSLLLRRPPGREAYPGDIFYLHSRLLERAAKLSDAKGGGSLTALPFVETQAGDISAYIPTNVISITDGQIFLQS
DLFFSGVRPAINAGLSVSRVGGAAQIKAMKKVAGTLRLDLAAYRELEAFAQFGSDLDKATQAKLARGARTVEVLKQDLHQ
PIPVEKQVLIIYALTRGFLDDIPVEDVRRFEKEFYLFLDQNGQHLLEHIRTTKDLPNEDDLNKAIEAFKKTFVVS
;
B
3 'polypeptide(L)'
;SDVGTVIQVGDGIARAHGLDNVMSGELVEFANGVMGMALNLEENNVGIVILGPYTGIKEGDEVRRTGRIMEVPVGEALIG
RVVNPLGQPVDGLGPVETTETRPIESRAPGVMDRRSVHEPLQTGIKAIDALVPIGRGQRELIIGDRQTGKTSVAIDTIIN
QKDQNMISIYVAIGQKESTVRTVVETLRKHGALDYTIVVTASASQPAPLLFLAPYAGVAMGEYFMYKGKHVLVVYDDLSK
QAAAYRELSLLLRRPPGREAYPGDIFYLHSRLLERAAKLSDAKGGGSLTALPFVETQAGDISAYIPTNVISITDGQIFLQ
SDLFFSGVRPAINAGLSVSRVGGAAQIKAMKKVAGTLRLDLAAYRELEAFAQFGSDLDKATQAKLARGARTVEVLKQDLH
QPIPVEKQVLIIYALTRGFLDDIPVEDVRRFEKEFYLFLDQNGQHLLEHIRTTKDLPNEDDLNKAIEAFKKTFVVS
;
C
4 'polypeptide(L)'
;TRGRVIQVMGPVVDVKFENGHLPAIYNALKIQHKARNENEVDIDLTLEVALHLGDDTVRTIAMASTDGLIRGMEVIDTGA
PISVPVGEVTLGRVFNVLGEPIDLEGDIPADARRDPIHRPAPKFEELATEVEILETGIKVVDLLAPYIKGGKIGLFGGAG
VGKTVLIQELIHNIAQEHGGISVFAGVGERTREGNDLYHEMKDSGVISKTAMVFGQMNEPPGARMRVALTGLTMAEYFRD
EQGQDVLLFIDNIFRFTQAGSEVSALLGRMPSAVGYQPTLATEMGQLQERITSTAKGSITSIQAIYVPADDYTDPAPATT
FSHLDATTNLERKLAEMGIYPAVDPLASTSRALAPEIVGEEHYQVARKVQQTLQRYKELQDIIAILGMDELSDEDKLVVH
RARRIQFFLSQNFHVAEQFTGQPGSYVPVKETVRGFKEILEGKYDHLPEDAFRLVGRIEEVVEKAKAMGV
;
D
5 'polypeptide(L)'
;MTRGRVIQVMGPVVDVKFENGHLPAIYNALKIQHKARNENEVDIDLTLEVALHLGDDTVRTIAMASTDGLIRGMEVIDTG
APISVPVGEVTLGRVFNVLGEPIDLEGDIPADARRDPIHRPAPKFEELATEVEILETGIKVVDLLAPYIKGGKIGLFGGA
GVGKTVLIQELIHNIAQEHGGISVFAGVGERTREGNDLYHEMKDSGVISKTAMVFGQMNEPPGARMRVALTGLTMAEYFR
DEQGQDVLLFIDNIFRFTQAGSEVSALLGRMPSAVGYQPTLATEMGQLQERITSTAKGSITSIQAIYVPADDYTDPAPAT
TFSHLDATTNLERKLAEMGIYPAVDPLASTSRALAPEIVGEEHYQVARKVQQTLQRYKELQDIIAILGMDELSDEDKLVV
HRARRIQFFLSQNFHVAEQFTGQPGSYVPVKETVRGFKEILEGKYDHLPEDAFRLVGRIEEVVEKAKAMG
;
E
6 'polypeptide(L)'
;MTRGRVIQVMGPVVDVKFENGHLPAIYNALKIQHKARNENEVDIDLTLEVALHLGDDTVRTIAMASTDGLIRGMEVIDTG
APISVPVGEVTLGRVFNVLGEPIDLEGDIPADARRDPIHRPAPKFEELATEVEILETGIKVVDLLAPYIKGGKIGLFGGA
GVGKTVLIQELIHNIAQEHGGISVFAGVGDRTREGNDLYHEMKDSGVISKTAMVFGQMNEPPGARMRVALTGLTMAEYFR
DEQGQDVLLFIDNIFRFTQAGSEVSALLGRMPSAVGYQPTLATEMGQLQERITSTAKGSITSIQAIYVPADDYTDPAPAT
TFSHLDATTNLERKLAEMGIYPAVDPLASTSRALAPEIVGEEHYQVARKVQQTLQRYKELQDIIAILGMDELSDEDKLVV
HRARRIQFFLSQNFHVAEQFTGQPGSYVPVKETVRGFKEILEGKYDHLPEDAFRLVGRIEEVVEKAKAMGV
;
F
7 'polypeptide(L)'
;SLRDIKTRINATKKTSQITKAMEMVSTSKLNRAEQNAKSFVPYMEKIQEVVANVALGAGGASHPMLVSRPVKKTGYLVIT
SDRGLAGAYNSNVLRLVYQTIQKRHACPDEYAIIVIGRVGLSFFRKRNMPVILDITRLPDQPSFADIKEIARKTVGLFAD
GTFDELYMYYNHYVSAIQQEVTERKLLPLCDLAENKQRTVYEFEPSQEEILDVLLPQYAESLIYGALLDAKASEHAARMT
AMKNATDNANELIRTLTLSYNRARQAAITQEITEIVAGANAL
;
G
#
# COMPACT_ATOMS: atom_id res chain seq x y z
N VAL A 3 10.92 16.61 47.96
CA VAL A 3 11.69 15.42 47.68
C VAL A 3 10.77 14.20 47.59
N GLY A 4 11.11 13.25 46.72
CA GLY A 4 10.26 12.10 46.49
C GLY A 4 11.10 10.86 46.24
N THR A 5 10.41 9.77 45.91
CA THR A 5 11.03 8.48 45.70
C THR A 5 10.78 8.00 44.28
N VAL A 6 11.71 7.19 43.77
CA VAL A 6 11.62 6.61 42.43
C VAL A 6 11.01 5.22 42.54
N ILE A 7 10.11 4.87 41.62
CA ILE A 7 9.37 3.62 41.69
C ILE A 7 9.70 2.69 40.52
N GLN A 8 9.69 3.24 39.30
CA GLN A 8 9.93 2.45 38.09
C GLN A 8 11.11 3.04 37.31
N VAL A 9 11.98 2.16 36.82
CA VAL A 9 13.17 2.55 36.08
C VAL A 9 13.28 1.68 34.83
N GLY A 10 13.70 2.29 33.72
CA GLY A 10 13.99 1.50 32.52
C GLY A 10 14.21 2.33 31.27
N ASP A 11 15.21 1.95 30.48
CA ASP A 11 15.54 2.62 29.21
C ASP A 11 15.73 4.13 29.39
N GLY A 12 16.29 4.54 30.53
CA GLY A 12 16.51 5.94 30.79
C GLY A 12 15.29 6.70 31.23
N ILE A 13 14.13 6.07 31.30
CA ILE A 13 12.89 6.70 31.75
C ILE A 13 12.63 6.27 33.18
N ALA A 14 12.14 7.18 34.01
CA ALA A 14 11.78 6.84 35.38
C ALA A 14 10.42 7.42 35.69
N ARG A 15 9.70 6.75 36.60
CA ARG A 15 8.48 7.29 37.17
C ARG A 15 8.69 7.40 38.68
N ALA A 16 8.36 8.56 39.23
CA ALA A 16 8.56 8.81 40.65
C ALA A 16 7.25 9.15 41.32
N HIS A 17 7.16 8.79 42.61
CA HIS A 17 6.07 9.21 43.47
C HIS A 17 6.57 10.31 44.40
N GLY A 18 5.71 11.30 44.63
CA GLY A 18 6.08 12.49 45.37
C GLY A 18 6.12 13.72 44.49
N LEU A 19 7.03 14.65 44.78
CA LEU A 19 7.26 15.82 43.94
C LEU A 19 5.97 16.63 43.74
N ASP A 20 5.44 17.13 44.87
CA ASP A 20 4.13 17.77 44.85
C ASP A 20 4.11 19.02 43.99
N ASN A 21 5.13 19.87 44.12
CA ASN A 21 5.14 21.17 43.46
C ASN A 21 6.06 21.22 42.24
N VAL A 22 6.32 20.06 41.62
CA VAL A 22 7.19 20.05 40.44
C VAL A 22 6.45 20.65 39.26
N MET A 23 7.08 21.63 38.62
CA MET A 23 6.53 22.26 37.44
C MET A 23 6.93 21.48 36.19
N SER A 24 6.17 21.69 35.11
CA SER A 24 6.50 21.06 33.84
C SER A 24 7.78 21.67 33.28
N GLY A 25 8.74 20.81 32.95
CA GLY A 25 10.04 21.27 32.49
C GLY A 25 11.03 21.55 33.58
N GLU A 26 10.67 21.36 34.84
CA GLU A 26 11.58 21.62 35.95
C GLU A 26 12.68 20.56 36.00
N LEU A 27 13.89 20.99 36.30
CA LEU A 27 15.00 20.07 36.49
C LEU A 27 14.87 19.33 37.81
N VAL A 28 15.29 18.06 37.81
CA VAL A 28 15.37 17.25 39.02
C VAL A 28 16.72 16.57 39.05
N GLU A 29 17.16 16.22 40.26
CA GLU A 29 18.47 15.60 40.43
C GLU A 29 18.35 14.37 41.33
N PHE A 30 19.26 13.44 41.12
CA PHE A 30 19.35 12.24 41.94
C PHE A 30 20.64 12.27 42.76
N ALA A 31 20.78 11.30 43.66
CA ALA A 31 21.99 11.21 44.47
C ALA A 31 23.22 10.96 43.62
N ASN A 32 23.05 10.30 42.48
CA ASN A 32 24.18 9.99 41.59
C ASN A 32 24.71 11.20 40.83
N GLY A 33 24.00 12.32 40.83
CA GLY A 33 24.47 13.52 40.18
C GLY A 33 24.02 13.75 38.75
N VAL A 34 23.30 12.80 38.15
CA VAL A 34 22.80 12.96 36.78
C VAL A 34 21.49 13.73 36.80
N MET A 35 21.33 14.64 35.84
CA MET A 35 20.16 15.52 35.78
C MET A 35 18.99 14.83 35.10
N GLY A 36 17.79 15.35 35.33
CA GLY A 36 16.60 14.82 34.67
C GLY A 36 15.55 15.89 34.47
N MET A 37 14.69 15.65 33.49
CA MET A 37 13.63 16.58 33.09
C MET A 37 12.27 15.93 33.26
N ALA A 38 11.34 16.65 33.87
CA ALA A 38 9.96 16.19 34.03
C ALA A 38 9.17 16.56 32.79
N LEU A 39 8.58 15.56 32.14
CA LEU A 39 7.85 15.79 30.90
C LEU A 39 6.37 15.44 30.99
N ASN A 40 5.98 14.50 31.86
CA ASN A 40 4.58 14.15 32.05
C ASN A 40 4.23 14.24 33.52
N LEU A 41 3.06 14.81 33.81
CA LEU A 41 2.57 15.02 35.16
C LEU A 41 1.22 14.31 35.29
N GLU A 42 1.25 13.13 35.90
CA GLU A 42 0.03 12.37 36.14
C GLU A 42 -0.48 12.65 37.56
N GLU A 43 -1.51 11.90 37.97
CA GLU A 43 -2.12 12.16 39.27
C GLU A 43 -1.23 11.71 40.42
N ASN A 44 -0.63 10.51 40.30
CA ASN A 44 0.14 9.94 41.40
C ASN A 44 1.60 9.65 41.02
N ASN A 45 2.04 10.00 39.81
CA ASN A 45 3.41 9.75 39.42
C ASN A 45 3.86 10.85 38.47
N VAL A 46 5.17 11.09 38.46
CA VAL A 46 5.81 12.09 37.61
C VAL A 46 6.80 11.37 36.71
N GLY A 47 6.76 11.68 35.41
CA GLY A 47 7.66 11.05 34.46
C GLY A 47 8.94 11.84 34.26
N ILE A 48 10.07 11.25 34.67
CA ILE A 48 11.37 11.90 34.60
C ILE A 48 12.17 11.28 33.47
N VAL A 49 12.73 12.13 32.62
CA VAL A 49 13.54 11.72 31.48
C VAL A 49 14.98 12.14 31.75
N ILE A 50 15.90 11.17 31.65
CA ILE A 50 17.24 11.31 32.22
C ILE A 50 18.25 11.60 31.12
N LEU A 51 19.13 12.58 31.37
CA LEU A 51 20.06 13.11 30.39
C LEU A 51 21.43 12.43 30.39
N GLY A 52 21.63 11.40 31.23
CA GLY A 52 22.92 10.76 31.32
C GLY A 52 22.83 9.27 31.57
N PRO A 53 23.96 8.66 31.95
CA PRO A 53 23.97 7.20 32.18
C PRO A 53 23.10 6.84 33.37
N TYR A 54 22.20 5.87 33.17
CA TYR A 54 21.18 5.54 34.15
C TYR A 54 21.43 4.20 34.85
N THR A 55 22.51 3.50 34.52
CA THR A 55 22.70 2.14 35.02
C THR A 55 22.77 2.08 36.53
N GLY A 56 23.20 3.17 37.18
CA GLY A 56 23.38 3.16 38.62
C GLY A 56 22.18 3.54 39.46
N ILE A 57 21.08 3.98 38.87
CA ILE A 57 19.92 4.37 39.65
C ILE A 57 19.12 3.13 40.02
N LYS A 58 18.65 3.10 41.27
CA LYS A 58 17.90 2.00 41.84
C LYS A 58 16.54 2.50 42.31
N GLU A 59 15.59 1.59 42.41
CA GLU A 59 14.31 1.92 43.04
C GLU A 59 14.56 2.26 44.51
N GLY A 60 13.82 3.25 45.01
CA GLY A 60 14.00 3.73 46.36
C GLY A 60 14.98 4.87 46.51
N ASP A 61 15.66 5.27 45.43
CA ASP A 61 16.54 6.42 45.48
C ASP A 61 15.74 7.70 45.64
N GLU A 62 16.35 8.70 46.27
CA GLU A 62 15.71 9.97 46.50
C GLU A 62 15.93 10.90 45.32
N VAL A 63 14.92 11.71 45.01
CA VAL A 63 14.97 12.69 43.92
C VAL A 63 14.67 14.05 44.50
N ARG A 64 15.48 15.03 44.13
CA ARG A 64 15.42 16.39 44.67
C ARG A 64 15.05 17.38 43.57
N ARG A 65 14.17 18.32 43.89
CA ARG A 65 13.77 19.35 42.95
C ARG A 65 14.81 20.47 42.93
N THR A 66 15.24 20.85 41.73
CA THR A 66 16.25 21.90 41.60
C THR A 66 15.66 23.28 41.81
N GLY A 67 14.43 23.52 41.36
CA GLY A 67 13.80 24.81 41.51
C GLY A 67 14.05 25.80 40.40
N ARG A 68 14.44 25.34 39.21
CA ARG A 68 14.69 26.24 38.09
C ARG A 68 14.42 25.53 36.77
N ILE A 69 14.19 26.33 35.74
CA ILE A 69 13.97 25.86 34.37
C ILE A 69 15.33 25.62 33.72
N MET A 70 15.33 24.99 32.55
CA MET A 70 16.57 24.81 31.79
C MET A 70 17.27 26.14 31.57
N GLU A 71 18.56 26.16 31.84
CA GLU A 71 19.40 27.34 31.62
C GLU A 71 20.65 26.89 30.86
N VAL A 72 21.08 27.70 29.90
CA VAL A 72 22.25 27.40 29.09
C VAL A 72 23.18 28.60 29.18
N PRO A 73 24.42 28.44 29.64
CA PRO A 73 25.34 29.58 29.69
C PRO A 73 25.80 29.98 28.29
N VAL A 74 25.96 31.29 28.08
CA VAL A 74 26.40 31.82 26.80
C VAL A 74 27.51 32.83 27.03
N GLY A 75 28.26 33.10 25.96
CA GLY A 75 29.36 34.05 26.01
C GLY A 75 30.18 34.05 24.75
N GLU A 76 30.81 35.19 24.44
CA GLU A 76 31.64 35.27 23.23
C GLU A 76 32.89 34.41 23.35
N ALA A 77 33.41 34.23 24.57
CA ALA A 77 34.61 33.43 24.76
C ALA A 77 34.40 31.96 24.41
N LEU A 78 33.14 31.51 24.37
CA LEU A 78 32.85 30.12 24.02
C LEU A 78 33.27 29.78 22.60
N ILE A 79 33.45 30.78 21.73
CA ILE A 79 33.77 30.52 20.34
C ILE A 79 35.07 29.74 20.24
N GLY A 80 35.03 28.64 19.49
CA GLY A 80 36.19 27.77 19.36
C GLY A 80 36.03 26.51 20.18
N ARG A 81 35.50 26.67 21.38
CA ARG A 81 35.25 25.52 22.25
C ARG A 81 34.17 24.62 21.67
N VAL A 82 34.32 23.32 21.89
CA VAL A 82 33.31 22.34 21.56
C VAL A 82 32.57 21.98 22.84
N VAL A 83 31.24 22.05 22.81
CA VAL A 83 30.43 21.92 24.01
C VAL A 83 29.31 20.91 23.76
N ASN A 84 28.84 20.32 24.86
CA ASN A 84 27.66 19.48 24.83
C ASN A 84 26.42 20.35 24.65
N PRO A 85 25.28 19.75 24.26
CA PRO A 85 24.03 20.53 24.28
C PRO A 85 23.71 21.08 25.66
N LEU A 86 24.12 20.40 26.72
CA LEU A 86 24.09 20.95 28.06
C LEU A 86 25.40 21.70 28.33
N GLY A 87 25.37 22.56 29.35
CA GLY A 87 26.52 23.40 29.65
C GLY A 87 27.65 22.67 30.35
N GLN A 88 28.34 21.77 29.63
CA GLN A 88 29.47 21.04 30.16
C GLN A 88 30.59 21.02 29.15
N PRO A 89 31.85 21.08 29.58
CA PRO A 89 32.97 20.99 28.63
C PRO A 89 33.19 19.56 28.19
N VAL A 90 33.49 19.39 26.90
CA VAL A 90 33.74 18.07 26.34
C VAL A 90 35.18 18.00 25.83
N ASP A 91 35.75 19.15 25.47
CA ASP A 91 37.13 19.22 24.99
C ASP A 91 38.13 19.39 26.12
N GLY A 92 37.68 19.51 27.36
CA GLY A 92 38.60 19.75 28.47
C GLY A 92 39.00 21.21 28.51
N LEU A 93 40.29 21.46 28.74
CA LEU A 93 40.85 22.81 28.74
C LEU A 93 40.10 23.73 29.70
N GLY A 94 39.77 23.22 30.88
CA GLY A 94 39.18 24.02 31.92
C GLY A 94 37.72 24.34 31.70
N PRO A 95 37.21 25.35 32.40
CA PRO A 95 35.79 25.70 32.31
C PRO A 95 35.41 26.32 30.97
N VAL A 96 34.13 26.70 30.83
CA VAL A 96 33.63 27.23 29.57
C VAL A 96 33.76 28.74 29.46
N GLU A 97 34.16 29.43 30.53
CA GLU A 97 34.37 30.88 30.53
C GLU A 97 33.09 31.62 30.13
N THR A 98 32.05 31.45 30.96
CA THR A 98 30.77 32.10 30.77
C THR A 98 30.28 32.66 32.09
N THR A 99 29.47 33.72 32.00
CA THR A 99 28.89 34.36 33.17
C THR A 99 27.38 34.45 33.12
N GLU A 100 26.80 34.72 31.97
CA GLU A 100 25.36 34.85 31.83
C GLU A 100 24.74 33.58 31.25
N THR A 101 23.54 33.27 31.70
CA THR A 101 22.79 32.09 31.27
C THR A 101 21.44 32.51 30.73
N ARG A 102 21.04 31.89 29.62
CA ARG A 102 19.76 32.16 28.98
C ARG A 102 18.80 30.99 29.14
N PRO A 103 17.51 31.25 29.32
CA PRO A 103 16.52 30.18 29.25
C PRO A 103 16.35 29.69 27.82
N ILE A 104 15.92 28.44 27.70
CA ILE A 104 15.69 27.87 26.38
C ILE A 104 14.30 28.21 25.83
N GLU A 105 13.39 28.66 26.69
CA GLU A 105 11.99 28.87 26.32
C GLU A 105 11.72 30.29 25.81
N SER A 106 12.72 30.94 25.21
CA SER A 106 12.53 32.28 24.70
C SER A 106 11.43 32.33 23.65
N ARG A 107 10.55 33.32 23.76
CA ARG A 107 9.43 33.44 22.83
C ARG A 107 9.91 33.92 21.46
N ALA A 108 9.21 33.47 20.43
CA ALA A 108 9.51 33.90 19.08
C ALA A 108 9.13 35.36 18.89
N PRO A 109 9.85 36.09 18.04
CA PRO A 109 9.53 37.51 17.82
C PRO A 109 8.14 37.69 17.20
N GLY A 110 7.51 38.80 17.55
CA GLY A 110 6.21 39.12 16.98
C GLY A 110 6.30 39.62 15.55
N VAL A 111 5.14 39.76 14.93
CA VAL A 111 5.10 40.18 13.53
C VAL A 111 5.53 41.63 13.37
N MET A 112 5.26 42.48 14.36
CA MET A 112 5.65 43.88 14.28
C MET A 112 7.10 44.12 14.70
N ASP A 113 7.78 43.11 15.23
CA ASP A 113 9.19 43.22 15.60
C ASP A 113 10.13 42.80 14.48
N ARG A 114 9.60 42.42 13.33
CA ARG A 114 10.41 41.92 12.23
C ARG A 114 10.61 43.00 11.18
N ARG A 115 11.25 42.62 10.08
CA ARG A 115 11.61 43.54 9.02
C ARG A 115 11.86 42.72 7.75
N SER A 116 11.58 43.33 6.61
CA SER A 116 11.85 42.68 5.33
C SER A 116 13.35 42.44 5.17
N VAL A 117 13.69 41.42 4.40
CA VAL A 117 15.07 41.01 4.21
C VAL A 117 15.45 41.21 2.75
N HIS A 118 16.59 41.85 2.53
CA HIS A 118 17.16 42.04 1.21
C HIS A 118 18.67 41.96 1.18
N GLU A 119 19.32 41.64 2.31
CA GLU A 119 20.77 41.49 2.46
C GLU A 119 21.13 40.00 2.49
N PRO A 120 22.09 39.57 1.67
CA PRO A 120 22.26 38.14 1.43
C PRO A 120 23.28 37.47 2.36
N LEU A 121 23.26 36.14 2.30
CA LEU A 121 24.28 35.29 2.89
C LEU A 121 24.95 34.51 1.77
N GLN A 122 26.21 34.14 1.98
CA GLN A 122 27.00 33.50 0.94
C GLN A 122 27.66 32.24 1.46
N THR A 123 27.81 31.27 0.56
CA THR A 123 28.52 30.03 0.84
C THR A 123 29.66 29.74 -0.14
N GLY A 124 29.66 30.34 -1.32
CA GLY A 124 30.73 30.17 -2.27
C GLY A 124 30.47 29.20 -3.41
N ILE A 125 29.24 28.75 -3.59
CA ILE A 125 28.88 27.80 -4.65
C ILE A 125 28.01 28.52 -5.66
N LYS A 126 28.32 28.32 -6.95
CA LYS A 126 27.61 29.04 -8.01
C LYS A 126 26.12 28.71 -8.01
N ALA A 127 25.78 27.45 -7.73
CA ALA A 127 24.39 27.02 -7.84
C ALA A 127 23.54 27.60 -6.71
N ILE A 128 23.91 27.32 -5.46
CA ILE A 128 23.06 27.69 -4.33
C ILE A 128 23.08 29.20 -4.11
N ASP A 129 24.25 29.83 -4.24
CA ASP A 129 24.34 31.27 -3.98
C ASP A 129 23.56 32.10 -4.99
N ALA A 130 23.20 31.54 -6.15
CA ALA A 130 22.50 32.30 -7.17
C ALA A 130 21.08 31.80 -7.43
N LEU A 131 20.93 30.53 -7.83
CA LEU A 131 19.63 30.07 -8.33
C LEU A 131 18.62 29.83 -7.22
N VAL A 132 19.07 29.50 -6.01
CA VAL A 132 18.19 29.33 -4.87
C VAL A 132 18.73 30.27 -3.79
N PRO A 133 18.56 31.58 -3.96
CA PRO A 133 19.23 32.53 -3.07
C PRO A 133 18.70 32.47 -1.65
N ILE A 134 19.55 32.85 -0.70
CA ILE A 134 19.21 32.88 0.71
C ILE A 134 19.55 34.26 1.27
N GLY A 135 18.63 34.83 2.04
CA GLY A 135 18.85 36.10 2.69
C GLY A 135 19.30 35.93 4.14
N ARG A 136 19.81 37.01 4.71
CA ARG A 136 20.35 36.99 6.06
C ARG A 136 19.27 36.95 7.14
N GLY A 137 18.03 36.69 6.74
CA GLY A 137 16.95 36.46 7.69
C GLY A 137 16.11 35.26 7.31
N GLN A 138 16.61 34.44 6.39
CA GLN A 138 15.85 33.35 5.80
C GLN A 138 16.14 32.02 6.50
N ARG A 139 15.13 31.16 6.50
CA ARG A 139 15.28 29.76 6.91
C ARG A 139 15.11 28.89 5.66
N GLU A 140 16.08 28.02 5.41
CA GLU A 140 16.09 27.25 4.18
C GLU A 140 16.28 25.76 4.50
N LEU A 141 15.52 24.91 3.80
CA LEU A 141 15.43 23.49 4.12
C LEU A 141 16.32 22.66 3.20
N ILE A 142 17.04 21.71 3.80
CA ILE A 142 17.82 20.72 3.06
C ILE A 142 17.30 19.33 3.45
N ILE A 143 16.83 18.59 2.44
CA ILE A 143 16.18 17.30 2.62
C ILE A 143 16.89 16.29 1.73
N GLY A 144 17.17 15.11 2.28
CA GLY A 144 17.80 14.08 1.46
C GLY A 144 18.10 12.82 2.24
N ASP A 145 18.51 11.80 1.49
CA ASP A 145 18.96 10.53 2.04
C ASP A 145 20.42 10.64 2.47
N ARG A 146 20.98 9.52 2.92
CA ARG A 146 22.39 9.51 3.29
C ARG A 146 23.26 9.67 2.05
N GLN A 147 24.46 10.22 2.25
CA GLN A 147 25.34 10.68 1.18
C GLN A 147 24.75 11.85 0.41
N THR A 148 25.17 11.99 -0.85
CA THR A 148 24.87 13.08 -1.78
C THR A 148 25.54 14.39 -1.39
N GLY A 149 26.28 14.43 -0.28
CA GLY A 149 27.07 15.59 0.06
C GLY A 149 26.31 16.72 0.72
N LYS A 150 25.53 16.40 1.75
CA LYS A 150 24.83 17.45 2.49
C LYS A 150 25.74 18.20 3.43
N THR A 151 26.73 17.52 4.03
CA THR A 151 27.62 18.18 4.98
C THR A 151 28.52 19.20 4.29
N SER A 152 28.80 18.99 3.00
CA SER A 152 29.62 19.94 2.25
C SER A 152 28.95 21.31 2.20
N VAL A 153 27.63 21.35 2.12
CA VAL A 153 26.92 22.63 2.11
C VAL A 153 27.17 23.39 3.40
N ALA A 154 27.07 22.69 4.54
CA ALA A 154 27.33 23.33 5.82
C ALA A 154 28.78 23.80 5.93
N ILE A 155 29.72 22.96 5.49
CA ILE A 155 31.12 23.34 5.62
C ILE A 155 31.45 24.54 4.74
N ASP A 156 30.89 24.60 3.52
CA ASP A 156 31.09 25.76 2.67
C ASP A 156 30.42 27.00 3.26
N THR A 157 29.23 26.85 3.84
CA THR A 157 28.56 27.98 4.46
C THR A 157 29.37 28.54 5.62
N ILE A 158 30.08 27.67 6.35
CA ILE A 158 30.83 28.13 7.51
C ILE A 158 32.18 28.72 7.08
N ILE A 159 32.89 28.02 6.18
CA ILE A 159 34.22 28.45 5.79
C ILE A 159 34.18 29.79 5.07
N ASN A 160 33.27 29.94 4.11
CA ASN A 160 33.27 31.12 3.25
C ASN A 160 33.03 32.40 4.03
N GLN A 161 32.39 32.32 5.19
CA GLN A 161 32.10 33.50 6.00
C GLN A 161 33.36 33.94 6.73
N LYS A 162 34.33 34.43 5.94
CA LYS A 162 35.58 34.95 6.47
C LYS A 162 35.56 36.48 6.58
N ASP A 163 35.37 37.16 5.45
CA ASP A 163 35.33 38.62 5.45
C ASP A 163 34.03 39.15 6.04
N GLN A 164 32.91 38.54 5.69
CA GLN A 164 31.60 38.98 6.17
C GLN A 164 31.34 38.39 7.54
N ASN A 165 31.23 39.26 8.55
CA ASN A 165 31.05 38.82 9.93
C ASN A 165 29.81 37.96 10.08
N MET A 166 29.98 36.78 10.69
CA MET A 166 28.84 35.93 11.02
C MET A 166 29.28 34.95 12.10
N ILE A 167 28.72 35.10 13.31
CA ILE A 167 28.99 34.15 14.37
C ILE A 167 28.16 32.90 14.11
N SER A 168 28.84 31.75 14.01
CA SER A 168 28.21 30.54 13.52
C SER A 168 28.17 29.45 14.59
N ILE A 169 27.11 28.65 14.55
CA ILE A 169 26.96 27.48 15.42
C ILE A 169 26.63 26.28 14.54
N TYR A 170 27.53 25.31 14.48
CA TYR A 170 27.32 24.04 13.80
C TYR A 170 26.94 23.02 14.86
N VAL A 171 25.88 22.25 14.60
CA VAL A 171 25.47 21.19 15.51
C VAL A 171 25.49 19.87 14.76
N ALA A 172 26.05 18.84 15.41
CA ALA A 172 26.04 17.47 14.91
C ALA A 172 25.34 16.61 15.95
N ILE A 173 24.19 16.05 15.60
CA ILE A 173 23.29 15.40 16.54
C ILE A 173 23.35 13.89 16.31
N GLY A 174 23.67 13.15 17.37
CA GLY A 174 23.62 11.70 17.33
C GLY A 174 24.63 11.05 16.43
N GLN A 175 25.70 11.75 16.06
CA GLN A 175 26.68 11.23 15.12
C GLN A 175 27.86 10.61 15.85
N LYS A 176 28.60 9.77 15.13
CA LYS A 176 29.79 9.15 15.69
C LYS A 176 30.88 10.19 15.91
N GLU A 177 31.56 10.09 17.05
CA GLU A 177 32.48 11.14 17.47
C GLU A 177 33.68 11.27 16.54
N SER A 178 34.09 10.17 15.90
CA SER A 178 35.21 10.23 14.97
C SER A 178 34.90 11.14 13.79
N THR A 179 33.67 11.08 13.28
CA THR A 179 33.29 11.92 12.15
C THR A 179 33.33 13.40 12.53
N VAL A 180 32.81 13.74 13.71
CA VAL A 180 32.80 15.14 14.11
C VAL A 180 34.22 15.63 14.37
N ARG A 181 35.10 14.76 14.89
CA ARG A 181 36.49 15.16 15.05
C ARG A 181 37.17 15.39 13.70
N THR A 182 36.89 14.52 12.72
CA THR A 182 37.45 14.71 11.39
C THR A 182 37.00 16.02 10.77
N VAL A 183 35.70 16.34 10.91
CA VAL A 183 35.18 17.59 10.40
C VAL A 183 35.85 18.77 11.11
N VAL A 184 36.03 18.66 12.43
CA VAL A 184 36.65 19.73 13.20
C VAL A 184 38.08 19.98 12.73
N GLU A 185 38.84 18.90 12.48
CA GLU A 185 40.21 19.06 12.03
C GLU A 185 40.27 19.67 10.62
N THR A 186 39.36 19.24 9.75
CA THR A 186 39.31 19.80 8.41
C THR A 186 39.00 21.29 8.46
N LEU A 187 38.11 21.69 9.36
CA LEU A 187 37.85 23.11 9.58
C LEU A 187 39.08 23.82 10.14
N ARG A 188 39.77 23.16 11.09
CA ARG A 188 40.96 23.73 11.69
C ARG A 188 42.02 24.05 10.66
N LYS A 189 42.06 23.29 9.58
CA LYS A 189 43.01 23.63 8.51
C LYS A 189 42.70 24.98 7.87
N HIS A 190 41.48 25.50 8.04
CA HIS A 190 41.11 26.81 7.51
C HIS A 190 40.76 27.82 8.60
N GLY A 191 41.05 27.52 9.86
CA GLY A 191 40.88 28.51 10.91
C GLY A 191 39.45 28.91 11.22
N ALA A 192 38.48 28.04 10.93
CA ALA A 192 37.09 28.37 11.17
C ALA A 192 36.73 28.42 12.65
N LEU A 193 37.59 27.90 13.52
CA LEU A 193 37.29 27.86 14.95
C LEU A 193 37.33 29.24 15.60
N ASP A 194 37.78 30.26 14.89
CA ASP A 194 37.82 31.61 15.44
C ASP A 194 36.43 32.25 15.49
N TYR A 195 35.48 31.75 14.68
CA TYR A 195 34.14 32.32 14.67
C TYR A 195 33.05 31.23 14.65
N THR A 196 33.32 30.07 15.25
CA THR A 196 32.39 28.96 15.19
C THR A 196 32.29 28.30 16.56
N ILE A 197 31.11 27.76 16.86
CA ILE A 197 30.85 26.96 18.05
C ILE A 197 30.20 25.66 17.62
N VAL A 198 30.61 24.55 18.23
CA VAL A 198 30.16 23.23 17.85
C VAL A 198 29.47 22.57 19.04
N VAL A 199 28.30 21.99 18.80
CA VAL A 199 27.54 21.27 19.81
C VAL A 199 27.41 19.82 19.34
N THR A 200 27.87 18.88 20.17
CA THR A 200 27.85 17.47 19.83
C THR A 200 27.19 16.67 20.94
N ALA A 201 26.37 15.69 20.55
CA ALA A 201 25.79 14.71 21.47
C ALA A 201 25.87 13.35 20.80
N SER A 202 26.79 12.51 21.26
CA SER A 202 27.11 11.28 20.56
C SER A 202 26.00 10.26 20.68
N ALA A 203 26.14 9.17 19.92
CA ALA A 203 25.16 8.09 19.96
C ALA A 203 25.12 7.43 21.33
N SER A 204 26.28 7.24 21.95
CA SER A 204 26.32 6.65 23.28
C SER A 204 25.60 7.51 24.31
N GLN A 205 25.56 8.83 24.07
CA GLN A 205 24.79 9.70 24.94
C GLN A 205 23.30 9.37 24.84
N PRO A 206 22.56 9.57 25.92
CA PRO A 206 21.12 9.27 25.89
C PRO A 206 20.40 10.15 24.86
N ALA A 207 19.36 9.57 24.27
CA ALA A 207 18.50 10.24 23.29
C ALA A 207 17.94 11.58 23.77
N PRO A 208 17.70 11.80 25.06
CA PRO A 208 17.31 13.14 25.50
C PRO A 208 18.27 14.24 25.11
N LEU A 209 19.58 13.97 25.08
CA LEU A 209 20.52 14.98 24.62
C LEU A 209 20.30 15.29 23.15
N LEU A 210 20.01 14.27 22.35
CA LEU A 210 19.64 14.50 20.95
C LEU A 210 18.36 15.33 20.86
N PHE A 211 17.43 15.09 21.79
CA PHE A 211 16.18 15.83 21.81
C PHE A 211 16.42 17.31 22.13
N LEU A 212 17.38 17.59 23.02
CA LEU A 212 17.66 18.95 23.46
C LEU A 212 18.68 19.69 22.60
N ALA A 213 19.41 19.00 21.72
CA ALA A 213 20.51 19.64 21.02
C ALA A 213 20.12 20.87 20.21
N PRO A 214 19.11 20.84 19.32
CA PRO A 214 18.83 22.03 18.50
C PRO A 214 18.29 23.21 19.31
N TYR A 215 17.61 22.95 20.42
CA TYR A 215 17.19 24.04 21.29
C TYR A 215 18.40 24.80 21.82
N ALA A 216 19.46 24.08 22.20
CA ALA A 216 20.70 24.74 22.56
C ALA A 216 21.38 25.38 21.36
N GLY A 217 21.25 24.79 20.17
CA GLY A 217 21.83 25.37 18.98
C GLY A 217 21.18 26.66 18.53
N VAL A 218 20.02 26.98 19.09
CA VAL A 218 19.43 28.30 18.90
C VAL A 218 19.58 29.19 20.12
N ALA A 219 19.55 28.63 21.34
CA ALA A 219 19.73 29.42 22.54
C ALA A 219 21.12 30.04 22.61
N MET A 220 22.16 29.27 22.26
CA MET A 220 23.50 29.82 22.24
C MET A 220 23.71 30.84 21.13
N GLY A 221 22.83 30.89 20.14
CA GLY A 221 23.02 31.76 19.01
C GLY A 221 22.17 33.02 19.00
N GLU A 222 21.14 33.06 19.85
CA GLU A 222 20.31 34.25 19.87
C GLU A 222 20.90 35.40 20.71
N TYR A 223 21.90 35.12 21.54
CA TYR A 223 22.44 36.17 22.41
C TYR A 223 23.17 37.24 21.58
N PHE A 224 23.96 36.81 20.60
CA PHE A 224 24.62 37.78 19.73
C PHE A 224 23.61 38.60 18.94
N MET A 225 22.49 37.98 18.53
CA MET A 225 21.40 38.76 17.95
C MET A 225 20.91 39.84 18.90
N TYR A 226 20.42 39.44 20.07
CA TYR A 226 19.76 40.40 20.93
C TYR A 226 20.73 41.42 21.53
N LYS A 227 22.04 41.17 21.40
CA LYS A 227 23.06 42.17 21.67
C LYS A 227 23.52 42.90 20.41
N GLY A 228 23.01 42.53 19.24
CA GLY A 228 23.30 43.27 18.02
C GLY A 228 24.40 42.68 17.15
N LYS A 229 24.38 41.37 16.93
CA LYS A 229 25.36 40.69 16.09
C LYS A 229 24.65 39.68 15.21
N HIS A 230 25.30 39.35 14.09
CA HIS A 230 24.69 38.50 13.06
C HIS A 230 25.10 37.05 13.28
N VAL A 231 24.11 36.15 13.29
CA VAL A 231 24.30 34.77 13.72
C VAL A 231 23.78 33.81 12.65
N LEU A 232 24.54 32.74 12.43
CA LEU A 232 24.16 31.64 11.56
C LEU A 232 24.15 30.34 12.36
N VAL A 233 23.16 29.50 12.12
CA VAL A 233 23.03 28.21 12.80
C VAL A 233 22.80 27.13 11.75
N VAL A 234 23.57 26.05 11.81
CA VAL A 234 23.50 24.97 10.84
C VAL A 234 23.35 23.64 11.58
N TYR A 235 22.49 22.76 11.06
CA TYR A 235 22.21 21.47 11.64
C TYR A 235 22.79 20.38 10.73
N ASP A 236 23.52 19.44 11.32
CA ASP A 236 23.97 18.27 10.56
C ASP A 236 22.81 17.36 10.20
N ASP A 237 21.92 17.12 11.17
CA ASP A 237 20.73 16.31 10.93
C ASP A 237 19.72 16.63 12.02
N LEU A 238 18.50 16.99 11.61
CA LEU A 238 17.44 17.36 12.55
C LEU A 238 16.35 16.30 12.67
N SER A 239 16.18 15.45 11.66
CA SER A 239 15.14 14.43 11.71
C SER A 239 15.35 13.47 12.88
N LYS A 240 16.60 13.29 13.32
CA LYS A 240 16.87 12.40 14.44
C LYS A 240 16.11 12.82 15.69
N GLN A 241 15.83 14.12 15.83
CA GLN A 241 14.90 14.62 16.85
C GLN A 241 13.70 13.71 16.98
N ALA A 242 12.99 13.50 15.87
CA ALA A 242 11.79 12.68 15.89
C ALA A 242 12.07 11.35 16.55
N ALA A 243 13.16 10.68 16.13
CA ALA A 243 13.47 9.37 16.70
C ALA A 243 13.54 9.44 18.21
N ALA A 244 14.32 10.37 18.76
CA ALA A 244 14.37 10.50 20.21
C ALA A 244 12.99 10.82 20.75
N TYR A 245 12.31 11.77 20.12
CA TYR A 245 10.96 12.12 20.56
C TYR A 245 10.03 10.92 20.46
N ARG A 246 10.22 10.06 19.46
CA ARG A 246 9.45 8.82 19.45
C ARG A 246 9.75 8.00 20.69
N GLU A 247 11.03 7.70 20.91
CA GLU A 247 11.41 6.74 21.95
C GLU A 247 10.81 7.13 23.29
N LEU A 248 11.19 8.31 23.80
CA LEU A 248 10.68 8.74 25.09
C LEU A 248 9.16 8.80 25.08
N SER A 249 8.57 9.34 24.00
CA SER A 249 7.12 9.49 24.00
C SER A 249 6.45 8.13 24.05
N LEU A 250 7.04 7.14 23.38
CA LEU A 250 6.48 5.80 23.43
C LEU A 250 6.72 5.17 24.80
N LEU A 251 7.89 5.44 25.41
CA LEU A 251 8.16 4.88 26.73
C LEU A 251 7.28 5.55 27.79
N LEU A 252 6.93 6.82 27.59
CA LEU A 252 6.05 7.54 28.49
C LEU A 252 4.58 7.20 28.28
N ARG A 253 4.27 6.36 27.31
CA ARG A 253 2.90 5.92 27.01
C ARG A 253 2.01 7.07 26.53
N ARG A 254 2.56 7.98 25.74
CA ARG A 254 1.71 8.91 25.01
C ARG A 254 1.10 8.19 23.81
N PRO A 255 -0.17 8.47 23.48
CA PRO A 255 -0.86 7.73 22.41
C PRO A 255 -0.17 7.88 21.07
N PRO A 256 -0.06 6.79 20.32
CA PRO A 256 0.57 6.84 19.00
C PRO A 256 -0.07 7.79 17.99
N GLY A 257 0.47 7.76 16.78
CA GLY A 257 -0.02 8.56 15.67
C GLY A 257 0.03 7.82 14.34
N ARG A 258 0.35 8.55 13.27
CA ARG A 258 0.30 7.96 11.93
C ARG A 258 1.34 6.87 11.74
N GLU A 259 2.62 7.17 12.02
CA GLU A 259 3.70 6.19 12.01
C GLU A 259 4.39 6.17 13.36
N ALA A 260 3.61 6.12 14.44
CA ALA A 260 4.03 6.21 15.83
C ALA A 260 4.59 7.59 16.17
N TYR A 261 4.69 8.51 15.22
CA TYR A 261 5.00 9.89 15.56
C TYR A 261 3.81 10.51 16.29
N PRO A 262 3.96 10.97 17.52
CA PRO A 262 2.88 11.73 18.15
C PRO A 262 2.66 13.05 17.43
N GLY A 263 1.43 13.54 17.49
CA GLY A 263 1.04 14.72 16.73
C GLY A 263 1.76 15.99 17.12
N ASP A 264 2.51 15.98 18.21
CA ASP A 264 3.20 17.18 18.68
C ASP A 264 4.34 17.62 17.77
N ILE A 265 4.67 16.83 16.74
CA ILE A 265 5.86 17.12 15.93
C ILE A 265 5.78 18.53 15.36
N PHE A 266 4.63 18.89 14.76
CA PHE A 266 4.48 20.23 14.20
C PHE A 266 4.77 21.29 15.25
N TYR A 267 4.26 21.09 16.47
CA TYR A 267 4.57 22.01 17.56
C TYR A 267 6.06 21.96 17.88
N LEU A 268 6.59 20.75 18.07
CA LEU A 268 7.95 20.60 18.58
C LEU A 268 8.98 21.22 17.65
N HIS A 269 8.84 20.99 16.34
CA HIS A 269 9.71 21.67 15.40
C HIS A 269 9.49 23.18 15.44
N SER A 270 8.22 23.61 15.37
CA SER A 270 7.95 25.03 15.13
C SER A 270 8.44 25.87 16.30
N ARG A 271 8.18 25.42 17.53
CA ARG A 271 8.65 26.11 18.73
C ARG A 271 10.13 26.45 18.67
N LEU A 272 10.88 25.81 17.78
CA LEU A 272 12.26 26.22 17.50
C LEU A 272 12.36 27.01 16.21
N LEU A 273 11.84 26.47 15.10
CA LEU A 273 12.15 27.02 13.79
C LEU A 273 11.56 28.40 13.56
N GLU A 274 10.61 28.84 14.39
CA GLU A 274 10.09 30.20 14.22
C GLU A 274 10.98 31.25 14.84
N ARG A 275 12.04 30.86 15.56
CA ARG A 275 12.85 31.83 16.29
C ARG A 275 13.84 32.58 15.40
N ALA A 276 14.03 32.18 14.15
CA ALA A 276 14.94 32.90 13.26
C ALA A 276 14.23 34.09 12.65
N ALA A 277 14.84 35.27 12.78
CA ALA A 277 14.17 36.48 12.31
C ALA A 277 15.18 37.60 12.09
N LYS A 278 14.73 38.61 11.35
CA LYS A 278 15.46 39.86 11.14
C LYS A 278 14.81 40.91 12.05
N LEU A 279 15.42 41.17 13.19
CA LEU A 279 14.77 41.98 14.23
C LEU A 279 14.74 43.46 13.83
N SER A 280 13.81 44.18 14.46
CA SER A 280 13.59 45.60 14.19
C SER A 280 14.44 46.46 15.12
N ASP A 281 14.39 47.77 14.89
CA ASP A 281 15.22 48.70 15.64
C ASP A 281 14.72 48.96 17.05
N ALA A 282 13.47 48.60 17.36
CA ALA A 282 12.97 48.82 18.71
C ALA A 282 13.66 47.95 19.75
N LYS A 283 14.17 46.79 19.35
CA LYS A 283 14.86 45.87 20.24
C LYS A 283 16.33 45.69 19.89
N GLY A 284 16.66 45.65 18.60
CA GLY A 284 18.04 45.47 18.16
C GLY A 284 18.13 45.04 16.71
N GLY A 285 19.12 45.55 15.99
CA GLY A 285 19.22 45.31 14.56
C GLY A 285 19.90 44.02 14.15
N GLY A 286 19.79 42.97 14.96
CA GLY A 286 20.40 41.70 14.64
C GLY A 286 19.60 40.88 13.64
N SER A 287 20.20 39.78 13.20
CA SER A 287 19.56 38.88 12.26
C SER A 287 20.10 37.47 12.45
N LEU A 288 19.26 36.48 12.14
CA LEU A 288 19.63 35.08 12.32
C LEU A 288 19.05 34.28 11.16
N THR A 289 19.78 33.23 10.77
CA THR A 289 19.39 32.36 9.68
C THR A 289 19.68 30.92 10.07
N ALA A 290 18.88 29.99 9.55
CA ALA A 290 18.99 28.60 9.93
C ALA A 290 18.86 27.70 8.70
N LEU A 291 19.53 26.54 8.76
CA LEU A 291 19.50 25.54 7.70
C LEU A 291 19.19 24.18 8.30
N PRO A 292 17.90 23.87 8.49
CA PRO A 292 17.54 22.54 8.99
C PRO A 292 17.83 21.44 7.97
N PHE A 293 18.07 20.24 8.48
CA PHE A 293 18.36 19.07 7.67
C PHE A 293 17.35 17.96 7.97
N VAL A 294 16.96 17.21 6.94
CA VAL A 294 15.96 16.16 7.10
C VAL A 294 16.41 14.90 6.35
N GLU A 295 16.26 13.75 7.01
CA GLU A 295 16.56 12.45 6.43
C GLU A 295 15.36 11.94 5.61
N THR A 296 15.67 11.20 4.55
CA THR A 296 14.64 10.71 3.64
C THR A 296 15.05 9.34 3.13
N GLN A 297 14.07 8.44 2.97
CA GLN A 297 14.32 7.06 2.53
C GLN A 297 14.08 6.99 1.02
N ALA A 298 15.18 6.96 0.25
CA ALA A 298 15.14 6.77 -1.20
C ALA A 298 14.27 7.82 -1.89
N GLY A 299 14.32 9.05 -1.39
CA GLY A 299 13.64 10.15 -2.05
C GLY A 299 12.13 10.17 -1.94
N ASP A 300 11.57 9.53 -0.91
CA ASP A 300 10.12 9.55 -0.72
C ASP A 300 9.73 10.86 -0.03
N ILE A 301 9.66 11.91 -0.84
CA ILE A 301 9.36 13.25 -0.33
C ILE A 301 7.97 13.32 0.27
N SER A 302 7.05 12.46 -0.18
CA SER A 302 5.68 12.47 0.34
C SER A 302 5.57 11.90 1.75
N ALA A 303 6.67 11.53 2.39
CA ALA A 303 6.62 10.95 3.71
C ALA A 303 6.12 11.96 4.74
N TYR A 304 5.92 11.48 5.97
CA TYR A 304 5.30 12.31 7.00
C TYR A 304 6.19 13.48 7.38
N ILE A 305 7.38 13.21 7.91
CA ILE A 305 8.30 14.22 8.41
C ILE A 305 8.74 15.18 7.31
N PRO A 306 9.11 14.71 6.10
CA PRO A 306 9.49 15.68 5.05
C PRO A 306 8.39 16.68 4.72
N THR A 307 7.15 16.22 4.51
CA THR A 307 6.06 17.15 4.22
C THR A 307 5.72 18.00 5.43
N ASN A 308 5.92 17.46 6.63
CA ASN A 308 5.76 18.23 7.85
C ASN A 308 6.71 19.41 7.89
N VAL A 309 7.98 19.18 7.56
CA VAL A 309 8.99 20.23 7.67
C VAL A 309 8.93 21.19 6.47
N ILE A 310 8.44 20.72 5.31
CA ILE A 310 8.36 21.57 4.14
C ILE A 310 7.44 22.77 4.40
N SER A 311 6.35 22.55 5.13
CA SER A 311 5.36 23.60 5.33
C SER A 311 5.95 24.81 6.05
N ILE A 312 6.91 24.58 6.95
CA ILE A 312 7.40 25.68 7.79
C ILE A 312 8.37 26.58 7.02
N THR A 313 9.29 25.98 6.26
CA THR A 313 10.41 26.72 5.70
C THR A 313 9.97 27.61 4.54
N ASP A 314 10.79 28.62 4.26
CA ASP A 314 10.56 29.56 3.17
C ASP A 314 11.12 29.06 1.84
N GLY A 315 11.33 27.75 1.71
CA GLY A 315 11.86 27.20 0.47
C GLY A 315 12.22 25.74 0.69
N GLN A 316 12.93 25.19 -0.30
CA GLN A 316 13.43 23.82 -0.17
C GLN A 316 14.63 23.61 -1.10
N ILE A 317 15.62 22.89 -0.58
CA ILE A 317 16.74 22.38 -1.40
C ILE A 317 16.76 20.87 -1.19
N PHE A 318 16.18 20.14 -2.14
CA PHE A 318 16.24 18.69 -2.13
C PHE A 318 17.47 18.25 -2.91
N LEU A 319 18.18 17.25 -2.39
CA LEU A 319 19.35 16.70 -3.05
C LEU A 319 19.02 15.33 -3.60
N GLN A 320 19.26 15.13 -4.89
CA GLN A 320 18.79 13.97 -5.63
C GLN A 320 19.95 13.05 -5.95
N SER A 321 19.76 11.74 -5.71
CA SER A 321 20.88 10.80 -5.66
C SER A 321 21.31 10.33 -7.05
N ASP A 322 20.36 10.06 -7.95
CA ASP A 322 20.74 9.55 -9.26
C ASP A 322 21.43 10.60 -10.11
N LEU A 323 21.26 11.89 -9.80
CA LEU A 323 22.04 12.96 -10.40
C LEU A 323 23.37 13.17 -9.69
N PHE A 324 23.51 12.65 -8.46
CA PHE A 324 24.76 12.84 -7.72
C PHE A 324 25.94 12.23 -8.46
N PHE A 325 25.70 11.22 -9.29
CA PHE A 325 26.73 10.57 -10.08
C PHE A 325 26.84 11.11 -11.49
N SER A 326 26.02 12.10 -11.85
CA SER A 326 26.11 12.70 -13.18
C SER A 326 27.25 13.70 -13.31
N GLY A 327 27.79 14.19 -12.19
CA GLY A 327 28.90 15.12 -12.18
C GLY A 327 28.64 16.39 -11.40
N VAL A 328 27.38 16.81 -11.31
CA VAL A 328 27.04 18.04 -10.60
C VAL A 328 26.99 17.76 -9.11
N ARG A 329 27.83 18.48 -8.34
CA ARG A 329 27.93 18.30 -6.90
C ARG A 329 28.12 19.67 -6.26
N PRO A 330 27.39 19.99 -5.18
CA PRO A 330 26.37 19.16 -4.52
C PRO A 330 25.11 19.04 -5.39
N ALA A 331 24.39 17.92 -5.28
CA ALA A 331 23.31 17.59 -6.22
C ALA A 331 22.06 18.41 -5.92
N ILE A 332 22.12 19.67 -6.34
CA ILE A 332 20.97 20.57 -6.25
C ILE A 332 20.26 20.60 -7.61
N ASN A 333 18.97 20.33 -7.60
CA ASN A 333 18.15 20.31 -8.81
C ASN A 333 17.35 21.60 -8.90
N ALA A 334 17.36 22.23 -10.07
CA ALA A 334 16.66 23.49 -10.26
C ALA A 334 15.16 23.33 -10.44
N GLY A 335 14.67 22.09 -10.55
CA GLY A 335 13.25 21.87 -10.73
C GLY A 335 12.46 21.87 -9.44
N LEU A 336 12.94 21.09 -8.46
CA LEU A 336 12.23 20.95 -7.18
C LEU A 336 12.51 22.08 -6.21
N SER A 337 13.52 22.91 -6.45
CA SER A 337 13.98 23.89 -5.48
C SER A 337 13.60 25.29 -5.94
N VAL A 338 12.82 26.00 -5.12
CA VAL A 338 12.52 27.41 -5.34
C VAL A 338 12.60 28.13 -3.99
N SER A 339 12.86 29.43 -4.05
CA SER A 339 12.93 30.26 -2.85
C SER A 339 11.89 31.36 -2.97
N ARG A 340 10.96 31.40 -2.00
CA ARG A 340 9.92 32.43 -2.05
C ARG A 340 10.49 33.81 -1.74
N VAL A 341 11.50 33.88 -0.86
CA VAL A 341 12.14 35.15 -0.54
C VAL A 341 13.09 35.60 -1.65
N GLY A 342 13.47 34.70 -2.55
CA GLY A 342 14.44 35.04 -3.57
C GLY A 342 13.97 36.16 -4.48
N GLY A 343 14.95 36.77 -5.14
CA GLY A 343 14.72 37.90 -6.01
C GLY A 343 15.02 39.25 -5.39
N ALA A 344 15.16 39.31 -4.06
CA ALA A 344 15.48 40.54 -3.35
C ALA A 344 16.85 40.52 -2.71
N ALA A 345 17.21 39.41 -2.06
CA ALA A 345 18.49 39.31 -1.35
C ALA A 345 19.58 38.90 -2.34
N GLN A 346 20.00 39.88 -3.14
CA GLN A 346 21.07 39.71 -4.11
C GLN A 346 21.81 41.02 -4.25
N ILE A 347 23.04 40.95 -4.72
CA ILE A 347 23.71 42.16 -5.22
C ILE A 347 23.20 42.42 -6.62
N LYS A 348 22.95 43.69 -6.94
CA LYS A 348 22.25 44.04 -8.16
C LYS A 348 22.98 43.57 -9.40
N ALA A 349 24.27 43.25 -9.27
CA ALA A 349 25.00 42.65 -10.38
C ALA A 349 24.43 41.30 -10.77
N MET A 350 23.93 40.53 -9.79
CA MET A 350 23.34 39.23 -10.10
C MET A 350 21.96 39.36 -10.74
N LYS A 351 21.13 40.27 -10.23
CA LYS A 351 19.74 40.36 -10.68
C LYS A 351 19.65 40.71 -12.16
N LYS A 352 20.61 41.46 -12.69
CA LYS A 352 20.58 41.90 -14.08
C LYS A 352 20.81 40.78 -15.07
N VAL A 353 21.22 39.59 -14.60
CA VAL A 353 21.67 38.53 -15.52
C VAL A 353 20.96 37.20 -15.33
N ALA A 354 20.48 36.86 -14.13
CA ALA A 354 20.00 35.50 -13.85
C ALA A 354 18.83 35.08 -14.73
N GLY A 355 18.11 36.05 -15.30
CA GLY A 355 16.98 35.71 -16.15
C GLY A 355 17.38 34.91 -17.38
N THR A 356 18.45 35.34 -18.06
CA THR A 356 18.93 34.59 -19.21
C THR A 356 19.47 33.21 -18.80
N LEU A 357 20.07 33.12 -17.62
CA LEU A 357 20.54 31.84 -17.13
C LEU A 357 19.38 30.87 -16.99
N ARG A 358 18.25 31.33 -16.44
CA ARG A 358 17.06 30.49 -16.43
C ARG A 358 16.52 30.22 -17.83
N LEU A 359 16.51 31.23 -18.70
CA LEU A 359 16.01 31.03 -20.06
C LEU A 359 16.81 29.98 -20.82
N ASP A 360 18.03 29.64 -20.36
CA ASP A 360 18.71 28.46 -20.88
C ASP A 360 18.45 27.21 -20.05
N LEU A 361 18.61 27.30 -18.73
CA LEU A 361 18.65 26.12 -17.88
C LEU A 361 17.26 25.49 -17.68
N ALA A 362 16.23 26.31 -17.47
CA ALA A 362 14.91 25.76 -17.24
C ALA A 362 14.38 25.03 -18.47
N ALA A 363 14.84 25.43 -19.66
CA ALA A 363 14.47 24.71 -20.88
C ALA A 363 15.31 23.46 -21.06
N TYR A 364 16.62 23.55 -20.79
CA TYR A 364 17.47 22.37 -20.93
C TYR A 364 17.08 21.26 -19.97
N ARG A 365 16.84 21.59 -18.70
CA ARG A 365 16.61 20.58 -17.67
C ARG A 365 15.29 19.83 -17.87
N GLU A 366 14.48 20.25 -18.82
CA GLU A 366 13.28 19.52 -19.20
C GLU A 366 13.36 18.93 -20.60
N LEU A 367 14.13 19.53 -21.51
CA LEU A 367 14.19 19.04 -22.88
C LEU A 367 15.24 17.96 -23.10
N GLU A 368 16.33 17.99 -22.34
CA GLU A 368 17.49 17.14 -22.64
C GLU A 368 17.13 15.66 -22.62
N ALA A 369 16.26 15.24 -21.70
CA ALA A 369 16.04 13.82 -21.46
C ALA A 369 15.48 13.10 -22.68
N PHE A 370 14.86 13.82 -23.63
CA PHE A 370 14.29 13.15 -24.79
C PHE A 370 14.74 13.78 -26.10
N ALA A 371 15.07 15.07 -26.09
CA ALA A 371 15.43 15.76 -27.32
C ALA A 371 16.89 15.59 -27.71
N GLN A 372 17.70 14.95 -26.87
CA GLN A 372 19.13 14.85 -27.12
C GLN A 372 19.47 13.95 -28.30
N PHE A 373 18.61 12.99 -28.64
CA PHE A 373 18.95 11.99 -29.64
C PHE A 373 18.93 12.57 -31.07
N GLY A 374 17.92 13.37 -31.39
CA GLY A 374 17.78 13.86 -32.74
C GLY A 374 18.76 14.96 -33.10
N SER A 375 19.72 14.64 -33.97
CA SER A 375 20.71 15.61 -34.41
C SER A 375 20.26 16.29 -35.71
N LYS A 379 18.51 24.61 -36.14
CA LYS A 379 19.62 25.48 -35.77
C LYS A 379 19.39 26.03 -34.37
N ALA A 380 18.22 26.63 -34.14
CA ALA A 380 17.92 27.23 -32.85
C ALA A 380 17.82 26.18 -31.75
N THR A 381 17.21 25.03 -32.06
CA THR A 381 17.02 24.00 -31.04
C THR A 381 18.34 23.35 -30.65
N GLN A 382 19.17 23.02 -31.64
CA GLN A 382 20.49 22.45 -31.33
C GLN A 382 21.39 23.48 -30.65
N ALA A 383 21.23 24.76 -31.00
CA ALA A 383 21.96 25.80 -30.29
C ALA A 383 21.54 25.88 -28.83
N LYS A 384 20.23 25.75 -28.57
CA LYS A 384 19.73 25.69 -27.20
C LYS A 384 20.31 24.49 -26.47
N LEU A 385 20.36 23.33 -27.14
CA LEU A 385 20.88 22.13 -26.51
C LEU A 385 22.36 22.30 -26.16
N ALA A 386 23.17 22.80 -27.10
CA ALA A 386 24.59 22.98 -26.85
C ALA A 386 24.84 24.01 -25.75
N ARG A 387 24.10 25.12 -25.79
CA ARG A 387 24.25 26.13 -24.75
C ARG A 387 23.90 25.55 -23.39
N GLY A 388 22.81 24.80 -23.30
CA GLY A 388 22.43 24.21 -22.02
C GLY A 388 23.47 23.23 -21.52
N ALA A 389 24.06 22.45 -22.43
CA ALA A 389 25.13 21.54 -22.04
C ALA A 389 26.29 22.32 -21.41
N ARG A 390 26.72 23.40 -22.07
CA ARG A 390 27.82 24.19 -21.50
C ARG A 390 27.44 24.86 -20.18
N THR A 391 26.17 25.27 -20.01
CA THR A 391 25.78 25.84 -18.71
C THR A 391 25.88 24.79 -17.62
N VAL A 392 25.24 23.63 -17.83
CA VAL A 392 25.28 22.61 -16.78
C VAL A 392 26.70 22.13 -16.53
N GLU A 393 27.59 22.27 -17.52
CA GLU A 393 29.01 22.00 -17.26
C GLU A 393 29.63 23.07 -16.38
N VAL A 394 29.31 24.35 -16.64
CA VAL A 394 30.02 25.43 -15.94
C VAL A 394 29.56 25.59 -14.49
N LEU A 395 28.42 25.03 -14.10
CA LEU A 395 27.96 25.20 -12.73
C LEU A 395 28.66 24.25 -11.74
N LYS A 396 29.43 23.29 -12.24
CA LYS A 396 30.09 22.34 -11.35
C LYS A 396 31.22 23.03 -10.59
N GLN A 397 31.62 22.40 -9.48
CA GLN A 397 32.71 22.89 -8.68
C GLN A 397 33.46 21.71 -8.08
N ASP A 398 34.76 21.89 -7.90
CA ASP A 398 35.61 20.88 -7.28
C ASP A 398 35.49 20.94 -5.75
N LEU A 399 36.19 20.02 -5.08
CA LEU A 399 36.01 19.81 -3.66
C LEU A 399 36.58 20.96 -2.84
N HIS A 400 35.69 21.70 -2.18
CA HIS A 400 36.06 22.69 -1.15
C HIS A 400 36.97 23.78 -1.70
N GLN A 401 36.46 24.51 -2.68
CA GLN A 401 37.09 25.72 -3.20
C GLN A 401 36.06 26.84 -3.26
N PRO A 402 35.71 27.41 -2.11
CA PRO A 402 34.72 28.48 -2.10
C PRO A 402 35.22 29.70 -2.85
N ILE A 403 34.28 30.40 -3.48
CA ILE A 403 34.60 31.54 -4.33
C ILE A 403 33.87 32.77 -3.82
N PRO A 404 34.51 33.94 -3.79
CA PRO A 404 33.79 35.15 -3.41
C PRO A 404 32.71 35.51 -4.43
N VAL A 405 31.78 36.34 -3.97
CA VAL A 405 30.58 36.65 -4.76
C VAL A 405 30.94 37.34 -6.07
N GLU A 406 31.97 38.18 -6.05
CA GLU A 406 32.34 38.97 -7.21
C GLU A 406 32.81 38.09 -8.38
N LYS A 407 33.62 37.06 -8.10
CA LYS A 407 34.01 36.18 -9.18
C LYS A 407 32.83 35.36 -9.69
N GLN A 408 31.89 35.03 -8.81
CA GLN A 408 30.68 34.34 -9.23
C GLN A 408 29.91 35.18 -10.25
N VAL A 409 29.67 36.46 -9.93
CA VAL A 409 28.91 37.28 -10.87
C VAL A 409 29.72 37.52 -12.14
N LEU A 410 31.04 37.65 -12.05
CA LEU A 410 31.84 37.82 -13.26
C LEU A 410 31.69 36.62 -14.19
N ILE A 411 31.78 35.40 -13.65
CA ILE A 411 31.68 34.23 -14.52
C ILE A 411 30.25 34.03 -15.01
N ILE A 412 29.24 34.38 -14.21
CA ILE A 412 27.87 34.24 -14.68
C ILE A 412 27.60 35.20 -15.83
N TYR A 413 28.12 36.43 -15.72
CA TYR A 413 28.04 37.38 -16.82
C TYR A 413 28.80 36.88 -18.05
N ALA A 414 29.97 36.26 -17.83
CA ALA A 414 30.73 35.71 -18.95
C ALA A 414 29.95 34.60 -19.66
N LEU A 415 29.31 33.73 -18.89
CA LEU A 415 28.55 32.62 -19.47
C LEU A 415 27.32 33.13 -20.22
N THR A 416 26.52 33.98 -19.58
CA THR A 416 25.22 34.34 -20.13
C THR A 416 25.34 35.19 -21.39
N ARG A 417 26.36 36.06 -21.47
CA ARG A 417 26.48 36.97 -22.60
C ARG A 417 26.80 36.24 -23.91
N GLY A 418 27.17 34.97 -23.85
CA GLY A 418 27.47 34.22 -25.05
C GLY A 418 28.92 34.19 -25.47
N PHE A 419 29.83 34.73 -24.65
CA PHE A 419 31.24 34.75 -24.98
C PHE A 419 31.96 33.46 -24.59
N LEU A 420 31.29 32.56 -23.87
CA LEU A 420 31.93 31.41 -23.26
C LEU A 420 31.75 30.11 -24.04
N ASP A 421 30.83 30.08 -25.00
CA ASP A 421 30.40 28.83 -25.64
C ASP A 421 31.35 28.33 -26.74
N ASP A 422 32.55 28.90 -26.86
CA ASP A 422 33.52 28.43 -27.83
C ASP A 422 34.53 27.45 -27.22
N ILE A 423 34.75 27.54 -25.92
CA ILE A 423 35.54 26.55 -25.19
C ILE A 423 34.80 25.22 -25.20
N PRO A 424 35.44 24.10 -25.54
CA PRO A 424 34.72 22.87 -25.58
C PRO A 424 34.39 22.24 -24.22
N VAL A 425 33.54 21.20 -24.28
CA VAL A 425 32.78 20.78 -23.12
C VAL A 425 33.70 20.35 -21.98
N GLU A 426 34.74 19.57 -22.29
CA GLU A 426 35.58 19.02 -21.23
C GLU A 426 36.53 20.05 -20.65
N ASP A 427 36.92 21.07 -21.41
CA ASP A 427 37.91 22.04 -20.94
C ASP A 427 37.30 23.16 -20.11
N VAL A 428 35.98 23.21 -19.95
CA VAL A 428 35.35 24.32 -19.22
C VAL A 428 35.86 24.38 -17.79
N ARG A 429 36.04 23.21 -17.15
CA ARG A 429 36.49 23.17 -15.76
C ARG A 429 37.87 23.82 -15.60
N ARG A 430 38.71 23.74 -16.62
CA ARG A 430 40.00 24.43 -16.60
C ARG A 430 39.81 25.93 -16.82
N PHE A 431 38.94 26.29 -17.76
CA PHE A 431 38.74 27.69 -18.13
C PHE A 431 38.21 28.51 -16.96
N GLU A 432 37.25 27.94 -16.21
CA GLU A 432 36.62 28.71 -15.14
C GLU A 432 37.63 29.09 -14.06
N LYS A 433 38.71 28.33 -13.92
CA LYS A 433 39.77 28.66 -12.97
C LYS A 433 40.84 29.55 -13.57
N GLU A 434 41.20 29.32 -14.83
CA GLU A 434 42.25 30.15 -15.41
C GLU A 434 41.75 31.57 -15.68
N PHE A 435 40.44 31.75 -15.90
CA PHE A 435 39.85 33.09 -15.74
C PHE A 435 40.09 33.68 -14.36
N TYR A 436 39.89 32.88 -13.32
CA TYR A 436 40.10 33.39 -11.96
C TYR A 436 41.53 33.86 -11.78
N LEU A 437 42.48 33.10 -12.34
CA LEU A 437 43.88 33.52 -12.25
C LEU A 437 44.18 34.71 -13.16
N PHE A 438 43.46 34.85 -14.27
CA PHE A 438 43.73 35.93 -15.22
C PHE A 438 43.26 37.26 -14.64
N LEU A 439 42.09 37.28 -14.00
CA LEU A 439 41.50 38.54 -13.57
C LEU A 439 42.43 39.34 -12.66
N ASP A 440 43.12 38.65 -11.75
CA ASP A 440 43.98 39.35 -10.80
C ASP A 440 45.15 40.03 -11.51
N GLN A 441 45.75 39.35 -12.50
CA GLN A 441 46.83 39.98 -13.24
C GLN A 441 46.34 40.98 -14.26
N ASN A 442 45.03 40.98 -14.57
CA ASN A 442 44.48 42.01 -15.45
C ASN A 442 44.17 43.29 -14.70
N GLY A 443 43.57 43.17 -13.52
CA GLY A 443 43.24 44.35 -12.74
C GLY A 443 42.37 44.05 -11.53
N GLN A 444 42.35 44.99 -10.58
CA GLN A 444 41.53 44.88 -9.38
C GLN A 444 40.40 45.90 -9.36
N HIS A 445 40.39 46.85 -10.30
CA HIS A 445 39.43 47.94 -10.29
C HIS A 445 37.99 47.45 -10.41
N LEU A 446 37.73 46.50 -11.31
CA LEU A 446 36.40 45.92 -11.40
C LEU A 446 36.01 45.30 -10.06
N LEU A 447 36.95 44.58 -9.46
CA LEU A 447 36.71 43.87 -8.22
C LEU A 447 36.43 44.86 -7.09
N GLU A 448 37.16 45.98 -7.09
CA GLU A 448 36.96 47.04 -6.11
C GLU A 448 35.58 47.67 -6.28
N HIS A 449 35.19 47.95 -7.52
CA HIS A 449 33.88 48.58 -7.74
C HIS A 449 32.74 47.68 -7.30
N ILE A 450 32.83 46.39 -7.63
CA ILE A 450 31.79 45.45 -7.18
C ILE A 450 31.80 45.34 -5.66
N ARG A 451 32.98 45.41 -5.05
CA ARG A 451 33.04 45.34 -3.59
C ARG A 451 32.38 46.55 -2.93
N THR A 452 32.62 47.76 -3.47
CA THR A 452 32.13 48.95 -2.78
C THR A 452 30.67 49.23 -3.10
N THR A 453 30.32 49.31 -4.40
CA THR A 453 28.99 49.74 -4.79
C THR A 453 28.00 48.59 -4.92
N LYS A 454 28.47 47.35 -4.92
CA LYS A 454 27.62 46.17 -5.09
C LYS A 454 26.78 46.25 -6.36
N ASP A 455 27.41 46.67 -7.45
CA ASP A 455 26.71 46.84 -8.72
C ASP A 455 27.68 46.54 -9.86
N LEU A 456 27.11 46.03 -10.96
CA LEU A 456 27.92 45.65 -12.12
C LEU A 456 28.65 46.86 -12.68
N PRO A 457 29.92 46.75 -13.04
CA PRO A 457 30.62 47.87 -13.59
C PRO A 457 30.24 48.18 -15.04
N ASN A 458 30.94 49.14 -15.61
CA ASN A 458 30.60 49.56 -16.96
C ASN A 458 30.82 48.40 -17.92
N GLU A 459 29.76 48.03 -18.63
CA GLU A 459 29.83 46.86 -19.51
C GLU A 459 30.85 47.08 -20.62
N ASP A 460 30.94 48.31 -21.12
CA ASP A 460 31.93 48.60 -22.17
C ASP A 460 33.35 48.35 -21.68
N ASP A 461 33.61 48.56 -20.39
CA ASP A 461 34.91 48.23 -19.82
C ASP A 461 34.95 46.80 -19.26
N LEU A 462 33.80 46.27 -18.85
CA LEU A 462 33.75 44.90 -18.35
C LEU A 462 34.12 43.91 -19.44
N ASN A 463 33.65 44.15 -20.67
CA ASN A 463 33.87 43.20 -21.75
C ASN A 463 35.33 43.10 -22.16
N LYS A 464 36.14 44.11 -21.83
CA LYS A 464 37.51 44.17 -22.31
C LYS A 464 38.37 43.06 -21.70
N ALA A 465 38.14 42.74 -20.42
CA ALA A 465 38.88 41.65 -19.81
C ALA A 465 38.60 40.32 -20.48
N ILE A 466 37.33 40.06 -20.79
CA ILE A 466 36.96 38.85 -21.51
C ILE A 466 37.61 38.82 -22.88
N GLU A 467 37.54 39.95 -23.60
CA GLU A 467 38.12 40.04 -24.93
C GLU A 467 39.62 39.80 -24.90
N ALA A 468 40.33 40.41 -23.95
CA ALA A 468 41.76 40.23 -23.86
C ALA A 468 42.13 38.80 -23.50
N PHE A 469 41.35 38.17 -22.60
CA PHE A 469 41.65 36.78 -22.27
C PHE A 469 41.48 35.87 -23.47
N LYS A 470 40.33 35.97 -24.15
CA LYS A 470 40.03 35.03 -25.23
C LYS A 470 41.09 35.06 -26.32
N LYS A 471 41.83 36.17 -26.42
CA LYS A 471 42.92 36.28 -27.37
C LYS A 471 44.14 35.45 -26.97
N THR A 472 44.19 35.01 -25.71
CA THR A 472 45.35 34.28 -25.20
C THR A 472 45.01 32.93 -24.59
N PHE A 473 43.75 32.51 -24.60
CA PHE A 473 43.38 31.23 -24.02
C PHE A 473 43.97 30.08 -24.81
N VAL A 474 44.41 29.05 -24.11
CA VAL A 474 44.95 27.85 -24.75
C VAL A 474 44.24 26.62 -24.21
N ASP B 1 -37.16 4.36 37.24
CA ASP B 1 -36.99 4.74 35.84
C ASP B 1 -36.27 6.09 35.85
N VAL B 2 -35.20 6.17 36.65
CA VAL B 2 -34.39 7.37 36.79
C VAL B 2 -32.92 7.00 36.74
N GLY B 3 -32.10 8.01 36.49
CA GLY B 3 -30.66 7.81 36.44
C GLY B 3 -29.95 9.10 36.13
N THR B 4 -28.63 9.00 35.97
CA THR B 4 -27.80 10.16 35.69
C THR B 4 -26.83 9.83 34.57
N VAL B 5 -26.46 10.85 33.80
CA VAL B 5 -25.49 10.70 32.72
C VAL B 5 -24.11 11.07 33.26
N ILE B 6 -23.12 10.23 32.99
CA ILE B 6 -21.78 10.42 33.54
C ILE B 6 -20.72 10.59 32.46
N GLN B 7 -21.02 10.36 31.19
CA GLN B 7 -20.09 10.61 30.10
C GLN B 7 -20.84 11.23 28.94
N VAL B 8 -20.25 12.27 28.34
CA VAL B 8 -20.90 13.00 27.25
C VAL B 8 -19.94 13.08 26.05
N GLY B 9 -19.09 12.08 25.90
CA GLY B 9 -18.02 12.16 24.92
C GLY B 9 -18.40 11.99 23.46
N ASP B 10 -18.20 13.05 22.68
CA ASP B 10 -18.23 13.00 21.21
C ASP B 10 -19.54 12.43 20.67
N GLY B 11 -20.65 12.91 21.21
CA GLY B 11 -21.95 12.49 20.74
C GLY B 11 -22.43 11.15 21.25
N ILE B 12 -21.65 10.49 22.09
CA ILE B 12 -22.03 9.22 22.72
C ILE B 12 -22.06 9.46 24.22
N ALA B 13 -23.00 8.80 24.89
CA ALA B 13 -23.19 9.03 26.32
C ALA B 13 -23.34 7.69 27.03
N ARG B 14 -23.06 7.72 28.33
CA ARG B 14 -23.26 6.56 29.19
C ARG B 14 -24.17 6.98 30.34
N ALA B 15 -25.10 6.10 30.69
CA ALA B 15 -26.14 6.42 31.67
C ALA B 15 -26.19 5.36 32.76
N HIS B 16 -26.36 5.82 33.99
CA HIS B 16 -26.56 4.97 35.14
C HIS B 16 -28.05 4.68 35.32
N GLY B 17 -28.34 3.64 36.10
CA GLY B 17 -29.74 3.29 36.34
C GLY B 17 -30.40 2.71 35.09
N LEU B 18 -31.63 3.16 34.84
CA LEU B 18 -32.43 2.69 33.71
C LEU B 18 -32.57 1.17 33.75
N ASP B 19 -33.26 0.69 34.79
CA ASP B 19 -33.35 -0.75 35.03
C ASP B 19 -34.15 -1.46 33.95
N ASN B 20 -35.24 -0.85 33.48
CA ASN B 20 -36.20 -1.53 32.60
C ASN B 20 -36.00 -1.20 31.12
N VAL B 21 -34.91 -0.52 30.77
CA VAL B 21 -34.73 -0.07 29.39
C VAL B 21 -34.53 -1.26 28.46
N MET B 22 -35.13 -1.18 27.28
CA MET B 22 -35.06 -2.23 26.26
C MET B 22 -34.15 -1.78 25.12
N SER B 23 -33.64 -2.75 24.37
CA SER B 23 -32.78 -2.45 23.24
C SER B 23 -33.56 -1.78 22.13
N GLY B 24 -32.94 -0.78 21.49
CA GLY B 24 -33.57 -0.06 20.40
C GLY B 24 -34.60 0.96 20.81
N GLU B 25 -34.75 1.23 22.11
CA GLU B 25 -35.79 2.15 22.58
C GLU B 25 -35.37 3.60 22.39
N LEU B 26 -36.36 4.46 22.18
CA LEU B 26 -36.14 5.90 22.19
C LEU B 26 -35.99 6.41 23.62
N VAL B 27 -35.19 7.48 23.75
CA VAL B 27 -34.84 8.07 25.03
C VAL B 27 -34.89 9.59 24.86
N GLU B 28 -35.29 10.31 25.91
CA GLU B 28 -35.26 11.76 25.84
C GLU B 28 -34.42 12.34 26.97
N PHE B 29 -33.60 13.33 26.64
CA PHE B 29 -32.85 14.06 27.64
C PHE B 29 -33.69 15.23 28.17
N ALA B 30 -33.34 15.68 29.38
CA ALA B 30 -34.04 16.83 29.96
C ALA B 30 -33.82 18.11 29.16
N ASN B 31 -32.79 18.15 28.31
CA ASN B 31 -32.54 19.29 27.44
C ASN B 31 -33.56 19.37 26.30
N GLY B 32 -34.21 18.27 25.97
CA GLY B 32 -35.18 18.25 24.89
C GLY B 32 -34.70 17.65 23.59
N VAL B 33 -33.78 16.69 23.65
CA VAL B 33 -33.25 16.03 22.46
C VAL B 33 -33.49 14.53 22.58
N MET B 34 -33.67 13.88 21.45
CA MET B 34 -33.93 12.45 21.40
C MET B 34 -32.62 11.68 21.22
N GLY B 35 -32.57 10.50 21.84
CA GLY B 35 -31.44 9.60 21.75
C GLY B 35 -31.94 8.18 21.77
N MET B 36 -31.01 7.23 21.73
CA MET B 36 -31.40 5.82 21.65
C MET B 36 -30.35 4.96 22.32
N ALA B 37 -30.78 3.77 22.75
CA ALA B 37 -29.93 2.83 23.46
C ALA B 37 -29.55 1.68 22.52
N LEU B 38 -28.25 1.39 22.44
CA LEU B 38 -27.76 0.31 21.61
C LEU B 38 -27.00 -0.77 22.38
N ASN B 39 -26.58 -0.50 23.61
CA ASN B 39 -25.80 -1.46 24.39
C ASN B 39 -26.15 -1.32 25.85
N LEU B 40 -26.26 -2.45 26.55
CA LEU B 40 -26.62 -2.47 27.96
C LEU B 40 -25.62 -3.35 28.69
N GLU B 41 -24.69 -2.71 29.41
CA GLU B 41 -23.65 -3.43 30.13
C GLU B 41 -24.17 -3.87 31.49
N GLU B 42 -23.26 -4.31 32.36
CA GLU B 42 -23.67 -4.81 33.67
C GLU B 42 -24.26 -3.70 34.54
N ASN B 43 -23.72 -2.49 34.46
CA ASN B 43 -24.16 -1.40 35.32
C ASN B 43 -24.27 -0.06 34.61
N ASN B 44 -24.33 -0.04 33.28
CA ASN B 44 -24.46 1.20 32.53
C ASN B 44 -25.10 0.92 31.18
N VAL B 45 -25.64 1.97 30.58
CA VAL B 45 -26.32 1.89 29.29
C VAL B 45 -25.67 2.89 28.33
N GLY B 46 -25.39 2.44 27.11
CA GLY B 46 -24.84 3.32 26.09
C GLY B 46 -25.94 3.96 25.26
N ILE B 47 -25.83 5.28 25.09
CA ILE B 47 -26.86 6.08 24.43
C ILE B 47 -26.23 6.87 23.30
N VAL B 48 -26.91 6.90 22.15
CA VAL B 48 -26.46 7.64 20.98
C VAL B 48 -27.39 8.83 20.77
N ILE B 49 -26.81 10.03 20.70
CA ILE B 49 -27.57 11.27 20.67
C ILE B 49 -27.94 11.62 19.24
N LEU B 50 -29.21 12.01 19.04
CA LEU B 50 -29.77 12.30 17.72
C LEU B 50 -30.00 13.78 17.50
N GLY B 51 -29.12 14.65 18.01
CA GLY B 51 -29.28 16.08 17.88
C GLY B 51 -28.08 16.85 18.38
N PRO B 52 -28.29 18.10 18.81
CA PRO B 52 -27.19 18.87 19.36
C PRO B 52 -26.82 18.57 20.81
N TYR B 53 -25.69 17.88 20.95
CA TYR B 53 -25.20 17.36 22.23
C TYR B 53 -24.45 18.41 23.05
N THR B 54 -24.27 19.62 22.54
CA THR B 54 -23.55 20.65 23.27
C THR B 54 -24.26 21.08 24.55
N GLY B 55 -25.56 20.79 24.67
CA GLY B 55 -26.31 21.16 25.84
C GLY B 55 -26.40 20.13 26.94
N ILE B 56 -25.77 18.97 26.78
CA ILE B 56 -25.84 17.91 27.78
C ILE B 56 -24.68 18.06 28.76
N LYS B 57 -24.98 17.92 30.04
CA LYS B 57 -24.00 18.00 31.10
C LYS B 57 -24.07 16.74 31.95
N GLU B 58 -23.01 16.51 32.72
CA GLU B 58 -23.02 15.39 33.66
C GLU B 58 -24.09 15.61 34.72
N GLY B 59 -24.77 14.52 35.10
CA GLY B 59 -25.84 14.59 36.06
C GLY B 59 -27.20 14.96 35.51
N ASP B 60 -27.32 15.08 34.19
CA ASP B 60 -28.60 15.42 33.59
C ASP B 60 -29.58 14.26 33.72
N GLU B 61 -30.85 14.60 33.92
CA GLU B 61 -31.90 13.59 33.96
C GLU B 61 -32.21 13.08 32.56
N VAL B 62 -32.44 11.77 32.44
CA VAL B 62 -32.69 11.11 31.16
C VAL B 62 -33.88 10.18 31.34
N ARG B 63 -34.75 10.09 30.32
CA ARG B 63 -36.04 9.47 30.50
C ARG B 63 -36.39 8.51 29.37
N ARG B 64 -37.28 7.59 29.72
CA ARG B 64 -37.68 6.44 28.91
C ARG B 64 -38.91 6.81 28.07
N THR B 65 -38.82 6.61 26.76
CA THR B 65 -39.99 6.83 25.90
C THR B 65 -40.99 5.70 26.00
N GLY B 66 -40.52 4.48 26.26
CA GLY B 66 -41.40 3.35 26.46
C GLY B 66 -41.76 2.56 25.22
N ARG B 67 -41.11 2.81 24.08
CA ARG B 67 -41.41 2.05 22.88
C ARG B 67 -40.21 2.04 21.94
N ILE B 68 -40.24 1.07 21.02
CA ILE B 68 -39.20 0.81 20.04
C ILE B 68 -39.20 1.93 18.99
N MET B 69 -38.24 1.89 18.05
CA MET B 69 -37.98 2.96 17.11
C MET B 69 -39.14 3.15 16.14
N GLU B 70 -40.17 3.86 16.59
CA GLU B 70 -41.37 4.14 15.81
C GLU B 70 -41.29 5.53 15.21
N VAL B 71 -41.55 5.63 13.91
CA VAL B 71 -41.67 6.91 13.22
C VAL B 71 -43.12 7.09 12.79
N PRO B 72 -43.71 8.27 12.94
CA PRO B 72 -45.08 8.48 12.48
C PRO B 72 -45.19 8.40 10.97
N VAL B 73 -46.34 7.91 10.50
CA VAL B 73 -46.67 7.82 9.09
C VAL B 73 -48.11 8.29 8.91
N GLY B 74 -48.55 8.38 7.66
CA GLY B 74 -49.90 8.74 7.34
C GLY B 74 -49.97 9.80 6.26
N GLU B 75 -51.19 10.24 5.98
CA GLU B 75 -51.43 11.22 4.92
C GLU B 75 -51.13 12.65 5.36
N ALA B 76 -51.03 12.91 6.66
CA ALA B 76 -50.79 14.28 7.12
C ALA B 76 -49.36 14.73 6.85
N LEU B 77 -48.39 13.82 6.72
CA LEU B 77 -47.04 14.20 6.33
C LEU B 77 -46.92 14.59 4.87
N ILE B 78 -47.92 14.27 4.05
CA ILE B 78 -47.88 14.68 2.65
C ILE B 78 -47.98 16.20 2.57
N GLY B 79 -47.12 16.79 1.74
CA GLY B 79 -47.03 18.24 1.65
C GLY B 79 -46.11 18.89 2.64
N ARG B 80 -45.23 18.14 3.29
CA ARG B 80 -44.31 18.69 4.28
C ARG B 80 -42.93 18.12 4.08
N VAL B 81 -41.93 18.88 4.51
CA VAL B 81 -40.56 18.41 4.65
C VAL B 81 -40.31 18.16 6.13
N VAL B 82 -39.91 16.93 6.47
CA VAL B 82 -39.89 16.49 7.85
C VAL B 82 -38.49 16.01 8.22
N ASN B 83 -38.17 16.15 9.50
CA ASN B 83 -36.98 15.57 10.12
C ASN B 83 -37.21 14.08 10.35
N PRO B 84 -36.14 13.26 10.27
CA PRO B 84 -36.32 11.82 10.52
C PRO B 84 -36.92 11.50 11.87
N LEU B 85 -36.68 12.34 12.89
CA LEU B 85 -37.29 12.12 14.20
C LEU B 85 -38.79 12.39 14.20
N GLY B 86 -39.32 13.02 13.16
CA GLY B 86 -40.73 13.35 13.12
C GLY B 86 -41.03 14.78 13.50
N GLN B 87 -40.27 15.73 12.95
CA GLN B 87 -40.49 17.15 13.19
C GLN B 87 -40.49 17.88 11.85
N PRO B 88 -41.46 18.77 11.62
CA PRO B 88 -41.48 19.53 10.37
C PRO B 88 -40.30 20.48 10.29
N VAL B 89 -39.86 20.73 9.05
CA VAL B 89 -38.67 21.55 8.80
C VAL B 89 -39.03 22.99 8.48
N ASP B 90 -39.98 23.20 7.58
CA ASP B 90 -40.37 24.54 7.16
C ASP B 90 -41.56 25.10 7.95
N GLY B 91 -41.74 24.64 9.19
CA GLY B 91 -42.81 25.17 10.02
C GLY B 91 -44.15 24.62 9.61
N LEU B 92 -45.11 25.52 9.38
CA LEU B 92 -46.47 25.19 8.97
C LEU B 92 -47.17 24.28 9.99
N GLY B 93 -46.90 24.49 11.27
CA GLY B 93 -47.63 23.84 12.33
C GLY B 93 -47.20 22.41 12.58
N PRO B 94 -47.65 21.85 13.70
CA PRO B 94 -47.30 20.46 14.02
C PRO B 94 -48.07 19.48 13.13
N VAL B 95 -47.54 18.26 13.06
CA VAL B 95 -48.14 17.21 12.26
C VAL B 95 -49.32 16.60 13.02
N GLU B 96 -50.29 16.07 12.26
CA GLU B 96 -51.49 15.49 12.83
C GLU B 96 -51.51 13.97 12.72
N THR B 97 -50.41 13.36 12.27
CA THR B 97 -50.37 11.91 12.08
C THR B 97 -50.53 11.17 13.40
N THR B 98 -51.36 10.13 13.39
CA THR B 98 -51.63 9.31 14.56
C THR B 98 -50.93 7.95 14.48
N GLU B 99 -51.03 7.27 13.35
CA GLU B 99 -50.43 5.95 13.20
C GLU B 99 -48.91 6.04 13.10
N THR B 100 -48.24 5.00 13.57
CA THR B 100 -46.78 4.94 13.58
C THR B 100 -46.32 3.56 13.13
N ARG B 101 -45.08 3.49 12.64
CA ARG B 101 -44.47 2.22 12.29
C ARG B 101 -43.08 2.11 12.91
N PRO B 102 -42.76 0.97 13.53
CA PRO B 102 -41.36 0.70 13.89
C PRO B 102 -40.51 0.50 12.63
N ILE B 103 -39.41 1.25 12.54
CA ILE B 103 -38.54 1.18 11.37
C ILE B 103 -37.60 -0.01 11.40
N GLU B 104 -37.66 -0.83 12.45
CA GLU B 104 -36.89 -2.05 12.56
C GLU B 104 -37.72 -3.30 12.29
N SER B 105 -38.89 -3.15 11.68
CA SER B 105 -39.82 -4.26 11.53
C SER B 105 -39.23 -5.36 10.65
N ARG B 106 -39.64 -6.59 10.92
CA ARG B 106 -39.19 -7.74 10.15
C ARG B 106 -39.73 -7.66 8.73
N ALA B 107 -38.84 -7.83 7.75
CA ALA B 107 -39.22 -7.72 6.35
C ALA B 107 -40.06 -8.92 5.93
N PRO B 108 -40.98 -8.74 4.98
CA PRO B 108 -41.72 -9.88 4.43
C PRO B 108 -40.78 -10.87 3.77
N GLY B 109 -41.12 -12.15 3.88
CA GLY B 109 -40.25 -13.20 3.36
C GLY B 109 -40.93 -14.17 2.40
N VAL B 110 -40.79 -15.46 2.69
CA VAL B 110 -41.26 -16.50 1.78
C VAL B 110 -42.79 -16.56 1.80
N MET B 111 -43.38 -16.98 0.68
CA MET B 111 -44.82 -16.94 0.41
C MET B 111 -45.41 -15.52 0.43
N ASP B 112 -44.59 -14.48 0.28
CA ASP B 112 -45.12 -13.11 0.25
C ASP B 112 -44.60 -12.32 -0.95
N ARG B 113 -44.10 -12.99 -1.99
CA ARG B 113 -43.46 -12.29 -3.10
C ARG B 113 -43.97 -12.83 -4.43
N ARG B 114 -43.62 -12.13 -5.49
CA ARG B 114 -44.13 -12.43 -6.83
C ARG B 114 -43.19 -11.81 -7.85
N SER B 115 -43.21 -12.35 -9.06
CA SER B 115 -42.34 -11.87 -10.13
C SER B 115 -42.77 -10.46 -10.55
N VAL B 116 -42.00 -9.88 -11.47
CA VAL B 116 -42.21 -8.51 -11.92
C VAL B 116 -42.45 -8.52 -13.43
N HIS B 117 -43.52 -7.84 -13.85
CA HIS B 117 -43.86 -7.77 -15.27
C HIS B 117 -44.34 -6.40 -15.72
N GLU B 118 -44.33 -5.39 -14.84
CA GLU B 118 -44.86 -4.08 -15.15
C GLU B 118 -43.80 -3.00 -14.94
N PRO B 119 -43.71 -2.03 -15.84
CA PRO B 119 -42.61 -1.07 -15.81
C PRO B 119 -42.85 0.09 -14.86
N LEU B 120 -41.75 0.74 -14.49
CA LEU B 120 -41.78 2.00 -13.74
C LEU B 120 -41.42 3.09 -14.74
N GLN B 121 -42.44 3.79 -15.24
CA GLN B 121 -42.26 4.81 -16.26
C GLN B 121 -41.34 5.92 -15.77
N THR B 122 -40.13 6.00 -16.32
CA THR B 122 -39.16 7.01 -15.93
C THR B 122 -39.14 8.21 -16.86
N GLY B 123 -39.44 8.02 -18.15
CA GLY B 123 -39.43 9.09 -19.11
C GLY B 123 -38.08 9.47 -19.65
N ILE B 124 -37.00 9.01 -19.02
CA ILE B 124 -35.65 9.22 -19.55
C ILE B 124 -35.41 8.14 -20.59
N LYS B 125 -35.25 8.55 -21.85
CA LYS B 125 -35.23 7.62 -22.96
C LYS B 125 -34.15 6.55 -22.79
N ALA B 126 -32.90 6.97 -22.56
CA ALA B 126 -31.77 6.05 -22.58
C ALA B 126 -31.84 4.98 -21.51
N ILE B 127 -32.65 5.18 -20.47
CA ILE B 127 -32.73 4.20 -19.38
C ILE B 127 -33.79 3.15 -19.70
N ASP B 128 -35.03 3.59 -19.89
CA ASP B 128 -36.11 2.65 -20.17
C ASP B 128 -35.87 1.89 -21.47
N ALA B 129 -35.16 2.50 -22.42
CA ALA B 129 -34.87 1.86 -23.69
C ALA B 129 -33.78 0.81 -23.61
N LEU B 130 -32.89 0.89 -22.65
CA LEU B 130 -31.74 -0.02 -22.58
C LEU B 130 -31.68 -0.79 -21.28
N VAL B 131 -32.00 -0.16 -20.16
CA VAL B 131 -31.87 -0.77 -18.84
C VAL B 131 -33.22 -0.65 -18.14
N PRO B 132 -34.20 -1.50 -18.48
CA PRO B 132 -35.55 -1.32 -17.95
C PRO B 132 -35.62 -1.56 -16.45
N ILE B 133 -36.67 -0.99 -15.84
CA ILE B 133 -36.93 -1.14 -14.42
C ILE B 133 -38.38 -1.57 -14.24
N GLY B 134 -38.62 -2.37 -13.20
CA GLY B 134 -39.96 -2.76 -12.84
C GLY B 134 -40.20 -2.56 -11.35
N ARG B 135 -41.48 -2.52 -11.00
CA ARG B 135 -41.86 -2.32 -9.61
C ARG B 135 -41.45 -3.51 -8.77
N GLY B 136 -40.85 -3.23 -7.60
CA GLY B 136 -40.26 -4.25 -6.76
C GLY B 136 -38.77 -4.44 -6.96
N GLN B 137 -38.25 -4.00 -8.09
CA GLN B 137 -36.82 -4.06 -8.37
C GLN B 137 -36.08 -3.00 -7.58
N ARG B 138 -34.82 -3.29 -7.26
CA ARG B 138 -33.91 -2.35 -6.62
C ARG B 138 -32.76 -2.09 -7.57
N GLU B 139 -32.68 -0.87 -8.09
CA GLU B 139 -31.69 -0.50 -9.10
C GLU B 139 -30.68 0.44 -8.47
N LEU B 140 -29.40 0.08 -8.55
CA LEU B 140 -28.32 0.94 -8.04
C LEU B 140 -28.00 2.05 -9.03
N ILE B 141 -27.96 3.27 -8.52
CA ILE B 141 -27.39 4.39 -9.24
C ILE B 141 -26.05 4.73 -8.58
N ILE B 142 -24.96 4.51 -9.30
CA ILE B 142 -23.61 4.63 -8.76
C ILE B 142 -22.75 5.35 -9.78
N GLY B 143 -21.81 6.14 -9.29
CA GLY B 143 -20.88 6.77 -10.22
C GLY B 143 -20.08 7.88 -9.58
N ASP B 144 -19.45 8.66 -10.45
CA ASP B 144 -18.54 9.73 -10.07
C ASP B 144 -19.31 10.99 -9.68
N ARG B 145 -18.59 11.92 -9.07
CA ARG B 145 -19.16 13.19 -8.65
C ARG B 145 -19.17 14.19 -9.81
N GLN B 146 -20.08 15.16 -9.70
CA GLN B 146 -20.23 16.24 -10.69
C GLN B 146 -20.51 15.68 -12.08
N THR B 147 -21.52 14.80 -12.15
CA THR B 147 -21.93 14.21 -13.41
C THR B 147 -23.44 14.20 -13.63
N GLY B 148 -24.25 14.44 -12.61
CA GLY B 148 -25.68 14.59 -12.80
C GLY B 148 -26.55 13.43 -12.33
N LYS B 149 -26.22 12.84 -11.19
CA LYS B 149 -27.04 11.73 -10.69
C LYS B 149 -28.40 12.22 -10.22
N THR B 150 -28.44 13.33 -9.47
CA THR B 150 -29.70 13.81 -8.91
C THR B 150 -30.67 14.25 -10.00
N SER B 151 -30.15 14.74 -11.13
CA SER B 151 -31.00 15.13 -12.25
C SER B 151 -31.77 13.96 -12.84
N VAL B 152 -31.32 12.73 -12.59
CA VAL B 152 -32.08 11.56 -12.99
C VAL B 152 -33.26 11.32 -12.05
N ALA B 153 -32.98 11.39 -10.74
CA ALA B 153 -34.03 11.14 -9.75
C ALA B 153 -35.13 12.20 -9.83
N ILE B 154 -34.75 13.47 -10.04
CA ILE B 154 -35.76 14.51 -10.11
C ILE B 154 -36.69 14.28 -11.30
N ASP B 155 -36.12 13.97 -12.47
CA ASP B 155 -36.96 13.72 -13.64
C ASP B 155 -37.85 12.50 -13.43
N THR B 156 -37.30 11.44 -12.83
CA THR B 156 -38.09 10.25 -12.59
C THR B 156 -39.24 10.52 -11.64
N ILE B 157 -39.02 11.38 -10.64
CA ILE B 157 -40.09 11.64 -9.68
C ILE B 157 -41.12 12.61 -10.24
N ILE B 158 -40.73 13.53 -11.13
CA ILE B 158 -41.76 14.38 -11.76
C ILE B 158 -42.63 13.56 -12.70
N ASN B 159 -42.06 12.54 -13.35
CA ASN B 159 -42.87 11.82 -14.34
C ASN B 159 -43.95 10.93 -13.71
N GLN B 160 -43.99 10.78 -12.39
CA GLN B 160 -44.87 9.79 -11.77
C GLN B 160 -46.29 10.28 -11.52
N LYS B 161 -46.68 11.47 -11.99
CA LYS B 161 -48.03 11.96 -11.69
C LYS B 161 -49.09 11.08 -12.36
N ASP B 162 -48.82 10.57 -13.56
CA ASP B 162 -49.81 9.80 -14.30
C ASP B 162 -49.97 8.37 -13.80
N GLN B 163 -49.05 7.88 -12.96
CA GLN B 163 -49.13 6.53 -12.43
C GLN B 163 -49.65 6.48 -11.00
N ASN B 164 -49.85 7.62 -10.35
CA ASN B 164 -50.45 7.70 -9.02
C ASN B 164 -49.66 6.86 -8.01
N MET B 165 -48.41 7.26 -7.80
CA MET B 165 -47.49 6.58 -6.87
C MET B 165 -46.98 7.58 -5.86
N ILE B 166 -47.43 7.47 -4.61
CA ILE B 166 -46.88 8.28 -3.53
C ILE B 166 -45.40 7.93 -3.37
N SER B 167 -44.57 8.95 -3.15
CA SER B 167 -43.13 8.73 -3.18
C SER B 167 -42.45 9.55 -2.10
N ILE B 168 -41.20 9.17 -1.82
CA ILE B 168 -40.37 9.80 -0.80
C ILE B 168 -39.01 10.10 -1.39
N TYR B 169 -38.49 11.29 -1.12
CA TYR B 169 -37.14 11.68 -1.51
C TYR B 169 -36.33 11.92 -0.25
N VAL B 170 -35.15 11.28 -0.17
CA VAL B 170 -34.29 11.31 0.99
C VAL B 170 -33.00 12.01 0.62
N ALA B 171 -32.59 12.99 1.43
CA ALA B 171 -31.33 13.70 1.25
C ALA B 171 -30.42 13.45 2.45
N ILE B 172 -29.21 12.98 2.19
CA ILE B 172 -28.26 12.60 3.23
C ILE B 172 -26.96 13.36 3.03
N GLY B 173 -26.49 14.01 4.09
CA GLY B 173 -25.18 14.65 4.09
C GLY B 173 -25.01 15.70 3.02
N GLN B 174 -26.09 16.35 2.61
CA GLN B 174 -26.08 17.17 1.41
C GLN B 174 -26.13 18.65 1.78
N LYS B 175 -25.72 19.48 0.82
CA LYS B 175 -25.70 20.93 0.99
C LYS B 175 -27.10 21.48 0.80
N GLU B 176 -27.52 22.38 1.71
CA GLU B 176 -28.87 22.93 1.67
C GLU B 176 -29.18 23.71 0.41
N SER B 177 -28.17 24.22 -0.30
CA SER B 177 -28.45 24.96 -1.53
C SER B 177 -29.12 24.07 -2.56
N THR B 178 -28.54 22.90 -2.83
CA THR B 178 -29.16 21.96 -3.74
C THR B 178 -30.47 21.42 -3.19
N VAL B 179 -30.55 21.21 -1.87
CA VAL B 179 -31.79 20.72 -1.27
C VAL B 179 -32.94 21.68 -1.54
N ARG B 180 -32.72 22.98 -1.29
CA ARG B 180 -33.79 23.94 -1.51
C ARG B 180 -34.02 24.23 -2.99
N THR B 181 -33.00 24.09 -3.83
CA THR B 181 -33.25 24.17 -5.28
C THR B 181 -34.19 23.05 -5.72
N VAL B 182 -33.95 21.83 -5.24
CA VAL B 182 -34.81 20.70 -5.56
C VAL B 182 -36.21 20.92 -5.00
N VAL B 183 -36.30 21.42 -3.77
CA VAL B 183 -37.61 21.64 -3.15
C VAL B 183 -38.38 22.71 -3.91
N GLU B 184 -37.70 23.77 -4.35
CA GLU B 184 -38.37 24.80 -5.13
C GLU B 184 -38.81 24.25 -6.49
N THR B 185 -37.99 23.41 -7.12
CA THR B 185 -38.41 22.78 -8.37
C THR B 185 -39.66 21.92 -8.16
N LEU B 186 -39.69 21.15 -7.08
CA LEU B 186 -40.83 20.27 -6.82
C LEU B 186 -42.08 21.07 -6.51
N ARG B 187 -41.97 22.12 -5.70
CA ARG B 187 -43.12 22.94 -5.37
C ARG B 187 -43.61 23.73 -6.58
N LYS B 188 -42.70 24.15 -7.46
CA LYS B 188 -43.10 24.77 -8.71
C LYS B 188 -43.89 23.80 -9.59
N HIS B 189 -43.34 22.60 -9.78
CA HIS B 189 -44.04 21.59 -10.57
C HIS B 189 -45.17 20.91 -9.82
N GLY B 190 -45.26 21.11 -8.50
CA GLY B 190 -46.35 20.60 -7.72
C GLY B 190 -46.15 19.22 -7.12
N ALA B 191 -44.96 18.64 -7.23
CA ALA B 191 -44.75 17.29 -6.76
C ALA B 191 -44.87 17.17 -5.24
N LEU B 192 -44.75 18.26 -4.50
CA LEU B 192 -44.76 18.19 -3.04
C LEU B 192 -46.13 17.81 -2.49
N ASP B 193 -47.20 17.91 -3.29
CA ASP B 193 -48.53 17.60 -2.80
C ASP B 193 -48.81 16.11 -2.72
N TYR B 194 -47.90 15.26 -3.25
CA TYR B 194 -48.00 13.82 -3.02
C TYR B 194 -46.67 13.17 -2.63
N THR B 195 -45.55 13.87 -2.79
CA THR B 195 -44.25 13.36 -2.36
C THR B 195 -43.92 13.88 -0.97
N ILE B 196 -43.09 13.12 -0.26
CA ILE B 196 -42.60 13.50 1.06
C ILE B 196 -41.08 13.59 0.99
N VAL B 197 -40.53 14.73 1.43
CA VAL B 197 -39.10 14.98 1.36
C VAL B 197 -38.56 14.95 2.79
N VAL B 198 -37.56 14.10 3.03
CA VAL B 198 -36.84 14.05 4.29
C VAL B 198 -35.40 14.44 4.02
N THR B 199 -34.83 15.26 4.90
CA THR B 199 -33.48 15.76 4.73
C THR B 199 -32.70 15.62 6.03
N ALA B 200 -31.40 15.40 5.89
CA ALA B 200 -30.49 15.36 7.03
C ALA B 200 -29.15 15.91 6.52
N SER B 201 -28.93 17.20 6.73
CA SER B 201 -27.86 17.91 6.05
C SER B 201 -26.48 17.54 6.63
N ALA B 202 -25.44 18.08 5.98
CA ALA B 202 -24.07 17.83 6.39
C ALA B 202 -23.72 18.48 7.72
N SER B 203 -24.43 19.55 8.10
CA SER B 203 -24.21 20.20 9.39
C SER B 203 -24.93 19.50 10.52
N GLN B 204 -25.48 18.31 10.28
CA GLN B 204 -26.17 17.52 11.28
C GLN B 204 -25.26 16.42 11.83
N PRO B 205 -25.51 15.96 13.05
CA PRO B 205 -24.67 14.90 13.62
C PRO B 205 -24.78 13.61 12.82
N ALA B 206 -23.74 12.78 12.96
CA ALA B 206 -23.69 11.52 12.22
C ALA B 206 -24.88 10.60 12.45
N PRO B 207 -25.39 10.41 13.68
CA PRO B 207 -26.48 9.44 13.86
C PRO B 207 -27.73 9.74 13.05
N LEU B 208 -28.08 11.01 12.84
CA LEU B 208 -29.21 11.33 11.96
C LEU B 208 -28.92 10.89 10.53
N LEU B 209 -27.69 11.12 10.07
CA LEU B 209 -27.30 10.68 8.73
C LEU B 209 -27.37 9.16 8.62
N PHE B 210 -27.10 8.47 9.72
CA PHE B 210 -27.13 7.01 9.75
C PHE B 210 -28.56 6.47 9.78
N LEU B 211 -29.49 7.18 10.43
CA LEU B 211 -30.87 6.70 10.54
C LEU B 211 -31.79 7.17 9.42
N ALA B 212 -31.42 8.19 8.66
CA ALA B 212 -32.36 8.78 7.70
C ALA B 212 -33.00 7.78 6.72
N PRO B 213 -32.25 6.89 6.05
CA PRO B 213 -32.92 5.97 5.10
C PRO B 213 -33.91 5.02 5.75
N TYR B 214 -33.69 4.63 7.00
CA TYR B 214 -34.63 3.73 7.67
C TYR B 214 -35.99 4.40 7.82
N ALA B 215 -36.01 5.66 8.25
CA ALA B 215 -37.28 6.39 8.29
C ALA B 215 -37.82 6.62 6.89
N GLY B 216 -36.94 6.88 5.92
CA GLY B 216 -37.40 7.11 4.56
C GLY B 216 -38.09 5.91 3.94
N VAL B 217 -37.72 4.70 4.36
CA VAL B 217 -38.39 3.51 3.85
C VAL B 217 -39.56 3.10 4.74
N ALA B 218 -39.51 3.42 6.04
CA ALA B 218 -40.62 3.08 6.92
C ALA B 218 -41.84 3.94 6.64
N MET B 219 -41.64 5.23 6.34
CA MET B 219 -42.77 6.06 5.95
C MET B 219 -43.24 5.79 4.52
N GLY B 220 -42.54 4.94 3.78
CA GLY B 220 -42.93 4.62 2.41
C GLY B 220 -43.65 3.29 2.27
N GLU B 221 -43.22 2.28 3.02
CA GLU B 221 -43.84 0.97 2.91
C GLU B 221 -45.26 0.93 3.48
N TYR B 222 -45.60 1.88 4.34
CA TYR B 222 -46.93 1.89 4.96
C TYR B 222 -48.03 1.97 3.90
N PHE B 223 -47.80 2.75 2.86
CA PHE B 223 -48.77 2.84 1.77
C PHE B 223 -48.78 1.59 0.92
N MET B 224 -47.64 0.88 0.83
CA MET B 224 -47.65 -0.43 0.19
C MET B 224 -48.58 -1.39 0.90
N TYR B 225 -48.44 -1.52 2.22
CA TYR B 225 -49.20 -2.54 2.94
C TYR B 225 -50.70 -2.27 2.87
N LYS B 226 -51.09 -1.06 2.45
CA LYS B 226 -52.48 -0.71 2.21
C LYS B 226 -52.88 -0.84 0.74
N GLY B 227 -51.98 -1.33 -0.11
CA GLY B 227 -52.30 -1.63 -1.50
C GLY B 227 -51.79 -0.63 -2.52
N LYS B 228 -51.23 0.50 -2.09
CA LYS B 228 -50.76 1.50 -3.03
C LYS B 228 -49.34 1.17 -3.50
N HIS B 229 -48.91 1.87 -4.56
CA HIS B 229 -47.57 1.74 -5.11
C HIS B 229 -46.69 2.89 -4.62
N VAL B 230 -45.42 2.59 -4.37
CA VAL B 230 -44.51 3.53 -3.74
C VAL B 230 -43.16 3.47 -4.46
N LEU B 231 -42.55 4.65 -4.66
CA LEU B 231 -41.17 4.77 -5.13
C LEU B 231 -40.36 5.54 -4.09
N VAL B 232 -39.18 5.02 -3.75
CA VAL B 232 -38.32 5.62 -2.74
C VAL B 232 -36.93 5.81 -3.31
N VAL B 233 -36.32 6.97 -3.05
CA VAL B 233 -34.99 7.30 -3.54
C VAL B 233 -34.15 7.81 -2.37
N TYR B 234 -32.87 7.43 -2.38
CA TYR B 234 -31.90 7.90 -1.39
C TYR B 234 -30.81 8.70 -2.08
N ASP B 235 -30.38 9.79 -1.44
CA ASP B 235 -29.48 10.72 -2.11
C ASP B 235 -28.04 10.19 -2.17
N ASP B 236 -27.59 9.49 -1.14
CA ASP B 236 -26.23 8.96 -1.12
C ASP B 236 -26.10 7.92 -0.03
N LEU B 237 -25.67 6.71 -0.40
CA LEU B 237 -25.32 5.69 0.58
C LEU B 237 -23.88 5.79 1.06
N SER B 238 -23.00 6.39 0.25
CA SER B 238 -21.60 6.55 0.66
C SER B 238 -21.49 7.39 1.93
N LYS B 239 -22.27 8.45 2.02
CA LYS B 239 -22.24 9.29 3.22
C LYS B 239 -22.77 8.53 4.43
N GLN B 240 -23.78 7.68 4.23
CA GLN B 240 -24.27 6.87 5.34
C GLN B 240 -23.20 5.88 5.80
N ALA B 241 -22.47 5.29 4.85
CA ALA B 241 -21.38 4.39 5.22
C ALA B 241 -20.29 5.13 5.98
N ALA B 242 -19.97 6.36 5.55
CA ALA B 242 -18.97 7.16 6.26
C ALA B 242 -19.44 7.50 7.67
N ALA B 243 -20.72 7.84 7.83
CA ALA B 243 -21.26 8.13 9.15
C ALA B 243 -21.21 6.90 10.05
N TYR B 244 -21.48 5.72 9.48
CA TYR B 244 -21.37 4.50 10.27
C TYR B 244 -19.93 4.20 10.67
N ARG B 245 -18.97 4.47 9.77
CA ARG B 245 -17.57 4.33 10.15
C ARG B 245 -17.22 5.27 11.30
N GLU B 246 -17.69 6.52 11.21
CA GLU B 246 -17.49 7.48 12.28
C GLU B 246 -18.03 6.98 13.61
N LEU B 247 -19.28 6.50 13.60
CA LEU B 247 -19.91 6.03 14.82
C LEU B 247 -19.19 4.80 15.38
N SER B 248 -18.84 3.85 14.51
CA SER B 248 -18.18 2.63 14.96
C SER B 248 -16.80 2.93 15.54
N LEU B 249 -16.03 3.82 14.89
CA LEU B 249 -14.72 4.15 15.41
C LEU B 249 -14.79 4.93 16.71
N LEU B 250 -15.84 5.74 16.89
CA LEU B 250 -16.05 6.32 18.22
C LEU B 250 -16.42 5.25 19.24
N LEU B 251 -17.11 4.19 18.81
CA LEU B 251 -17.49 3.10 19.70
C LEU B 251 -16.35 2.10 19.97
N ARG B 252 -15.19 2.26 19.35
CA ARG B 252 -14.02 1.41 19.60
C ARG B 252 -14.26 -0.03 19.14
N ARG B 253 -14.72 -0.17 17.87
CA ARG B 253 -14.75 -1.51 17.29
C ARG B 253 -13.55 -1.73 16.38
N PRO B 254 -13.08 -2.96 16.26
CA PRO B 254 -11.90 -3.26 15.43
C PRO B 254 -12.17 -3.00 13.96
N PRO B 255 -11.45 -2.08 13.34
CA PRO B 255 -11.67 -1.79 11.92
C PRO B 255 -11.20 -2.93 11.04
N GLY B 256 -11.80 -3.02 9.85
CA GLY B 256 -11.40 -3.98 8.85
C GLY B 256 -10.67 -3.33 7.69
N ARG B 257 -10.94 -3.80 6.46
CA ARG B 257 -10.35 -3.17 5.29
C ARG B 257 -10.92 -1.77 5.10
N GLU B 258 -10.04 -0.79 4.89
CA GLU B 258 -10.42 0.62 4.78
C GLU B 258 -11.20 1.11 6.00
N ALA B 259 -10.93 0.51 7.16
CA ALA B 259 -11.49 0.92 8.45
C ALA B 259 -13.00 0.73 8.53
N TYR B 260 -13.62 0.21 7.49
CA TYR B 260 -15.05 -0.04 7.51
C TYR B 260 -15.36 -1.32 8.28
N PRO B 261 -16.20 -1.25 9.31
CA PRO B 261 -16.48 -2.44 10.11
C PRO B 261 -17.26 -3.49 9.32
N GLY B 262 -17.26 -4.71 9.85
CA GLY B 262 -17.85 -5.85 9.15
C GLY B 262 -19.36 -5.82 9.06
N ASP B 263 -20.03 -4.90 9.77
CA ASP B 263 -21.49 -4.83 9.73
C ASP B 263 -22.02 -4.19 8.45
N ILE B 264 -21.15 -3.81 7.52
CA ILE B 264 -21.58 -3.08 6.32
C ILE B 264 -22.58 -3.91 5.52
N PHE B 265 -22.27 -5.18 5.29
CA PHE B 265 -23.20 -6.05 4.58
C PHE B 265 -24.48 -6.25 5.36
N TYR B 266 -24.40 -6.18 6.69
CA TYR B 266 -25.59 -6.35 7.53
C TYR B 266 -26.44 -5.08 7.51
N LEU B 267 -25.82 -3.94 7.83
CA LEU B 267 -26.55 -2.68 7.99
C LEU B 267 -27.38 -2.37 6.75
N HIS B 268 -26.77 -2.47 5.57
CA HIS B 268 -27.47 -2.13 4.34
C HIS B 268 -28.56 -3.16 4.03
N SER B 269 -28.32 -4.44 4.34
CA SER B 269 -29.32 -5.45 4.04
C SER B 269 -30.59 -5.20 4.82
N ARG B 270 -30.47 -4.98 6.13
CA ARG B 270 -31.60 -4.62 6.98
C ARG B 270 -32.31 -3.37 6.49
N LEU B 271 -31.68 -2.60 5.60
CA LEU B 271 -32.29 -1.45 4.97
C LEU B 271 -32.88 -1.77 3.60
N LEU B 272 -32.21 -2.62 2.82
CA LEU B 272 -32.59 -2.80 1.43
C LEU B 272 -33.45 -4.03 1.17
N GLU B 273 -33.63 -4.91 2.16
CA GLU B 273 -34.49 -6.07 2.00
C GLU B 273 -35.94 -5.78 2.33
N ARG B 274 -36.27 -4.53 2.66
CA ARG B 274 -37.65 -4.16 2.94
C ARG B 274 -38.48 -4.06 1.66
N ALA B 275 -37.85 -3.85 0.52
CA ALA B 275 -38.59 -3.75 -0.74
C ALA B 275 -39.11 -5.12 -1.16
N ALA B 276 -40.37 -5.16 -1.58
CA ALA B 276 -41.00 -6.41 -2.00
C ALA B 276 -42.27 -6.08 -2.76
N LYS B 277 -42.81 -7.09 -3.44
CA LYS B 277 -44.11 -7.03 -4.08
C LYS B 277 -45.00 -8.02 -3.34
N LEU B 278 -45.86 -7.51 -2.46
CA LEU B 278 -46.60 -8.36 -1.54
C LEU B 278 -47.57 -9.27 -2.28
N SER B 279 -47.85 -10.42 -1.67
CA SER B 279 -48.78 -11.39 -2.22
C SER B 279 -50.21 -10.96 -1.92
N ASP B 280 -51.18 -11.82 -2.25
CA ASP B 280 -52.58 -11.50 -2.02
C ASP B 280 -52.96 -11.49 -0.55
N ALA B 281 -52.09 -11.99 0.34
CA ALA B 281 -52.38 -11.93 1.77
C ALA B 281 -52.32 -10.51 2.32
N LYS B 282 -51.70 -9.59 1.60
CA LYS B 282 -51.60 -8.20 2.01
C LYS B 282 -52.09 -7.24 0.93
N GLY B 283 -51.84 -7.53 -0.34
CA GLY B 283 -52.22 -6.65 -1.43
C GLY B 283 -51.24 -6.71 -2.59
N GLY B 284 -51.63 -6.12 -3.72
CA GLY B 284 -50.82 -6.15 -4.92
C GLY B 284 -49.82 -5.02 -5.08
N GLY B 285 -49.61 -4.21 -4.05
CA GLY B 285 -48.72 -3.09 -4.17
C GLY B 285 -47.26 -3.50 -4.25
N SER B 286 -46.43 -2.58 -4.73
CA SER B 286 -45.01 -2.84 -4.92
C SER B 286 -44.22 -1.56 -4.67
N LEU B 287 -42.96 -1.73 -4.25
CA LEU B 287 -42.07 -0.63 -3.96
C LEU B 287 -40.76 -0.84 -4.70
N THR B 288 -40.27 0.22 -5.32
CA THR B 288 -38.97 0.21 -5.97
C THR B 288 -38.09 1.28 -5.36
N ALA B 289 -36.79 0.98 -5.27
CA ALA B 289 -35.85 1.85 -4.59
C ALA B 289 -34.70 2.18 -5.53
N LEU B 290 -34.22 3.43 -5.46
CA LEU B 290 -33.08 3.88 -6.24
C LEU B 290 -32.04 4.51 -5.31
N PRO B 291 -31.22 3.69 -4.67
CA PRO B 291 -30.13 4.24 -3.85
C PRO B 291 -28.98 4.76 -4.68
N PHE B 292 -28.22 5.66 -4.08
CA PHE B 292 -27.13 6.36 -4.76
C PHE B 292 -25.81 6.03 -4.08
N VAL B 293 -24.78 5.80 -4.88
CA VAL B 293 -23.43 5.56 -4.38
C VAL B 293 -22.44 6.42 -5.19
N GLU B 294 -21.58 7.13 -4.47
CA GLU B 294 -20.59 8.01 -5.08
C GLU B 294 -19.21 7.36 -4.96
N THR B 295 -18.50 7.23 -6.08
CA THR B 295 -17.19 6.61 -6.08
C THR B 295 -16.11 7.67 -5.90
N GLN B 296 -15.14 7.37 -5.04
CA GLN B 296 -14.09 8.33 -4.73
C GLN B 296 -13.24 8.64 -5.97
N ALA B 297 -12.90 7.62 -6.76
CA ALA B 297 -12.08 7.80 -7.94
C ALA B 297 -12.68 7.16 -9.18
N GLY B 298 -13.95 6.75 -9.13
CA GLY B 298 -14.57 6.10 -10.27
C GLY B 298 -14.13 4.68 -10.50
N ASP B 299 -13.59 4.02 -9.48
CA ASP B 299 -13.13 2.64 -9.58
C ASP B 299 -14.15 1.73 -8.89
N ILE B 300 -14.68 0.76 -9.64
CA ILE B 300 -15.77 -0.07 -9.13
C ILE B 300 -15.28 -1.04 -8.07
N SER B 301 -14.03 -1.49 -8.15
CA SER B 301 -13.51 -2.57 -7.31
C SER B 301 -13.37 -2.19 -5.84
N ALA B 302 -13.82 -1.03 -5.37
CA ALA B 302 -13.67 -0.67 -3.97
C ALA B 302 -14.60 -1.52 -3.09
N TYR B 303 -14.46 -1.32 -1.78
CA TYR B 303 -15.20 -2.10 -0.80
C TYR B 303 -16.70 -1.79 -0.84
N ILE B 304 -17.05 -0.53 -0.56
CA ILE B 304 -18.46 -0.16 -0.48
C ILE B 304 -19.22 -0.37 -1.80
N PRO B 305 -18.69 0.03 -2.96
CA PRO B 305 -19.46 -0.24 -4.19
C PRO B 305 -19.79 -1.70 -4.39
N THR B 306 -18.84 -2.60 -4.14
CA THR B 306 -19.11 -4.03 -4.33
C THR B 306 -20.08 -4.55 -3.27
N ASN B 307 -19.91 -4.14 -2.02
CA ASN B 307 -20.82 -4.61 -0.98
C ASN B 307 -22.24 -4.13 -1.22
N VAL B 308 -22.39 -2.92 -1.75
CA VAL B 308 -23.73 -2.39 -2.05
C VAL B 308 -24.30 -3.06 -3.29
N ILE B 309 -23.44 -3.40 -4.26
CA ILE B 309 -23.90 -4.16 -5.42
C ILE B 309 -24.41 -5.53 -5.00
N SER B 310 -23.77 -6.14 -4.00
CA SER B 310 -24.11 -7.51 -3.61
C SER B 310 -25.59 -7.68 -3.27
N ILE B 311 -26.23 -6.64 -2.74
CA ILE B 311 -27.64 -6.73 -2.37
C ILE B 311 -28.53 -6.38 -3.56
N THR B 312 -28.19 -5.35 -4.31
CA THR B 312 -29.09 -4.83 -5.33
C THR B 312 -29.14 -5.73 -6.56
N ASP B 313 -30.18 -5.54 -7.36
CA ASP B 313 -30.48 -6.35 -8.54
C ASP B 313 -29.91 -5.78 -9.83
N GLY B 314 -29.15 -4.68 -9.77
CA GLY B 314 -28.57 -4.10 -10.96
C GLY B 314 -27.89 -2.80 -10.62
N GLN B 315 -27.23 -2.23 -11.62
CA GLN B 315 -26.55 -0.95 -11.41
C GLN B 315 -26.35 -0.25 -12.75
N ILE B 316 -26.33 1.08 -12.69
CA ILE B 316 -25.92 1.94 -13.81
C ILE B 316 -24.78 2.79 -13.31
N PHE B 317 -23.61 2.64 -13.93
CA PHE B 317 -22.40 3.30 -13.45
C PHE B 317 -22.20 4.58 -14.25
N LEU B 318 -22.39 5.73 -13.60
CA LEU B 318 -22.29 7.02 -14.27
C LEU B 318 -20.82 7.44 -14.37
N GLN B 319 -20.39 7.75 -15.59
CA GLN B 319 -18.99 8.10 -15.86
C GLN B 319 -18.81 9.61 -15.94
N SER B 320 -17.54 10.02 -15.87
CA SER B 320 -17.15 11.42 -15.94
C SER B 320 -16.52 11.81 -17.28
N ASP B 321 -15.87 10.89 -17.97
CA ASP B 321 -15.35 11.19 -19.30
C ASP B 321 -16.49 11.41 -20.29
N LEU B 322 -17.64 10.78 -20.07
CA LEU B 322 -18.81 11.03 -20.91
C LEU B 322 -19.40 12.41 -20.63
N PHE B 323 -19.17 12.95 -19.43
CA PHE B 323 -19.79 14.22 -19.04
C PHE B 323 -19.25 15.37 -19.88
N PHE B 324 -17.95 15.40 -20.14
CA PHE B 324 -17.32 16.45 -20.92
C PHE B 324 -17.39 16.21 -22.42
N SER B 325 -17.97 15.10 -22.86
CA SER B 325 -18.05 14.77 -24.28
C SER B 325 -19.29 15.35 -24.95
N GLY B 326 -20.12 16.09 -24.22
CA GLY B 326 -21.34 16.65 -24.78
C GLY B 326 -22.53 15.71 -24.76
N VAL B 327 -22.56 14.77 -23.82
CA VAL B 327 -23.67 13.83 -23.68
C VAL B 327 -24.15 13.87 -22.23
N ARG B 328 -25.47 14.05 -22.05
CA ARG B 328 -26.08 13.99 -20.73
C ARG B 328 -27.42 13.29 -20.88
N PRO B 329 -27.76 12.35 -19.98
CA PRO B 329 -26.97 11.88 -18.84
C PRO B 329 -25.84 10.94 -19.28
N ALA B 330 -24.80 10.81 -18.47
CA ALA B 330 -23.66 9.95 -18.81
C ALA B 330 -24.07 8.51 -18.53
N ILE B 331 -24.55 7.84 -19.58
CA ILE B 331 -25.03 6.46 -19.48
C ILE B 331 -24.15 5.62 -20.40
N ASN B 332 -23.58 4.56 -19.85
CA ASN B 332 -22.65 3.69 -20.57
C ASN B 332 -23.40 2.47 -21.11
N ALA B 333 -23.27 2.24 -22.42
CA ALA B 333 -23.89 1.10 -23.08
C ALA B 333 -23.22 -0.21 -22.74
N GLY B 334 -22.10 -0.17 -22.02
CA GLY B 334 -21.35 -1.36 -21.64
C GLY B 334 -21.81 -1.92 -20.32
N LEU B 335 -20.93 -1.86 -19.31
CA LEU B 335 -21.16 -2.51 -18.03
C LEU B 335 -22.29 -1.81 -17.26
N SER B 336 -23.52 -2.13 -17.65
CA SER B 336 -24.70 -1.74 -16.89
C SER B 336 -25.84 -2.68 -17.28
N VAL B 337 -26.36 -3.41 -16.30
CA VAL B 337 -27.28 -4.51 -16.58
C VAL B 337 -28.46 -4.44 -15.62
N SER B 338 -29.62 -4.89 -16.11
CA SER B 338 -30.79 -5.15 -15.29
C SER B 338 -31.25 -6.58 -15.54
N ARG B 339 -31.61 -7.27 -14.46
CA ARG B 339 -31.88 -8.72 -14.51
C ARG B 339 -33.30 -9.04 -14.97
N VAL B 340 -34.15 -8.05 -15.18
CA VAL B 340 -35.52 -8.29 -15.59
C VAL B 340 -35.57 -8.49 -17.11
N GLY B 341 -36.36 -9.46 -17.54
CA GLY B 341 -36.47 -9.77 -18.95
C GLY B 341 -37.15 -8.68 -19.75
N GLY B 342 -37.05 -8.81 -21.08
CA GLY B 342 -37.59 -7.81 -21.98
C GLY B 342 -39.10 -7.70 -21.97
N ALA B 343 -39.80 -8.69 -21.42
CA ALA B 343 -41.25 -8.66 -21.38
C ALA B 343 -41.80 -7.58 -20.45
N ALA B 344 -40.96 -7.04 -19.55
CA ALA B 344 -41.42 -5.97 -18.66
C ALA B 344 -41.83 -4.74 -19.46
N GLN B 345 -41.07 -4.41 -20.50
CA GLN B 345 -41.43 -3.34 -21.40
C GLN B 345 -42.68 -3.71 -22.18
N ILE B 346 -43.38 -2.69 -22.69
CA ILE B 346 -44.56 -2.95 -23.49
C ILE B 346 -44.16 -3.74 -24.74
N LYS B 347 -45.08 -4.58 -25.22
CA LYS B 347 -44.72 -5.62 -26.18
C LYS B 347 -44.12 -5.05 -27.46
N ALA B 348 -44.48 -3.81 -27.82
CA ALA B 348 -43.88 -3.20 -29.00
C ALA B 348 -42.38 -3.00 -28.82
N MET B 349 -41.96 -2.62 -27.62
CA MET B 349 -40.55 -2.38 -27.34
C MET B 349 -39.72 -3.64 -27.57
N LYS B 350 -40.11 -4.74 -26.92
CA LYS B 350 -39.43 -6.02 -27.13
C LYS B 350 -39.57 -6.48 -28.57
N LYS B 351 -40.70 -6.16 -29.20
CA LYS B 351 -40.95 -6.62 -30.56
C LYS B 351 -39.97 -6.00 -31.55
N VAL B 352 -39.68 -4.71 -31.42
CA VAL B 352 -38.95 -3.97 -32.44
C VAL B 352 -37.58 -3.52 -31.95
N ALA B 353 -37.54 -2.76 -30.86
CA ALA B 353 -36.33 -2.02 -30.51
C ALA B 353 -35.47 -2.71 -29.47
N GLY B 354 -35.71 -3.99 -29.18
CA GLY B 354 -34.91 -4.70 -28.20
C GLY B 354 -33.45 -4.87 -28.59
N THR B 355 -33.12 -4.65 -29.86
CA THR B 355 -31.76 -4.77 -30.36
C THR B 355 -30.92 -3.52 -30.13
N LEU B 356 -31.49 -2.50 -29.48
CA LEU B 356 -30.80 -1.23 -29.28
C LEU B 356 -29.54 -1.42 -28.45
N ARG B 357 -29.59 -2.27 -27.43
CA ARG B 357 -28.43 -2.49 -26.56
C ARG B 357 -27.25 -3.05 -27.35
N LEU B 358 -27.51 -4.06 -28.18
CA LEU B 358 -26.44 -4.62 -29.00
C LEU B 358 -25.93 -3.60 -30.00
N ASP B 359 -26.85 -2.90 -30.67
CA ASP B 359 -26.46 -1.94 -31.69
C ASP B 359 -25.58 -0.85 -31.11
N LEU B 360 -25.83 -0.47 -29.85
CA LEU B 360 -25.09 0.63 -29.25
C LEU B 360 -23.77 0.16 -28.61
N ALA B 361 -23.78 -0.97 -27.90
CA ALA B 361 -22.55 -1.44 -27.27
C ALA B 361 -21.52 -1.86 -28.31
N ALA B 362 -21.97 -2.50 -29.40
CA ALA B 362 -21.02 -2.88 -30.45
C ALA B 362 -20.35 -1.65 -31.04
N TYR B 363 -21.11 -0.58 -31.29
CA TYR B 363 -20.52 0.65 -31.81
C TYR B 363 -19.59 1.29 -30.78
N ARG B 364 -19.99 1.31 -29.50
CA ARG B 364 -19.17 1.94 -28.48
C ARG B 364 -17.82 1.24 -28.35
N GLU B 365 -17.77 -0.05 -28.61
CA GLU B 365 -16.45 -0.70 -28.65
C GLU B 365 -15.75 -0.50 -29.99
N LEU B 366 -16.50 -0.54 -31.10
CA LEU B 366 -15.89 -0.52 -32.42
C LEU B 366 -15.27 0.83 -32.75
N GLU B 367 -15.79 1.92 -32.19
CA GLU B 367 -15.24 3.24 -32.48
C GLU B 367 -13.79 3.35 -32.03
N ALA B 368 -13.42 2.62 -30.96
CA ALA B 368 -12.03 2.66 -30.49
C ALA B 368 -11.07 2.14 -31.55
N PHE B 369 -11.46 1.09 -32.27
CA PHE B 369 -10.63 0.59 -33.36
C PHE B 369 -10.70 1.50 -34.58
N ALA B 370 -11.85 2.12 -34.83
CA ALA B 370 -12.02 2.99 -35.99
C ALA B 370 -11.14 4.24 -35.89
N LYS B 378 -16.71 -2.07 -46.24
CA LYS B 378 -17.92 -1.31 -46.50
C LYS B 378 -18.89 -1.58 -45.36
N ALA B 379 -18.98 -2.85 -44.95
CA ALA B 379 -19.96 -3.24 -43.95
C ALA B 379 -19.74 -2.50 -42.62
N THR B 380 -18.50 -2.44 -42.15
CA THR B 380 -18.21 -1.67 -40.95
C THR B 380 -18.36 -0.17 -41.20
N GLN B 381 -18.07 0.29 -42.42
CA GLN B 381 -18.26 1.69 -42.75
C GLN B 381 -19.73 2.07 -42.65
N ALA B 382 -20.62 1.19 -43.13
CA ALA B 382 -22.04 1.42 -42.97
C ALA B 382 -22.47 1.30 -41.51
N LYS B 383 -21.88 0.36 -40.77
CA LYS B 383 -22.25 0.18 -39.37
C LYS B 383 -21.92 1.41 -38.54
N LEU B 384 -20.78 2.04 -38.81
CA LEU B 384 -20.40 3.23 -38.04
C LEU B 384 -21.42 4.35 -38.17
N ALA B 385 -22.06 4.48 -39.34
CA ALA B 385 -22.99 5.58 -39.56
C ALA B 385 -24.16 5.55 -38.61
N ARG B 386 -24.57 4.35 -38.16
CA ARG B 386 -25.76 4.23 -37.32
C ARG B 386 -25.50 4.62 -35.86
N GLY B 387 -24.27 4.45 -35.38
CA GLY B 387 -24.00 4.67 -33.96
C GLY B 387 -24.20 6.11 -33.53
N ALA B 388 -23.77 7.06 -34.37
CA ALA B 388 -23.92 8.47 -34.03
C ALA B 388 -25.39 8.83 -33.87
N ARG B 389 -26.25 8.33 -34.76
CA ARG B 389 -27.68 8.53 -34.59
C ARG B 389 -28.21 7.76 -33.38
N THR B 390 -27.63 6.61 -33.08
CA THR B 390 -28.09 5.83 -31.93
C THR B 390 -27.83 6.57 -30.63
N VAL B 391 -26.78 7.38 -30.58
CA VAL B 391 -26.47 8.12 -29.36
C VAL B 391 -27.17 9.47 -29.37
N GLU B 392 -27.35 10.05 -30.56
CA GLU B 392 -27.97 11.38 -30.65
C GLU B 392 -29.44 11.33 -30.31
N VAL B 393 -30.17 10.34 -30.83
CA VAL B 393 -31.60 10.25 -30.58
C VAL B 393 -31.88 10.01 -29.10
N LEU B 394 -30.96 9.34 -28.41
CA LEU B 394 -31.14 9.07 -26.99
C LEU B 394 -30.88 10.30 -26.12
N LYS B 395 -30.30 11.35 -26.69
CA LYS B 395 -30.03 12.56 -25.92
C LYS B 395 -31.33 13.26 -25.55
N GLN B 396 -31.34 13.90 -24.38
CA GLN B 396 -32.44 14.75 -23.99
C GLN B 396 -31.93 15.80 -23.02
N ASP B 397 -32.69 16.89 -22.89
CA ASP B 397 -32.31 18.03 -22.08
C ASP B 397 -33.01 17.98 -20.72
N LEU B 398 -32.87 19.06 -19.96
CA LEU B 398 -33.39 19.09 -18.60
C LEU B 398 -34.90 19.31 -18.61
N HIS B 399 -35.60 18.57 -17.76
CA HIS B 399 -37.06 18.69 -17.59
C HIS B 399 -37.81 18.59 -18.92
N GLN B 400 -37.53 17.52 -19.67
CA GLN B 400 -38.30 17.18 -20.87
C GLN B 400 -38.65 15.69 -20.85
N PRO B 401 -39.51 15.26 -19.91
CA PRO B 401 -39.91 13.84 -19.89
C PRO B 401 -40.88 13.51 -21.01
N ILE B 402 -40.41 12.77 -22.01
CA ILE B 402 -41.24 12.48 -23.18
C ILE B 402 -42.29 11.43 -22.82
N PRO B 403 -43.51 11.54 -23.34
CA PRO B 403 -44.51 10.50 -23.09
C PRO B 403 -44.08 9.16 -23.67
N VAL B 404 -44.51 8.09 -22.99
CA VAL B 404 -44.05 6.75 -23.34
C VAL B 404 -44.51 6.33 -24.74
N GLU B 405 -45.68 6.78 -25.17
CA GLU B 405 -46.15 6.44 -26.52
C GLU B 405 -45.27 7.10 -27.58
N LYS B 406 -45.04 8.41 -27.44
CA LYS B 406 -44.13 9.09 -28.35
C LYS B 406 -42.71 8.56 -28.20
N GLN B 407 -42.34 8.14 -26.99
CA GLN B 407 -41.01 7.58 -26.75
C GLN B 407 -40.80 6.31 -27.58
N VAL B 408 -41.75 5.37 -27.50
CA VAL B 408 -41.61 4.14 -28.27
C VAL B 408 -41.77 4.40 -29.75
N LEU B 409 -42.56 5.42 -30.13
CA LEU B 409 -42.69 5.74 -31.56
C LEU B 409 -41.36 6.25 -32.13
N ILE B 410 -40.68 7.14 -31.42
CA ILE B 410 -39.41 7.65 -31.93
C ILE B 410 -38.34 6.58 -31.87
N ILE B 411 -38.41 5.69 -30.87
CA ILE B 411 -37.48 4.57 -30.84
C ILE B 411 -37.71 3.63 -32.02
N TYR B 412 -38.98 3.46 -32.42
CA TYR B 412 -39.29 2.66 -33.60
C TYR B 412 -38.75 3.34 -34.86
N ALA B 413 -38.89 4.65 -34.94
CA ALA B 413 -38.37 5.38 -36.10
C ALA B 413 -36.85 5.25 -36.18
N LEU B 414 -36.17 5.32 -35.02
CA LEU B 414 -34.72 5.18 -35.00
C LEU B 414 -34.29 3.77 -35.39
N THR B 415 -34.89 2.76 -34.76
CA THR B 415 -34.43 1.38 -34.94
C THR B 415 -34.72 0.84 -36.33
N ARG B 416 -35.71 1.40 -37.02
CA ARG B 416 -36.08 0.93 -38.36
C ARG B 416 -35.31 1.62 -39.47
N GLY B 417 -34.38 2.51 -39.14
CA GLY B 417 -33.57 3.16 -40.14
C GLY B 417 -34.25 4.28 -40.90
N PHE B 418 -35.26 4.91 -40.31
CA PHE B 418 -35.95 6.00 -40.99
C PHE B 418 -35.11 7.27 -41.03
N LEU B 419 -34.11 7.39 -40.17
CA LEU B 419 -33.38 8.63 -39.95
C LEU B 419 -32.06 8.72 -40.72
N ASP B 420 -31.77 7.74 -41.59
CA ASP B 420 -30.45 7.70 -42.24
C ASP B 420 -30.18 8.92 -43.12
N ASP B 421 -31.22 9.59 -43.62
CA ASP B 421 -31.00 10.77 -44.44
C ASP B 421 -30.65 11.99 -43.61
N ILE B 422 -31.15 12.07 -42.38
CA ILE B 422 -30.98 13.27 -41.56
C ILE B 422 -29.51 13.39 -41.14
N PRO B 423 -28.88 14.55 -41.35
CA PRO B 423 -27.50 14.73 -40.87
C PRO B 423 -27.44 14.68 -39.35
N VAL B 424 -26.26 14.33 -38.84
CA VAL B 424 -26.10 14.12 -37.40
C VAL B 424 -26.45 15.39 -36.63
N GLU B 425 -25.92 16.53 -37.06
CA GLU B 425 -26.11 17.78 -36.33
C GLU B 425 -27.56 18.23 -36.32
N ASP B 426 -28.37 17.76 -37.27
CA ASP B 426 -29.78 18.09 -37.32
C ASP B 426 -30.66 17.05 -36.66
N VAL B 427 -30.08 15.95 -36.17
CA VAL B 427 -30.91 14.86 -35.63
C VAL B 427 -31.82 15.38 -34.52
N ARG B 428 -31.25 16.09 -33.55
CA ARG B 428 -32.03 16.59 -32.43
C ARG B 428 -33.11 17.59 -32.85
N ARG B 429 -33.02 18.15 -34.06
CA ARG B 429 -34.11 19.00 -34.53
C ARG B 429 -35.33 18.15 -34.92
N PHE B 430 -35.10 17.06 -35.66
CA PHE B 430 -36.18 16.19 -36.09
C PHE B 430 -37.04 15.80 -34.88
N GLU B 431 -36.37 15.34 -33.83
CA GLU B 431 -37.05 14.89 -32.61
C GLU B 431 -37.99 15.95 -32.05
N LYS B 432 -37.64 17.24 -32.10
CA LYS B 432 -38.56 18.22 -31.56
C LYS B 432 -39.68 18.54 -32.55
N GLU B 433 -39.38 18.53 -33.86
CA GLU B 433 -40.43 18.83 -34.82
C GLU B 433 -41.37 17.66 -35.01
N PHE B 434 -40.86 16.43 -34.88
CA PHE B 434 -41.68 15.25 -35.18
C PHE B 434 -42.91 15.17 -34.29
N TYR B 435 -42.76 15.43 -32.99
CA TYR B 435 -43.95 15.43 -32.13
C TYR B 435 -44.93 16.54 -32.48
N LEU B 436 -44.48 17.65 -33.05
CA LEU B 436 -45.45 18.64 -33.51
C LEU B 436 -46.27 18.11 -34.67
N PHE B 437 -45.82 17.05 -35.34
CA PHE B 437 -46.53 16.53 -36.50
C PHE B 437 -47.67 15.62 -36.06
N LEU B 438 -47.35 14.59 -35.25
CA LEU B 438 -48.29 13.53 -34.95
C LEU B 438 -49.55 14.05 -34.25
N ASP B 439 -49.41 14.99 -33.32
CA ASP B 439 -50.60 15.46 -32.60
C ASP B 439 -51.63 16.04 -33.55
N GLN B 440 -51.23 16.47 -34.75
CA GLN B 440 -52.17 16.98 -35.72
C GLN B 440 -52.42 16.02 -36.87
N ASN B 441 -51.77 14.86 -36.89
CA ASN B 441 -51.95 13.88 -37.96
C ASN B 441 -52.07 12.43 -37.48
N GLY B 442 -51.55 12.09 -36.30
CA GLY B 442 -51.57 10.72 -35.83
C GLY B 442 -52.06 10.55 -34.41
N GLN B 443 -53.10 11.31 -34.06
CA GLN B 443 -53.57 11.34 -32.67
C GLN B 443 -54.12 10.00 -32.21
N HIS B 444 -54.62 9.18 -33.14
CA HIS B 444 -55.24 7.91 -32.77
C HIS B 444 -54.23 6.90 -32.24
N LEU B 445 -52.99 6.93 -32.76
CA LEU B 445 -51.99 5.93 -32.37
C LEU B 445 -51.66 6.03 -30.89
N LEU B 446 -51.68 7.24 -30.33
CA LEU B 446 -51.36 7.41 -28.92
C LEU B 446 -52.39 6.71 -28.03
N GLU B 447 -53.68 6.89 -28.33
CA GLU B 447 -54.71 6.22 -27.55
C GLU B 447 -54.65 4.71 -27.75
N HIS B 448 -54.37 4.26 -28.98
CA HIS B 448 -54.24 2.82 -29.21
C HIS B 448 -53.11 2.24 -28.37
N ILE B 449 -51.97 2.94 -28.34
CA ILE B 449 -50.83 2.50 -27.53
C ILE B 449 -51.20 2.48 -26.06
N ARG B 450 -51.88 3.52 -25.59
CA ARG B 450 -52.23 3.59 -24.17
C ARG B 450 -53.16 2.46 -23.77
N THR B 451 -54.09 2.09 -24.65
CA THR B 451 -55.09 1.09 -24.29
C THR B 451 -54.55 -0.33 -24.45
N THR B 452 -54.12 -0.69 -25.66
CA THR B 452 -53.82 -2.09 -25.96
C THR B 452 -52.46 -2.54 -25.47
N LYS B 453 -51.59 -1.63 -25.05
CA LYS B 453 -50.23 -1.96 -24.61
C LYS B 453 -49.45 -2.69 -25.70
N ASP B 454 -49.83 -2.51 -26.96
CA ASP B 454 -49.25 -3.25 -28.06
C ASP B 454 -49.09 -2.35 -29.27
N LEU B 455 -48.19 -2.76 -30.16
CA LEU B 455 -47.91 -1.97 -31.36
C LEU B 455 -49.14 -1.91 -32.26
N PRO B 456 -49.43 -0.77 -32.88
CA PRO B 456 -50.56 -0.68 -33.81
C PRO B 456 -50.26 -1.40 -35.12
N ASN B 457 -51.16 -1.26 -36.08
CA ASN B 457 -50.97 -1.90 -37.39
C ASN B 457 -49.68 -1.41 -38.03
N GLU B 458 -48.88 -2.36 -38.52
CA GLU B 458 -47.57 -2.01 -39.07
C GLU B 458 -47.69 -1.18 -40.33
N ASP B 459 -48.67 -1.50 -41.19
CA ASP B 459 -48.83 -0.77 -42.44
C ASP B 459 -49.16 0.70 -42.18
N ASP B 460 -50.10 0.96 -41.27
CA ASP B 460 -50.45 2.34 -40.96
C ASP B 460 -49.31 3.09 -40.28
N LEU B 461 -48.58 2.41 -39.39
CA LEU B 461 -47.44 3.05 -38.72
C LEU B 461 -46.36 3.42 -39.75
N ASN B 462 -46.10 2.53 -40.70
CA ASN B 462 -45.14 2.84 -41.75
C ASN B 462 -45.64 3.95 -42.66
N LYS B 463 -46.96 3.99 -42.89
CA LYS B 463 -47.52 5.00 -43.77
C LYS B 463 -47.53 6.37 -43.10
N ALA B 464 -47.56 6.42 -41.77
CA ALA B 464 -47.58 7.69 -41.07
C ALA B 464 -46.33 8.52 -41.36
N ILE B 465 -45.16 7.86 -41.40
CA ILE B 465 -43.90 8.58 -41.40
C ILE B 465 -43.64 9.30 -42.72
N GLU B 466 -44.03 8.70 -43.86
CA GLU B 466 -43.70 9.30 -45.15
C GLU B 466 -44.29 10.70 -45.29
N ALA B 467 -45.43 10.94 -44.64
CA ALA B 467 -46.02 12.28 -44.66
C ALA B 467 -45.09 13.30 -44.02
N PHE B 468 -44.46 12.95 -42.90
CA PHE B 468 -43.52 13.87 -42.26
C PHE B 468 -42.26 14.04 -43.08
N LYS B 469 -41.74 12.96 -43.65
CA LYS B 469 -40.48 12.98 -44.38
C LYS B 469 -40.63 13.75 -45.70
N SER C 1 -2.90 -30.40 47.17
CA SER C 1 -2.39 -31.36 46.20
C SER C 1 -2.22 -30.72 44.83
N ASP C 2 -1.74 -31.51 43.87
CA ASP C 2 -1.53 -31.03 42.50
C ASP C 2 -2.83 -31.13 41.69
N VAL C 3 -3.83 -30.37 42.15
CA VAL C 3 -5.16 -30.37 41.57
C VAL C 3 -5.54 -28.94 41.25
N GLY C 4 -6.53 -28.79 40.37
CA GLY C 4 -7.01 -27.46 40.05
C GLY C 4 -8.41 -27.50 39.47
N THR C 5 -8.97 -26.31 39.28
CA THR C 5 -10.29 -26.14 38.70
C THR C 5 -10.19 -25.17 37.54
N VAL C 6 -11.04 -25.38 36.53
CA VAL C 6 -11.07 -24.55 35.34
C VAL C 6 -12.18 -23.52 35.50
N ILE C 7 -11.85 -22.25 35.26
CA ILE C 7 -12.81 -21.16 35.36
C ILE C 7 -12.93 -20.36 34.07
N GLN C 8 -12.33 -20.84 32.98
CA GLN C 8 -12.57 -20.26 31.66
C GLN C 8 -12.20 -21.28 30.60
N VAL C 9 -13.13 -21.52 29.68
CA VAL C 9 -12.97 -22.50 28.60
C VAL C 9 -13.39 -21.83 27.30
N GLY C 10 -12.58 -21.99 26.26
CA GLY C 10 -12.98 -21.52 24.95
C GLY C 10 -11.99 -21.80 23.84
N ASP C 11 -12.49 -22.34 22.72
CA ASP C 11 -11.67 -22.61 21.54
C ASP C 11 -10.44 -23.45 21.86
N GLY C 12 -10.58 -24.38 22.80
CA GLY C 12 -9.48 -25.25 23.16
C GLY C 12 -8.48 -24.65 24.13
N ILE C 13 -8.73 -23.44 24.61
CA ILE C 13 -7.85 -22.76 25.56
C ILE C 13 -8.58 -22.68 26.89
N ALA C 14 -7.92 -23.09 27.96
CA ALA C 14 -8.51 -23.09 29.29
C ALA C 14 -7.60 -22.36 30.25
N ARG C 15 -8.22 -21.80 31.28
CA ARG C 15 -7.50 -21.09 32.34
C ARG C 15 -7.78 -21.78 33.66
N ALA C 16 -6.72 -22.19 34.36
CA ALA C 16 -6.83 -23.02 35.55
C ALA C 16 -6.46 -22.23 36.80
N HIS C 17 -7.26 -22.38 37.84
CA HIS C 17 -7.00 -21.79 39.14
C HIS C 17 -6.41 -22.86 40.05
N GLY C 18 -5.17 -22.66 40.47
CA GLY C 18 -4.46 -23.65 41.26
C GLY C 18 -3.30 -24.27 40.50
N LEU C 19 -3.07 -25.57 40.68
CA LEU C 19 -1.99 -26.28 40.02
C LEU C 19 -0.65 -25.60 40.28
N ASP C 20 -0.29 -25.54 41.57
CA ASP C 20 0.88 -24.76 41.99
C ASP C 20 2.17 -25.28 41.39
N ASN C 21 2.34 -26.59 41.35
CA ASN C 21 3.61 -27.20 40.98
C ASN C 21 3.71 -27.53 39.49
N VAL C 22 2.79 -27.01 38.66
CA VAL C 22 2.83 -27.29 37.24
C VAL C 22 4.05 -26.64 36.61
N MET C 23 4.82 -27.43 35.87
CA MET C 23 5.99 -26.94 35.17
C MET C 23 5.62 -26.56 33.73
N SER C 24 6.46 -25.73 33.12
CA SER C 24 6.22 -25.32 31.74
C SER C 24 6.48 -26.50 30.81
N GLY C 25 5.56 -26.71 29.86
CA GLY C 25 5.62 -27.84 28.97
C GLY C 25 5.07 -29.13 29.53
N GLU C 26 4.61 -29.12 30.78
CA GLU C 26 4.10 -30.31 31.43
C GLU C 26 2.70 -30.66 30.93
N LEU C 27 2.42 -31.96 30.87
CA LEU C 27 1.08 -32.44 30.55
C LEU C 27 0.20 -32.38 31.80
N VAL C 28 -1.09 -32.16 31.60
CA VAL C 28 -2.05 -32.10 32.69
C VAL C 28 -3.37 -32.68 32.17
N GLU C 29 -4.03 -33.51 32.99
CA GLU C 29 -5.10 -34.37 32.53
C GLU C 29 -6.47 -33.86 32.99
N PHE C 30 -7.47 -34.08 32.15
CA PHE C 30 -8.87 -33.87 32.47
C PHE C 30 -9.56 -35.21 32.71
N ALA C 31 -10.75 -35.13 33.31
CA ALA C 31 -11.55 -36.33 33.52
C ALA C 31 -12.19 -36.84 32.23
N ASN C 32 -12.20 -36.02 31.18
CA ASN C 32 -12.83 -36.41 29.92
C ASN C 32 -12.01 -37.41 29.12
N GLY C 33 -10.73 -37.54 29.41
CA GLY C 33 -9.85 -38.43 28.68
C GLY C 33 -8.95 -37.76 27.65
N VAL C 34 -8.86 -36.44 27.65
CA VAL C 34 -8.01 -35.70 26.72
C VAL C 34 -7.04 -34.85 27.54
N MET C 35 -5.78 -34.83 27.10
CA MET C 35 -4.71 -34.20 27.86
C MET C 35 -4.56 -32.72 27.47
N GLY C 36 -3.72 -32.01 28.20
CA GLY C 36 -3.51 -30.59 27.95
C GLY C 36 -2.09 -30.20 28.24
N MET C 37 -1.66 -29.11 27.60
CA MET C 37 -0.27 -28.67 27.62
C MET C 37 -0.20 -27.24 28.13
N ALA C 38 0.67 -26.99 29.10
CA ALA C 38 0.76 -25.67 29.72
C ALA C 38 1.75 -24.80 28.94
N LEU C 39 1.33 -23.58 28.61
CA LEU C 39 2.23 -22.64 27.93
C LEU C 39 2.38 -21.30 28.63
N ASN C 40 1.77 -21.11 29.80
CA ASN C 40 1.85 -19.83 30.47
C ASN C 40 1.54 -20.03 31.95
N LEU C 41 2.27 -19.32 32.81
CA LEU C 41 2.12 -19.41 34.26
C LEU C 41 2.05 -18.00 34.82
N GLU C 42 0.85 -17.44 34.89
CA GLU C 42 0.66 -16.14 35.54
C GLU C 42 0.65 -16.31 37.06
N GLU C 43 0.34 -15.21 37.74
CA GLU C 43 0.45 -15.17 39.20
C GLU C 43 -0.51 -16.14 39.87
N ASN C 44 -1.72 -16.27 39.35
CA ASN C 44 -2.76 -17.00 40.06
C ASN C 44 -3.47 -17.98 39.13
N ASN C 45 -3.13 -17.97 37.84
CA ASN C 45 -3.81 -18.81 36.85
C ASN C 45 -2.77 -19.44 35.94
N VAL C 46 -3.19 -20.53 35.28
CA VAL C 46 -2.32 -21.30 34.39
C VAL C 46 -3.00 -21.41 33.03
N GLY C 47 -2.22 -21.20 31.97
CA GLY C 47 -2.74 -21.28 30.62
C GLY C 47 -2.55 -22.64 29.96
N ILE C 48 -3.66 -23.33 29.70
CA ILE C 48 -3.65 -24.71 29.22
C ILE C 48 -4.19 -24.72 27.79
N VAL C 49 -3.51 -25.45 26.92
CA VAL C 49 -3.94 -25.69 25.55
C VAL C 49 -4.44 -27.13 25.48
N ILE C 50 -5.67 -27.30 25.05
CA ILE C 50 -6.32 -28.61 25.08
C ILE C 50 -5.92 -29.40 23.84
N LEU C 51 -5.61 -30.69 24.03
CA LEU C 51 -5.03 -31.55 23.00
C LEU C 51 -6.06 -32.45 22.34
N GLY C 52 -7.30 -31.98 22.18
CA GLY C 52 -8.32 -32.76 21.53
C GLY C 52 -9.67 -32.05 21.48
N PRO C 53 -10.72 -32.78 21.12
CA PRO C 53 -12.06 -32.17 21.06
C PRO C 53 -12.47 -31.63 22.42
N TYR C 54 -13.17 -30.50 22.41
CA TYR C 54 -13.42 -29.71 23.60
C TYR C 54 -14.90 -29.55 23.92
N THR C 55 -15.75 -30.45 23.43
CA THR C 55 -17.18 -30.33 23.65
C THR C 55 -17.59 -30.79 25.06
N GLY C 56 -16.71 -31.49 25.78
CA GLY C 56 -17.08 -32.09 27.04
C GLY C 56 -16.76 -31.29 28.29
N ILE C 57 -15.72 -30.45 28.23
CA ILE C 57 -15.27 -29.74 29.42
C ILE C 57 -16.27 -28.65 29.79
N LYS C 58 -16.42 -28.41 31.09
CA LYS C 58 -17.31 -27.42 31.64
C LYS C 58 -16.57 -26.67 32.75
N GLU C 59 -17.03 -25.46 33.05
CA GLU C 59 -16.50 -24.72 34.18
C GLU C 59 -16.72 -25.51 35.47
N GLY C 60 -15.73 -25.47 36.35
CA GLY C 60 -15.76 -26.22 37.58
C GLY C 60 -15.21 -27.63 37.48
N ASP C 61 -14.76 -28.06 36.31
CA ASP C 61 -14.18 -29.39 36.16
C ASP C 61 -12.84 -29.47 36.88
N GLU C 62 -12.60 -30.59 37.55
CA GLU C 62 -11.32 -30.83 38.19
C GLU C 62 -10.29 -31.26 37.16
N VAL C 63 -9.05 -30.83 37.39
CA VAL C 63 -7.95 -31.08 36.48
C VAL C 63 -6.74 -31.48 37.30
N ARG C 64 -6.02 -32.51 36.85
CA ARG C 64 -5.02 -33.20 37.66
C ARG C 64 -3.65 -33.12 37.01
N ARG C 65 -2.61 -32.92 37.82
CA ARG C 65 -1.25 -32.92 37.29
C ARG C 65 -0.79 -34.35 36.99
N THR C 66 -0.03 -34.50 35.91
CA THR C 66 0.53 -35.80 35.52
C THR C 66 2.01 -35.92 35.88
N GLY C 67 2.85 -34.99 35.41
CA GLY C 67 4.23 -34.94 35.85
C GLY C 67 5.30 -35.36 34.86
N ARG C 68 5.21 -34.89 33.60
CA ARG C 68 6.17 -35.31 32.60
C ARG C 68 6.11 -34.34 31.42
N ILE C 69 7.28 -34.04 30.84
CA ILE C 69 7.42 -33.16 29.69
C ILE C 69 6.86 -33.85 28.43
N MET C 70 6.76 -33.10 27.33
CA MET C 70 6.21 -33.65 26.09
C MET C 70 6.94 -34.92 25.67
N GLU C 71 6.17 -35.96 25.32
CA GLU C 71 6.71 -37.26 24.90
C GLU C 71 6.15 -37.69 23.56
N VAL C 72 6.90 -38.54 22.86
CA VAL C 72 6.41 -39.32 21.75
C VAL C 72 6.88 -40.76 21.94
N PRO C 73 5.99 -41.76 21.89
CA PRO C 73 6.45 -43.16 21.87
C PRO C 73 7.02 -43.54 20.51
N VAL C 74 8.20 -44.16 20.52
CA VAL C 74 8.95 -44.47 19.30
C VAL C 74 9.52 -45.87 19.38
N GLY C 75 9.85 -46.41 18.21
CA GLY C 75 10.46 -47.73 18.12
C GLY C 75 10.15 -48.35 16.77
N GLU C 76 10.73 -49.53 16.55
CA GLU C 76 10.49 -50.27 15.32
C GLU C 76 9.10 -50.86 15.23
N ALA C 77 8.32 -50.83 16.33
CA ALA C 77 6.95 -51.33 16.29
C ALA C 77 6.03 -50.45 15.46
N LEU C 78 6.45 -49.22 15.13
CA LEU C 78 5.61 -48.28 14.39
C LEU C 78 5.84 -48.28 12.89
N ILE C 79 6.83 -49.01 12.38
CA ILE C 79 7.10 -48.96 10.95
C ILE C 79 5.93 -49.57 10.19
N GLY C 80 5.38 -48.80 9.24
CA GLY C 80 4.23 -49.22 8.47
C GLY C 80 2.90 -48.70 8.97
N ARG C 81 2.83 -48.25 10.22
CA ARG C 81 1.59 -47.76 10.79
C ARG C 81 1.35 -46.29 10.39
N VAL C 82 0.12 -45.83 10.62
CA VAL C 82 -0.25 -44.43 10.49
C VAL C 82 -0.70 -43.94 11.86
N VAL C 83 -0.05 -42.91 12.38
CA VAL C 83 -0.24 -42.49 13.75
C VAL C 83 -0.50 -40.98 13.78
N ASN C 84 -1.17 -40.54 14.85
CA ASN C 84 -1.46 -39.14 15.12
C ASN C 84 -0.19 -38.42 15.56
N PRO C 85 -0.25 -37.10 15.83
CA PRO C 85 0.88 -36.48 16.54
C PRO C 85 1.18 -37.16 17.86
N LEU C 86 0.16 -37.62 18.57
CA LEU C 86 0.36 -38.50 19.71
C LEU C 86 0.38 -39.95 19.22
N GLY C 87 0.68 -40.86 20.14
CA GLY C 87 0.91 -42.25 19.77
C GLY C 87 -0.32 -43.07 19.45
N GLN C 88 -1.46 -42.43 19.28
CA GLN C 88 -2.69 -43.15 19.01
C GLN C 88 -2.78 -43.51 17.53
N PRO C 89 -2.99 -44.78 17.18
CA PRO C 89 -3.01 -45.16 15.76
C PRO C 89 -4.24 -44.61 15.05
N VAL C 90 -4.07 -44.31 13.77
CA VAL C 90 -5.15 -43.77 12.95
C VAL C 90 -5.89 -44.88 12.20
N ASP C 91 -5.16 -45.80 11.58
CA ASP C 91 -5.73 -46.88 10.78
C ASP C 91 -6.33 -48.00 11.64
N GLY C 92 -6.41 -47.82 12.95
CA GLY C 92 -6.86 -48.89 13.82
C GLY C 92 -5.81 -49.98 13.95
N LEU C 93 -6.18 -51.22 13.61
CA LEU C 93 -5.25 -52.35 13.60
C LEU C 93 -4.59 -52.56 14.96
N GLY C 94 -5.31 -52.26 16.03
CA GLY C 94 -4.82 -52.49 17.37
C GLY C 94 -3.82 -51.45 17.83
N PRO C 95 -3.48 -51.48 19.12
CA PRO C 95 -2.47 -50.56 19.64
C PRO C 95 -1.07 -50.91 19.13
N VAL C 96 -0.18 -49.91 19.19
CA VAL C 96 1.18 -50.07 18.69
C VAL C 96 2.11 -50.77 19.67
N GLU C 97 1.79 -50.77 20.97
CA GLU C 97 2.54 -51.52 21.99
C GLU C 97 4.00 -51.08 22.07
N THR C 98 4.23 -49.77 22.16
CA THR C 98 5.58 -49.27 22.45
C THR C 98 5.85 -49.21 23.94
N THR C 99 7.12 -49.36 24.28
CA THR C 99 7.61 -49.29 25.66
C THR C 99 8.27 -47.95 25.97
N GLU C 100 9.18 -47.50 25.11
CA GLU C 100 10.00 -46.32 25.37
C GLU C 100 9.42 -45.07 24.72
N THR C 101 9.74 -43.92 25.30
CA THR C 101 9.28 -42.63 24.81
C THR C 101 10.44 -41.64 24.83
N ARG C 102 10.37 -40.64 23.95
CA ARG C 102 11.43 -39.63 23.97
C ARG C 102 10.90 -38.27 24.43
N PRO C 103 11.63 -37.57 25.31
CA PRO C 103 11.33 -36.16 25.59
C PRO C 103 11.86 -35.27 24.48
N ILE C 104 10.94 -34.78 23.63
CA ILE C 104 11.33 -34.14 22.37
C ILE C 104 11.57 -32.65 22.50
N GLU C 105 11.43 -32.09 23.70
CA GLU C 105 11.91 -30.75 24.01
C GLU C 105 13.37 -30.75 24.44
N SER C 106 14.12 -31.78 24.08
CA SER C 106 15.51 -31.91 24.48
C SER C 106 16.40 -30.97 23.66
N ARG C 107 17.59 -30.72 24.19
CA ARG C 107 18.53 -29.81 23.54
C ARG C 107 19.09 -30.43 22.26
N ALA C 108 19.23 -29.59 21.22
CA ALA C 108 19.82 -30.06 19.99
C ALA C 108 21.33 -30.26 20.18
N PRO C 109 21.91 -31.27 19.52
CA PRO C 109 23.35 -31.50 19.66
C PRO C 109 24.16 -30.34 19.11
N GLY C 110 25.32 -30.11 19.73
CA GLY C 110 26.09 -28.91 19.45
C GLY C 110 27.39 -29.12 18.71
N VAL C 111 28.35 -28.24 18.99
CA VAL C 111 29.55 -28.15 18.17
C VAL C 111 30.59 -29.16 18.65
N MET C 112 31.31 -29.75 17.69
CA MET C 112 32.12 -30.98 17.81
C MET C 112 31.31 -32.25 17.89
N ASP C 113 29.99 -32.15 17.97
CA ASP C 113 29.13 -33.32 17.82
C ASP C 113 28.76 -33.56 16.38
N ARG C 114 29.28 -32.75 15.46
CA ARG C 114 28.81 -32.70 14.10
C ARG C 114 29.98 -32.87 13.14
N ARG C 115 29.66 -33.20 11.89
CA ARG C 115 30.65 -33.46 10.86
C ARG C 115 30.15 -32.82 9.56
N SER C 116 30.96 -32.90 8.51
CA SER C 116 30.59 -32.36 7.22
C SER C 116 29.67 -33.32 6.47
N VAL C 117 28.83 -32.76 5.60
CA VAL C 117 27.94 -33.59 4.79
C VAL C 117 28.80 -34.30 3.75
N HIS C 118 28.59 -35.60 3.60
CA HIS C 118 29.56 -36.43 2.89
C HIS C 118 28.94 -37.43 1.93
N GLU C 119 27.82 -38.09 2.31
CA GLU C 119 27.24 -39.14 1.47
C GLU C 119 26.12 -38.58 0.61
N PRO C 120 26.15 -38.86 -0.69
CA PRO C 120 25.10 -38.33 -1.58
C PRO C 120 23.74 -38.95 -1.32
N LEU C 121 22.70 -38.17 -1.64
CA LEU C 121 21.32 -38.63 -1.60
C LEU C 121 20.67 -38.33 -2.95
N GLN C 122 19.78 -39.22 -3.40
CA GLN C 122 19.20 -39.11 -4.73
C GLN C 122 17.69 -39.27 -4.67
N THR C 123 16.99 -38.48 -5.49
CA THR C 123 15.56 -38.60 -5.67
C THR C 123 15.17 -39.24 -6.99
N GLY C 124 16.13 -39.47 -7.89
CA GLY C 124 15.84 -40.06 -9.18
C GLY C 124 15.36 -39.09 -10.24
N ILE C 125 15.35 -37.80 -9.96
CA ILE C 125 14.95 -36.77 -10.91
C ILE C 125 16.19 -36.05 -11.40
N LYS C 126 16.34 -35.97 -12.72
CA LYS C 126 17.49 -35.28 -13.29
C LYS C 126 17.51 -33.81 -12.92
N ALA C 127 16.35 -33.21 -12.71
CA ALA C 127 16.30 -31.79 -12.40
C ALA C 127 16.95 -31.48 -11.05
N ILE C 128 16.76 -32.35 -10.07
CA ILE C 128 17.23 -32.11 -8.70
C ILE C 128 18.63 -32.69 -8.48
N ASP C 129 18.84 -33.94 -8.89
CA ASP C 129 20.11 -34.60 -8.62
C ASP C 129 21.28 -33.92 -9.31
N ALA C 130 21.05 -33.29 -10.47
CA ALA C 130 22.15 -32.73 -11.26
C ALA C 130 22.39 -31.26 -10.97
N LEU C 131 21.40 -30.41 -11.23
CA LEU C 131 21.65 -28.97 -11.17
C LEU C 131 21.72 -28.45 -9.74
N VAL C 132 20.83 -28.92 -8.87
CA VAL C 132 20.74 -28.39 -7.52
C VAL C 132 20.89 -29.55 -6.55
N PRO C 133 22.11 -30.09 -6.39
CA PRO C 133 22.28 -31.36 -5.70
C PRO C 133 21.90 -31.29 -4.22
N ILE C 134 21.63 -32.46 -3.66
CA ILE C 134 21.28 -32.63 -2.25
C ILE C 134 22.21 -33.67 -1.66
N GLY C 135 22.65 -33.43 -0.42
CA GLY C 135 23.48 -34.38 0.31
C GLY C 135 22.77 -34.88 1.54
N ARG C 136 23.14 -36.09 1.96
CA ARG C 136 22.54 -36.69 3.16
C ARG C 136 22.93 -35.89 4.40
N GLY C 137 21.93 -35.41 5.12
CA GLY C 137 22.13 -34.53 6.25
C GLY C 137 21.79 -33.08 5.99
N GLN C 138 21.62 -32.70 4.72
CA GLN C 138 21.26 -31.34 4.37
C GLN C 138 19.79 -31.07 4.69
N ARG C 139 19.48 -29.81 4.94
CA ARG C 139 18.10 -29.33 5.03
C ARG C 139 17.81 -28.50 3.79
N GLU C 140 16.94 -29.00 2.92
CA GLU C 140 16.66 -28.37 1.63
C GLU C 140 15.19 -27.96 1.61
N LEU C 141 14.93 -26.70 1.26
CA LEU C 141 13.59 -26.16 1.37
C LEU C 141 12.87 -26.12 0.02
N ILE C 142 11.61 -26.55 0.03
CA ILE C 142 10.73 -26.47 -1.12
C ILE C 142 9.62 -25.47 -0.79
N ILE C 143 9.62 -24.35 -1.51
CA ILE C 143 8.64 -23.28 -1.32
C ILE C 143 7.93 -23.06 -2.66
N GLY C 144 6.65 -22.71 -2.59
CA GLY C 144 5.97 -22.46 -3.85
C GLY C 144 4.49 -22.21 -3.68
N ASP C 145 3.86 -21.88 -4.81
CA ASP C 145 2.44 -21.65 -4.90
C ASP C 145 1.67 -22.97 -4.84
N ARG C 146 0.40 -22.89 -4.48
CA ARG C 146 -0.45 -24.07 -4.35
C ARG C 146 -0.67 -24.73 -5.70
N GLN C 147 -0.66 -26.05 -5.71
CA GLN C 147 -0.88 -26.86 -6.92
C GLN C 147 0.14 -26.52 -8.01
N THR C 148 1.41 -26.78 -7.71
CA THR C 148 2.47 -26.52 -8.67
C THR C 148 3.47 -27.68 -8.76
N GLY C 149 3.17 -28.85 -8.18
CA GLY C 149 4.05 -29.99 -8.30
C GLY C 149 4.97 -30.20 -7.12
N LYS C 150 4.42 -30.16 -5.92
CA LYS C 150 5.23 -30.28 -4.70
C LYS C 150 5.31 -31.70 -4.17
N THR C 151 4.16 -32.28 -3.79
CA THR C 151 4.14 -33.55 -3.07
C THR C 151 4.77 -34.67 -3.91
N SER C 152 4.72 -34.53 -5.23
CA SER C 152 5.36 -35.51 -6.10
C SER C 152 6.83 -35.66 -5.77
N VAL C 153 7.50 -34.57 -5.39
CA VAL C 153 8.93 -34.64 -5.10
C VAL C 153 9.18 -35.63 -3.97
N ALA C 154 8.48 -35.46 -2.84
CA ALA C 154 8.67 -36.34 -1.70
C ALA C 154 8.23 -37.77 -2.01
N ILE C 155 7.10 -37.95 -2.69
CA ILE C 155 6.60 -39.29 -2.94
C ILE C 155 7.56 -40.05 -3.87
N ASP C 156 8.03 -39.40 -4.94
CA ASP C 156 8.99 -40.06 -5.81
C ASP C 156 10.34 -40.29 -5.12
N THR C 157 10.73 -39.39 -4.21
CA THR C 157 11.96 -39.63 -3.46
C THR C 157 11.85 -40.89 -2.61
N ILE C 158 10.73 -41.03 -1.89
CA ILE C 158 10.54 -42.23 -1.06
C ILE C 158 10.41 -43.48 -1.94
N ILE C 159 9.80 -43.34 -3.12
CA ILE C 159 9.63 -44.50 -4.00
C ILE C 159 10.98 -44.96 -4.53
N ASN C 160 11.83 -44.03 -5.00
CA ASN C 160 13.10 -44.40 -5.62
C ASN C 160 14.05 -45.04 -4.61
N GLN C 161 14.08 -44.54 -3.38
CA GLN C 161 15.11 -44.89 -2.42
C GLN C 161 14.87 -46.23 -1.73
N LYS C 162 13.94 -47.04 -2.22
CA LYS C 162 13.66 -48.33 -1.59
C LYS C 162 14.86 -49.27 -1.65
N ASP C 163 15.82 -49.01 -2.55
CA ASP C 163 17.00 -49.84 -2.69
C ASP C 163 17.98 -49.73 -1.52
N GLN C 164 17.81 -48.76 -0.63
CA GLN C 164 18.82 -48.47 0.39
C GLN C 164 18.38 -48.95 1.76
N ASN C 165 19.30 -48.84 2.71
CA ASN C 165 19.07 -49.10 4.14
C ASN C 165 18.72 -47.76 4.80
N MET C 166 17.58 -47.20 4.44
CA MET C 166 17.16 -45.91 4.97
C MET C 166 15.81 -46.02 5.67
N ILE C 167 15.47 -44.98 6.43
CA ILE C 167 14.24 -44.90 7.19
C ILE C 167 13.61 -43.54 6.93
N SER C 168 12.32 -43.52 6.60
CA SER C 168 11.64 -42.31 6.16
C SER C 168 10.43 -42.02 7.05
N ILE C 169 10.24 -40.74 7.39
CA ILE C 169 9.05 -40.28 8.10
C ILE C 169 8.39 -39.22 7.22
N TYR C 170 7.10 -39.39 6.95
CA TYR C 170 6.33 -38.46 6.14
C TYR C 170 5.16 -37.94 6.96
N VAL C 171 4.92 -36.63 6.90
CA VAL C 171 3.87 -35.99 7.68
C VAL C 171 3.00 -35.15 6.76
N ALA C 172 1.67 -35.30 6.91
CA ALA C 172 0.71 -34.44 6.24
C ALA C 172 0.05 -33.56 7.30
N ILE C 173 0.11 -32.25 7.11
CA ILE C 173 -0.21 -31.28 8.15
C ILE C 173 -1.37 -30.41 7.68
N GLY C 174 -2.41 -30.29 8.51
CA GLY C 174 -3.48 -29.36 8.25
C GLY C 174 -4.35 -29.69 7.06
N GLN C 175 -4.12 -30.84 6.42
CA GLN C 175 -4.88 -31.22 5.24
C GLN C 175 -6.18 -31.90 5.64
N LYS C 176 -7.12 -31.94 4.70
CA LYS C 176 -8.39 -32.63 4.93
C LYS C 176 -8.13 -34.11 5.19
N GLU C 177 -8.91 -34.68 6.11
CA GLU C 177 -8.60 -36.00 6.67
C GLU C 177 -8.43 -37.05 5.58
N SER C 178 -9.30 -37.06 4.58
CA SER C 178 -9.23 -38.07 3.54
C SER C 178 -8.10 -37.82 2.55
N THR C 179 -7.56 -36.60 2.50
CA THR C 179 -6.58 -36.25 1.46
C THR C 179 -5.41 -37.20 1.45
N VAL C 180 -5.05 -37.77 2.61
CA VAL C 180 -3.86 -38.59 2.70
C VAL C 180 -4.01 -39.94 2.00
N ARG C 181 -5.24 -40.43 1.79
CA ARG C 181 -5.40 -41.79 1.28
C ARG C 181 -4.72 -41.97 -0.06
N THR C 182 -4.93 -41.03 -0.99
CA THR C 182 -4.31 -41.15 -2.30
C THR C 182 -2.79 -41.27 -2.18
N VAL C 183 -2.21 -40.63 -1.16
CA VAL C 183 -0.80 -40.84 -0.88
C VAL C 183 -0.57 -42.22 -0.29
N VAL C 184 -1.30 -42.54 0.79
CA VAL C 184 -1.04 -43.76 1.55
C VAL C 184 -1.15 -44.99 0.64
N GLU C 185 -2.16 -44.99 -0.24
CA GLU C 185 -2.33 -46.12 -1.14
C GLU C 185 -1.23 -46.16 -2.21
N THR C 186 -0.84 -44.99 -2.75
CA THR C 186 0.08 -45.03 -3.89
C THR C 186 1.43 -45.59 -3.48
N LEU C 187 1.89 -45.28 -2.26
CA LEU C 187 3.08 -45.92 -1.72
C LEU C 187 2.93 -47.44 -1.78
N ARG C 188 1.80 -47.94 -1.27
CA ARG C 188 1.56 -49.38 -1.23
C ARG C 188 1.51 -49.97 -2.63
N LYS C 189 1.17 -49.16 -3.64
CA LYS C 189 1.15 -49.71 -4.99
C LYS C 189 2.56 -50.02 -5.48
N HIS C 190 3.54 -49.19 -5.11
CA HIS C 190 4.93 -49.45 -5.46
C HIS C 190 5.72 -50.10 -4.34
N GLY C 191 5.08 -50.40 -3.22
CA GLY C 191 5.72 -51.08 -2.12
C GLY C 191 6.52 -50.21 -1.19
N ALA C 192 6.54 -48.90 -1.40
CA ALA C 192 7.35 -48.01 -0.58
C ALA C 192 6.89 -47.92 0.86
N LEU C 193 5.71 -48.46 1.19
CA LEU C 193 5.19 -48.33 2.53
C LEU C 193 5.93 -49.22 3.52
N ASP C 194 6.51 -50.33 3.06
CA ASP C 194 7.01 -51.36 3.97
C ASP C 194 8.21 -50.93 4.82
N TYR C 195 8.67 -49.68 4.71
CA TYR C 195 9.74 -49.22 5.58
C TYR C 195 9.57 -47.77 6.08
N THR C 196 8.35 -47.22 6.11
CA THR C 196 8.14 -45.82 6.47
C THR C 196 7.08 -45.70 7.56
N ILE C 197 6.89 -44.46 8.01
CA ILE C 197 5.87 -44.07 8.98
C ILE C 197 5.19 -42.81 8.47
N VAL C 198 3.86 -42.75 8.59
CA VAL C 198 3.07 -41.60 8.16
C VAL C 198 2.38 -40.99 9.36
N VAL C 199 2.52 -39.67 9.51
CA VAL C 199 1.90 -38.92 10.60
C VAL C 199 0.94 -37.90 10.00
N THR C 200 -0.29 -37.85 10.53
CA THR C 200 -1.32 -36.97 10.03
C THR C 200 -1.98 -36.20 11.16
N ALA C 201 -2.33 -34.94 10.89
CA ALA C 201 -3.09 -34.10 11.81
C ALA C 201 -4.08 -33.31 10.96
N SER C 202 -5.33 -33.77 10.94
CA SER C 202 -6.31 -33.24 10.00
C SER C 202 -6.93 -31.93 10.52
N ALA C 203 -7.57 -31.22 9.60
CA ALA C 203 -8.32 -30.02 9.97
C ALA C 203 -9.50 -30.32 10.88
N SER C 204 -10.01 -31.56 10.84
CA SER C 204 -11.06 -31.95 11.78
C SER C 204 -10.56 -31.86 13.22
N GLN C 205 -9.32 -32.24 13.45
CA GLN C 205 -8.74 -32.14 14.78
C GLN C 205 -8.45 -30.68 15.10
N PRO C 206 -8.38 -30.33 16.38
CA PRO C 206 -8.17 -28.92 16.75
C PRO C 206 -6.86 -28.37 16.21
N ALA C 207 -6.83 -27.06 16.02
CA ALA C 207 -5.63 -26.36 15.54
C ALA C 207 -4.38 -26.64 16.39
N PRO C 208 -4.45 -26.69 17.73
CA PRO C 208 -3.22 -26.96 18.49
C PRO C 208 -2.50 -28.24 18.09
N LEU C 209 -3.22 -29.29 17.68
CA LEU C 209 -2.56 -30.52 17.27
C LEU C 209 -1.80 -30.37 15.97
N LEU C 210 -2.03 -29.29 15.21
CA LEU C 210 -1.15 -28.98 14.09
C LEU C 210 0.17 -28.39 14.59
N PHE C 211 0.15 -27.71 15.73
CA PHE C 211 1.33 -27.05 16.27
C PHE C 211 2.35 -28.07 16.80
N LEU C 212 1.90 -29.26 17.16
CA LEU C 212 2.79 -30.35 17.51
C LEU C 212 3.01 -31.34 16.36
N ALA C 213 2.32 -31.16 15.24
CA ALA C 213 2.40 -32.13 14.15
C ALA C 213 3.81 -32.29 13.58
N PRO C 214 4.58 -31.21 13.29
CA PRO C 214 5.93 -31.44 12.76
C PRO C 214 6.97 -31.70 13.84
N TYR C 215 6.64 -31.41 15.10
CA TYR C 215 7.58 -31.68 16.19
C TYR C 215 7.78 -33.18 16.42
N ALA C 216 6.70 -33.97 16.30
CA ALA C 216 6.78 -35.38 16.66
C ALA C 216 7.55 -36.20 15.63
N GLY C 217 7.40 -35.88 14.34
CA GLY C 217 8.05 -36.68 13.31
C GLY C 217 9.56 -36.58 13.37
N VAL C 218 10.09 -35.38 13.61
CA VAL C 218 11.53 -35.24 13.76
C VAL C 218 12.01 -36.01 14.98
N ALA C 219 11.17 -36.15 16.00
CA ALA C 219 11.56 -36.96 17.17
C ALA C 219 11.56 -38.44 16.84
N MET C 220 10.64 -38.90 15.99
CA MET C 220 10.67 -40.29 15.55
C MET C 220 11.94 -40.59 14.77
N GLY C 221 12.27 -39.72 13.80
CA GLY C 221 13.52 -39.86 13.08
C GLY C 221 14.73 -39.72 13.98
N GLU C 222 14.60 -38.93 15.05
CA GLU C 222 15.67 -38.78 16.04
C GLU C 222 15.91 -40.08 16.79
N TYR C 223 14.85 -40.74 17.24
CA TYR C 223 15.04 -41.99 17.95
C TYR C 223 15.56 -43.08 17.04
N PHE C 224 15.18 -43.07 15.76
CA PHE C 224 15.84 -44.00 14.85
C PHE C 224 17.32 -43.67 14.68
N MET C 225 17.72 -42.42 14.88
CA MET C 225 19.14 -42.06 14.79
C MET C 225 19.79 -42.34 16.15
N TYR C 226 21.02 -41.84 16.34
CA TYR C 226 21.95 -42.21 17.40
C TYR C 226 22.42 -43.65 17.27
N LYS C 227 22.11 -44.27 16.12
CA LYS C 227 22.74 -45.48 15.64
C LYS C 227 22.93 -45.28 14.14
N GLY C 228 23.92 -45.96 13.57
CA GLY C 228 24.28 -45.68 12.20
C GLY C 228 23.17 -45.96 11.22
N LYS C 229 22.56 -44.90 10.68
CA LYS C 229 21.40 -45.00 9.80
C LYS C 229 21.47 -43.90 8.75
N HIS C 230 20.40 -43.79 7.96
CA HIS C 230 20.18 -42.68 7.04
C HIS C 230 18.68 -42.39 7.07
N VAL C 231 18.30 -41.27 7.69
CA VAL C 231 16.90 -41.00 8.02
C VAL C 231 16.44 -39.73 7.30
N LEU C 232 15.22 -39.77 6.77
CA LEU C 232 14.57 -38.65 6.13
C LEU C 232 13.30 -38.27 6.90
N VAL C 233 12.99 -36.97 6.90
CA VAL C 233 11.76 -36.45 7.47
C VAL C 233 11.18 -35.43 6.49
N VAL C 234 9.88 -35.53 6.24
CA VAL C 234 9.18 -34.61 5.35
C VAL C 234 7.94 -34.09 6.06
N TYR C 235 7.74 -32.77 6.01
CA TYR C 235 6.51 -32.12 6.46
C TYR C 235 5.85 -31.57 5.21
N ASP C 236 4.63 -32.04 4.92
CA ASP C 236 4.00 -31.64 3.66
C ASP C 236 3.67 -30.16 3.61
N ASP C 237 3.57 -29.48 4.76
CA ASP C 237 3.40 -28.04 4.75
C ASP C 237 3.63 -27.54 6.17
N LEU C 238 4.33 -26.40 6.28
CA LEU C 238 4.56 -25.72 7.54
C LEU C 238 3.76 -24.42 7.70
N SER C 239 3.28 -23.86 6.59
CA SER C 239 2.57 -22.58 6.65
C SER C 239 1.29 -22.70 7.46
N LYS C 240 0.54 -23.78 7.28
CA LYS C 240 -0.64 -23.98 8.13
C LYS C 240 -0.25 -24.22 9.58
N GLN C 241 0.93 -24.80 9.84
CA GLN C 241 1.40 -24.90 11.21
C GLN C 241 1.72 -23.53 11.77
N ALA C 242 2.26 -22.63 10.95
CA ALA C 242 2.47 -21.25 11.40
C ALA C 242 1.15 -20.55 11.70
N ALA C 243 0.14 -20.77 10.86
CA ALA C 243 -1.18 -20.20 11.12
C ALA C 243 -1.77 -20.78 12.39
N ALA C 244 -1.58 -22.08 12.63
CA ALA C 244 -2.07 -22.69 13.85
C ALA C 244 -1.40 -22.10 15.08
N TYR C 245 -0.08 -21.85 14.99
CA TYR C 245 0.61 -21.21 16.10
C TYR C 245 0.12 -19.78 16.32
N ARG C 246 -0.10 -19.05 15.22
CA ARG C 246 -0.65 -17.69 15.32
C ARG C 246 -1.97 -17.67 16.06
N GLU C 247 -2.92 -18.50 15.61
CA GLU C 247 -4.24 -18.53 16.22
C GLU C 247 -4.24 -19.21 17.57
N LEU C 248 -3.20 -19.98 17.91
CA LEU C 248 -3.04 -20.44 19.28
C LEU C 248 -2.59 -19.30 20.18
N SER C 249 -1.67 -18.46 19.68
CA SER C 249 -1.13 -17.37 20.48
C SER C 249 -2.18 -16.29 20.73
N LEU C 250 -3.06 -16.06 19.75
CA LEU C 250 -3.95 -14.91 19.85
C LEU C 250 -4.91 -15.01 21.04
N LEU C 251 -5.53 -16.16 21.26
CA LEU C 251 -6.47 -16.24 22.39
C LEU C 251 -5.78 -16.27 23.75
N LEU C 252 -4.46 -16.44 23.81
CA LEU C 252 -3.78 -16.46 25.10
C LEU C 252 -3.59 -15.06 25.68
N ARG C 253 -4.09 -14.02 25.02
CA ARG C 253 -3.88 -12.63 25.42
C ARG C 253 -2.40 -12.28 25.38
N ARG C 254 -1.79 -12.47 24.22
CA ARG C 254 -0.43 -12.07 23.95
C ARG C 254 -0.40 -11.13 22.75
N PRO C 255 0.22 -9.96 22.86
CA PRO C 255 0.05 -8.93 21.83
C PRO C 255 0.64 -9.38 20.50
N PRO C 256 0.08 -8.90 19.38
CA PRO C 256 0.59 -9.27 18.05
C PRO C 256 1.88 -8.56 17.66
N GLY C 257 2.31 -8.75 16.41
CA GLY C 257 3.53 -8.14 15.90
C GLY C 257 3.47 -7.60 14.48
N ARG C 258 4.43 -7.97 13.64
CA ARG C 258 4.54 -7.43 12.29
C ARG C 258 3.31 -7.73 11.45
N GLU C 259 2.69 -8.88 11.68
CA GLU C 259 1.46 -9.28 11.00
C GLU C 259 0.52 -9.79 12.09
N ALA C 260 -0.46 -10.60 11.68
CA ALA C 260 -1.09 -11.46 12.68
C ALA C 260 -0.11 -12.50 13.20
N TYR C 261 0.94 -12.81 12.44
CA TYR C 261 1.97 -13.74 12.90
C TYR C 261 2.71 -13.13 14.09
N PRO C 262 2.86 -13.85 15.19
CA PRO C 262 3.69 -13.35 16.29
C PRO C 262 5.16 -13.37 15.92
N GLY C 263 5.95 -12.62 16.68
CA GLY C 263 7.37 -12.47 16.41
C GLY C 263 8.22 -13.67 16.80
N ASP C 264 7.65 -14.64 17.50
CA ASP C 264 8.41 -15.81 17.94
C ASP C 264 8.58 -16.85 16.85
N ILE C 265 8.02 -16.60 15.65
CA ILE C 265 7.98 -17.61 14.60
C ILE C 265 9.39 -18.11 14.28
N PHE C 266 10.33 -17.17 14.10
CA PHE C 266 11.71 -17.55 13.84
C PHE C 266 12.23 -18.49 14.93
N TYR C 267 12.03 -18.12 16.19
CA TYR C 267 12.44 -18.99 17.30
C TYR C 267 11.86 -20.37 17.12
N LEU C 268 10.56 -20.45 16.84
CA LEU C 268 9.92 -21.76 16.66
C LEU C 268 10.63 -22.55 15.58
N HIS C 269 10.86 -21.92 14.42
CA HIS C 269 11.53 -22.64 13.34
C HIS C 269 12.97 -22.98 13.73
N SER C 270 13.63 -22.11 14.48
CA SER C 270 14.97 -22.42 14.95
C SER C 270 14.95 -23.63 15.88
N ARG C 271 13.85 -23.77 16.65
CA ARG C 271 13.73 -24.94 17.50
C ARG C 271 13.51 -26.20 16.68
N LEU C 272 12.94 -26.07 15.47
CA LEU C 272 12.58 -27.24 14.68
C LEU C 272 13.70 -27.66 13.74
N LEU C 273 14.04 -26.81 12.77
CA LEU C 273 14.95 -27.19 11.69
C LEU C 273 16.35 -27.53 12.21
N GLU C 274 16.79 -26.88 13.28
CA GLU C 274 18.12 -27.15 13.81
C GLU C 274 18.21 -28.51 14.51
N ARG C 275 17.08 -29.20 14.72
CA ARG C 275 17.13 -30.48 15.39
C ARG C 275 17.87 -31.53 14.56
N ALA C 276 17.99 -31.32 13.25
CA ALA C 276 18.72 -32.25 12.40
C ALA C 276 20.22 -32.15 12.64
N ALA C 277 20.94 -33.23 12.36
CA ALA C 277 22.38 -33.25 12.51
C ALA C 277 22.97 -34.40 11.69
N LYS C 278 24.20 -34.20 11.23
CA LYS C 278 25.03 -35.24 10.62
C LYS C 278 26.16 -35.51 11.62
N LEU C 279 25.93 -36.47 12.50
CA LEU C 279 26.82 -36.67 13.64
C LEU C 279 28.16 -37.26 13.19
N SER C 280 29.18 -37.01 14.00
CA SER C 280 30.55 -37.38 13.67
C SER C 280 30.80 -38.86 13.95
N ASP C 281 32.05 -39.28 13.75
CA ASP C 281 32.42 -40.68 13.95
C ASP C 281 32.34 -41.10 15.42
N ALA C 282 32.68 -40.19 16.34
CA ALA C 282 32.63 -40.50 17.76
C ALA C 282 31.22 -40.44 18.33
N LYS C 283 30.21 -40.17 17.49
CA LYS C 283 28.84 -40.08 17.93
C LYS C 283 27.94 -41.16 17.35
N GLY C 284 28.30 -41.73 16.19
CA GLY C 284 27.51 -42.78 15.59
C GLY C 284 27.45 -42.71 14.08
N GLY C 285 27.69 -41.53 13.53
CA GLY C 285 27.75 -41.38 12.07
C GLY C 285 26.45 -41.61 11.35
N GLY C 286 25.34 -41.13 11.89
CA GLY C 286 24.05 -41.24 11.22
C GLY C 286 23.82 -40.10 10.25
N SER C 287 22.54 -39.90 9.90
CA SER C 287 22.13 -38.79 9.05
C SER C 287 20.63 -38.56 9.14
N LEU C 288 20.22 -37.34 9.51
CA LEU C 288 18.81 -36.97 9.57
C LEU C 288 18.61 -35.74 8.70
N THR C 289 17.99 -35.94 7.54
CA THR C 289 17.74 -34.85 6.59
C THR C 289 16.25 -34.61 6.46
N ALA C 290 15.88 -33.35 6.23
CA ALA C 290 14.49 -32.95 6.17
C ALA C 290 14.19 -32.22 4.87
N LEU C 291 12.94 -32.32 4.44
CA LEU C 291 12.44 -31.63 3.24
C LEU C 291 11.17 -30.86 3.60
N PRO C 292 11.32 -29.70 4.23
CA PRO C 292 10.14 -28.90 4.57
C PRO C 292 9.47 -28.32 3.32
N PHE C 293 8.16 -28.09 3.44
CA PHE C 293 7.36 -27.46 2.41
C PHE C 293 6.74 -26.17 2.95
N VAL C 294 6.79 -25.10 2.16
CA VAL C 294 6.21 -23.82 2.55
C VAL C 294 5.44 -23.23 1.39
N GLU C 295 4.25 -22.69 1.70
CA GLU C 295 3.36 -22.05 0.74
C GLU C 295 3.20 -20.58 1.11
N THR C 296 3.16 -19.73 0.08
CA THR C 296 2.98 -18.29 0.26
C THR C 296 1.90 -17.79 -0.70
N GLN C 297 1.26 -16.69 -0.31
CA GLN C 297 0.18 -16.13 -1.12
C GLN C 297 0.73 -15.49 -2.39
N ALA C 298 0.17 -15.88 -3.54
CA ALA C 298 0.52 -15.32 -4.84
C ALA C 298 2.00 -15.49 -5.16
N GLY C 299 2.65 -16.48 -4.55
CA GLY C 299 4.05 -16.73 -4.82
C GLY C 299 4.97 -15.57 -4.45
N ASP C 300 4.62 -14.80 -3.44
CA ASP C 300 5.42 -13.64 -3.03
C ASP C 300 6.56 -14.13 -2.15
N ILE C 301 7.73 -14.31 -2.75
CA ILE C 301 8.90 -14.80 -2.02
C ILE C 301 9.44 -13.78 -1.04
N SER C 302 9.02 -12.51 -1.16
CA SER C 302 9.50 -11.45 -0.28
C SER C 302 8.65 -11.28 0.97
N ALA C 303 7.64 -12.12 1.16
CA ALA C 303 6.75 -11.99 2.31
C ALA C 303 7.49 -12.35 3.60
N TYR C 304 6.78 -12.21 4.72
CA TYR C 304 7.38 -12.43 6.03
C TYR C 304 7.78 -13.89 6.24
N ILE C 305 6.85 -14.81 6.05
CA ILE C 305 7.14 -16.23 6.30
C ILE C 305 8.19 -16.78 5.35
N PRO C 306 8.13 -16.55 4.02
CA PRO C 306 9.20 -17.07 3.16
C PRO C 306 10.59 -16.59 3.54
N THR C 307 10.77 -15.28 3.73
CA THR C 307 12.08 -14.75 4.09
C THR C 307 12.54 -15.24 5.46
N ASN C 308 11.61 -15.32 6.41
CA ASN C 308 11.95 -15.86 7.72
C ASN C 308 12.43 -17.31 7.61
N VAL C 309 11.75 -18.10 6.78
CA VAL C 309 12.09 -19.52 6.66
C VAL C 309 13.43 -19.70 5.95
N ILE C 310 13.68 -18.90 4.90
CA ILE C 310 14.90 -19.08 4.10
C ILE C 310 16.15 -18.89 4.95
N SER C 311 16.09 -18.03 5.96
CA SER C 311 17.28 -17.69 6.74
C SER C 311 17.83 -18.87 7.52
N ILE C 312 17.08 -19.95 7.67
CA ILE C 312 17.50 -21.07 8.51
C ILE C 312 17.99 -22.25 7.66
N THR C 313 17.31 -22.56 6.57
CA THR C 313 17.59 -23.77 5.81
C THR C 313 18.91 -23.65 5.04
N ASP C 314 19.42 -24.81 4.63
CA ASP C 314 20.66 -24.91 3.88
C ASP C 314 20.47 -24.77 2.38
N GLY C 315 19.37 -24.16 1.95
CA GLY C 315 19.08 -24.01 0.55
C GLY C 315 17.60 -23.83 0.31
N GLN C 316 17.24 -23.74 -0.96
CA GLN C 316 15.84 -23.58 -1.34
C GLN C 316 15.66 -24.03 -2.79
N ILE C 317 14.59 -24.77 -3.03
CA ILE C 317 14.11 -25.08 -4.38
C ILE C 317 12.86 -24.25 -4.59
N PHE C 318 12.91 -23.32 -5.53
CA PHE C 318 11.80 -22.41 -5.77
C PHE C 318 10.98 -22.95 -6.93
N LEU C 319 9.73 -23.30 -6.67
CA LEU C 319 8.80 -23.76 -7.68
C LEU C 319 7.95 -22.59 -8.13
N GLN C 320 8.07 -22.22 -9.40
CA GLN C 320 7.44 -21.03 -9.95
C GLN C 320 6.23 -21.42 -10.78
N SER C 321 5.09 -20.76 -10.52
CA SER C 321 3.83 -21.20 -11.10
C SER C 321 3.75 -20.91 -12.60
N ASP C 322 4.39 -19.85 -13.08
CA ASP C 322 4.24 -19.50 -14.49
C ASP C 322 5.09 -20.37 -15.42
N LEU C 323 6.15 -21.00 -14.91
CA LEU C 323 6.80 -22.05 -15.70
C LEU C 323 6.05 -23.36 -15.67
N PHE C 324 5.15 -23.55 -14.69
CA PHE C 324 4.48 -24.84 -14.52
C PHE C 324 3.69 -25.23 -15.77
N PHE C 325 2.97 -24.28 -16.35
CA PHE C 325 2.13 -24.58 -17.51
C PHE C 325 2.91 -24.59 -18.81
N SER C 326 4.12 -24.00 -18.84
CA SER C 326 4.87 -23.94 -20.08
C SER C 326 5.41 -25.29 -20.51
N GLY C 327 5.52 -26.25 -19.59
CA GLY C 327 5.99 -27.57 -19.95
C GLY C 327 7.37 -27.89 -19.43
N VAL C 328 7.72 -27.36 -18.26
CA VAL C 328 8.98 -27.69 -17.59
C VAL C 328 8.60 -28.27 -16.24
N ARG C 329 8.68 -29.60 -16.13
CA ARG C 329 8.20 -30.32 -14.95
C ARG C 329 9.33 -31.17 -14.39
N PRO C 330 9.72 -30.98 -13.12
CA PRO C 330 9.20 -30.00 -12.16
C PRO C 330 9.66 -28.58 -12.49
N ALA C 331 8.88 -27.57 -12.16
CA ALA C 331 9.20 -26.19 -12.51
C ALA C 331 10.18 -25.59 -11.49
N ILE C 332 11.38 -26.16 -11.46
CA ILE C 332 12.45 -25.65 -10.61
C ILE C 332 13.12 -24.50 -11.36
N ASN C 333 13.24 -23.35 -10.69
CA ASN C 333 13.91 -22.20 -11.27
C ASN C 333 15.43 -22.35 -11.06
N ALA C 334 16.17 -22.56 -12.15
CA ALA C 334 17.60 -22.79 -12.05
C ALA C 334 18.39 -21.55 -11.69
N GLY C 335 17.78 -20.38 -11.69
CA GLY C 335 18.47 -19.15 -11.36
C GLY C 335 18.39 -18.79 -9.89
N LEU C 336 17.20 -18.97 -9.29
CA LEU C 336 16.93 -18.49 -7.95
C LEU C 336 17.23 -19.53 -6.88
N SER C 337 17.08 -20.82 -7.20
CA SER C 337 17.32 -21.86 -6.21
C SER C 337 18.79 -21.91 -5.81
N VAL C 338 19.05 -22.19 -4.54
CA VAL C 338 20.41 -22.26 -4.01
C VAL C 338 20.54 -23.49 -3.13
N SER C 339 21.74 -24.06 -3.11
CA SER C 339 22.09 -25.16 -2.21
C SER C 339 23.45 -24.85 -1.61
N ARG C 340 23.53 -24.87 -0.27
CA ARG C 340 24.74 -24.39 0.40
C ARG C 340 25.84 -25.44 0.48
N VAL C 341 25.50 -26.72 0.62
CA VAL C 341 26.54 -27.73 0.76
C VAL C 341 27.25 -28.03 -0.55
N GLY C 342 26.62 -27.77 -1.69
CA GLY C 342 27.26 -27.91 -2.98
C GLY C 342 27.80 -29.29 -3.31
N GLY C 343 29.09 -29.36 -3.63
CA GLY C 343 29.71 -30.59 -4.07
C GLY C 343 30.35 -31.41 -2.97
N ALA C 344 29.99 -31.13 -1.72
CA ALA C 344 30.55 -31.89 -0.61
C ALA C 344 30.03 -33.33 -0.61
N ALA C 345 28.75 -33.53 -0.86
CA ALA C 345 28.13 -34.85 -0.84
C ALA C 345 27.60 -35.13 -2.24
N GLN C 346 28.46 -35.71 -3.08
CA GLN C 346 28.12 -36.03 -4.45
C GLN C 346 29.13 -37.02 -5.00
N ILE C 347 28.65 -37.93 -5.87
CA ILE C 347 29.56 -38.91 -6.46
C ILE C 347 30.52 -38.20 -7.40
N LYS C 348 31.77 -38.68 -7.42
CA LYS C 348 32.84 -37.99 -8.14
C LYS C 348 32.71 -38.07 -9.66
N ALA C 349 31.81 -38.90 -10.18
CA ALA C 349 31.58 -38.92 -11.62
C ALA C 349 30.97 -37.61 -12.10
N MET C 350 30.06 -37.03 -11.30
CA MET C 350 29.37 -35.81 -11.72
C MET C 350 30.27 -34.59 -11.69
N LYS C 351 31.32 -34.60 -10.85
CA LYS C 351 32.24 -33.47 -10.81
C LYS C 351 32.94 -33.29 -12.14
N LYS C 352 33.41 -34.39 -12.73
CA LYS C 352 34.17 -34.33 -13.97
C LYS C 352 33.33 -33.85 -15.15
N VAL C 353 32.00 -33.93 -15.04
CA VAL C 353 31.09 -33.65 -16.14
C VAL C 353 30.32 -32.35 -15.94
N ALA C 354 29.49 -32.28 -14.91
CA ALA C 354 28.53 -31.20 -14.72
C ALA C 354 28.67 -30.58 -13.33
N GLY C 355 29.91 -30.23 -12.96
CA GLY C 355 30.12 -29.55 -11.70
C GLY C 355 29.61 -28.12 -11.70
N THR C 356 29.64 -27.45 -12.86
CA THR C 356 29.28 -26.04 -12.96
C THR C 356 28.15 -25.79 -13.95
N LEU C 357 27.42 -26.84 -14.34
CA LEU C 357 26.37 -26.70 -15.35
C LEU C 357 25.29 -25.71 -14.92
N ARG C 358 25.10 -25.56 -13.61
CA ARG C 358 24.07 -24.67 -13.08
C ARG C 358 24.33 -23.22 -13.47
N LEU C 359 25.59 -22.79 -13.40
CA LEU C 359 25.93 -21.45 -13.83
C LEU C 359 25.64 -21.25 -15.32
N ASP C 360 25.83 -22.31 -16.11
CA ASP C 360 25.51 -22.24 -17.53
C ASP C 360 24.02 -22.02 -17.74
N LEU C 361 23.17 -22.75 -17.01
CA LEU C 361 21.74 -22.57 -17.22
C LEU C 361 21.27 -21.22 -16.69
N ALA C 362 21.86 -20.75 -15.59
CA ALA C 362 21.54 -19.42 -15.09
C ALA C 362 21.93 -18.34 -16.10
N ALA C 363 23.10 -18.48 -16.72
CA ALA C 363 23.52 -17.52 -17.74
C ALA C 363 22.59 -17.56 -18.95
N TYR C 364 22.15 -18.75 -19.36
CA TYR C 364 21.21 -18.85 -20.46
C TYR C 364 19.89 -18.17 -20.12
N ARG C 365 19.40 -18.37 -18.90
CA ARG C 365 18.18 -17.68 -18.47
C ARG C 365 18.35 -16.17 -18.49
N GLU C 366 19.51 -15.68 -18.02
CA GLU C 366 19.76 -14.24 -18.03
C GLU C 366 19.82 -13.71 -19.46
N LEU C 367 20.46 -14.45 -20.36
CA LEU C 367 20.61 -14.01 -21.75
C LEU C 367 19.31 -14.14 -22.54
N GLU C 368 18.35 -14.92 -22.06
CA GLU C 368 17.07 -15.04 -22.77
C GLU C 368 16.38 -13.69 -22.89
N ALA C 369 16.39 -12.89 -21.83
CA ALA C 369 15.72 -11.59 -21.87
C ALA C 369 16.36 -10.66 -22.89
N PHE C 370 17.68 -10.76 -23.06
CA PHE C 370 18.36 -9.95 -24.07
C PHE C 370 18.12 -10.47 -25.48
N ALA C 371 17.98 -11.79 -25.63
CA ALA C 371 17.84 -12.40 -26.94
C ALA C 371 16.40 -12.36 -27.48
N GLN C 372 15.43 -12.01 -26.65
CA GLN C 372 14.04 -11.99 -27.08
C GLN C 372 13.80 -10.89 -28.11
N LYS C 379 27.47 -15.29 -33.17
CA LYS C 379 27.46 -16.74 -33.37
C LYS C 379 27.67 -17.49 -32.06
N ALA C 380 28.53 -16.93 -31.19
CA ALA C 380 28.72 -17.50 -29.87
C ALA C 380 27.42 -17.46 -29.07
N THR C 381 26.68 -16.36 -29.18
CA THR C 381 25.38 -16.26 -28.52
C THR C 381 24.41 -17.30 -29.06
N GLN C 382 24.47 -17.56 -30.37
CA GLN C 382 23.60 -18.57 -30.97
C GLN C 382 23.89 -19.96 -30.41
N ALA C 383 25.17 -20.31 -30.31
CA ALA C 383 25.54 -21.60 -29.73
C ALA C 383 25.14 -21.68 -28.27
N LYS C 384 25.32 -20.58 -27.53
CA LYS C 384 24.90 -20.54 -26.14
C LYS C 384 23.40 -20.79 -26.01
N LEU C 385 22.61 -20.15 -26.87
CA LEU C 385 21.16 -20.32 -26.85
C LEU C 385 20.76 -21.75 -27.19
N ALA C 386 21.41 -22.34 -28.19
CA ALA C 386 21.10 -23.73 -28.56
C ALA C 386 21.39 -24.67 -27.40
N ARG C 387 22.57 -24.52 -26.79
CA ARG C 387 22.95 -25.39 -25.69
C ARG C 387 22.02 -25.21 -24.50
N GLY C 388 21.62 -23.96 -24.22
CA GLY C 388 20.68 -23.73 -23.14
C GLY C 388 19.32 -24.33 -23.38
N ALA C 389 18.82 -24.22 -24.62
CA ALA C 389 17.53 -24.84 -24.94
C ALA C 389 17.60 -26.35 -24.75
N ARG C 390 18.70 -26.96 -25.20
CA ARG C 390 18.83 -28.41 -25.03
C ARG C 390 18.94 -28.81 -23.56
N THR C 391 19.71 -28.08 -22.75
CA THR C 391 19.82 -28.49 -21.35
C THR C 391 18.50 -28.31 -20.61
N VAL C 392 17.73 -27.27 -20.96
CA VAL C 392 16.39 -27.14 -20.42
C VAL C 392 15.53 -28.33 -20.84
N GLU C 393 15.67 -28.77 -22.09
CA GLU C 393 14.86 -29.87 -22.59
C GLU C 393 15.19 -31.19 -21.88
N VAL C 394 16.47 -31.44 -21.60
CA VAL C 394 16.87 -32.75 -21.07
C VAL C 394 16.28 -32.99 -19.68
N LEU C 395 16.27 -31.98 -18.83
CA LEU C 395 16.07 -32.17 -17.38
C LEU C 395 14.65 -32.63 -17.01
N LYS C 396 13.74 -32.74 -17.97
CA LYS C 396 12.34 -33.04 -17.65
C LYS C 396 12.15 -34.48 -17.22
N GLN C 397 11.23 -34.70 -16.27
CA GLN C 397 10.87 -36.03 -15.79
C GLN C 397 9.36 -36.11 -15.56
N ASP C 398 8.85 -37.34 -15.56
CA ASP C 398 7.44 -37.63 -15.37
C ASP C 398 7.21 -38.24 -13.99
N LEU C 399 5.94 -38.50 -13.67
CA LEU C 399 5.56 -38.95 -12.34
C LEU C 399 5.74 -40.46 -12.18
N HIS C 400 6.26 -40.86 -11.03
CA HIS C 400 6.41 -42.28 -10.65
C HIS C 400 7.21 -43.06 -11.69
N GLN C 401 8.17 -42.40 -12.34
CA GLN C 401 9.10 -43.06 -13.26
C GLN C 401 10.52 -42.57 -12.97
N PRO C 402 11.08 -42.93 -11.82
CA PRO C 402 12.41 -42.43 -11.46
C PRO C 402 13.50 -43.12 -12.27
N ILE C 403 14.65 -42.46 -12.33
CA ILE C 403 15.82 -42.96 -13.03
C ILE C 403 16.95 -43.11 -12.02
N PRO C 404 17.59 -44.27 -11.93
CA PRO C 404 18.62 -44.48 -10.90
C PRO C 404 19.83 -43.58 -11.10
N VAL C 405 20.59 -43.41 -10.00
CA VAL C 405 21.77 -42.54 -10.01
C VAL C 405 22.82 -43.05 -10.99
N GLU C 406 22.86 -44.36 -11.23
CA GLU C 406 23.87 -44.92 -12.13
C GLU C 406 23.59 -44.60 -13.59
N LYS C 407 22.35 -44.21 -13.93
CA LYS C 407 22.01 -43.90 -15.30
C LYS C 407 22.16 -42.42 -15.64
N GLN C 408 22.01 -41.53 -14.65
CA GLN C 408 22.01 -40.10 -14.95
C GLN C 408 23.35 -39.63 -15.50
N VAL C 409 24.45 -40.13 -14.95
CA VAL C 409 25.76 -39.60 -15.31
C VAL C 409 26.09 -39.91 -16.76
N LEU C 410 25.64 -41.07 -17.27
CA LEU C 410 25.98 -41.46 -18.63
C LEU C 410 25.36 -40.53 -19.66
N ILE C 411 24.11 -40.12 -19.45
CA ILE C 411 23.48 -39.19 -20.39
C ILE C 411 23.91 -37.75 -20.12
N ILE C 412 24.22 -37.41 -18.87
CA ILE C 412 24.73 -36.06 -18.61
C ILE C 412 26.07 -35.87 -19.28
N TYR C 413 26.89 -36.93 -19.37
CA TYR C 413 28.17 -36.83 -20.08
C TYR C 413 27.94 -36.47 -21.54
N ALA C 414 26.99 -37.13 -22.20
CA ALA C 414 26.69 -36.78 -23.58
C ALA C 414 26.13 -35.37 -23.68
N LEU C 415 25.35 -34.94 -22.68
CA LEU C 415 24.82 -33.58 -22.69
C LEU C 415 25.93 -32.55 -22.55
N THR C 416 26.85 -32.77 -21.62
CA THR C 416 27.84 -31.76 -21.25
C THR C 416 29.16 -31.92 -22.02
N ARG C 417 29.16 -32.74 -23.08
CA ARG C 417 30.35 -32.89 -23.93
C ARG C 417 30.05 -32.58 -25.40
N GLY C 418 28.96 -31.87 -25.67
CA GLY C 418 28.69 -31.41 -27.02
C GLY C 418 28.20 -32.46 -27.98
N PHE C 419 27.53 -33.50 -27.50
CA PHE C 419 26.98 -34.53 -28.38
C PHE C 419 25.54 -34.20 -28.76
N VAL C 425 15.72 -30.68 -31.77
CA VAL C 425 15.26 -30.61 -30.39
C VAL C 425 13.95 -31.40 -30.24
N GLU C 426 13.28 -31.62 -31.38
CA GLU C 426 11.95 -32.21 -31.36
C GLU C 426 11.94 -33.61 -30.74
N ASP C 427 13.04 -34.35 -30.88
CA ASP C 427 13.09 -35.76 -30.47
C ASP C 427 14.06 -36.02 -29.32
N VAL C 428 14.48 -34.99 -28.58
CA VAL C 428 15.49 -35.18 -27.54
C VAL C 428 14.99 -36.12 -26.45
N ARG C 429 13.73 -35.93 -26.03
CA ARG C 429 13.21 -36.71 -24.89
C ARG C 429 13.19 -38.20 -25.19
N ARG C 430 12.77 -38.59 -26.40
CA ARG C 430 12.82 -40.01 -26.74
C ARG C 430 14.24 -40.48 -26.94
N PHE C 431 15.15 -39.58 -27.35
CA PHE C 431 16.56 -39.92 -27.39
C PHE C 431 17.03 -40.37 -26.03
N GLU C 432 16.54 -39.74 -24.95
CA GLU C 432 16.87 -40.21 -23.61
C GLU C 432 16.51 -41.67 -23.42
N LYS C 433 15.25 -42.02 -23.67
CA LYS C 433 14.77 -43.37 -23.39
C LYS C 433 15.47 -44.41 -24.26
N GLU C 434 15.61 -44.12 -25.55
CA GLU C 434 16.29 -45.06 -26.44
C GLU C 434 17.76 -45.23 -26.05
N PHE C 435 18.40 -44.16 -25.57
CA PHE C 435 19.77 -44.29 -25.08
C PHE C 435 19.82 -45.19 -23.85
N TYR C 436 18.84 -45.04 -22.95
CA TYR C 436 18.75 -45.94 -21.81
C TYR C 436 18.59 -47.40 -22.26
N LEU C 437 17.78 -47.63 -23.30
CA LEU C 437 17.64 -48.98 -23.83
C LEU C 437 18.96 -49.51 -24.38
N PHE C 438 19.65 -48.69 -25.18
CA PHE C 438 20.93 -49.09 -25.76
C PHE C 438 21.93 -49.44 -24.67
N LEU C 439 21.97 -48.65 -23.59
CA LEU C 439 22.85 -48.98 -22.49
C LEU C 439 22.41 -50.26 -21.78
N ASP C 440 21.11 -50.38 -21.47
CA ASP C 440 20.62 -51.54 -20.76
C ASP C 440 20.87 -52.84 -21.50
N GLN C 441 21.03 -52.78 -22.83
CA GLN C 441 21.36 -54.01 -23.54
C GLN C 441 22.85 -54.17 -23.85
N ASN C 442 23.64 -53.09 -23.84
CA ASN C 442 25.03 -53.33 -24.25
C ASN C 442 26.07 -52.85 -23.25
N GLY C 443 25.83 -51.73 -22.56
CA GLY C 443 26.85 -51.05 -21.79
C GLY C 443 27.04 -51.55 -20.37
N GLN C 444 26.94 -52.87 -20.18
CA GLN C 444 27.20 -53.45 -18.87
C GLN C 444 28.61 -53.15 -18.40
N HIS C 445 29.59 -53.26 -19.30
CA HIS C 445 30.99 -53.03 -18.92
C HIS C 445 31.23 -51.63 -18.39
N LEU C 446 30.38 -50.66 -18.74
CA LEU C 446 30.46 -49.32 -18.15
C LEU C 446 29.63 -49.23 -16.89
N LEU C 447 28.44 -49.86 -16.90
CA LEU C 447 27.51 -49.73 -15.78
C LEU C 447 28.08 -50.36 -14.51
N GLU C 448 28.71 -51.53 -14.62
CA GLU C 448 29.27 -52.16 -13.41
C GLU C 448 30.37 -51.29 -12.81
N HIS C 449 31.22 -50.71 -13.67
CA HIS C 449 32.27 -49.82 -13.19
C HIS C 449 31.68 -48.61 -12.48
N ILE C 450 30.61 -48.03 -13.05
CA ILE C 450 29.96 -46.90 -12.39
C ILE C 450 29.41 -47.33 -11.03
N ARG C 451 28.89 -48.55 -10.95
CA ARG C 451 28.33 -49.05 -9.70
C ARG C 451 29.41 -49.26 -8.65
N THR C 452 30.60 -49.70 -9.06
CA THR C 452 31.62 -50.14 -8.12
C THR C 452 32.51 -48.99 -7.65
N THR C 453 33.22 -48.34 -8.57
CA THR C 453 34.24 -47.37 -8.21
C THR C 453 33.72 -45.96 -8.05
N LYS C 454 32.50 -45.67 -8.52
CA LYS C 454 31.92 -44.32 -8.46
C LYS C 454 32.82 -43.31 -9.16
N ASP C 455 33.40 -43.70 -10.28
CA ASP C 455 34.19 -42.80 -11.11
C ASP C 455 33.96 -43.15 -12.57
N LEU C 456 34.16 -42.15 -13.44
CA LEU C 456 33.89 -42.34 -14.86
C LEU C 456 34.87 -43.35 -15.45
N PRO C 457 34.39 -44.30 -16.25
CA PRO C 457 35.31 -45.23 -16.92
C PRO C 457 36.07 -44.59 -18.07
N ASN C 458 36.78 -45.40 -18.84
CA ASN C 458 37.59 -44.89 -19.94
C ASN C 458 36.73 -44.07 -20.89
N GLU C 459 37.23 -42.89 -21.25
CA GLU C 459 36.48 -41.98 -22.11
C GLU C 459 36.34 -42.53 -23.52
N ASP C 460 37.33 -43.29 -24.00
CA ASP C 460 37.28 -43.82 -25.35
C ASP C 460 36.11 -44.78 -25.51
N ASP C 461 35.93 -45.69 -24.55
CA ASP C 461 34.86 -46.69 -24.65
C ASP C 461 33.49 -46.04 -24.61
N LEU C 462 33.30 -45.06 -23.72
CA LEU C 462 32.05 -44.30 -23.70
C LEU C 462 31.85 -43.59 -25.04
N ASN C 463 32.93 -43.09 -25.64
CA ASN C 463 32.81 -42.39 -26.91
C ASN C 463 32.37 -43.34 -28.02
N LYS C 464 32.98 -44.53 -28.12
CA LYS C 464 32.54 -45.48 -29.15
C LYS C 464 31.11 -45.92 -28.90
N ALA C 465 30.72 -46.09 -27.63
CA ALA C 465 29.34 -46.48 -27.35
C ALA C 465 28.36 -45.40 -27.81
N ILE C 466 28.66 -44.14 -27.50
CA ILE C 466 27.79 -43.04 -27.87
C ILE C 466 27.73 -42.89 -29.39
N GLU C 467 28.88 -42.97 -30.06
CA GLU C 467 28.90 -42.82 -31.50
C GLU C 467 28.23 -44.00 -32.19
N ALA C 468 28.36 -45.21 -31.63
CA ALA C 468 27.64 -46.35 -32.17
C ALA C 468 26.14 -46.17 -32.05
N PHE C 469 25.67 -45.64 -30.93
CA PHE C 469 24.25 -45.35 -30.84
C PHE C 469 23.84 -44.31 -31.87
N LYS C 470 24.59 -43.21 -31.96
CA LYS C 470 24.21 -42.12 -32.86
C LYS C 470 24.17 -42.59 -34.30
N LYS C 471 25.07 -43.51 -34.66
CA LYS C 471 25.02 -44.13 -35.98
C LYS C 471 23.80 -45.02 -36.16
N THR C 472 23.21 -45.51 -35.06
CA THR C 472 21.99 -46.31 -35.13
C THR C 472 20.76 -45.43 -34.94
N THR D 1 21.52 -11.80 48.95
CA THR D 1 20.06 -11.66 48.88
C THR D 1 19.43 -12.90 48.26
N ARG D 2 18.12 -13.04 48.43
CA ARG D 2 17.37 -14.19 47.92
C ARG D 2 16.16 -13.70 47.15
N GLY D 3 15.76 -14.46 46.13
CA GLY D 3 14.57 -14.13 45.38
C GLY D 3 13.78 -15.39 45.05
N ARG D 4 12.51 -15.18 44.72
CA ARG D 4 11.63 -16.28 44.32
C ARG D 4 11.01 -15.98 42.96
N VAL D 5 11.02 -16.98 42.09
CA VAL D 5 10.39 -16.86 40.78
C VAL D 5 8.88 -16.93 40.96
N ILE D 6 8.17 -15.95 40.40
CA ILE D 6 6.73 -15.84 40.55
C ILE D 6 6.00 -15.94 39.22
N GLN D 7 6.52 -15.29 38.17
CA GLN D 7 5.90 -15.44 36.86
C GLN D 7 6.93 -15.87 35.83
N VAL D 8 6.45 -16.62 34.84
CA VAL D 8 7.27 -17.10 33.73
C VAL D 8 6.41 -17.15 32.48
N MET D 9 6.92 -16.58 31.39
CA MET D 9 6.24 -16.65 30.11
C MET D 9 7.19 -17.08 29.00
N GLY D 10 8.28 -17.76 29.34
CA GLY D 10 9.26 -18.18 28.37
C GLY D 10 10.49 -17.30 28.37
N PRO D 11 10.60 -16.43 27.37
CA PRO D 11 11.77 -15.55 27.28
C PRO D 11 11.90 -14.58 28.45
N VAL D 12 10.82 -14.30 29.17
CA VAL D 12 10.80 -13.31 30.25
C VAL D 12 10.40 -14.00 31.54
N VAL D 13 11.16 -13.74 32.61
CA VAL D 13 10.90 -14.32 33.91
C VAL D 13 10.80 -13.21 34.95
N ASP D 14 9.77 -13.24 35.77
CA ASP D 14 9.52 -12.20 36.76
C ASP D 14 9.75 -12.77 38.16
N VAL D 15 10.70 -12.19 38.88
CA VAL D 15 11.20 -12.65 40.17
C VAL D 15 10.88 -11.57 41.21
N LYS D 16 10.90 -11.97 42.49
CA LYS D 16 10.64 -11.05 43.58
C LYS D 16 11.78 -11.11 44.59
N PHE D 17 12.41 -9.96 44.85
CA PHE D 17 13.51 -9.85 45.82
C PHE D 17 12.98 -9.20 47.10
N GLU D 18 12.43 -10.03 47.98
CA GLU D 18 11.86 -9.53 49.23
C GLU D 18 12.91 -9.26 50.31
N ASN D 19 14.17 -9.59 50.06
CA ASN D 19 15.20 -9.54 51.10
C ASN D 19 15.51 -8.13 51.57
N GLY D 20 15.01 -7.11 50.87
CA GLY D 20 15.30 -5.73 51.21
C GLY D 20 16.46 -5.12 50.47
N HIS D 21 17.23 -5.92 49.74
CA HIS D 21 18.31 -5.42 48.90
C HIS D 21 18.03 -5.87 47.47
N LEU D 22 17.99 -4.91 46.54
CA LEU D 22 17.58 -5.19 45.17
C LEU D 22 18.78 -5.11 44.25
N PRO D 23 19.15 -6.21 43.57
CA PRO D 23 20.20 -6.14 42.57
C PRO D 23 19.99 -5.00 41.57
N ALA D 24 21.10 -4.43 41.12
CA ALA D 24 21.06 -3.36 40.15
C ALA D 24 20.84 -3.91 38.74
N ILE D 25 20.65 -2.99 37.79
CA ILE D 25 20.42 -3.38 36.40
C ILE D 25 21.68 -4.03 35.82
N TYR D 26 21.47 -4.94 34.88
CA TYR D 26 22.51 -5.71 34.20
C TYR D 26 23.28 -6.64 35.12
N ASN D 27 22.78 -6.88 36.33
CA ASN D 27 23.38 -7.87 37.22
C ASN D 27 22.88 -9.26 36.87
N ALA D 28 23.81 -10.21 36.73
CA ALA D 28 23.43 -11.59 36.49
C ALA D 28 23.00 -12.25 37.79
N LEU D 29 22.14 -13.25 37.67
CA LEU D 29 21.70 -14.01 38.83
C LEU D 29 21.53 -15.47 38.44
N LYS D 30 21.54 -16.35 39.44
CA LYS D 30 21.60 -17.78 39.22
C LYS D 30 20.46 -18.50 39.93
N ILE D 31 20.03 -19.61 39.35
CA ILE D 31 19.01 -20.49 39.90
C ILE D 31 19.56 -21.91 39.89
N GLN D 32 19.41 -22.61 41.01
CA GLN D 32 19.79 -24.01 41.13
C GLN D 32 18.67 -24.76 41.84
N HIS D 33 18.37 -25.96 41.35
CA HIS D 33 17.29 -26.74 41.94
C HIS D 33 17.52 -28.22 41.67
N LYS D 34 17.27 -29.04 42.68
CA LYS D 34 17.32 -30.49 42.58
C LYS D 34 15.93 -31.05 42.86
N ALA D 35 15.59 -32.12 42.16
CA ALA D 35 14.22 -32.64 42.18
C ALA D 35 13.84 -33.14 43.57
N ARG D 36 12.63 -32.77 44.00
CA ARG D 36 12.07 -33.33 45.22
C ARG D 36 11.58 -34.76 45.01
N ASN D 37 11.14 -35.08 43.80
CA ASN D 37 10.73 -36.43 43.44
C ASN D 37 11.07 -36.66 41.96
N GLU D 38 10.83 -37.88 41.50
CA GLU D 38 11.27 -38.28 40.16
C GLU D 38 10.48 -37.63 39.03
N ASN D 39 9.54 -36.72 39.33
CA ASN D 39 8.83 -36.02 38.26
C ASN D 39 9.49 -34.71 37.88
N GLU D 40 10.23 -34.09 38.79
CA GLU D 40 10.89 -32.81 38.52
C GLU D 40 12.24 -33.03 37.85
N VAL D 41 12.77 -31.95 37.28
CA VAL D 41 14.04 -31.96 36.57
C VAL D 41 14.99 -31.00 37.26
N ASP D 42 16.18 -31.49 37.62
CA ASP D 42 17.20 -30.63 38.22
C ASP D 42 17.68 -29.60 37.20
N ILE D 43 17.85 -28.37 37.66
CA ILE D 43 18.17 -27.26 36.76
C ILE D 43 19.23 -26.36 37.41
N ASP D 44 20.00 -25.69 36.56
CA ASP D 44 21.02 -24.73 36.99
C ASP D 44 21.22 -23.75 35.84
N LEU D 45 20.86 -22.49 36.04
CA LEU D 45 20.85 -21.53 34.94
C LEU D 45 21.05 -20.12 35.45
N THR D 46 21.60 -19.27 34.59
CA THR D 46 21.73 -17.85 34.86
C THR D 46 20.68 -17.05 34.09
N LEU D 47 20.43 -15.83 34.56
CA LEU D 47 19.50 -14.91 33.94
C LEU D 47 19.97 -13.49 34.16
N GLU D 48 19.45 -12.56 33.35
CA GLU D 48 19.95 -11.20 33.26
C GLU D 48 18.82 -10.21 33.51
N VAL D 49 19.07 -9.22 34.36
CA VAL D 49 18.07 -8.24 34.78
C VAL D 49 17.89 -7.18 33.71
N ALA D 50 16.65 -6.72 33.50
CA ALA D 50 16.41 -5.65 32.52
C ALA D 50 15.35 -4.62 32.94
N LEU D 51 14.83 -4.66 34.17
CA LEU D 51 13.79 -3.73 34.55
C LEU D 51 13.59 -3.77 36.06
N HIS D 52 12.78 -2.82 36.56
CA HIS D 52 12.33 -2.78 37.94
C HIS D 52 10.85 -2.45 37.98
N LEU D 53 10.19 -2.89 39.05
CA LEU D 53 8.80 -2.55 39.32
C LEU D 53 8.63 -2.32 40.82
N GLY D 54 7.54 -1.64 41.18
CA GLY D 54 7.37 -1.17 42.53
C GLY D 54 6.81 -2.15 43.55
N ASP D 55 7.17 -3.42 43.43
CA ASP D 55 6.83 -4.42 44.44
C ASP D 55 8.02 -5.34 44.69
N ASP D 56 9.23 -4.77 44.65
CA ASP D 56 10.48 -5.53 44.76
C ASP D 56 10.59 -6.61 43.69
N THR D 57 9.97 -6.40 42.54
CA THR D 57 9.97 -7.37 41.46
C THR D 57 10.92 -6.94 40.37
N VAL D 58 11.54 -7.94 39.72
CA VAL D 58 12.54 -7.73 38.69
C VAL D 58 12.21 -8.62 37.50
N ARG D 59 12.37 -8.06 36.29
CA ARG D 59 12.16 -8.79 35.06
C ARG D 59 13.50 -9.18 34.45
N THR D 60 13.59 -10.43 33.99
CA THR D 60 14.84 -11.00 33.50
C THR D 60 14.62 -11.63 32.14
N ILE D 61 15.66 -11.60 31.33
CA ILE D 61 15.65 -12.12 29.96
C ILE D 61 16.35 -13.46 29.94
N ALA D 62 15.80 -14.41 29.19
CA ALA D 62 16.31 -15.77 29.13
C ALA D 62 17.28 -15.92 27.96
N MET D 63 18.46 -16.46 28.25
CA MET D 63 19.48 -16.72 27.23
C MET D 63 19.66 -18.21 26.95
N ALA D 64 18.82 -19.07 27.53
CA ALA D 64 18.88 -20.50 27.28
C ALA D 64 17.48 -21.03 27.08
N SER D 65 17.33 -21.98 26.14
CA SER D 65 16.03 -22.56 25.85
C SER D 65 15.62 -23.44 27.02
N THR D 66 14.51 -23.10 27.67
CA THR D 66 14.14 -23.74 28.92
C THR D 66 12.70 -24.23 28.92
N ASP D 67 12.54 -25.46 29.39
CA ASP D 67 11.27 -26.03 29.78
C ASP D 67 11.46 -26.65 31.16
N GLY D 68 10.36 -26.77 31.90
CA GLY D 68 10.42 -27.31 33.24
C GLY D 68 10.61 -26.30 34.35
N LEU D 69 10.56 -25.01 34.05
CA LEU D 69 10.62 -24.01 35.11
C LEU D 69 9.38 -24.11 36.00
N ILE D 70 9.60 -23.94 37.30
CA ILE D 70 8.56 -24.11 38.30
C ILE D 70 8.43 -22.82 39.10
N ARG D 71 7.28 -22.66 39.75
CA ARG D 71 7.11 -21.59 40.71
C ARG D 71 7.83 -21.93 42.01
N GLY D 72 8.21 -20.87 42.75
CA GLY D 72 8.80 -21.03 44.05
C GLY D 72 10.28 -21.33 44.08
N MET D 73 10.95 -21.38 42.94
CA MET D 73 12.39 -21.59 42.92
C MET D 73 13.12 -20.38 43.49
N GLU D 74 14.31 -20.63 44.03
CA GLU D 74 15.11 -19.59 44.67
C GLU D 74 16.21 -19.11 43.75
N VAL D 75 16.48 -17.80 43.80
CA VAL D 75 17.42 -17.12 42.93
C VAL D 75 18.43 -16.37 43.79
N ILE D 76 19.70 -16.44 43.40
CA ILE D 76 20.81 -15.83 44.12
C ILE D 76 21.50 -14.83 43.21
N ASP D 77 21.88 -13.68 43.77
CA ASP D 77 22.51 -12.61 42.98
C ASP D 77 24.00 -12.85 42.83
N THR D 78 24.55 -12.46 41.69
CA THR D 78 25.98 -12.53 41.44
C THR D 78 26.68 -11.21 41.76
N GLY D 79 26.10 -10.09 41.33
CA GLY D 79 26.66 -8.79 41.61
C GLY D 79 27.55 -8.20 40.53
N ALA D 80 27.56 -8.78 39.34
CA ALA D 80 28.42 -8.30 38.26
C ALA D 80 27.83 -8.76 36.93
N PRO D 81 28.15 -8.07 35.83
CA PRO D 81 27.65 -8.52 34.52
C PRO D 81 28.39 -9.74 34.01
N ILE D 82 28.10 -10.14 32.77
CA ILE D 82 28.76 -11.30 32.18
C ILE D 82 30.24 -11.01 32.01
N SER D 83 31.08 -11.95 32.44
CA SER D 83 32.52 -11.81 32.41
C SER D 83 33.10 -12.75 31.36
N VAL D 84 34.01 -12.24 30.55
CA VAL D 84 34.60 -12.96 29.42
C VAL D 84 36.09 -13.15 29.68
N PRO D 85 36.63 -14.36 29.52
CA PRO D 85 38.06 -14.56 29.77
C PRO D 85 38.92 -13.88 28.73
N VAL D 86 40.00 -13.24 29.20
CA VAL D 86 40.90 -12.47 28.33
C VAL D 86 42.33 -12.77 28.74
N GLY D 87 43.24 -12.54 27.81
CA GLY D 87 44.65 -12.77 28.02
C GLY D 87 45.17 -13.93 27.20
N GLU D 88 46.26 -14.52 27.71
CA GLU D 88 46.90 -15.63 27.01
C GLU D 88 46.02 -16.87 26.98
N VAL D 89 45.22 -17.08 28.03
CA VAL D 89 44.40 -18.29 28.15
C VAL D 89 43.33 -18.36 27.06
N THR D 90 42.94 -17.23 26.50
CA THR D 90 41.84 -17.16 25.56
C THR D 90 42.21 -17.60 24.15
N LEU D 91 43.48 -17.49 23.78
CA LEU D 91 43.90 -17.82 22.41
C LEU D 91 43.75 -19.31 22.14
N GLY D 92 43.28 -19.64 20.95
CA GLY D 92 43.07 -21.02 20.56
C GLY D 92 41.95 -21.73 21.31
N ARG D 93 40.83 -21.06 21.50
CA ARG D 93 39.72 -21.64 22.23
C ARG D 93 38.40 -21.17 21.61
N VAL D 94 37.34 -21.91 21.94
CA VAL D 94 35.97 -21.54 21.57
C VAL D 94 35.14 -21.51 22.84
N PHE D 95 34.42 -20.41 23.04
CA PHE D 95 33.68 -20.18 24.28
C PHE D 95 32.20 -19.96 23.99
N ASN D 96 31.41 -20.08 25.05
CA ASN D 96 29.99 -19.73 25.02
C ASN D 96 29.76 -18.39 25.72
N VAL D 97 28.48 -18.02 25.84
CA VAL D 97 28.12 -16.69 26.33
C VAL D 97 28.60 -16.48 27.77
N LEU D 98 28.41 -17.48 28.62
CA LEU D 98 28.80 -17.35 30.02
C LEU D 98 30.29 -17.56 30.25
N GLY D 99 31.05 -17.88 29.19
CA GLY D 99 32.49 -17.97 29.27
C GLY D 99 33.05 -19.37 29.34
N GLU D 100 32.21 -20.40 29.43
CA GLU D 100 32.70 -21.77 29.49
C GLU D 100 33.16 -22.24 28.12
N PRO D 101 34.11 -23.16 28.04
CA PRO D 101 34.60 -23.62 26.75
C PRO D 101 33.58 -24.51 26.04
N ILE D 102 33.69 -24.55 24.72
CA ILE D 102 32.82 -25.36 23.88
C ILE D 102 33.53 -26.62 23.39
N ASP D 103 34.81 -26.53 23.09
CA ASP D 103 35.56 -27.67 22.57
C ASP D 103 35.95 -28.65 23.69
N LEU D 104 36.39 -29.83 23.27
CA LEU D 104 36.75 -30.92 24.18
C LEU D 104 38.23 -30.96 24.54
N GLU D 105 38.97 -29.86 24.37
CA GLU D 105 40.39 -29.88 24.75
C GLU D 105 40.62 -29.64 26.23
N GLY D 106 39.61 -29.31 27.00
CA GLY D 106 39.73 -29.29 28.45
C GLY D 106 39.23 -27.99 29.06
N ASP D 107 39.26 -27.97 30.39
CA ASP D 107 38.73 -26.92 31.23
C ASP D 107 39.70 -25.74 31.32
N ILE D 108 39.18 -24.61 31.80
CA ILE D 108 39.96 -23.42 32.09
C ILE D 108 39.74 -23.06 33.55
N PRO D 109 40.78 -22.89 34.35
CA PRO D 109 40.62 -22.72 35.80
C PRO D 109 40.16 -21.31 36.18
N ALA D 110 40.04 -21.10 37.50
CA ALA D 110 39.47 -19.89 38.06
C ALA D 110 40.48 -18.77 38.27
N ASP D 111 41.76 -19.01 38.05
CA ASP D 111 42.75 -17.95 38.22
C ASP D 111 42.84 -17.04 37.01
N ALA D 112 42.11 -17.33 35.95
CA ALA D 112 42.19 -16.53 34.73
C ALA D 112 41.62 -15.14 34.96
N ARG D 113 42.02 -14.21 34.08
CA ARG D 113 41.58 -12.83 34.15
C ARG D 113 40.37 -12.66 33.23
N ARG D 114 39.32 -12.03 33.75
CA ARG D 114 38.07 -11.87 33.03
C ARG D 114 37.66 -10.40 33.03
N ASP D 115 37.07 -9.96 31.90
CA ASP D 115 36.60 -8.59 31.80
C ASP D 115 35.08 -8.54 31.68
N PRO D 116 34.44 -7.55 32.30
CA PRO D 116 33.00 -7.37 32.12
C PRO D 116 32.69 -6.89 30.70
N ILE D 117 31.50 -7.25 30.23
CA ILE D 117 31.13 -6.99 28.84
C ILE D 117 30.89 -5.50 28.61
N HIS D 118 30.14 -4.85 29.50
CA HIS D 118 29.60 -3.53 29.24
C HIS D 118 30.42 -2.44 29.91
N ARG D 119 30.86 -1.46 29.13
CA ARG D 119 31.59 -0.30 29.60
C ARG D 119 31.15 0.93 28.82
N PRO D 120 31.37 2.13 29.37
CA PRO D 120 31.13 3.35 28.59
C PRO D 120 32.07 3.47 27.41
N ALA D 121 31.61 4.19 26.39
CA ALA D 121 32.36 4.36 25.16
C ALA D 121 33.53 5.31 25.36
N PRO D 122 34.53 5.28 24.44
CA PRO D 122 35.63 6.25 24.52
C PRO D 122 35.16 7.67 24.26
N LYS D 123 36.07 8.64 24.40
CA LYS D 123 35.71 10.05 24.36
C LYS D 123 36.19 10.72 23.07
N PHE D 124 35.96 12.02 23.00
CA PHE D 124 36.24 12.81 21.80
C PHE D 124 37.72 13.09 21.59
N GLU D 125 38.48 13.22 22.67
CA GLU D 125 39.86 13.69 22.60
C GLU D 125 40.87 12.59 22.29
N GLU D 126 40.44 11.34 22.17
CA GLU D 126 41.37 10.22 22.06
C GLU D 126 41.21 9.37 20.81
N LEU D 127 40.19 9.62 19.99
CA LEU D 127 39.96 8.81 18.81
C LEU D 127 40.96 9.17 17.71
N ALA D 128 41.38 8.16 16.94
CA ALA D 128 42.32 8.37 15.85
C ALA D 128 41.64 9.08 14.69
N THR D 129 42.45 9.71 13.85
CA THR D 129 41.93 10.48 12.73
C THR D 129 42.57 10.07 11.40
N GLU D 130 43.78 9.53 11.45
CA GLU D 130 44.47 9.14 10.23
C GLU D 130 44.03 7.75 9.78
N VAL D 131 43.93 7.57 8.46
CA VAL D 131 43.48 6.31 7.87
C VAL D 131 44.44 5.92 6.76
N GLU D 132 44.41 4.64 6.40
CA GLU D 132 45.28 4.11 5.35
C GLU D 132 44.55 3.04 4.55
N ILE D 133 45.05 2.82 3.33
CA ILE D 133 44.46 1.85 2.42
C ILE D 133 44.86 0.45 2.84
N LEU D 134 43.90 -0.46 2.87
CA LEU D 134 44.15 -1.87 3.14
C LEU D 134 43.83 -2.68 1.90
N GLU D 135 44.74 -3.58 1.52
CA GLU D 135 44.62 -4.36 0.30
C GLU D 135 44.17 -5.78 0.64
N THR D 136 43.12 -6.23 -0.05
CA THR D 136 42.57 -7.57 0.16
C THR D 136 42.65 -8.47 -1.06
N GLY D 137 42.94 -7.91 -2.24
CA GLY D 137 42.93 -8.67 -3.46
C GLY D 137 41.58 -8.76 -4.14
N ILE D 138 40.50 -8.42 -3.43
CA ILE D 138 39.18 -8.39 -4.05
C ILE D 138 39.11 -7.19 -4.99
N LYS D 139 38.81 -7.46 -6.26
CA LYS D 139 38.97 -6.45 -7.30
C LYS D 139 38.07 -5.23 -7.07
N VAL D 140 36.79 -5.47 -6.80
CA VAL D 140 35.85 -4.36 -6.64
C VAL D 140 36.09 -3.63 -5.32
N VAL D 141 36.25 -4.37 -4.24
CA VAL D 141 36.33 -3.77 -2.91
C VAL D 141 37.61 -2.94 -2.77
N ASP D 142 38.74 -3.46 -3.23
CA ASP D 142 40.00 -2.74 -3.11
C ASP D 142 40.02 -1.46 -3.93
N LEU D 143 39.18 -1.36 -4.97
CA LEU D 143 39.18 -0.19 -5.84
C LEU D 143 38.13 0.84 -5.43
N LEU D 144 36.86 0.45 -5.42
CA LEU D 144 35.80 1.44 -5.29
C LEU D 144 35.45 1.76 -3.84
N ALA D 145 35.56 0.81 -2.92
CA ALA D 145 35.27 1.03 -1.51
C ALA D 145 36.40 0.48 -0.65
N PRO D 146 37.57 1.12 -0.67
CA PRO D 146 38.69 0.63 0.14
C PRO D 146 38.34 0.67 1.63
N TYR D 147 38.81 -0.35 2.34
CA TYR D 147 38.58 -0.45 3.78
C TYR D 147 39.68 0.35 4.49
N ILE D 148 39.32 1.50 5.06
CA ILE D 148 40.30 2.29 5.78
C ILE D 148 40.73 1.55 7.03
N LYS D 149 42.04 1.40 7.22
CA LYS D 149 42.57 0.66 8.35
C LYS D 149 42.21 1.37 9.65
N GLY D 150 41.72 0.60 10.63
CA GLY D 150 41.29 1.15 11.89
C GLY D 150 39.86 1.60 11.94
N GLY D 151 39.08 1.41 10.87
CA GLY D 151 37.70 1.84 10.81
C GLY D 151 36.71 0.68 10.82
N LYS D 152 35.44 1.06 10.76
CA LYS D 152 34.34 0.10 10.70
C LYS D 152 34.01 -0.20 9.26
N ILE D 153 33.78 -1.47 8.94
CA ILE D 153 33.47 -1.91 7.59
C ILE D 153 32.19 -2.73 7.62
N GLY D 154 31.31 -2.49 6.65
CA GLY D 154 30.02 -3.16 6.62
C GLY D 154 29.76 -3.88 5.33
N LEU D 155 29.21 -5.10 5.45
CA LEU D 155 28.75 -5.89 4.31
C LEU D 155 27.25 -5.96 4.36
N PHE D 156 26.58 -5.27 3.45
CA PHE D 156 25.12 -5.22 3.42
C PHE D 156 24.62 -6.24 2.41
N GLY D 157 23.66 -7.07 2.82
CA GLY D 157 23.13 -8.06 1.89
C GLY D 157 21.77 -8.56 2.32
N GLY D 158 21.08 -9.18 1.36
CA GLY D 158 19.80 -9.82 1.60
C GLY D 158 19.94 -11.28 1.95
N ALA D 159 18.91 -12.06 1.60
CA ALA D 159 18.90 -13.49 1.89
C ALA D 159 19.59 -14.26 0.77
N GLY D 160 20.61 -15.03 1.13
CA GLY D 160 21.28 -15.88 0.16
C GLY D 160 21.93 -15.14 -0.99
N VAL D 161 22.66 -14.06 -0.69
CA VAL D 161 23.25 -13.23 -1.75
C VAL D 161 24.71 -13.59 -1.95
N GLY D 162 25.40 -13.99 -0.89
CA GLY D 162 26.82 -14.29 -1.00
C GLY D 162 27.72 -13.61 0.02
N LYS D 163 27.16 -13.19 1.15
CA LYS D 163 27.97 -12.51 2.16
C LYS D 163 29.05 -13.43 2.73
N THR D 164 28.68 -14.66 3.05
CA THR D 164 29.57 -15.52 3.84
C THR D 164 30.81 -15.93 3.05
N VAL D 165 30.66 -16.18 1.74
CA VAL D 165 31.82 -16.56 0.94
C VAL D 165 32.83 -15.41 0.91
N LEU D 166 32.35 -14.17 0.76
CA LEU D 166 33.26 -13.03 0.77
C LEU D 166 33.89 -12.82 2.14
N ILE D 167 33.13 -13.00 3.21
CA ILE D 167 33.69 -12.78 4.55
C ILE D 167 34.75 -13.85 4.86
N GLN D 168 34.53 -15.08 4.40
CA GLN D 168 35.53 -16.10 4.64
C GLN D 168 36.74 -15.94 3.72
N GLU D 169 36.55 -15.39 2.53
CA GLU D 169 37.71 -14.99 1.72
C GLU D 169 38.51 -13.93 2.46
N LEU D 170 37.84 -12.97 3.09
CA LEU D 170 38.55 -11.94 3.84
C LEU D 170 39.34 -12.52 4.99
N ILE D 171 38.74 -13.44 5.76
CA ILE D 171 39.47 -13.94 6.93
C ILE D 171 40.58 -14.90 6.47
N HIS D 172 40.43 -15.52 5.29
CA HIS D 172 41.51 -16.34 4.74
C HIS D 172 42.68 -15.47 4.30
N ASN D 173 42.40 -14.38 3.57
CA ASN D 173 43.48 -13.58 2.99
C ASN D 173 44.20 -12.74 4.04
N ILE D 174 43.44 -12.12 4.95
CA ILE D 174 44.01 -11.09 5.80
C ILE D 174 44.67 -11.70 7.04
N ALA D 175 43.93 -12.53 7.77
CA ALA D 175 44.42 -13.03 9.06
C ALA D 175 45.65 -13.90 8.90
N GLN D 176 45.83 -14.53 7.74
CA GLN D 176 46.99 -15.39 7.53
C GLN D 176 48.29 -14.59 7.53
N GLU D 177 48.25 -13.34 7.09
CA GLU D 177 49.43 -12.48 7.05
C GLU D 177 49.47 -11.49 8.21
N HIS D 178 48.35 -10.82 8.48
CA HIS D 178 48.30 -9.83 9.55
C HIS D 178 48.59 -10.49 10.90
N GLY D 179 49.49 -9.89 11.67
CA GLY D 179 49.87 -10.40 12.96
C GLY D 179 48.96 -10.05 14.10
N GLY D 180 47.88 -9.31 13.83
CA GLY D 180 46.98 -8.91 14.89
C GLY D 180 46.16 -10.08 15.41
N ILE D 181 45.75 -9.96 16.67
CA ILE D 181 44.87 -10.95 17.28
C ILE D 181 43.52 -10.90 16.61
N SER D 182 43.04 -12.07 16.16
CA SER D 182 41.82 -12.16 15.38
C SER D 182 40.70 -12.74 16.24
N VAL D 183 39.53 -12.12 16.18
CA VAL D 183 38.34 -12.60 16.86
C VAL D 183 37.20 -12.65 15.86
N PHE D 184 36.60 -13.83 15.70
CA PHE D 184 35.43 -14.02 14.85
C PHE D 184 34.25 -14.35 15.77
N ALA D 185 33.20 -13.55 15.69
CA ALA D 185 32.01 -13.72 16.51
C ALA D 185 30.80 -13.89 15.60
N GLY D 186 30.02 -14.94 15.85
CA GLY D 186 28.80 -15.21 15.10
C GLY D 186 27.59 -14.90 15.96
N VAL D 187 26.67 -14.11 15.39
CA VAL D 187 25.48 -13.68 16.09
C VAL D 187 24.22 -14.35 15.55
N GLY D 188 24.15 -14.59 14.25
CA GLY D 188 22.91 -15.10 13.69
C GLY D 188 23.01 -16.09 12.53
N GLU D 189 24.17 -16.65 12.27
CA GLU D 189 24.27 -17.63 11.19
C GLU D 189 24.01 -19.04 11.67
N ARG D 190 24.08 -19.96 10.73
CA ARG D 190 23.78 -21.37 10.94
C ARG D 190 24.89 -22.07 11.71
N THR D 191 24.49 -23.06 12.51
CA THR D 191 25.44 -23.78 13.37
C THR D 191 26.42 -24.61 12.56
N ARG D 192 25.99 -25.11 11.39
CA ARG D 192 26.86 -25.98 10.60
C ARG D 192 28.11 -25.24 10.14
N GLU D 193 27.94 -24.00 9.67
CA GLU D 193 29.09 -23.19 9.27
C GLU D 193 30.02 -22.94 10.45
N GLY D 194 29.45 -22.65 11.63
CA GLY D 194 30.27 -22.39 12.79
C GLY D 194 31.07 -23.59 13.23
N ASN D 195 30.48 -24.79 13.13
CA ASN D 195 31.22 -26.00 13.47
C ASN D 195 32.25 -26.37 12.42
N ASP D 196 31.97 -26.08 11.14
CA ASP D 196 32.95 -26.35 10.10
C ASP D 196 34.14 -25.41 10.21
N LEU D 197 33.90 -24.16 10.58
CA LEU D 197 34.97 -23.17 10.63
C LEU D 197 36.01 -23.51 11.68
N TYR D 198 35.59 -24.10 12.81
CA TYR D 198 36.57 -24.45 13.84
C TYR D 198 37.53 -25.51 13.32
N HIS D 199 37.02 -26.52 12.62
CA HIS D 199 37.90 -27.56 12.07
C HIS D 199 38.81 -26.97 10.99
N GLU D 200 38.27 -26.08 10.16
CA GLU D 200 39.10 -25.44 9.15
C GLU D 200 40.20 -24.60 9.79
N MET D 201 39.90 -23.95 10.92
CA MET D 201 40.91 -23.20 11.65
C MET D 201 41.97 -24.14 12.24
N LYS D 202 41.52 -25.27 12.81
CA LYS D 202 42.47 -26.24 13.37
C LYS D 202 43.41 -26.77 12.29
N ASP D 203 42.99 -26.75 11.03
CA ASP D 203 43.90 -27.11 9.95
C ASP D 203 44.71 -25.93 9.44
N SER D 204 44.17 -24.72 9.49
CA SER D 204 44.82 -23.57 8.86
C SER D 204 46.04 -23.08 9.63
N GLY D 205 46.15 -23.38 10.92
CA GLY D 205 47.23 -22.85 11.73
C GLY D 205 46.97 -21.49 12.32
N VAL D 206 45.84 -20.85 11.99
CA VAL D 206 45.49 -19.57 12.60
C VAL D 206 44.97 -19.74 14.02
N ILE D 207 44.66 -20.97 14.42
CA ILE D 207 44.10 -21.22 15.75
C ILE D 207 44.99 -20.72 16.86
N SER D 208 46.31 -20.68 16.64
CA SER D 208 47.21 -20.20 17.69
C SER D 208 46.97 -18.74 18.02
N LYS D 209 46.53 -17.95 17.04
CA LYS D 209 46.39 -16.51 17.21
C LYS D 209 44.94 -16.03 17.19
N THR D 210 43.98 -16.93 17.39
CA THR D 210 42.57 -16.60 17.25
C THR D 210 41.75 -17.21 18.37
N ALA D 211 40.66 -16.53 18.75
CA ALA D 211 39.68 -17.02 19.70
C ALA D 211 38.30 -16.91 19.08
N MET D 212 37.36 -17.73 19.54
CA MET D 212 36.02 -17.74 18.95
C MET D 212 34.95 -17.86 20.03
N VAL D 213 33.77 -17.32 19.72
CA VAL D 213 32.61 -17.36 20.61
C VAL D 213 31.40 -17.77 19.78
N PHE D 214 30.52 -18.59 20.35
CA PHE D 214 29.39 -19.14 19.61
C PHE D 214 28.16 -19.22 20.50
N GLY D 215 27.16 -19.95 20.01
CA GLY D 215 25.86 -20.13 20.65
C GLY D 215 24.71 -20.11 19.65
N GLN D 216 24.86 -19.30 18.61
CA GLN D 216 24.07 -19.29 17.36
C GLN D 216 22.55 -19.39 17.61
N MET D 217 21.84 -20.00 16.66
CA MET D 217 20.40 -19.81 16.54
C MET D 217 19.59 -20.59 17.59
N ASN D 218 20.09 -21.72 18.06
CA ASN D 218 19.23 -22.63 18.81
C ASN D 218 19.00 -22.18 20.25
N GLU D 219 19.21 -20.89 20.53
CA GLU D 219 19.01 -20.32 21.86
C GLU D 219 18.15 -19.07 21.77
N PRO D 220 17.46 -18.72 22.86
CA PRO D 220 16.56 -17.56 22.85
C PRO D 220 17.32 -16.26 22.65
N PRO D 221 16.61 -15.13 22.58
CA PRO D 221 17.29 -13.85 22.29
C PRO D 221 18.34 -13.45 23.30
N GLY D 222 18.25 -13.91 24.54
CA GLY D 222 19.17 -13.44 25.57
C GLY D 222 20.62 -13.75 25.24
N ALA D 223 20.88 -14.89 24.62
CA ALA D 223 22.25 -15.24 24.25
C ALA D 223 22.64 -14.59 22.93
N ARG D 224 21.70 -14.50 22.00
CA ARG D 224 22.00 -13.91 20.70
C ARG D 224 22.27 -12.41 20.80
N MET D 225 21.85 -11.78 21.90
CA MET D 225 22.17 -10.38 22.11
C MET D 225 23.60 -10.19 22.61
N ARG D 226 24.00 -10.98 23.61
CA ARG D 226 25.31 -10.79 24.26
C ARG D 226 26.45 -11.48 23.52
N VAL D 227 26.14 -12.40 22.60
CA VAL D 227 27.20 -13.08 21.86
C VAL D 227 27.97 -12.12 20.97
N ALA D 228 27.34 -11.01 20.57
CA ALA D 228 28.05 -10.00 19.79
C ALA D 228 29.07 -9.26 20.65
N LEU D 229 28.69 -8.88 21.86
CA LEU D 229 29.57 -8.11 22.74
C LEU D 229 30.65 -8.94 23.42
N THR D 230 30.50 -10.27 23.48
CA THR D 230 31.55 -11.09 24.11
C THR D 230 32.90 -10.94 23.38
N GLY D 231 32.89 -11.05 22.05
CA GLY D 231 34.13 -10.91 21.31
C GLY D 231 34.73 -9.53 21.43
N LEU D 232 33.87 -8.51 21.46
CA LEU D 232 34.35 -7.16 21.71
C LEU D 232 34.95 -7.02 23.10
N THR D 233 34.39 -7.73 24.08
CA THR D 233 34.99 -7.73 25.42
C THR D 233 36.39 -8.33 25.40
N MET D 234 36.63 -9.32 24.55
CA MET D 234 38.00 -9.81 24.41
C MET D 234 38.91 -8.80 23.69
N ALA D 235 38.43 -8.25 22.57
CA ALA D 235 39.26 -7.32 21.80
C ALA D 235 39.59 -6.07 22.61
N GLU D 236 38.70 -5.68 23.52
CA GLU D 236 38.95 -4.50 24.34
C GLU D 236 40.17 -4.69 25.24
N TYR D 237 40.26 -5.84 25.91
CA TYR D 237 41.43 -6.11 26.73
C TYR D 237 42.68 -6.24 25.88
N PHE D 238 42.56 -6.85 24.69
CA PHE D 238 43.75 -6.96 23.84
C PHE D 238 44.24 -5.60 23.36
N ARG D 239 43.32 -4.65 23.13
CA ARG D 239 43.76 -3.34 22.66
C ARG D 239 44.26 -2.45 23.79
N ASP D 240 43.50 -2.37 24.89
CA ASP D 240 43.77 -1.35 25.90
C ASP D 240 45.04 -1.63 26.68
N GLU D 241 45.38 -2.90 26.93
CA GLU D 241 46.51 -3.24 27.77
C GLU D 241 47.68 -3.82 26.97
N GLN D 242 47.44 -4.87 26.20
CA GLN D 242 48.54 -5.50 25.46
C GLN D 242 49.00 -4.64 24.30
N GLY D 243 48.06 -3.99 23.61
CA GLY D 243 48.39 -2.97 22.63
C GLY D 243 48.62 -3.43 21.21
N GLN D 244 48.53 -4.73 20.93
CA GLN D 244 48.71 -5.17 19.56
C GLN D 244 47.45 -4.91 18.73
N ASP D 245 47.62 -4.95 17.42
CA ASP D 245 46.50 -4.75 16.51
C ASP D 245 45.48 -5.88 16.66
N VAL D 246 44.23 -5.58 16.34
CA VAL D 246 43.16 -6.58 16.45
C VAL D 246 42.29 -6.55 15.19
N LEU D 247 41.95 -7.75 14.72
CA LEU D 247 40.94 -7.98 13.70
C LEU D 247 39.67 -8.47 14.40
N LEU D 248 38.54 -7.88 14.05
CA LEU D 248 37.27 -8.28 14.64
C LEU D 248 36.24 -8.48 13.53
N PHE D 249 35.92 -9.74 13.25
CA PHE D 249 34.82 -10.06 12.35
C PHE D 249 33.59 -10.35 13.20
N ILE D 250 32.48 -9.68 12.88
CA ILE D 250 31.21 -9.90 13.56
C ILE D 250 30.15 -10.20 12.51
N ASP D 251 29.37 -11.25 12.76
CA ASP D 251 28.58 -11.90 11.72
C ASP D 251 27.10 -11.73 12.06
N ASN D 252 26.38 -11.01 11.20
CA ASN D 252 24.93 -10.85 11.28
C ASN D 252 24.52 -10.22 12.61
N ILE D 253 24.95 -8.98 12.80
CA ILE D 253 24.55 -8.20 13.97
C ILE D 253 23.08 -7.79 13.89
N PHE D 254 22.44 -7.97 12.73
CA PHE D 254 21.02 -7.69 12.61
C PHE D 254 20.25 -8.42 13.69
N ARG D 255 20.61 -9.68 13.96
CA ARG D 255 19.87 -10.48 14.93
C ARG D 255 20.03 -9.96 16.34
N PHE D 256 21.01 -9.08 16.61
CA PHE D 256 21.01 -8.34 17.86
C PHE D 256 19.78 -7.44 17.96
N THR D 257 19.47 -6.72 16.87
CA THR D 257 18.23 -5.97 16.78
C THR D 257 17.01 -6.90 16.83
N GLN D 258 16.99 -7.91 15.98
CA GLN D 258 15.79 -8.73 15.83
C GLN D 258 15.43 -9.41 17.14
N ALA D 259 16.43 -9.93 17.85
CA ALA D 259 16.22 -10.50 19.18
C ALA D 259 15.52 -9.50 20.09
N GLY D 260 15.98 -8.25 20.08
CA GLY D 260 15.38 -7.23 20.92
C GLY D 260 13.91 -7.02 20.65
N SER D 261 13.45 -7.31 19.43
CA SER D 261 12.03 -7.22 19.15
C SER D 261 11.26 -8.28 19.91
N GLU D 262 11.76 -9.51 19.90
CA GLU D 262 10.97 -10.64 20.39
C GLU D 262 10.70 -10.54 21.88
N VAL D 263 11.69 -10.09 22.66
CA VAL D 263 11.43 -9.86 24.08
C VAL D 263 10.60 -8.62 24.34
N SER D 264 10.66 -7.64 23.43
CA SER D 264 10.10 -6.32 23.70
C SER D 264 8.61 -6.41 24.03
N ALA D 265 7.86 -7.16 23.22
CA ALA D 265 6.42 -7.25 23.42
C ALA D 265 6.06 -7.77 24.80
N LEU D 266 6.94 -8.56 25.42
CA LEU D 266 6.66 -9.07 26.75
C LEU D 266 7.16 -8.16 27.86
N LEU D 267 8.05 -7.21 27.56
CA LEU D 267 8.61 -6.35 28.59
C LEU D 267 7.77 -5.12 28.88
N GLY D 268 6.66 -4.92 28.17
CA GLY D 268 5.80 -3.78 28.39
C GLY D 268 6.02 -2.62 27.45
N ARG D 269 6.92 -2.74 26.48
CA ARG D 269 7.11 -1.69 25.50
C ARG D 269 6.09 -1.83 24.37
N MET D 270 5.65 -0.71 23.86
CA MET D 270 4.71 -0.66 22.76
C MET D 270 5.43 -0.92 21.43
N PRO D 271 4.71 -1.42 20.43
CA PRO D 271 5.31 -1.56 19.10
C PRO D 271 5.53 -0.20 18.44
N SER D 272 6.32 -0.22 17.37
CA SER D 272 6.68 1.02 16.69
C SER D 272 6.97 0.72 15.23
N ALA D 273 6.49 1.58 14.34
CA ALA D 273 6.74 1.49 12.90
C ALA D 273 6.39 0.11 12.36
N VAL D 274 7.37 -0.55 11.72
CA VAL D 274 7.16 -1.89 11.20
C VAL D 274 6.85 -2.87 12.33
N GLY D 275 7.35 -2.60 13.54
CA GLY D 275 7.13 -3.49 14.66
C GLY D 275 8.32 -3.60 15.58
N TYR D 276 9.42 -2.92 15.26
CA TYR D 276 10.60 -2.96 16.09
C TYR D 276 10.35 -2.27 17.43
N GLN D 277 11.19 -2.60 18.41
CA GLN D 277 11.07 -2.01 19.72
C GLN D 277 11.39 -0.52 19.68
N PRO D 278 10.82 0.27 20.59
CA PRO D 278 11.06 1.73 20.54
C PRO D 278 12.49 2.14 20.84
N THR D 279 13.28 1.29 21.50
CA THR D 279 14.65 1.64 21.89
C THR D 279 15.69 1.20 20.88
N LEU D 280 15.37 1.26 19.59
CA LEU D 280 16.32 0.84 18.56
C LEU D 280 17.63 1.61 18.63
N ALA D 281 17.56 2.94 18.53
CA ALA D 281 18.78 3.74 18.49
C ALA D 281 19.56 3.65 19.79
N THR D 282 18.86 3.72 20.93
CA THR D 282 19.54 3.69 22.22
C THR D 282 20.24 2.37 22.46
N GLU D 283 19.60 1.25 22.11
CA GLU D 283 20.25 -0.05 22.28
C GLU D 283 21.39 -0.25 21.30
N MET D 284 21.24 0.23 20.06
CA MET D 284 22.26 -0.05 19.06
C MET D 284 23.49 0.83 19.23
N GLY D 285 23.31 2.09 19.63
CA GLY D 285 24.43 2.99 19.78
C GLY D 285 25.40 2.55 20.87
N GLN D 286 24.88 1.97 21.95
CA GLN D 286 25.72 1.50 23.04
C GLN D 286 26.67 0.39 22.59
N LEU D 287 26.41 -0.21 21.43
CA LEU D 287 27.28 -1.20 20.80
C LEU D 287 28.14 -0.62 19.69
N GLN D 288 27.55 0.16 18.78
CA GLN D 288 28.30 0.58 17.60
C GLN D 288 29.39 1.60 17.92
N GLU D 289 29.34 2.25 19.08
CA GLU D 289 30.35 3.22 19.47
C GLU D 289 31.42 2.61 20.38
N ARG D 290 31.26 1.34 20.77
CA ARG D 290 32.29 0.66 21.55
C ARG D 290 33.44 0.16 20.68
N ILE D 291 33.13 -0.33 19.49
CA ILE D 291 34.16 -0.79 18.57
C ILE D 291 34.74 0.41 17.83
N THR D 292 35.81 0.99 18.37
CA THR D 292 36.48 2.13 17.76
C THR D 292 37.99 1.96 17.87
N SER D 293 38.70 2.61 16.97
CA SER D 293 40.15 2.71 17.06
C SER D 293 40.52 3.90 17.94
N THR D 294 41.55 3.71 18.76
CA THR D 294 42.00 4.73 19.69
C THR D 294 43.45 5.07 19.39
N ALA D 295 43.97 6.07 20.11
CA ALA D 295 45.37 6.43 19.97
C ALA D 295 46.29 5.32 20.48
N LYS D 296 45.81 4.53 21.44
CA LYS D 296 46.65 3.47 22.00
C LYS D 296 46.78 2.30 21.03
N GLY D 297 45.68 1.89 20.39
CA GLY D 297 45.71 0.75 19.50
C GLY D 297 44.69 0.91 18.39
N SER D 298 44.95 0.20 17.30
CA SER D 298 44.12 0.26 16.10
C SER D 298 43.28 -1.01 16.00
N ILE D 299 41.97 -0.85 15.85
CA ILE D 299 41.02 -1.95 15.72
C ILE D 299 40.48 -1.92 14.31
N THR D 300 40.60 -3.04 13.58
CA THR D 300 39.97 -3.15 12.28
C THR D 300 38.83 -4.16 12.37
N SER D 301 37.63 -3.71 12.02
CA SER D 301 36.41 -4.46 12.28
C SER D 301 35.57 -4.56 11.00
N ILE D 302 35.15 -5.79 10.69
CA ILE D 302 34.26 -6.09 9.58
C ILE D 302 32.97 -6.65 10.17
N GLN D 303 31.84 -6.26 9.59
CA GLN D 303 30.54 -6.71 10.07
C GLN D 303 29.67 -7.16 8.91
N ALA D 304 28.75 -8.08 9.23
CA ALA D 304 27.75 -8.56 8.29
C ALA D 304 26.38 -8.02 8.68
N ILE D 305 25.64 -7.51 7.70
CA ILE D 305 24.31 -6.95 7.87
C ILE D 305 23.36 -7.65 6.89
N TYR D 306 22.25 -8.16 7.40
CA TYR D 306 21.24 -8.81 6.57
C TYR D 306 20.01 -7.90 6.48
N VAL D 307 19.67 -7.50 5.26
CA VAL D 307 18.46 -6.68 5.06
C VAL D 307 17.23 -7.52 5.36
N PRO D 308 16.30 -7.04 6.19
CA PRO D 308 15.17 -7.90 6.59
C PRO D 308 14.32 -8.42 5.45
N ALA D 309 14.10 -7.62 4.39
CA ALA D 309 13.22 -8.06 3.32
C ALA D 309 13.76 -7.67 1.95
N ASP D 310 15.08 -7.65 1.79
CA ASP D 310 15.77 -7.29 0.55
C ASP D 310 15.50 -5.85 0.13
N ASP D 311 14.91 -5.04 1.00
CA ASP D 311 14.55 -3.65 0.69
C ASP D 311 15.16 -2.74 1.74
N TYR D 312 15.89 -1.71 1.30
CA TYR D 312 16.74 -0.93 2.22
C TYR D 312 16.00 0.13 3.01
N THR D 313 14.79 0.56 2.61
CA THR D 313 14.06 1.58 3.36
C THR D 313 13.32 0.94 4.54
N ASP D 314 14.11 0.44 5.48
CA ASP D 314 13.69 -0.27 6.67
C ASP D 314 14.42 0.38 7.84
N PRO D 315 13.74 0.61 8.97
CA PRO D 315 14.40 1.29 10.09
C PRO D 315 15.70 0.64 10.56
N ALA D 316 15.83 -0.68 10.50
CA ALA D 316 17.09 -1.29 10.94
C ALA D 316 18.26 -0.92 10.02
N PRO D 317 18.19 -1.10 8.69
CA PRO D 317 19.29 -0.59 7.86
C PRO D 317 19.48 0.91 7.93
N ALA D 318 18.39 1.67 8.08
CA ALA D 318 18.53 3.12 8.19
C ALA D 318 19.33 3.50 9.43
N THR D 319 19.07 2.84 10.56
CA THR D 319 19.84 3.10 11.76
C THR D 319 21.26 2.57 11.65
N THR D 320 21.47 1.48 10.94
CA THR D 320 22.83 0.94 10.82
C THR D 320 23.69 1.78 9.89
N PHE D 321 23.09 2.49 8.93
CA PHE D 321 23.87 3.16 7.90
C PHE D 321 24.71 4.31 8.46
N SER D 322 24.43 4.78 9.68
CA SER D 322 25.03 6.01 10.18
C SER D 322 26.40 5.82 10.81
N HIS D 323 26.87 4.58 11.00
CA HIS D 323 28.10 4.34 11.71
C HIS D 323 29.23 3.78 10.86
N LEU D 324 28.92 3.22 9.69
CA LEU D 324 29.97 2.63 8.87
C LEU D 324 30.83 3.70 8.20
N ASP D 325 32.11 3.37 8.05
CA ASP D 325 33.06 4.21 7.32
C ASP D 325 33.12 3.84 5.84
N ALA D 326 32.78 2.61 5.50
CA ALA D 326 32.71 2.16 4.13
C ALA D 326 31.70 1.02 4.06
N THR D 327 30.76 1.12 3.13
CA THR D 327 29.71 0.13 2.95
C THR D 327 29.77 -0.43 1.54
N THR D 328 29.62 -1.74 1.41
CA THR D 328 29.42 -2.37 0.12
C THR D 328 28.06 -3.07 0.11
N ASN D 329 27.24 -2.74 -0.88
CA ASN D 329 25.90 -3.27 -0.99
C ASN D 329 25.85 -4.45 -1.95
N LEU D 330 24.97 -5.40 -1.66
CA LEU D 330 24.76 -6.56 -2.49
C LEU D 330 23.30 -6.60 -2.94
N GLU D 331 23.09 -6.75 -4.25
CA GLU D 331 21.75 -6.78 -4.82
C GLU D 331 21.46 -8.20 -5.30
N ARG D 332 20.31 -8.74 -4.91
CA ARG D 332 19.95 -10.09 -5.31
C ARG D 332 19.83 -10.22 -6.82
N LYS D 333 19.58 -9.12 -7.52
CA LYS D 333 19.60 -9.16 -8.99
C LYS D 333 20.96 -9.62 -9.50
N LEU D 334 22.04 -9.10 -8.91
CA LEU D 334 23.37 -9.55 -9.29
C LEU D 334 23.62 -10.99 -8.89
N ALA D 335 23.00 -11.45 -7.81
CA ALA D 335 23.09 -12.87 -7.45
C ALA D 335 22.44 -13.74 -8.51
N GLU D 336 21.29 -13.32 -9.03
CA GLU D 336 20.63 -14.10 -10.08
C GLU D 336 21.31 -13.96 -11.44
N MET D 337 22.05 -12.86 -11.69
CA MET D 337 22.70 -12.71 -12.98
C MET D 337 23.87 -13.67 -13.17
N GLY D 338 24.39 -14.25 -12.09
CA GLY D 338 25.52 -15.16 -12.22
C GLY D 338 26.86 -14.48 -12.36
N ILE D 339 26.99 -13.25 -11.86
CA ILE D 339 28.26 -12.52 -11.87
C ILE D 339 28.62 -12.26 -10.41
N TYR D 340 29.40 -13.17 -9.83
CA TYR D 340 29.78 -13.05 -8.43
C TYR D 340 31.15 -12.39 -8.29
N PRO D 341 31.37 -11.61 -7.22
CA PRO D 341 30.44 -11.27 -6.13
C PRO D 341 29.34 -10.32 -6.58
N ALA D 342 28.30 -10.15 -5.77
CA ALA D 342 27.13 -9.37 -6.16
C ALA D 342 27.21 -7.92 -5.69
N VAL D 343 28.41 -7.35 -5.61
CA VAL D 343 28.54 -5.96 -5.18
C VAL D 343 28.06 -5.04 -6.28
N ASP D 344 27.11 -4.17 -5.94
CA ASP D 344 26.63 -3.16 -6.88
C ASP D 344 27.53 -1.94 -6.79
N PRO D 345 28.21 -1.55 -7.87
CA PRO D 345 29.13 -0.40 -7.78
C PRO D 345 28.46 0.91 -7.43
N LEU D 346 27.17 1.08 -7.75
CA LEU D 346 26.56 2.40 -7.66
C LEU D 346 26.44 2.86 -6.21
N ALA D 347 25.91 2.01 -5.34
CA ALA D 347 25.62 2.38 -3.96
C ALA D 347 26.75 2.07 -2.99
N SER D 348 27.93 1.69 -3.49
CA SER D 348 29.06 1.35 -2.64
C SER D 348 29.99 2.56 -2.55
N THR D 349 30.17 3.08 -1.33
CA THR D 349 30.92 4.31 -1.13
C THR D 349 31.81 4.20 0.10
N SER D 350 32.89 4.99 0.11
CA SER D 350 33.89 4.93 1.16
C SER D 350 34.54 6.30 1.33
N ARG D 351 35.05 6.54 2.54
CA ARG D 351 35.80 7.75 2.85
C ARG D 351 37.16 7.79 2.19
N ALA D 352 37.65 6.66 1.67
CA ALA D 352 38.98 6.61 1.09
C ALA D 352 39.07 7.32 -0.26
N LEU D 353 37.95 7.48 -0.96
CA LEU D 353 37.96 8.09 -2.28
C LEU D 353 38.21 9.60 -2.18
N ALA D 354 39.41 9.93 -1.71
CA ALA D 354 39.89 11.30 -1.61
C ALA D 354 41.26 11.39 -2.25
N PRO D 355 41.59 12.53 -2.86
CA PRO D 355 42.87 12.61 -3.60
C PRO D 355 44.10 12.43 -2.74
N GLU D 356 44.04 12.75 -1.44
CA GLU D 356 45.24 12.68 -0.59
C GLU D 356 45.49 11.28 -0.05
N ILE D 357 44.63 10.29 -0.32
CA ILE D 357 44.80 8.94 0.20
C ILE D 357 45.03 7.93 -0.91
N VAL D 358 44.29 8.02 -2.01
CA VAL D 358 44.43 7.07 -3.12
C VAL D 358 45.18 7.65 -4.31
N GLY D 359 45.38 8.96 -4.37
CA GLY D 359 46.11 9.57 -5.46
C GLY D 359 45.24 9.85 -6.68
N GLU D 360 45.83 10.59 -7.62
CA GLU D 360 45.10 11.01 -8.81
C GLU D 360 44.96 9.89 -9.84
N GLU D 361 45.87 8.91 -9.85
CA GLU D 361 45.77 7.80 -10.78
C GLU D 361 44.58 6.89 -10.48
N HIS D 362 44.02 7.00 -9.29
CA HIS D 362 42.89 6.20 -8.82
C HIS D 362 41.56 6.88 -9.09
N TYR D 363 41.50 8.19 -8.79
CA TYR D 363 40.25 8.92 -8.75
C TYR D 363 39.61 9.01 -10.13
N GLN D 364 40.39 9.40 -11.15
CA GLN D 364 39.81 9.63 -12.47
C GLN D 364 39.23 8.34 -13.05
N VAL D 365 39.99 7.25 -12.96
CA VAL D 365 39.52 5.97 -13.50
C VAL D 365 38.30 5.47 -12.74
N ALA D 366 38.34 5.57 -11.40
CA ALA D 366 37.19 5.12 -10.62
C ALA D 366 35.94 5.94 -10.96
N ARG D 367 36.09 7.25 -11.08
CA ARG D 367 34.95 8.11 -11.40
C ARG D 367 34.41 7.82 -12.79
N LYS D 368 35.29 7.61 -13.76
CA LYS D 368 34.82 7.32 -15.12
C LYS D 368 34.06 6.00 -15.16
N VAL D 369 34.57 4.97 -14.49
CA VAL D 369 33.87 3.67 -14.49
C VAL D 369 32.52 3.80 -13.77
N GLN D 370 32.52 4.50 -12.64
CA GLN D 370 31.28 4.70 -11.87
C GLN D 370 30.24 5.44 -12.70
N GLN D 371 30.66 6.50 -13.39
CA GLN D 371 29.74 7.30 -14.20
C GLN D 371 29.22 6.50 -15.39
N THR D 372 30.07 5.71 -16.04
CA THR D 372 29.62 4.89 -17.15
C THR D 372 28.60 3.85 -16.69
N LEU D 373 28.85 3.21 -15.55
CA LEU D 373 27.90 2.23 -15.03
C LEU D 373 26.61 2.86 -14.55
N GLN D 374 26.64 4.12 -14.11
CA GLN D 374 25.40 4.82 -13.83
C GLN D 374 24.65 5.17 -15.11
N ARG D 375 25.38 5.56 -16.16
CA ARG D 375 24.74 5.97 -17.41
C ARG D 375 24.06 4.79 -18.10
N TYR D 376 24.70 3.62 -18.07
CA TYR D 376 24.14 2.43 -18.74
C TYR D 376 22.80 1.99 -18.13
N LYS D 377 22.55 2.34 -16.86
CA LYS D 377 21.42 1.77 -16.13
C LYS D 377 20.09 2.11 -16.79
N GLU D 378 19.93 3.35 -17.25
CA GLU D 378 18.66 3.76 -17.85
C GLU D 378 18.58 3.42 -19.33
N LEU D 379 19.71 3.42 -20.04
CA LEU D 379 19.72 3.03 -21.43
C LEU D 379 19.33 1.56 -21.60
N GLN D 380 19.81 0.70 -20.69
CA GLN D 380 19.44 -0.71 -20.80
C GLN D 380 17.95 -0.91 -20.56
N ASP D 381 17.32 -0.06 -19.74
CA ASP D 381 15.88 -0.15 -19.55
C ASP D 381 15.12 0.38 -20.75
N ILE D 382 15.63 1.45 -21.39
CA ILE D 382 15.02 1.95 -22.61
C ILE D 382 15.08 0.89 -23.71
N ILE D 383 16.18 0.13 -23.75
CA ILE D 383 16.34 -0.92 -24.75
C ILE D 383 15.21 -1.95 -24.65
N ALA D 384 14.69 -2.18 -23.44
CA ALA D 384 13.68 -3.21 -23.24
C ALA D 384 12.40 -2.96 -24.03
N ILE D 385 12.15 -1.72 -24.46
CA ILE D 385 10.94 -1.37 -25.20
C ILE D 385 11.28 -0.78 -26.57
N LEU D 386 12.22 0.17 -26.62
CA LEU D 386 12.49 0.87 -27.86
C LEU D 386 13.18 -0.01 -28.90
N GLY D 387 13.75 -1.13 -28.50
CA GLY D 387 14.42 -2.02 -29.43
C GLY D 387 15.91 -2.12 -29.18
N MET D 388 16.68 -2.42 -30.23
CA MET D 388 18.12 -2.57 -30.10
C MET D 388 18.93 -1.81 -31.14
N ASP D 389 18.32 -1.36 -32.23
CA ASP D 389 19.01 -0.54 -33.21
C ASP D 389 18.35 0.81 -33.45
N GLU D 390 17.18 1.05 -32.85
CA GLU D 390 16.57 2.38 -32.92
C GLU D 390 17.41 3.40 -32.16
N LEU D 391 18.07 2.97 -31.09
CA LEU D 391 19.04 3.83 -30.42
C LEU D 391 20.27 4.02 -31.29
N SER D 392 20.89 5.19 -31.17
CA SER D 392 22.03 5.53 -32.01
C SER D 392 23.23 4.65 -31.68
N ASP D 393 24.14 4.55 -32.65
CA ASP D 393 25.33 3.72 -32.48
C ASP D 393 26.21 4.22 -31.34
N GLU D 394 26.31 5.55 -31.19
CA GLU D 394 27.09 6.11 -30.09
C GLU D 394 26.49 5.70 -28.75
N ASP D 395 25.15 5.69 -28.66
CA ASP D 395 24.51 5.20 -27.44
C ASP D 395 24.76 3.70 -27.25
N LYS D 396 24.74 2.93 -28.34
CA LYS D 396 24.95 1.50 -28.23
C LYS D 396 26.37 1.16 -27.79
N LEU D 397 27.34 2.04 -28.10
CA LEU D 397 28.71 1.82 -27.64
C LEU D 397 28.80 1.83 -26.12
N VAL D 398 27.95 2.62 -25.46
CA VAL D 398 27.91 2.64 -24.00
C VAL D 398 27.60 1.25 -23.47
N VAL D 399 26.57 0.60 -24.03
CA VAL D 399 26.26 -0.77 -23.64
C VAL D 399 27.40 -1.71 -24.02
N HIS D 400 27.93 -1.54 -25.23
CA HIS D 400 28.98 -2.42 -25.74
C HIS D 400 30.19 -2.46 -24.82
N ARG D 401 30.50 -1.36 -24.15
CA ARG D 401 31.62 -1.33 -23.23
C ARG D 401 31.22 -1.56 -21.77
N ALA D 402 30.02 -1.14 -21.37
CA ALA D 402 29.58 -1.35 -19.99
C ALA D 402 29.35 -2.82 -19.70
N ARG D 403 28.92 -3.60 -20.70
CA ARG D 403 28.78 -5.03 -20.49
C ARG D 403 30.13 -5.67 -20.12
N ARG D 404 31.18 -5.33 -20.87
CA ARG D 404 32.51 -5.83 -20.56
C ARG D 404 32.98 -5.35 -19.20
N ILE D 405 32.72 -4.07 -18.89
CA ILE D 405 33.15 -3.51 -17.60
C ILE D 405 32.49 -4.26 -16.46
N GLN D 406 31.19 -4.53 -16.57
CA GLN D 406 30.49 -5.24 -15.50
C GLN D 406 30.93 -6.69 -15.40
N PHE D 407 31.15 -7.35 -16.55
CA PHE D 407 31.57 -8.74 -16.53
C PHE D 407 32.95 -8.90 -15.89
N PHE D 408 33.88 -7.99 -16.20
CA PHE D 408 35.22 -8.08 -15.65
C PHE D 408 35.26 -7.88 -14.14
N LEU D 409 34.18 -7.36 -13.56
CA LEU D 409 34.11 -7.20 -12.11
C LEU D 409 34.08 -8.53 -11.38
N SER D 410 33.69 -9.61 -12.05
CA SER D 410 33.64 -10.92 -11.42
C SER D 410 35.05 -11.40 -11.10
N GLN D 411 35.16 -12.23 -10.06
CA GLN D 411 36.44 -12.77 -9.64
C GLN D 411 36.27 -14.23 -9.24
N ASN D 412 37.28 -15.04 -9.54
CA ASN D 412 37.32 -16.44 -9.11
C ASN D 412 38.04 -16.54 -7.76
N PHE D 413 37.25 -16.80 -6.71
CA PHE D 413 37.76 -16.77 -5.35
C PHE D 413 38.47 -18.08 -4.99
N HIS D 414 39.15 -18.05 -3.85
CA HIS D 414 39.92 -19.18 -3.36
C HIS D 414 39.14 -20.05 -2.39
N VAL D 415 38.20 -19.45 -1.63
CA VAL D 415 37.38 -20.22 -0.70
C VAL D 415 36.14 -20.80 -1.37
N ALA D 416 35.84 -20.41 -2.60
CA ALA D 416 34.70 -20.93 -3.33
C ALA D 416 35.05 -22.17 -4.14
N GLU D 417 36.21 -22.79 -3.88
CA GLU D 417 36.65 -23.95 -4.64
C GLU D 417 35.64 -25.08 -4.58
N GLN D 418 34.87 -25.18 -3.50
CA GLN D 418 33.83 -26.19 -3.42
C GLN D 418 32.73 -25.93 -4.43
N PHE D 419 32.27 -24.68 -4.52
CA PHE D 419 31.20 -24.34 -5.45
C PHE D 419 31.69 -24.17 -6.88
N THR D 420 32.95 -23.77 -7.06
CA THR D 420 33.51 -23.53 -8.37
C THR D 420 34.33 -24.70 -8.91
N GLY D 421 35.00 -25.45 -8.05
CA GLY D 421 35.91 -26.47 -8.52
C GLY D 421 37.18 -25.93 -9.12
N GLN D 422 37.57 -24.71 -8.76
CA GLN D 422 38.71 -24.03 -9.36
C GLN D 422 39.58 -23.41 -8.28
N PRO D 423 40.90 -23.39 -8.47
CA PRO D 423 41.79 -22.84 -7.42
C PRO D 423 41.82 -21.32 -7.36
N GLY D 424 41.43 -20.62 -8.41
CA GLY D 424 41.43 -19.17 -8.39
C GLY D 424 42.71 -18.54 -8.92
N SER D 425 42.79 -17.23 -8.71
CA SER D 425 43.93 -16.42 -9.15
C SER D 425 44.07 -15.23 -8.20
N TYR D 426 45.21 -14.54 -8.30
CA TYR D 426 45.52 -13.45 -7.39
C TYR D 426 45.90 -12.19 -8.16
N VAL D 427 45.44 -11.04 -7.66
CA VAL D 427 45.65 -9.74 -8.29
C VAL D 427 46.08 -8.71 -7.24
N PRO D 428 47.06 -7.87 -7.52
CA PRO D 428 47.29 -6.67 -6.70
C PRO D 428 46.55 -5.46 -7.25
N VAL D 429 46.42 -4.44 -6.40
CA VAL D 429 45.63 -3.25 -6.73
C VAL D 429 46.19 -2.54 -7.96
N LYS D 430 47.51 -2.57 -8.14
CA LYS D 430 48.11 -1.92 -9.30
C LYS D 430 47.57 -2.52 -10.59
N GLU D 431 47.49 -3.84 -10.64
CA GLU D 431 46.93 -4.52 -11.79
C GLU D 431 45.45 -4.20 -11.97
N THR D 432 44.70 -3.95 -10.89
CA THR D 432 43.30 -3.59 -11.03
C THR D 432 43.13 -2.23 -11.72
N VAL D 433 43.84 -1.21 -11.20
CA VAL D 433 43.73 0.10 -11.83
C VAL D 433 44.23 0.05 -13.27
N ARG D 434 45.32 -0.68 -13.49
CA ARG D 434 45.90 -0.89 -14.81
C ARG D 434 44.91 -1.55 -15.78
N GLY D 435 44.24 -2.61 -15.32
CA GLY D 435 43.31 -3.32 -16.19
C GLY D 435 42.09 -2.50 -16.53
N PHE D 436 41.58 -1.73 -15.57
CA PHE D 436 40.46 -0.85 -15.91
C PHE D 436 40.89 0.23 -16.90
N LYS D 437 42.12 0.73 -16.78
CA LYS D 437 42.59 1.70 -17.77
C LYS D 437 42.64 1.07 -19.16
N GLU D 438 43.12 -0.18 -19.27
CA GLU D 438 43.10 -0.83 -20.58
C GLU D 438 41.69 -1.07 -21.10
N ILE D 439 40.77 -1.52 -20.24
CA ILE D 439 39.42 -1.81 -20.74
C ILE D 439 38.76 -0.53 -21.24
N LEU D 440 39.07 0.61 -20.61
CA LEU D 440 38.59 1.87 -21.19
C LEU D 440 39.42 2.33 -22.38
N GLU D 441 40.65 1.81 -22.54
CA GLU D 441 41.51 2.22 -23.65
C GLU D 441 41.02 1.71 -24.99
N GLY D 442 40.21 0.67 -25.02
CA GLY D 442 39.77 0.07 -26.27
C GLY D 442 40.60 -1.09 -26.77
N LYS D 443 41.47 -1.67 -25.92
CA LYS D 443 42.30 -2.77 -26.35
C LYS D 443 41.54 -4.08 -26.46
N TYR D 444 40.36 -4.20 -25.86
CA TYR D 444 39.66 -5.49 -25.79
C TYR D 444 38.24 -5.41 -26.33
N ASP D 445 38.04 -4.68 -27.44
CA ASP D 445 36.68 -4.57 -27.97
C ASP D 445 36.22 -5.85 -28.64
N HIS D 446 37.14 -6.66 -29.17
CA HIS D 446 36.77 -7.82 -29.98
C HIS D 446 36.74 -9.13 -29.21
N LEU D 447 37.09 -9.13 -27.92
CA LEU D 447 37.00 -10.37 -27.13
C LEU D 447 35.57 -10.56 -26.61
N PRO D 448 35.02 -11.77 -26.70
CA PRO D 448 33.63 -11.99 -26.29
C PRO D 448 33.40 -11.67 -24.82
N GLU D 449 32.18 -11.20 -24.53
CA GLU D 449 31.82 -10.84 -23.15
C GLU D 449 31.89 -12.05 -22.23
N ASP D 450 31.42 -13.21 -22.69
CA ASP D 450 31.39 -14.39 -21.85
C ASP D 450 32.78 -14.85 -21.42
N ALA D 451 33.83 -14.39 -22.10
CA ALA D 451 35.18 -14.73 -21.71
C ALA D 451 35.62 -14.01 -20.42
N PHE D 452 34.87 -13.00 -19.98
CA PHE D 452 35.28 -12.20 -18.83
C PHE D 452 34.67 -12.69 -17.54
N ARG D 453 33.90 -13.77 -17.57
CA ARG D 453 33.16 -14.24 -16.41
C ARG D 453 34.07 -15.05 -15.50
N LEU D 454 34.18 -14.64 -14.24
CA LEU D 454 34.94 -15.36 -13.22
C LEU D 454 36.40 -15.55 -13.62
N VAL D 455 37.08 -14.41 -13.79
CA VAL D 455 38.52 -14.38 -14.03
C VAL D 455 39.13 -13.36 -13.09
N GLY D 456 40.43 -13.52 -12.84
CA GLY D 456 41.16 -12.64 -11.95
C GLY D 456 41.94 -11.57 -12.69
N ARG D 457 43.26 -11.76 -12.77
CA ARG D 457 44.11 -10.82 -13.48
C ARG D 457 43.68 -10.71 -14.94
N ILE D 458 43.86 -9.52 -15.50
CA ILE D 458 43.42 -9.28 -16.88
C ILE D 458 44.16 -10.21 -17.85
N GLU D 459 45.40 -10.59 -17.51
CA GLU D 459 46.19 -11.45 -18.38
C GLU D 459 45.51 -12.79 -18.62
N GLU D 460 44.62 -13.20 -17.73
CA GLU D 460 43.91 -14.46 -17.91
C GLU D 460 42.93 -14.39 -19.08
N VAL D 461 42.35 -13.22 -19.35
CA VAL D 461 41.26 -13.13 -20.32
C VAL D 461 41.73 -13.59 -21.70
N VAL D 462 42.89 -13.09 -22.14
CA VAL D 462 43.40 -13.47 -23.45
C VAL D 462 43.67 -14.97 -23.51
N GLU D 463 43.95 -15.59 -22.36
CA GLU D 463 44.09 -17.05 -22.33
C GLU D 463 42.75 -17.74 -22.53
N LYS D 464 41.70 -17.24 -21.87
CA LYS D 464 40.40 -17.90 -21.94
C LYS D 464 39.86 -17.83 -23.37
N ALA D 465 40.03 -16.68 -24.03
CA ALA D 465 39.71 -16.58 -25.45
C ALA D 465 40.56 -17.55 -26.26
N LYS D 466 41.83 -17.73 -25.88
CA LYS D 466 42.65 -18.77 -26.48
C LYS D 466 42.07 -20.14 -26.20
N ALA D 467 41.50 -20.35 -25.01
CA ALA D 467 40.83 -21.60 -24.71
C ALA D 467 39.60 -21.80 -25.58
N MET D 468 38.85 -20.74 -25.84
CA MET D 468 37.70 -20.83 -26.73
C MET D 468 38.15 -20.86 -28.19
N THR E 2 -17.19 27.81 42.57
CA THR E 2 -15.77 27.63 42.85
C THR E 2 -15.02 27.38 41.53
N ARG E 3 -13.82 27.95 41.41
CA ARG E 3 -13.03 27.85 40.21
C ARG E 3 -12.40 26.46 40.11
N GLY E 4 -12.12 26.05 38.87
CA GLY E 4 -11.58 24.72 38.66
C GLY E 4 -10.14 24.58 39.13
N ARG E 5 -9.70 23.33 39.25
CA ARG E 5 -8.35 23.03 39.71
C ARG E 5 -7.70 22.00 38.79
N VAL E 6 -6.40 22.15 38.57
CA VAL E 6 -5.66 21.29 37.65
C VAL E 6 -5.06 20.13 38.41
N ILE E 7 -5.16 18.92 37.85
CA ILE E 7 -4.63 17.73 38.48
C ILE E 7 -3.82 16.90 37.50
N GLN E 8 -3.80 17.30 36.22
CA GLN E 8 -3.16 16.49 35.19
C GLN E 8 -2.72 17.36 34.03
N VAL E 9 -1.44 17.25 33.66
CA VAL E 9 -0.86 17.98 32.54
C VAL E 9 -0.03 17.03 31.70
N MET E 10 -0.33 16.96 30.40
CA MET E 10 0.48 16.20 29.43
C MET E 10 0.62 17.05 28.18
N GLY E 11 1.67 17.88 28.15
CA GLY E 11 1.94 18.72 27.01
C GLY E 11 0.77 19.62 26.66
N PRO E 12 0.35 19.58 25.39
CA PRO E 12 -0.77 20.42 24.96
C PRO E 12 -2.10 20.09 25.64
N VAL E 13 -2.27 18.89 26.18
CA VAL E 13 -3.55 18.44 26.71
C VAL E 13 -3.52 18.54 28.23
N VAL E 14 -4.57 19.13 28.82
CA VAL E 14 -4.61 19.38 30.25
C VAL E 14 -5.98 18.96 30.78
N ASP E 15 -5.98 18.28 31.93
CA ASP E 15 -7.23 17.89 32.58
C ASP E 15 -7.53 18.83 33.74
N VAL E 16 -8.82 19.13 33.92
CA VAL E 16 -9.28 20.02 34.97
C VAL E 16 -10.34 19.32 35.79
N LYS E 17 -10.57 19.85 36.99
CA LYS E 17 -11.52 19.28 37.93
C LYS E 17 -12.41 20.38 38.49
N PHE E 18 -13.70 20.08 38.64
CA PHE E 18 -14.69 21.00 39.16
C PHE E 18 -15.48 20.31 40.26
N GLU E 19 -15.22 20.70 41.51
CA GLU E 19 -15.88 20.06 42.64
C GLU E 19 -17.37 20.37 42.66
N ASN E 20 -18.13 19.47 43.28
CA ASN E 20 -19.57 19.53 43.51
C ASN E 20 -20.40 19.35 42.24
N GLY E 21 -19.79 19.07 41.09
CA GLY E 21 -20.54 18.76 39.90
C GLY E 21 -21.07 19.94 39.11
N HIS E 22 -20.63 21.16 39.42
CA HIS E 22 -21.02 22.33 38.63
C HIS E 22 -20.04 22.52 37.46
N LEU E 23 -19.96 21.49 36.63
CA LEU E 23 -19.08 21.48 35.47
C LEU E 23 -19.59 22.45 34.41
N PRO E 24 -18.70 22.95 33.54
CA PRO E 24 -19.16 23.75 32.41
C PRO E 24 -19.49 22.92 31.17
N ALA E 25 -19.93 23.62 30.14
CA ALA E 25 -20.41 22.96 28.93
C ALA E 25 -19.26 22.66 27.99
N ILE E 26 -19.54 21.80 27.01
CA ILE E 26 -18.54 21.45 26.00
C ILE E 26 -18.34 22.64 25.07
N TYR E 27 -17.09 22.82 24.63
CA TYR E 27 -16.64 23.93 23.80
C TYR E 27 -16.71 25.28 24.53
N ASN E 28 -16.80 25.27 25.85
CA ASN E 28 -16.67 26.50 26.61
C ASN E 28 -15.20 26.95 26.63
N ALA E 29 -14.98 28.12 27.22
CA ALA E 29 -13.63 28.68 27.37
C ALA E 29 -13.35 28.86 28.85
N LEU E 30 -12.14 28.48 29.26
CA LEU E 30 -11.67 28.62 30.63
C LEU E 30 -10.38 29.42 30.60
N LYS E 31 -10.15 30.24 31.62
CA LYS E 31 -8.97 31.08 31.65
C LYS E 31 -8.18 30.85 32.93
N ILE E 32 -6.86 31.02 32.82
CA ILE E 32 -5.94 30.89 33.95
C ILE E 32 -5.12 32.18 34.03
N GLN E 33 -5.03 32.74 35.23
CA GLN E 33 -4.21 33.92 35.49
C GLN E 33 -3.23 33.58 36.60
N HIS E 34 -1.93 33.60 36.28
CA HIS E 34 -0.92 33.19 37.22
C HIS E 34 0.24 34.17 37.22
N LYS E 35 0.85 34.33 38.38
CA LYS E 35 2.03 35.18 38.53
C LYS E 35 2.92 34.58 39.61
N ALA E 36 4.23 34.69 39.41
CA ALA E 36 5.19 34.09 40.33
C ALA E 36 5.16 34.81 41.68
N ARG E 37 4.89 34.04 42.74
CA ARG E 37 5.00 34.59 44.09
C ARG E 37 6.45 34.71 44.53
N ASN E 38 7.32 33.85 44.01
CA ASN E 38 8.74 33.88 44.27
C ASN E 38 9.48 33.48 43.00
N GLU E 39 10.79 33.27 43.12
CA GLU E 39 11.57 32.81 41.98
C GLU E 39 11.24 31.37 41.62
N ASN E 40 10.61 30.64 42.54
CA ASN E 40 10.28 29.23 42.33
C ASN E 40 9.05 29.04 41.44
N GLU E 41 8.48 30.12 40.92
CA GLU E 41 7.33 30.04 40.04
C GLU E 41 7.57 30.90 38.81
N VAL E 42 6.77 30.64 37.77
CA VAL E 42 6.85 31.38 36.51
C VAL E 42 5.45 31.88 36.16
N ASP E 43 5.40 33.04 35.52
CA ASP E 43 4.13 33.63 35.11
C ASP E 43 3.58 32.96 33.85
N ILE E 44 2.26 32.88 33.78
CA ILE E 44 1.58 32.30 32.61
C ILE E 44 0.13 32.75 32.65
N ASP E 45 -0.47 32.90 31.47
CA ASP E 45 -1.85 33.35 31.32
C ASP E 45 -2.58 32.48 30.31
N LEU E 46 -2.44 31.16 30.45
CA LEU E 46 -3.00 30.22 29.49
C LEU E 46 -4.52 30.19 29.56
N THR E 47 -5.14 29.78 28.45
CA THR E 47 -6.57 29.54 28.37
C THR E 47 -6.81 28.19 27.71
N LEU E 48 -7.94 27.59 28.05
CA LEU E 48 -8.24 26.22 27.65
C LEU E 48 -9.67 26.13 27.13
N GLU E 49 -9.92 25.11 26.31
CA GLU E 49 -11.24 24.83 25.77
C GLU E 49 -11.67 23.44 26.18
N VAL E 50 -12.89 23.33 26.71
CA VAL E 50 -13.43 22.03 27.09
C VAL E 50 -13.74 21.22 25.84
N ALA E 51 -13.36 19.94 25.84
CA ALA E 51 -13.60 19.09 24.68
C ALA E 51 -14.31 17.80 25.05
N LEU E 52 -14.08 17.30 26.26
CA LEU E 52 -14.70 16.05 26.68
C LEU E 52 -14.94 16.07 28.18
N HIS E 53 -15.95 15.31 28.60
CA HIS E 53 -16.16 14.99 30.01
C HIS E 53 -15.63 13.59 30.29
N LEU E 54 -15.21 13.36 31.53
CA LEU E 54 -14.60 12.10 31.90
C LEU E 54 -15.16 11.50 33.19
N GLY E 55 -16.15 12.14 33.82
CA GLY E 55 -16.71 11.63 35.05
C GLY E 55 -15.81 11.90 36.25
N ASP E 56 -16.39 11.73 37.42
CA ASP E 56 -15.75 12.05 38.70
C ASP E 56 -15.24 13.49 38.59
N ASP E 57 -16.16 14.37 38.16
CA ASP E 57 -15.96 15.82 38.12
C ASP E 57 -14.68 16.20 37.36
N THR E 58 -14.39 15.48 36.28
CA THR E 58 -13.16 15.64 35.54
C THR E 58 -13.47 15.98 34.08
N VAL E 59 -12.71 16.94 33.52
CA VAL E 59 -12.94 17.44 32.18
C VAL E 59 -11.60 17.49 31.45
N ARG E 60 -11.62 17.17 30.15
CA ARG E 60 -10.44 17.28 29.30
C ARG E 60 -10.45 18.61 28.56
N THR E 61 -9.26 19.20 28.39
CA THR E 61 -9.12 20.48 27.72
C THR E 61 -7.88 20.46 26.84
N ILE E 62 -7.93 21.22 25.74
CA ILE E 62 -6.83 21.37 24.82
C ILE E 62 -6.31 22.80 24.91
N ALA E 63 -4.99 22.96 24.92
CA ALA E 63 -4.37 24.25 25.17
C ALA E 63 -4.41 25.14 23.94
N MET E 64 -4.50 26.45 24.19
CA MET E 64 -4.54 27.45 23.13
C MET E 64 -3.20 28.17 22.95
N ALA E 65 -2.26 27.97 23.85
CA ALA E 65 -0.94 28.60 23.78
C ALA E 65 0.06 27.71 24.50
N SER E 66 1.25 28.24 24.74
CA SER E 66 2.29 27.47 25.45
C SER E 66 1.85 27.19 26.88
N THR E 67 2.20 26.00 27.38
CA THR E 67 1.63 25.50 28.63
C THR E 67 2.68 25.13 29.68
N ASP E 68 3.94 25.54 29.51
CA ASP E 68 4.97 25.18 30.47
C ASP E 68 4.80 25.96 31.78
N GLY E 69 5.19 25.32 32.88
CA GLY E 69 5.19 25.96 34.18
C GLY E 69 3.94 25.76 35.02
N LEU E 70 3.07 24.84 34.64
CA LEU E 70 1.87 24.60 35.43
C LEU E 70 2.19 23.80 36.69
N ILE E 71 1.38 24.01 37.73
CA ILE E 71 1.60 23.41 39.04
C ILE E 71 0.30 22.78 39.51
N ARG E 72 0.39 21.57 40.05
CA ARG E 72 -0.78 20.93 40.65
C ARG E 72 -1.25 21.73 41.85
N GLY E 73 -2.54 22.09 41.85
CA GLY E 73 -3.12 22.91 42.90
C GLY E 73 -3.50 24.31 42.47
N MET E 74 -3.06 24.75 41.29
CA MET E 74 -3.42 26.06 40.78
C MET E 74 -4.85 26.05 40.25
N GLU E 75 -5.40 27.24 40.05
CA GLU E 75 -6.82 27.41 39.79
C GLU E 75 -7.07 27.96 38.39
N VAL E 76 -8.16 27.48 37.77
CA VAL E 76 -8.60 27.94 36.46
C VAL E 76 -10.03 28.45 36.60
N ILE E 77 -10.29 29.63 36.04
CA ILE E 77 -11.55 30.35 36.25
C ILE E 77 -12.51 30.06 35.10
N ASP E 78 -13.78 30.33 35.33
CA ASP E 78 -14.85 30.03 34.39
C ASP E 78 -15.32 31.29 33.65
N THR E 79 -15.80 31.09 32.42
CA THR E 79 -16.31 32.17 31.61
C THR E 79 -17.78 32.04 31.24
N GLY E 80 -18.32 30.82 31.18
CA GLY E 80 -19.73 30.61 30.92
C GLY E 80 -20.15 30.65 29.46
N ALA E 81 -19.21 30.85 28.54
CA ALA E 81 -19.55 30.94 27.12
C ALA E 81 -18.30 30.61 26.32
N PRO E 82 -18.46 30.20 25.05
CA PRO E 82 -17.29 29.97 24.20
C PRO E 82 -16.47 31.23 24.01
N ILE E 83 -15.33 31.07 23.34
CA ILE E 83 -14.49 32.23 23.04
C ILE E 83 -15.28 33.22 22.22
N SER E 84 -15.11 34.51 22.53
CA SER E 84 -15.91 35.56 21.95
C SER E 84 -15.00 36.61 21.32
N VAL E 85 -15.39 37.10 20.15
CA VAL E 85 -14.63 38.14 19.47
C VAL E 85 -15.45 39.41 19.40
N PRO E 86 -14.86 40.59 19.61
CA PRO E 86 -15.61 41.83 19.42
C PRO E 86 -16.01 42.00 17.96
N VAL E 87 -17.18 42.60 17.76
CA VAL E 87 -17.71 42.86 16.43
C VAL E 87 -18.26 44.29 16.38
N GLY E 88 -18.29 44.84 15.18
CA GLY E 88 -18.72 46.22 14.99
C GLY E 88 -17.72 47.03 14.19
N GLU E 89 -17.78 48.36 14.34
CA GLU E 89 -16.86 49.22 13.61
C GLU E 89 -15.42 49.02 14.08
N VAL E 90 -15.23 48.60 15.33
CA VAL E 90 -13.89 48.49 15.91
C VAL E 90 -13.03 47.45 15.20
N THR E 91 -13.65 46.52 14.46
CA THR E 91 -12.90 45.42 13.87
C THR E 91 -12.16 45.80 12.61
N LEU E 92 -12.57 46.85 11.91
CA LEU E 92 -12.01 47.12 10.59
C LEU E 92 -10.66 47.82 10.69
N GLY E 93 -9.73 47.41 9.85
CA GLY E 93 -8.41 48.00 9.79
C GLY E 93 -7.40 47.43 10.76
N ARG E 94 -7.69 46.32 11.42
CA ARG E 94 -6.84 45.79 12.48
C ARG E 94 -6.60 44.30 12.28
N VAL E 95 -5.60 43.78 13.00
CA VAL E 95 -5.22 42.38 12.94
C VAL E 95 -5.30 41.81 14.35
N PHE E 96 -5.90 40.63 14.48
CA PHE E 96 -6.12 40.00 15.78
C PHE E 96 -5.60 38.58 15.76
N ASN E 97 -5.31 38.06 16.95
CA ASN E 97 -5.00 36.66 17.11
C ASN E 97 -6.29 35.85 17.27
N VAL E 98 -6.14 34.55 17.54
CA VAL E 98 -7.32 33.68 17.68
C VAL E 98 -8.14 34.09 18.90
N LEU E 99 -7.47 34.44 20.01
CA LEU E 99 -8.19 34.74 21.24
C LEU E 99 -8.96 36.06 21.14
N GLY E 100 -8.48 37.01 20.35
CA GLY E 100 -9.21 38.25 20.15
C GLY E 100 -8.37 39.51 20.25
N GLU E 101 -7.32 39.47 21.07
CA GLU E 101 -6.49 40.66 21.27
C GLU E 101 -5.78 41.04 19.96
N PRO E 102 -5.59 42.33 19.71
CA PRO E 102 -4.93 42.73 18.46
C PRO E 102 -3.42 42.54 18.54
N ILE E 103 -2.82 42.32 17.37
CA ILE E 103 -1.39 42.02 17.30
C ILE E 103 -0.55 43.27 17.08
N ASP E 104 -1.14 44.36 16.60
CA ASP E 104 -0.40 45.59 16.38
C ASP E 104 -0.27 46.38 17.68
N LEU E 105 0.57 47.41 17.66
CA LEU E 105 0.79 48.29 18.79
C LEU E 105 -0.17 49.48 18.81
N GLU E 106 -1.31 49.37 18.14
CA GLU E 106 -2.28 50.46 18.05
C GLU E 106 -3.28 50.44 19.20
N GLY E 107 -2.93 49.86 20.34
CA GLY E 107 -3.81 49.84 21.49
C GLY E 107 -4.77 48.66 21.49
N ASP E 108 -5.54 48.57 22.57
CA ASP E 108 -6.49 47.49 22.75
C ASP E 108 -7.86 47.89 22.23
N ILE E 109 -8.87 47.09 22.54
CA ILE E 109 -10.26 47.38 22.22
C ILE E 109 -11.03 47.49 23.53
N PRO E 110 -11.81 48.54 23.74
CA PRO E 110 -12.46 48.73 25.05
C PRO E 110 -13.47 47.64 25.35
N ALA E 111 -13.91 47.62 26.61
CA ALA E 111 -14.79 46.58 27.12
C ALA E 111 -16.26 46.86 26.90
N ASP E 112 -16.62 48.02 26.35
CA ASP E 112 -18.02 48.35 26.12
C ASP E 112 -18.56 47.82 24.79
N ALA E 113 -17.68 47.43 23.87
CA ALA E 113 -18.13 46.88 22.60
C ALA E 113 -18.71 45.49 22.79
N ARG E 114 -19.78 45.19 22.04
CA ARG E 114 -20.42 43.89 22.14
C ARG E 114 -19.55 42.81 21.50
N ARG E 115 -19.59 41.62 22.08
CA ARG E 115 -18.77 40.50 21.63
C ARG E 115 -19.66 39.32 21.26
N ASP E 116 -19.32 38.65 20.14
CA ASP E 116 -20.11 37.54 19.66
C ASP E 116 -19.35 36.22 19.79
N PRO E 117 -20.04 35.14 20.14
CA PRO E 117 -19.38 33.84 20.28
C PRO E 117 -19.01 33.25 18.92
N ILE E 118 -18.32 32.12 18.98
CA ILE E 118 -17.83 31.43 17.79
C ILE E 118 -18.69 30.22 17.44
N HIS E 119 -19.01 29.39 18.43
CA HIS E 119 -19.76 28.16 18.22
C HIS E 119 -21.25 28.47 18.27
N ARG E 120 -21.90 28.43 17.12
CA ARG E 120 -23.33 28.69 17.01
C ARG E 120 -23.93 27.79 15.95
N PRO E 121 -25.22 27.47 16.05
CA PRO E 121 -25.86 26.63 15.04
C PRO E 121 -25.94 27.30 13.69
N ALA E 122 -25.98 26.48 12.64
CA ALA E 122 -26.01 26.96 11.27
C ALA E 122 -27.37 27.55 10.93
N PRO E 123 -27.44 28.43 9.91
CA PRO E 123 -28.74 28.95 9.48
C PRO E 123 -29.63 27.84 8.92
N LYS E 124 -30.94 28.02 9.09
CA LYS E 124 -31.90 26.95 8.90
C LYS E 124 -32.38 26.84 7.47
N PHE E 125 -33.34 25.94 7.25
CA PHE E 125 -33.86 25.66 5.92
C PHE E 125 -34.65 26.85 5.36
N GLU E 126 -35.58 27.39 6.14
CA GLU E 126 -36.51 28.41 5.66
C GLU E 126 -35.87 29.78 5.47
N GLU E 127 -34.55 29.91 5.57
CA GLU E 127 -33.88 31.20 5.48
C GLU E 127 -32.91 31.29 4.31
N LEU E 128 -32.89 30.30 3.43
CA LEU E 128 -31.93 30.26 2.33
C LEU E 128 -32.47 31.00 1.11
N ALA E 129 -31.53 31.45 0.27
CA ALA E 129 -31.88 32.17 -0.95
C ALA E 129 -32.23 31.17 -2.05
N THR E 130 -33.33 31.43 -2.76
CA THR E 130 -33.87 30.51 -3.74
C THR E 130 -33.48 30.84 -5.18
N GLU E 131 -32.55 31.77 -5.39
CA GLU E 131 -32.14 32.17 -6.72
C GLU E 131 -30.62 32.18 -6.82
N VAL E 132 -30.11 31.85 -8.00
CA VAL E 132 -28.67 31.83 -8.25
C VAL E 132 -28.29 33.25 -8.68
N GLU E 133 -28.01 34.09 -7.69
CA GLU E 133 -27.59 35.47 -7.93
C GLU E 133 -26.09 35.50 -8.15
N ILE E 134 -25.67 35.90 -9.35
CA ILE E 134 -24.26 35.87 -9.72
C ILE E 134 -23.56 37.11 -9.15
N LEU E 135 -22.53 36.89 -8.34
CA LEU E 135 -21.72 37.99 -7.85
C LEU E 135 -20.92 38.61 -8.98
N GLU E 136 -20.86 39.94 -9.00
CA GLU E 136 -20.15 40.68 -10.02
C GLU E 136 -18.76 41.04 -9.52
N THR E 137 -17.73 40.57 -10.21
CA THR E 137 -16.35 40.78 -9.81
C THR E 137 -15.64 41.85 -10.62
N GLY E 138 -16.02 42.05 -11.88
CA GLY E 138 -15.37 43.03 -12.72
C GLY E 138 -14.06 42.58 -13.33
N ILE E 139 -13.71 41.31 -13.20
CA ILE E 139 -12.49 40.76 -13.78
C ILE E 139 -12.86 40.03 -15.06
N LYS E 140 -12.14 40.33 -16.14
CA LYS E 140 -12.63 39.99 -17.48
C LYS E 140 -12.75 38.48 -17.68
N VAL E 141 -11.69 37.74 -17.37
CA VAL E 141 -11.74 36.29 -17.58
C VAL E 141 -12.67 35.63 -16.57
N VAL E 142 -12.58 36.04 -15.31
CA VAL E 142 -13.30 35.35 -14.24
C VAL E 142 -14.81 35.54 -14.41
N ASP E 143 -15.24 36.72 -14.84
CA ASP E 143 -16.66 36.95 -15.07
C ASP E 143 -17.19 36.19 -16.29
N LEU E 144 -16.32 35.66 -17.14
CA LEU E 144 -16.76 34.94 -18.33
C LEU E 144 -16.68 33.43 -18.15
N LEU E 145 -15.50 32.90 -17.83
CA LEU E 145 -15.30 31.45 -17.83
C LEU E 145 -15.69 30.78 -16.51
N ALA E 146 -15.94 31.54 -15.45
CA ALA E 146 -16.30 30.94 -14.17
C ALA E 146 -17.02 31.94 -13.28
N PRO E 147 -18.30 32.20 -13.52
CA PRO E 147 -19.05 33.13 -12.65
C PRO E 147 -19.10 32.64 -11.22
N TYR E 148 -19.03 33.58 -10.28
CA TYR E 148 -19.10 33.24 -8.88
C TYR E 148 -20.55 33.31 -8.41
N ILE E 149 -20.88 32.46 -7.45
CA ILE E 149 -22.24 32.39 -6.91
C ILE E 149 -22.23 32.96 -5.50
N LYS E 150 -23.16 33.89 -5.24
CA LYS E 150 -23.28 34.46 -3.91
C LYS E 150 -23.72 33.39 -2.92
N GLY E 151 -22.91 33.16 -1.89
CA GLY E 151 -23.12 32.09 -0.94
C GLY E 151 -22.32 30.84 -1.22
N GLY E 152 -21.67 30.75 -2.38
CA GLY E 152 -20.91 29.58 -2.74
C GLY E 152 -19.43 29.69 -2.40
N LYS E 153 -18.68 28.67 -2.81
CA LYS E 153 -17.26 28.55 -2.52
C LYS E 153 -16.44 28.34 -3.80
N ILE E 154 -15.24 28.91 -3.79
CA ILE E 154 -14.35 28.92 -4.95
C ILE E 154 -12.94 28.55 -4.50
N GLY E 155 -12.30 27.68 -5.25
CA GLY E 155 -10.93 27.27 -4.99
C GLY E 155 -9.94 27.81 -6.01
N LEU E 156 -8.71 28.01 -5.54
CA LEU E 156 -7.65 28.61 -6.33
C LEU E 156 -6.47 27.64 -6.41
N PHE E 157 -5.95 27.46 -7.62
CA PHE E 157 -4.70 26.73 -7.86
C PHE E 157 -3.79 27.64 -8.66
N GLY E 158 -2.49 27.38 -8.57
CA GLY E 158 -1.55 28.19 -9.32
C GLY E 158 -0.12 27.76 -9.07
N GLY E 159 0.78 28.33 -9.86
CA GLY E 159 2.19 28.07 -9.71
C GLY E 159 2.79 28.80 -8.53
N ALA E 160 4.07 28.53 -8.29
CA ALA E 160 4.76 29.06 -7.12
C ALA E 160 4.90 30.58 -7.23
N GLY E 161 4.22 31.31 -6.36
CA GLY E 161 4.39 32.75 -6.27
C GLY E 161 3.82 33.53 -7.43
N VAL E 162 2.87 32.97 -8.16
CA VAL E 162 2.33 33.64 -9.36
C VAL E 162 1.11 34.44 -8.90
N GLY E 163 1.38 35.65 -8.40
CA GLY E 163 0.32 36.58 -8.08
C GLY E 163 -0.74 36.05 -7.13
N LYS E 164 -0.36 35.18 -6.19
CA LYS E 164 -1.34 34.58 -5.29
C LYS E 164 -1.88 35.57 -4.27
N THR E 165 -1.25 36.73 -4.10
CA THR E 165 -1.66 37.69 -3.09
C THR E 165 -2.29 38.95 -3.64
N VAL E 166 -1.95 39.36 -4.86
CA VAL E 166 -2.54 40.58 -5.42
C VAL E 166 -3.97 40.31 -5.92
N LEU E 167 -4.24 39.08 -6.38
CA LEU E 167 -5.58 38.73 -6.81
C LEU E 167 -6.57 38.72 -5.64
N ILE E 168 -6.07 38.61 -4.41
CA ILE E 168 -6.95 38.71 -3.25
C ILE E 168 -7.19 40.17 -2.90
N GLN E 169 -6.13 40.99 -2.90
CA GLN E 169 -6.26 42.40 -2.52
C GLN E 169 -6.99 43.22 -3.57
N GLU E 170 -7.08 42.74 -4.81
CA GLU E 170 -7.92 43.43 -5.79
C GLU E 170 -9.40 43.29 -5.45
N LEU E 171 -9.81 42.10 -5.00
CA LEU E 171 -11.23 41.82 -4.78
C LEU E 171 -11.80 42.68 -3.67
N ILE E 172 -11.03 42.90 -2.60
CA ILE E 172 -11.51 43.74 -1.50
C ILE E 172 -11.79 45.15 -1.99
N HIS E 173 -10.85 45.70 -2.77
CA HIS E 173 -11.02 47.06 -3.30
C HIS E 173 -12.21 47.12 -4.24
N ASN E 174 -12.38 46.11 -5.10
CA ASN E 174 -13.51 46.11 -6.02
C ASN E 174 -14.83 46.00 -5.28
N ILE E 175 -14.88 45.18 -4.22
CA ILE E 175 -16.09 45.08 -3.41
C ILE E 175 -16.42 46.42 -2.78
N ALA E 176 -15.41 47.10 -2.23
CA ALA E 176 -15.66 48.40 -1.62
C ALA E 176 -16.11 49.42 -2.66
N GLN E 177 -15.48 49.46 -3.83
CA GLN E 177 -15.76 50.49 -4.82
C GLN E 177 -17.10 50.28 -5.50
N GLU E 178 -17.38 49.05 -5.93
CA GLU E 178 -18.50 48.82 -6.84
C GLU E 178 -19.80 48.47 -6.11
N HIS E 179 -19.73 47.78 -4.98
CA HIS E 179 -20.94 47.37 -4.28
C HIS E 179 -20.93 47.82 -2.83
N GLY E 180 -19.74 47.91 -2.25
CA GLY E 180 -19.61 48.26 -0.84
C GLY E 180 -19.76 47.04 0.05
N GLY E 181 -18.82 46.83 0.95
CA GLY E 181 -18.87 45.65 1.81
C GLY E 181 -17.67 45.59 2.73
N ILE E 182 -17.57 44.46 3.42
CA ILE E 182 -16.54 44.21 4.42
C ILE E 182 -15.90 42.86 4.12
N SER E 183 -14.58 42.78 4.27
CA SER E 183 -13.84 41.56 3.99
C SER E 183 -12.98 41.18 5.18
N VAL E 184 -12.80 39.87 5.38
CA VAL E 184 -11.99 39.33 6.46
C VAL E 184 -10.98 38.34 5.89
N PHE E 185 -9.74 38.44 6.33
CA PHE E 185 -8.66 37.56 5.90
C PHE E 185 -8.19 36.75 7.11
N ALA E 186 -8.26 35.43 7.00
CA ALA E 186 -7.90 34.53 8.08
C ALA E 186 -6.70 33.69 7.66
N GLY E 187 -5.69 33.62 8.52
CA GLY E 187 -4.54 32.77 8.28
C GLY E 187 -4.56 31.52 9.15
N VAL E 188 -4.75 30.36 8.52
CA VAL E 188 -4.85 29.10 9.25
C VAL E 188 -3.44 28.57 9.47
N GLY E 189 -2.91 28.77 10.67
CA GLY E 189 -1.57 28.30 11.00
C GLY E 189 -0.49 28.83 10.10
N GLU E 190 -0.53 30.12 9.78
CA GLU E 190 0.39 30.68 8.79
C GLU E 190 1.67 31.20 9.45
N ARG E 191 2.67 31.42 8.61
CA ARG E 191 3.99 31.84 9.05
C ARG E 191 3.93 33.25 9.65
N THR E 192 4.69 33.44 10.73
CA THR E 192 4.74 34.75 11.37
C THR E 192 5.45 35.77 10.49
N ARG E 193 6.41 35.33 9.68
CA ARG E 193 7.18 36.25 8.84
C ARG E 193 6.31 36.84 7.74
N GLU E 194 5.57 35.99 7.01
CA GLU E 194 4.83 36.46 5.84
C GLU E 194 3.68 37.38 6.23
N GLY E 195 3.25 37.35 7.48
CA GLY E 195 2.24 38.29 7.93
C GLY E 195 2.71 39.72 7.79
N ASN E 196 3.98 39.98 8.10
CA ASN E 196 4.52 41.33 7.94
C ASN E 196 4.55 41.76 6.48
N ASP E 197 4.95 40.87 5.59
CA ASP E 197 4.96 41.18 4.16
C ASP E 197 3.56 41.51 3.67
N LEU E 198 2.57 40.68 4.06
CA LEU E 198 1.20 40.92 3.66
C LEU E 198 0.68 42.23 4.23
N TYR E 199 1.01 42.52 5.50
CA TYR E 199 0.57 43.74 6.14
C TYR E 199 1.10 44.98 5.42
N HIS E 200 2.39 44.98 5.08
CA HIS E 200 2.96 46.14 4.42
C HIS E 200 2.44 46.28 2.99
N GLU E 201 2.28 45.17 2.27
CA GLU E 201 1.74 45.25 0.92
C GLU E 201 0.28 45.68 0.92
N MET E 202 -0.44 45.42 2.02
CA MET E 202 -1.78 45.97 2.16
C MET E 202 -1.73 47.46 2.47
N LYS E 203 -0.85 47.85 3.40
CA LYS E 203 -0.81 49.24 3.86
C LYS E 203 -0.41 50.19 2.74
N ASP E 204 0.57 49.81 1.92
CA ASP E 204 0.96 50.71 0.83
C ASP E 204 -0.11 50.82 -0.25
N SER E 205 -1.12 49.95 -0.23
CA SER E 205 -2.23 50.02 -1.18
C SER E 205 -3.46 50.71 -0.61
N GLY E 206 -3.47 51.02 0.69
CA GLY E 206 -4.65 51.62 1.30
C GLY E 206 -5.86 50.72 1.32
N VAL E 207 -5.65 49.41 1.53
CA VAL E 207 -6.73 48.45 1.51
C VAL E 207 -7.03 47.87 2.88
N ILE E 208 -6.06 47.87 3.81
CA ILE E 208 -6.28 47.32 5.15
C ILE E 208 -7.40 48.03 5.86
N SER E 209 -7.62 49.32 5.57
CA SER E 209 -8.66 50.09 6.22
C SER E 209 -10.06 49.53 5.96
N LYS E 210 -10.23 48.71 4.92
CA LYS E 210 -11.52 48.14 4.57
C LYS E 210 -11.64 46.65 4.86
N THR E 211 -10.71 46.08 5.62
CA THR E 211 -10.74 44.66 5.93
C THR E 211 -10.32 44.42 7.37
N ALA E 212 -10.72 43.26 7.89
CA ALA E 212 -10.31 42.78 9.21
C ALA E 212 -9.56 41.46 9.05
N MET E 213 -8.56 41.23 9.88
CA MET E 213 -7.64 40.12 9.70
C MET E 213 -7.42 39.37 11.00
N VAL E 214 -7.31 38.04 10.90
CA VAL E 214 -7.01 37.17 12.03
C VAL E 214 -5.83 36.27 11.65
N PHE E 215 -4.86 36.17 12.56
CA PHE E 215 -3.70 35.31 12.38
C PHE E 215 -3.63 34.25 13.48
N GLY E 216 -3.26 33.04 13.06
CA GLY E 216 -2.81 32.01 13.96
C GLY E 216 -1.44 31.54 13.53
N GLN E 217 -0.43 31.73 14.37
CA GLN E 217 0.94 31.44 13.96
C GLN E 217 1.22 29.95 14.02
N MET E 218 2.33 29.55 13.39
CA MET E 218 2.72 28.15 13.36
C MET E 218 3.25 27.68 14.71
N ASN E 219 3.78 28.60 15.51
CA ASN E 219 4.26 28.24 16.85
C ASN E 219 3.13 28.05 17.85
N GLU E 220 1.89 28.33 17.46
CA GLU E 220 0.75 28.08 18.33
C GLU E 220 0.44 26.57 18.36
N PRO E 221 -0.08 26.08 19.48
CA PRO E 221 -0.43 24.66 19.57
C PRO E 221 -1.62 24.33 18.68
N PRO E 222 -1.86 23.05 18.39
CA PRO E 222 -2.96 22.71 17.48
C PRO E 222 -4.34 23.11 17.98
N GLY E 223 -4.51 23.30 19.29
CA GLY E 223 -5.81 23.71 19.79
C GLY E 223 -6.25 25.07 19.26
N ALA E 224 -5.31 25.99 19.10
CA ALA E 224 -5.63 27.31 18.58
C ALA E 224 -5.58 27.38 17.06
N ARG E 225 -4.75 26.54 16.42
CA ARG E 225 -4.65 26.57 14.97
C ARG E 225 -5.91 26.04 14.28
N MET E 226 -6.75 25.30 14.98
CA MET E 226 -8.01 24.84 14.38
C MET E 226 -9.08 25.92 14.45
N ARG E 227 -9.03 26.81 15.43
CA ARG E 227 -10.13 27.72 15.73
C ARG E 227 -10.09 29.05 14.98
N VAL E 228 -9.05 29.31 14.18
CA VAL E 228 -8.91 30.64 13.58
C VAL E 228 -9.99 30.90 12.54
N ALA E 229 -10.34 29.88 11.74
CA ALA E 229 -11.32 30.09 10.68
C ALA E 229 -12.70 30.37 11.26
N LEU E 230 -13.12 29.59 12.25
CA LEU E 230 -14.39 29.84 12.91
C LEU E 230 -14.35 31.16 13.67
N THR E 231 -13.16 31.59 14.10
CA THR E 231 -13.03 32.89 14.75
C THR E 231 -13.32 34.04 13.78
N GLY E 232 -12.72 33.99 12.59
CA GLY E 232 -13.01 35.01 11.59
C GLY E 232 -14.43 34.93 11.03
N LEU E 233 -15.00 33.73 11.04
CA LEU E 233 -16.36 33.55 10.51
C LEU E 233 -17.37 34.40 11.25
N THR E 234 -17.20 34.57 12.56
CA THR E 234 -18.11 35.40 13.33
C THR E 234 -18.08 36.85 12.89
N MET E 235 -16.87 37.40 12.68
CA MET E 235 -16.76 38.77 12.20
C MET E 235 -17.38 38.90 10.82
N ALA E 236 -17.16 37.90 9.96
CA ALA E 236 -17.78 37.95 8.64
C ALA E 236 -19.31 37.90 8.74
N GLU E 237 -19.83 37.10 9.67
CA GLU E 237 -21.27 36.85 9.73
C GLU E 237 -22.03 38.02 10.35
N TYR E 238 -21.45 38.66 11.36
CA TYR E 238 -22.19 39.72 12.07
C TYR E 238 -22.55 40.87 11.14
N PHE E 239 -21.72 41.15 10.14
CA PHE E 239 -22.02 42.21 9.18
C PHE E 239 -23.01 41.77 8.11
N ARG E 240 -23.16 40.46 7.88
CA ARG E 240 -24.21 39.96 7.01
C ARG E 240 -25.54 39.80 7.74
N ASP E 241 -25.52 39.79 9.07
CA ASP E 241 -26.73 39.55 9.86
C ASP E 241 -27.41 40.88 10.21
N GLU E 242 -26.68 41.76 10.91
CA GLU E 242 -27.26 42.96 11.50
C GLU E 242 -27.25 44.15 10.55
N GLN E 243 -26.35 44.17 9.56
CA GLN E 243 -26.16 45.33 8.70
C GLN E 243 -26.58 45.07 7.27
N GLY E 244 -26.04 44.04 6.63
CA GLY E 244 -26.52 43.61 5.33
C GLY E 244 -25.75 44.17 4.15
N GLN E 245 -24.88 43.33 3.57
CA GLN E 245 -24.19 43.57 2.31
C GLN E 245 -23.29 42.38 2.05
N ASP E 246 -22.87 42.25 0.79
CA ASP E 246 -22.04 41.12 0.40
C ASP E 246 -20.71 41.15 1.13
N VAL E 247 -20.31 40.02 1.71
CA VAL E 247 -19.11 39.93 2.55
C VAL E 247 -18.22 38.82 2.02
N LEU E 248 -16.92 39.06 1.99
CA LEU E 248 -15.94 38.07 1.57
C LEU E 248 -15.18 37.55 2.78
N LEU E 249 -14.79 36.27 2.71
CA LEU E 249 -14.05 35.61 3.78
C LEU E 249 -12.98 34.71 3.14
N PHE E 250 -11.75 35.22 3.08
CA PHE E 250 -10.65 34.49 2.46
C PHE E 250 -10.05 33.52 3.47
N ILE E 251 -9.80 32.28 3.04
CA ILE E 251 -9.13 31.28 3.85
C ILE E 251 -7.86 30.86 3.14
N ASP E 252 -6.72 30.98 3.83
CA ASP E 252 -5.42 30.85 3.18
C ASP E 252 -5.13 29.43 2.71
N ASN E 253 -5.43 28.43 3.52
CA ASN E 253 -5.11 27.05 3.16
C ASN E 253 -5.94 26.09 4.01
N ILE E 254 -6.84 25.35 3.35
CA ILE E 254 -7.70 24.40 4.06
C ILE E 254 -6.94 23.14 4.46
N PHE E 255 -5.83 22.83 3.76
CA PHE E 255 -5.01 21.68 4.15
C PHE E 255 -4.58 21.76 5.60
N ARG E 256 -4.05 22.90 6.01
CA ARG E 256 -3.59 23.01 7.39
C ARG E 256 -4.74 22.97 8.37
N PHE E 257 -5.97 23.29 7.94
CA PHE E 257 -7.11 23.10 8.83
C PHE E 257 -7.35 21.62 9.08
N THR E 258 -7.37 20.81 8.00
CA THR E 258 -7.54 19.37 8.20
C THR E 258 -6.36 18.75 8.94
N GLN E 259 -5.15 19.25 8.70
CA GLN E 259 -3.97 18.72 9.39
C GLN E 259 -3.97 19.07 10.87
N ALA E 260 -4.45 20.27 11.22
CA ALA E 260 -4.64 20.59 12.63
C ALA E 260 -5.69 19.70 13.26
N GLY E 261 -6.75 19.39 12.51
CA GLY E 261 -7.70 18.40 12.99
C GLY E 261 -7.05 17.06 13.25
N SER E 262 -6.15 16.64 12.36
CA SER E 262 -5.42 15.38 12.55
C SER E 262 -4.57 15.42 13.81
N GLU E 263 -3.84 16.51 14.02
CA GLU E 263 -2.98 16.62 15.20
C GLU E 263 -3.81 16.54 16.47
N VAL E 264 -4.88 17.33 16.55
CA VAL E 264 -5.66 17.37 17.78
C VAL E 264 -6.40 16.05 18.00
N SER E 265 -6.78 15.35 16.92
CA SER E 265 -7.44 14.06 17.11
C SER E 265 -6.47 13.01 17.60
N ALA E 266 -5.24 13.01 17.09
CA ALA E 266 -4.22 12.13 17.64
C ALA E 266 -3.98 12.44 19.12
N LEU E 267 -4.03 13.72 19.48
CA LEU E 267 -3.83 14.09 20.89
C LEU E 267 -5.00 13.69 21.77
N LEU E 268 -6.22 13.69 21.23
CA LEU E 268 -7.41 13.46 22.06
C LEU E 268 -7.60 12.00 22.45
N GLY E 269 -6.79 11.10 21.91
CA GLY E 269 -6.89 9.69 22.22
C GLY E 269 -7.82 8.89 21.34
N ARG E 270 -8.48 9.51 20.37
CA ARG E 270 -9.29 8.79 19.41
C ARG E 270 -8.40 7.94 18.51
N MET E 271 -8.84 6.73 18.23
CA MET E 271 -8.10 5.83 17.36
C MET E 271 -8.11 6.40 15.95
N PRO E 272 -6.98 6.45 15.27
CA PRO E 272 -6.96 7.01 13.92
C PRO E 272 -7.90 6.25 13.00
N SER E 273 -8.59 7.00 12.16
CA SER E 273 -9.44 6.43 11.12
C SER E 273 -8.56 6.03 9.94
N ALA E 274 -9.17 5.80 8.78
CA ALA E 274 -8.42 5.50 7.58
C ALA E 274 -7.41 6.61 7.30
N VAL E 275 -6.18 6.20 6.97
CA VAL E 275 -5.05 7.10 6.69
C VAL E 275 -4.80 8.01 7.88
N GLY E 276 -5.21 7.58 9.08
CA GLY E 276 -4.83 8.25 10.31
C GLY E 276 -5.67 9.45 10.70
N TYR E 277 -6.63 9.87 9.88
CA TYR E 277 -7.42 11.05 10.19
C TYR E 277 -8.38 10.76 11.35
N GLN E 278 -9.08 11.80 11.79
CA GLN E 278 -10.06 11.63 12.85
C GLN E 278 -11.30 10.90 12.31
N PRO E 279 -12.01 10.18 13.18
CA PRO E 279 -13.30 9.60 12.76
C PRO E 279 -14.34 10.65 12.42
N THR E 280 -14.24 11.85 12.99
CA THR E 280 -15.21 12.92 12.78
C THR E 280 -14.78 13.87 11.66
N LEU E 281 -14.09 13.35 10.65
CA LEU E 281 -13.55 14.22 9.60
C LEU E 281 -14.67 14.85 8.77
N ALA E 282 -15.74 14.10 8.50
CA ALA E 282 -16.79 14.58 7.62
C ALA E 282 -17.76 15.53 8.31
N THR E 283 -17.75 15.59 9.65
CA THR E 283 -18.65 16.47 10.37
C THR E 283 -17.98 17.69 10.97
N GLU E 284 -16.67 17.65 11.23
CA GLU E 284 -15.97 18.81 11.74
C GLU E 284 -15.69 19.82 10.63
N MET E 285 -15.45 19.35 9.41
CA MET E 285 -15.33 20.24 8.27
C MET E 285 -16.68 20.81 7.84
N GLY E 286 -17.72 19.98 7.87
CA GLY E 286 -19.02 20.43 7.39
C GLY E 286 -19.57 21.60 8.17
N GLN E 287 -19.29 21.65 9.48
CA GLN E 287 -19.75 22.76 10.30
C GLN E 287 -19.16 24.10 9.86
N LEU E 288 -17.99 24.09 9.20
CA LEU E 288 -17.44 25.30 8.63
C LEU E 288 -18.06 25.63 7.28
N GLN E 289 -18.22 24.63 6.41
CA GLN E 289 -18.71 24.89 5.07
C GLN E 289 -20.18 25.33 5.08
N GLU E 290 -20.94 24.90 6.07
CA GLU E 290 -22.37 25.14 6.06
C GLU E 290 -22.78 26.46 6.70
N ARG E 291 -21.85 27.14 7.38
CA ARG E 291 -22.15 28.46 7.91
C ARG E 291 -22.00 29.53 6.84
N ILE E 292 -21.18 29.25 5.83
CA ILE E 292 -20.94 30.17 4.71
C ILE E 292 -22.06 29.94 3.70
N THR E 293 -23.15 30.73 3.80
CA THR E 293 -24.30 30.59 2.93
C THR E 293 -24.76 31.99 2.50
N SER E 294 -25.92 32.03 1.84
CA SER E 294 -26.53 33.29 1.42
C SER E 294 -28.01 33.25 1.78
N THR E 295 -28.43 34.11 2.70
CA THR E 295 -29.84 34.25 3.01
C THR E 295 -30.48 35.21 2.02
N ALA E 296 -31.71 35.64 2.30
CA ALA E 296 -32.41 36.52 1.38
C ALA E 296 -31.89 37.96 1.42
N LYS E 297 -31.08 38.32 2.40
CA LYS E 297 -30.65 39.70 2.58
C LYS E 297 -29.19 39.95 2.23
N GLY E 298 -28.38 38.91 2.14
CA GLY E 298 -26.96 39.10 1.87
C GLY E 298 -26.27 37.78 1.67
N SER E 299 -24.94 37.80 1.74
CA SER E 299 -24.18 36.59 1.48
C SER E 299 -22.78 36.72 2.05
N ILE E 300 -22.23 35.56 2.44
CA ILE E 300 -20.81 35.38 2.70
C ILE E 300 -20.26 34.49 1.60
N THR E 301 -19.24 34.98 0.90
CA THR E 301 -18.57 34.21 -0.14
C THR E 301 -17.09 34.07 0.22
N SER E 302 -16.52 32.91 -0.09
CA SER E 302 -15.18 32.56 0.38
C SER E 302 -14.30 32.17 -0.79
N ILE E 303 -13.03 32.57 -0.72
CA ILE E 303 -11.99 32.14 -1.64
C ILE E 303 -10.92 31.40 -0.87
N GLN E 304 -10.56 30.22 -1.36
CA GLN E 304 -9.70 29.28 -0.65
C GLN E 304 -8.63 28.76 -1.61
N ALA E 305 -7.39 28.70 -1.13
CA ALA E 305 -6.31 28.03 -1.85
C ALA E 305 -6.20 26.60 -1.37
N ILE E 306 -5.68 25.73 -2.24
CA ILE E 306 -5.69 24.29 -2.01
C ILE E 306 -4.28 23.74 -2.14
N TYR E 307 -3.94 22.81 -1.24
CA TYR E 307 -2.76 21.96 -1.35
C TYR E 307 -3.21 20.51 -1.38
N VAL E 308 -2.41 19.65 -2.01
CA VAL E 308 -2.72 18.22 -2.13
C VAL E 308 -1.60 17.43 -1.47
N PRO E 309 -1.88 16.35 -0.72
CA PRO E 309 -0.78 15.69 0.02
C PRO E 309 0.31 15.12 -0.88
N ALA E 310 -0.06 14.27 -1.84
CA ALA E 310 0.92 13.68 -2.75
C ALA E 310 0.38 13.67 -4.18
N ASP E 311 -0.41 14.69 -4.53
CA ASP E 311 -1.20 14.72 -5.77
C ASP E 311 -2.25 13.61 -5.79
N ASP E 312 -2.59 13.08 -4.62
CA ASP E 312 -3.59 12.02 -4.48
C ASP E 312 -4.94 12.66 -4.22
N TYR E 313 -5.74 12.82 -5.28
CA TYR E 313 -7.07 13.40 -5.12
C TYR E 313 -7.97 12.49 -4.30
N THR E 314 -7.68 11.19 -4.28
CA THR E 314 -8.46 10.22 -3.53
C THR E 314 -8.17 10.25 -2.04
N ASP E 315 -7.20 11.05 -1.61
CA ASP E 315 -6.93 11.21 -0.18
C ASP E 315 -8.16 11.78 0.51
N PRO E 316 -8.43 11.37 1.75
CA PRO E 316 -9.69 11.79 2.39
C PRO E 316 -9.90 13.29 2.45
N ALA E 317 -8.85 14.08 2.68
CA ALA E 317 -9.05 15.53 2.80
C ALA E 317 -9.46 16.16 1.48
N PRO E 318 -8.73 15.98 0.37
CA PRO E 318 -9.23 16.52 -0.90
C PRO E 318 -10.58 15.95 -1.31
N ALA E 319 -10.81 14.67 -1.02
CA ALA E 319 -12.06 14.03 -1.40
C ALA E 319 -13.25 14.67 -0.68
N THR E 320 -13.10 14.94 0.61
CA THR E 320 -14.19 15.57 1.35
C THR E 320 -14.30 17.06 1.05
N THR E 321 -13.20 17.71 0.66
CA THR E 321 -13.28 19.14 0.38
C THR E 321 -13.93 19.42 -0.98
N PHE E 322 -13.54 18.66 -2.01
CA PHE E 322 -13.84 19.07 -3.38
C PHE E 322 -15.34 19.11 -3.65
N SER E 323 -16.10 18.17 -3.08
CA SER E 323 -17.54 18.14 -3.33
C SER E 323 -18.22 19.39 -2.79
N HIS E 324 -17.64 20.03 -1.76
CA HIS E 324 -18.22 21.24 -1.20
C HIS E 324 -17.90 22.49 -2.02
N LEU E 325 -16.99 22.42 -2.98
CA LEU E 325 -16.59 23.58 -3.75
C LEU E 325 -17.47 23.74 -4.99
N ASP E 326 -17.87 24.99 -5.26
CA ASP E 326 -18.69 25.28 -6.43
C ASP E 326 -17.91 25.78 -7.62
N ALA E 327 -16.74 26.38 -7.42
CA ALA E 327 -15.93 26.79 -8.56
C ALA E 327 -14.46 26.52 -8.23
N THR E 328 -13.66 26.37 -9.29
CA THR E 328 -12.22 26.16 -9.15
C THR E 328 -11.52 26.77 -10.36
N THR E 329 -10.48 27.56 -10.12
CA THR E 329 -9.68 28.12 -11.21
C THR E 329 -8.20 27.86 -10.96
N ASN E 330 -7.41 27.94 -12.03
CA ASN E 330 -5.99 27.62 -12.01
C ASN E 330 -5.18 28.77 -12.58
N LEU E 331 -3.92 28.85 -12.15
CA LEU E 331 -2.95 29.81 -12.67
C LEU E 331 -1.73 29.06 -13.19
N GLU E 332 -1.24 29.44 -14.36
CA GLU E 332 -0.10 28.79 -14.99
C GLU E 332 1.09 29.73 -15.07
N ARG E 333 2.27 29.21 -14.69
CA ARG E 333 3.49 29.99 -14.77
C ARG E 333 4.00 30.14 -16.20
N LYS E 334 3.67 29.18 -17.08
CA LYS E 334 4.15 29.25 -18.45
C LYS E 334 3.58 30.46 -19.18
N LEU E 335 2.39 30.91 -18.79
CA LEU E 335 1.83 32.16 -19.29
C LEU E 335 2.34 33.38 -18.54
N ALA E 336 2.59 33.24 -17.24
CA ALA E 336 3.12 34.36 -16.46
C ALA E 336 4.51 34.76 -16.92
N GLU E 337 5.30 33.81 -17.42
CA GLU E 337 6.60 34.13 -17.97
C GLU E 337 6.53 35.09 -19.14
N MET E 338 5.38 35.14 -19.83
CA MET E 338 5.16 36.08 -20.92
C MET E 338 4.59 37.41 -20.44
N GLY E 339 4.30 37.53 -19.14
CA GLY E 339 3.81 38.78 -18.60
C GLY E 339 2.33 39.00 -18.67
N ILE E 340 1.53 37.93 -18.80
CA ILE E 340 0.08 38.06 -18.92
C ILE E 340 -0.48 38.04 -17.51
N TYR E 341 -0.55 39.22 -16.88
CA TYR E 341 -1.10 39.25 -15.53
C TYR E 341 -2.59 39.55 -15.57
N PRO E 342 -3.43 38.76 -14.88
CA PRO E 342 -3.09 37.53 -14.17
C PRO E 342 -3.03 36.33 -15.13
N ALA E 343 -2.16 35.37 -14.86
CA ALA E 343 -1.97 34.22 -15.76
C ALA E 343 -2.89 33.07 -15.37
N VAL E 344 -4.20 33.35 -15.44
CA VAL E 344 -5.20 32.36 -15.06
C VAL E 344 -5.34 31.36 -16.20
N ASP E 345 -5.37 30.08 -15.83
CA ASP E 345 -5.59 29.03 -16.82
C ASP E 345 -7.02 29.07 -17.33
N PRO E 346 -7.25 29.22 -18.63
CA PRO E 346 -8.63 29.22 -19.15
C PRO E 346 -9.24 27.84 -19.31
N LEU E 347 -8.44 26.78 -19.26
CA LEU E 347 -8.92 25.43 -19.51
C LEU E 347 -9.10 24.61 -18.24
N ALA E 348 -8.21 24.75 -17.26
CA ALA E 348 -8.33 24.03 -16.00
C ALA E 348 -9.35 24.64 -15.06
N SER E 349 -9.84 25.84 -15.37
CA SER E 349 -10.84 26.49 -14.52
C SER E 349 -12.23 25.96 -14.84
N THR E 350 -12.96 25.53 -13.80
CA THR E 350 -14.29 24.97 -13.96
C THR E 350 -15.22 25.54 -12.89
N SER E 351 -16.50 25.55 -13.21
CA SER E 351 -17.53 25.99 -12.28
C SER E 351 -18.86 25.39 -12.68
N ARG E 352 -19.71 25.13 -11.69
CA ARG E 352 -21.02 24.54 -11.95
C ARG E 352 -22.04 25.56 -12.41
N ALA E 353 -21.78 26.85 -12.23
CA ALA E 353 -22.76 27.88 -12.54
C ALA E 353 -22.95 28.10 -14.03
N LEU E 354 -21.95 27.74 -14.84
CA LEU E 354 -22.01 28.01 -16.28
C LEU E 354 -23.01 27.04 -16.91
N ALA E 355 -24.28 27.40 -16.80
CA ALA E 355 -25.39 26.63 -17.35
C ALA E 355 -26.37 27.60 -18.00
N PRO E 356 -27.02 27.20 -19.11
CA PRO E 356 -27.89 28.15 -19.81
C PRO E 356 -29.05 28.64 -18.97
N GLU E 357 -29.56 27.81 -18.07
CA GLU E 357 -30.64 28.20 -17.18
C GLU E 357 -30.23 29.31 -16.22
N ILE E 358 -28.92 29.43 -15.92
CA ILE E 358 -28.44 30.39 -14.95
C ILE E 358 -28.00 31.69 -15.61
N VAL E 359 -27.36 31.61 -16.77
CA VAL E 359 -26.70 32.77 -17.37
C VAL E 359 -27.36 33.23 -18.66
N GLY E 360 -28.31 32.48 -19.21
CA GLY E 360 -28.91 32.81 -20.47
C GLY E 360 -28.21 32.14 -21.64
N GLU E 361 -28.88 32.15 -22.79
CA GLU E 361 -28.39 31.40 -23.95
C GLU E 361 -27.12 32.04 -24.53
N GLU E 362 -27.15 33.36 -24.74
CA GLU E 362 -26.04 34.01 -25.42
C GLU E 362 -24.78 33.98 -24.57
N HIS E 363 -24.90 34.19 -23.25
CA HIS E 363 -23.71 34.22 -22.41
C HIS E 363 -23.12 32.82 -22.26
N TYR E 364 -23.99 31.81 -22.17
CA TYR E 364 -23.52 30.43 -22.21
C TYR E 364 -22.77 30.13 -23.50
N GLN E 365 -23.34 30.49 -24.65
CA GLN E 365 -22.66 30.20 -25.90
C GLN E 365 -21.31 30.91 -25.96
N VAL E 366 -21.28 32.19 -25.57
CA VAL E 366 -20.05 32.97 -25.65
C VAL E 366 -19.01 32.47 -24.65
N ALA E 367 -19.44 31.95 -23.50
CA ALA E 367 -18.49 31.46 -22.52
C ALA E 367 -17.94 30.09 -22.90
N ARG E 368 -18.77 29.22 -23.48
CA ARG E 368 -18.30 27.89 -23.84
C ARG E 368 -17.46 27.91 -25.11
N LYS E 369 -17.79 28.78 -26.07
CA LYS E 369 -17.08 28.73 -27.33
C LYS E 369 -15.66 29.27 -27.14
N VAL E 370 -15.42 30.06 -26.08
CA VAL E 370 -14.05 30.49 -25.78
C VAL E 370 -13.18 29.27 -25.50
N GLN E 371 -13.64 28.38 -24.62
CA GLN E 371 -12.91 27.15 -24.33
C GLN E 371 -12.87 26.24 -25.55
N GLN E 372 -13.94 26.22 -26.34
CA GLN E 372 -13.96 25.38 -27.54
C GLN E 372 -12.88 25.80 -28.53
N THR E 373 -12.73 27.10 -28.75
CA THR E 373 -11.80 27.61 -29.76
C THR E 373 -10.38 27.75 -29.25
N LEU E 374 -10.17 27.85 -27.93
CA LEU E 374 -8.81 27.89 -27.41
C LEU E 374 -8.12 26.53 -27.46
N GLN E 375 -8.90 25.44 -27.57
CA GLN E 375 -8.34 24.11 -27.64
C GLN E 375 -7.51 23.89 -28.90
N ARG E 376 -7.91 24.48 -30.03
CA ARG E 376 -7.13 24.32 -31.25
C ARG E 376 -5.73 24.89 -31.07
N TYR E 377 -5.63 26.08 -30.48
CA TYR E 377 -4.31 26.65 -30.18
C TYR E 377 -3.57 25.78 -29.17
N LYS E 378 -4.25 25.33 -28.12
CA LYS E 378 -3.59 24.53 -27.09
C LYS E 378 -3.01 23.24 -27.69
N GLU E 379 -3.65 22.69 -28.72
CA GLU E 379 -3.11 21.45 -29.28
C GLU E 379 -2.09 21.74 -30.38
N LEU E 380 -2.30 22.76 -31.20
CA LEU E 380 -1.39 23.06 -32.31
C LEU E 380 -0.10 23.75 -31.87
N GLN E 381 0.00 24.23 -30.63
CA GLN E 381 1.23 24.91 -30.22
C GLN E 381 2.46 24.03 -30.37
N ASP E 382 2.29 22.70 -30.29
CA ASP E 382 3.45 21.82 -30.37
C ASP E 382 4.03 21.80 -31.78
N ILE E 383 3.19 21.66 -32.80
CA ILE E 383 3.69 21.68 -34.18
C ILE E 383 4.09 23.10 -34.58
N ILE E 384 3.41 24.11 -34.02
CA ILE E 384 3.81 25.49 -34.29
C ILE E 384 5.21 25.75 -33.77
N ALA E 385 5.56 25.14 -32.64
CA ALA E 385 6.86 25.35 -32.02
C ALA E 385 8.01 24.78 -32.83
N ILE E 386 7.75 23.97 -33.85
CA ILE E 386 8.84 23.31 -34.58
C ILE E 386 8.85 23.70 -36.05
N LEU E 387 7.67 24.00 -36.61
CA LEU E 387 7.56 24.45 -37.99
C LEU E 387 6.85 25.78 -38.06
N GLY E 388 7.13 26.52 -39.13
CA GLY E 388 6.55 27.83 -39.32
C GLY E 388 5.06 27.75 -39.61
N MET E 389 4.38 28.87 -39.36
CA MET E 389 2.94 28.93 -39.53
C MET E 389 2.50 29.07 -40.98
N ASP E 390 3.27 29.81 -41.79
CA ASP E 390 2.79 30.24 -43.10
C ASP E 390 2.46 29.08 -44.04
N GLU E 391 3.05 27.91 -43.81
CA GLU E 391 2.83 26.76 -44.68
C GLU E 391 1.59 25.94 -44.30
N LEU E 392 0.89 26.31 -43.23
CA LEU E 392 -0.24 25.54 -42.76
C LEU E 392 -1.51 25.95 -43.50
N SER E 393 -2.62 25.30 -43.15
CA SER E 393 -3.90 25.56 -43.80
C SER E 393 -4.52 26.85 -43.26
N ASP E 394 -5.63 27.25 -43.89
CA ASP E 394 -6.31 28.46 -43.49
C ASP E 394 -6.88 28.35 -42.08
N GLU E 395 -7.30 27.14 -41.69
CA GLU E 395 -7.86 26.95 -40.35
C GLU E 395 -6.82 27.20 -39.27
N ASP E 396 -5.61 26.67 -39.44
CA ASP E 396 -4.56 26.91 -38.45
C ASP E 396 -4.23 28.40 -38.38
N LYS E 397 -4.21 29.08 -39.52
CA LYS E 397 -3.92 30.51 -39.53
C LYS E 397 -4.98 31.29 -38.78
N LEU E 398 -6.26 31.04 -39.08
CA LEU E 398 -7.30 31.80 -38.38
C LEU E 398 -7.32 31.46 -36.90
N VAL E 399 -7.01 30.21 -36.55
CA VAL E 399 -6.96 29.83 -35.14
C VAL E 399 -5.86 30.59 -34.41
N VAL E 400 -4.66 30.62 -34.98
CA VAL E 400 -3.57 31.39 -34.37
C VAL E 400 -3.95 32.86 -34.28
N HIS E 401 -4.57 33.38 -35.35
CA HIS E 401 -4.86 34.80 -35.46
C HIS E 401 -5.84 35.24 -34.39
N ARG E 402 -6.85 34.41 -34.10
CA ARG E 402 -7.85 34.73 -33.08
C ARG E 402 -7.32 34.42 -31.68
N ALA E 403 -6.55 33.34 -31.56
CA ALA E 403 -6.07 32.91 -30.25
C ALA E 403 -5.05 33.88 -29.69
N ARG E 404 -4.24 34.50 -30.55
CA ARG E 404 -3.30 35.49 -30.03
C ARG E 404 -4.00 36.69 -29.41
N ARG E 405 -5.25 36.95 -29.78
CA ARG E 405 -6.01 38.03 -29.15
C ARG E 405 -6.81 37.57 -27.94
N ILE E 406 -7.39 36.38 -27.97
CA ILE E 406 -8.02 35.89 -26.74
C ILE E 406 -6.95 35.66 -25.67
N GLN E 407 -5.72 35.35 -26.08
CA GLN E 407 -4.63 35.10 -25.14
C GLN E 407 -4.24 36.36 -24.39
N PHE E 408 -4.19 37.50 -25.09
CA PHE E 408 -3.75 38.74 -24.48
C PHE E 408 -4.90 39.56 -23.91
N PHE E 409 -6.12 39.33 -24.36
CA PHE E 409 -7.25 40.04 -23.76
C PHE E 409 -7.46 39.69 -22.30
N LEU E 410 -6.87 38.58 -21.83
CA LEU E 410 -7.10 38.13 -20.47
C LEU E 410 -6.67 39.17 -19.44
N SER E 411 -5.67 39.99 -19.76
CA SER E 411 -5.07 40.90 -18.80
C SER E 411 -5.96 42.11 -18.54
N GLN E 412 -5.68 42.79 -17.42
CA GLN E 412 -6.44 43.91 -16.92
C GLN E 412 -5.61 44.60 -15.84
N ASN E 413 -5.50 45.93 -15.90
CA ASN E 413 -4.80 46.65 -14.84
C ASN E 413 -5.71 46.72 -13.63
N PHE E 414 -5.10 46.70 -12.45
CA PHE E 414 -5.84 46.65 -11.21
C PHE E 414 -5.51 47.90 -10.39
N HIS E 415 -6.29 48.13 -9.33
CA HIS E 415 -6.05 49.31 -8.51
C HIS E 415 -4.81 49.16 -7.64
N VAL E 416 -4.49 47.94 -7.20
CA VAL E 416 -3.29 47.70 -6.40
C VAL E 416 -2.02 47.77 -7.25
N ALA E 417 -2.13 47.72 -8.57
CA ALA E 417 -0.95 47.76 -9.43
C ALA E 417 -0.27 49.13 -9.43
N GLU E 418 -0.90 50.15 -8.85
CA GLU E 418 -0.39 51.51 -8.98
C GLU E 418 0.98 51.68 -8.34
N GLN E 419 1.21 51.07 -7.19
CA GLN E 419 2.45 51.32 -6.44
C GLN E 419 3.69 50.72 -7.10
N PHE E 420 3.55 49.95 -8.17
CA PHE E 420 4.70 49.53 -8.97
C PHE E 420 4.54 49.79 -10.46
N THR E 421 3.31 49.93 -10.96
CA THR E 421 3.07 50.36 -12.34
C THR E 421 1.92 51.37 -12.32
N GLY E 422 2.26 52.63 -12.55
CA GLY E 422 1.28 53.69 -12.41
C GLY E 422 0.15 53.64 -13.42
N GLN E 423 -1.04 53.23 -12.97
CA GLN E 423 -2.22 53.18 -13.82
C GLN E 423 -3.44 53.56 -12.98
N PRO E 424 -4.44 54.19 -13.59
CA PRO E 424 -5.63 54.58 -12.81
C PRO E 424 -6.40 53.41 -12.23
N GLY E 425 -6.44 52.27 -12.93
CA GLY E 425 -7.25 51.15 -12.50
C GLY E 425 -8.61 51.16 -13.16
N SER E 426 -9.02 50.02 -13.73
CA SER E 426 -10.22 49.95 -14.55
C SER E 426 -11.06 48.75 -14.16
N TYR E 427 -12.29 48.73 -14.66
CA TYR E 427 -13.32 47.76 -14.28
C TYR E 427 -14.03 47.26 -15.53
N VAL E 428 -14.46 46.00 -15.48
CA VAL E 428 -15.17 45.36 -16.59
C VAL E 428 -16.63 45.17 -16.17
N PRO E 429 -17.59 45.84 -16.82
CA PRO E 429 -19.00 45.55 -16.51
C PRO E 429 -19.39 44.14 -16.93
N VAL E 430 -20.25 43.51 -16.14
CA VAL E 430 -20.66 42.14 -16.44
C VAL E 430 -21.57 42.10 -17.66
N LYS E 431 -22.45 43.10 -17.81
CA LYS E 431 -23.31 43.13 -18.99
C LYS E 431 -22.50 43.46 -20.24
N GLU E 432 -21.46 44.27 -20.10
CA GLU E 432 -20.62 44.64 -21.23
C GLU E 432 -19.64 43.55 -21.59
N THR E 433 -19.28 42.67 -20.64
CA THR E 433 -18.33 41.61 -20.92
C THR E 433 -18.84 40.68 -22.02
N VAL E 434 -20.14 40.35 -21.96
CA VAL E 434 -20.74 39.48 -22.96
C VAL E 434 -20.70 40.14 -24.34
N ARG E 435 -21.08 41.41 -24.40
CA ARG E 435 -21.02 42.13 -25.67
C ARG E 435 -19.60 42.13 -26.21
N GLY E 436 -18.63 42.40 -25.34
CA GLY E 436 -17.26 42.50 -25.78
C GLY E 436 -16.73 41.19 -26.33
N PHE E 437 -16.90 40.10 -25.56
CA PHE E 437 -16.39 38.81 -26.02
C PHE E 437 -17.14 38.30 -27.24
N LYS E 438 -18.45 38.58 -27.34
CA LYS E 438 -19.19 38.22 -28.54
C LYS E 438 -18.64 38.95 -29.75
N GLU E 439 -18.28 40.22 -29.58
CA GLU E 439 -17.77 41.01 -30.71
C GLU E 439 -16.36 40.56 -31.11
N ILE E 440 -15.52 40.21 -30.14
CA ILE E 440 -14.19 39.69 -30.47
C ILE E 440 -14.27 38.33 -31.15
N LEU E 441 -15.09 37.42 -30.61
CA LEU E 441 -15.14 36.07 -31.14
C LEU E 441 -15.72 36.01 -32.54
N GLU E 442 -16.42 37.04 -32.98
CA GLU E 442 -16.89 37.14 -34.36
C GLU E 442 -15.81 37.72 -35.27
N GLY E 443 -14.76 38.30 -34.69
CA GLY E 443 -13.70 38.88 -35.49
C GLY E 443 -13.87 40.34 -35.82
N LYS E 444 -14.70 41.07 -35.07
CA LYS E 444 -14.89 42.50 -35.32
C LYS E 444 -13.68 43.33 -34.92
N TYR E 445 -12.84 42.84 -34.00
CA TYR E 445 -11.63 43.56 -33.58
C TYR E 445 -10.36 42.83 -33.98
N ASP E 446 -10.41 42.00 -35.02
CA ASP E 446 -9.23 41.24 -35.42
C ASP E 446 -8.13 42.13 -35.98
N HIS E 447 -8.46 43.32 -36.47
CA HIS E 447 -7.50 44.20 -37.11
C HIS E 447 -6.62 44.96 -36.12
N LEU E 448 -6.95 44.96 -34.84
CA LEU E 448 -6.14 45.66 -33.86
C LEU E 448 -4.86 44.89 -33.55
N PRO E 449 -3.77 45.59 -33.23
CA PRO E 449 -2.53 44.89 -32.85
C PRO E 449 -2.70 44.16 -31.52
N GLU E 450 -2.32 42.88 -31.51
CA GLU E 450 -2.72 42.00 -30.41
C GLU E 450 -2.12 42.41 -29.07
N ASP E 451 -0.86 42.84 -29.05
CA ASP E 451 -0.27 43.20 -27.78
C ASP E 451 -0.84 44.51 -27.23
N ALA E 452 -1.51 45.29 -28.08
CA ALA E 452 -2.25 46.45 -27.57
C ALA E 452 -3.41 46.05 -26.68
N PHE E 453 -3.78 44.77 -26.67
CA PHE E 453 -4.87 44.28 -25.85
C PHE E 453 -4.45 44.06 -24.40
N ARG E 454 -3.25 44.48 -24.02
CA ARG E 454 -2.66 44.13 -22.73
C ARG E 454 -3.10 45.04 -21.59
N LEU E 455 -3.46 44.42 -20.46
CA LEU E 455 -3.72 45.12 -19.19
C LEU E 455 -4.69 46.29 -19.35
N VAL E 456 -5.96 45.97 -19.62
CA VAL E 456 -7.03 46.95 -19.49
C VAL E 456 -8.35 46.22 -19.39
N GLY E 457 -9.34 46.88 -18.79
CA GLY E 457 -10.63 46.32 -18.48
C GLY E 457 -11.84 46.78 -19.29
N ARG E 458 -11.67 47.32 -20.49
CA ARG E 458 -12.82 47.63 -21.32
C ARG E 458 -12.40 47.68 -22.78
N ILE E 459 -13.28 47.19 -23.66
CA ILE E 459 -12.96 47.11 -25.08
C ILE E 459 -12.89 48.50 -25.70
N GLU E 460 -13.74 49.43 -25.23
CA GLU E 460 -13.68 50.79 -25.76
C GLU E 460 -12.33 51.44 -25.45
N GLU E 461 -11.78 51.20 -24.26
CA GLU E 461 -10.45 51.73 -23.99
C GLU E 461 -9.43 51.02 -24.86
N VAL E 462 -9.64 49.73 -25.14
CA VAL E 462 -8.76 49.01 -26.05
C VAL E 462 -8.74 49.68 -27.42
N VAL E 463 -9.91 50.10 -27.89
CA VAL E 463 -10.03 50.79 -29.16
C VAL E 463 -9.28 52.12 -29.11
N GLU E 464 -9.45 52.85 -28.00
CA GLU E 464 -8.76 54.13 -27.85
C GLU E 464 -7.24 53.94 -27.83
N LYS E 465 -6.76 52.90 -27.14
CA LYS E 465 -5.33 52.68 -27.01
C LYS E 465 -4.73 52.27 -28.35
N ALA E 466 -5.42 51.42 -29.08
CA ALA E 466 -4.97 51.00 -30.40
C ALA E 466 -4.98 52.20 -31.36
N THR F 2 -33.25 -23.82 38.35
CA THR F 2 -32.92 -24.55 37.13
C THR F 2 -33.29 -23.74 35.89
N ARG F 3 -33.13 -22.42 35.97
CA ARG F 3 -33.46 -21.53 34.87
C ARG F 3 -32.42 -20.42 34.77
N GLY F 4 -32.33 -19.83 33.58
CA GLY F 4 -31.33 -18.84 33.28
C GLY F 4 -31.87 -17.41 33.30
N ARG F 5 -30.94 -16.47 33.13
CA ARG F 5 -31.25 -15.05 33.14
C ARG F 5 -30.43 -14.34 32.06
N VAL F 6 -30.89 -13.15 31.69
CA VAL F 6 -30.19 -12.28 30.75
C VAL F 6 -29.83 -11.00 31.47
N ILE F 7 -28.54 -10.63 31.44
CA ILE F 7 -28.09 -9.41 32.10
C ILE F 7 -27.45 -8.43 31.13
N GLN F 8 -26.84 -8.90 30.04
CA GLN F 8 -26.11 -8.02 29.11
C GLN F 8 -26.49 -8.36 27.67
N VAL F 9 -26.77 -7.32 26.89
CA VAL F 9 -27.12 -7.45 25.49
C VAL F 9 -26.27 -6.46 24.69
N MET F 10 -25.68 -6.94 23.60
CA MET F 10 -24.79 -6.12 22.78
C MET F 10 -25.13 -6.25 21.30
N GLY F 11 -26.40 -6.54 20.98
CA GLY F 11 -26.80 -6.81 19.63
C GLY F 11 -26.94 -8.28 19.35
N PRO F 12 -26.14 -8.80 18.41
CA PRO F 12 -26.17 -10.24 18.13
C PRO F 12 -25.78 -11.10 19.33
N VAL F 13 -25.06 -10.54 20.29
CA VAL F 13 -24.53 -11.30 21.43
C VAL F 13 -25.38 -11.05 22.65
N VAL F 14 -25.70 -12.12 23.38
CA VAL F 14 -26.38 -12.06 24.66
C VAL F 14 -25.53 -12.77 25.69
N ASP F 15 -25.38 -12.17 26.87
CA ASP F 15 -24.54 -12.73 27.93
C ASP F 15 -25.41 -13.35 29.02
N VAL F 16 -25.99 -14.52 28.71
CA VAL F 16 -26.85 -15.21 29.65
C VAL F 16 -26.07 -15.68 30.88
N LYS F 17 -26.79 -15.95 31.96
CA LYS F 17 -26.22 -16.39 33.22
C LYS F 17 -27.07 -17.52 33.81
N PHE F 18 -26.41 -18.48 34.45
CA PHE F 18 -27.08 -19.60 35.11
C PHE F 18 -26.62 -19.75 36.56
N GLU F 19 -27.01 -20.84 37.19
CA GLU F 19 -26.60 -21.15 38.56
C GLU F 19 -25.63 -22.34 38.55
N ASN F 20 -25.03 -22.58 39.71
CA ASN F 20 -24.01 -23.61 39.86
C ASN F 20 -24.54 -24.98 39.46
N GLY F 21 -23.76 -25.69 38.65
CA GLY F 21 -24.06 -27.06 38.27
C GLY F 21 -24.93 -27.21 37.04
N HIS F 22 -25.47 -26.12 36.50
CA HIS F 22 -26.39 -26.18 35.37
C HIS F 22 -25.81 -25.50 34.13
N LEU F 23 -24.49 -25.48 34.00
CA LEU F 23 -23.85 -24.82 32.88
C LEU F 23 -24.10 -25.61 31.59
N PRO F 24 -24.55 -24.96 30.52
CA PRO F 24 -24.74 -25.68 29.26
C PRO F 24 -23.41 -26.02 28.60
N ALA F 25 -23.49 -26.88 27.59
CA ALA F 25 -22.33 -27.24 26.79
C ALA F 25 -22.33 -26.42 25.50
N ILE F 26 -21.30 -26.62 24.69
CA ILE F 26 -21.18 -25.87 23.43
C ILE F 26 -22.27 -26.35 22.48
N TYR F 27 -22.78 -25.41 21.68
CA TYR F 27 -23.84 -25.62 20.70
C TYR F 27 -25.18 -25.96 21.33
N ASN F 28 -25.32 -25.86 22.64
CA ASN F 28 -26.61 -26.09 23.27
C ASN F 28 -27.58 -24.97 22.93
N ALA F 29 -28.87 -25.28 23.01
CA ALA F 29 -29.94 -24.36 22.62
C ALA F 29 -30.63 -23.81 23.85
N LEU F 30 -30.88 -22.50 23.84
CA LEU F 30 -31.58 -21.81 24.91
C LEU F 30 -32.84 -21.16 24.34
N LYS F 31 -33.90 -21.12 25.15
CA LYS F 31 -35.18 -20.60 24.72
C LYS F 31 -35.66 -19.54 25.70
N ILE F 32 -36.18 -18.44 25.17
CA ILE F 32 -36.71 -17.34 25.97
C ILE F 32 -38.12 -17.03 25.49
N GLN F 33 -39.08 -17.05 26.41
CA GLN F 33 -40.47 -16.71 26.14
C GLN F 33 -40.96 -15.75 27.21
N HIS F 34 -41.74 -14.76 26.78
CA HIS F 34 -42.26 -13.76 27.70
C HIS F 34 -43.53 -13.15 27.11
N LYS F 35 -44.47 -12.81 27.98
CA LYS F 35 -45.68 -12.12 27.59
C LYS F 35 -45.82 -10.82 28.37
N ALA F 36 -46.38 -9.81 27.70
CA ALA F 36 -46.36 -8.45 28.22
C ALA F 36 -47.05 -8.34 29.57
N ARG F 37 -46.31 -7.85 30.56
CA ARG F 37 -46.85 -7.57 31.88
C ARG F 37 -47.46 -6.17 31.95
N ASN F 38 -46.95 -5.24 31.14
CA ASN F 38 -47.45 -3.88 31.08
C ASN F 38 -47.46 -3.46 29.61
N GLU F 39 -48.23 -2.40 29.32
CA GLU F 39 -48.38 -1.95 27.94
C GLU F 39 -47.07 -1.47 27.31
N ASN F 40 -46.06 -1.17 28.13
CA ASN F 40 -44.79 -0.69 27.61
C ASN F 40 -43.88 -1.80 27.10
N GLU F 41 -44.24 -3.07 27.30
CA GLU F 41 -43.42 -4.19 26.88
C GLU F 41 -43.88 -4.72 25.51
N VAL F 42 -43.07 -5.61 24.94
CA VAL F 42 -43.32 -6.17 23.62
C VAL F 42 -43.12 -7.68 23.69
N ASP F 43 -43.93 -8.41 22.91
CA ASP F 43 -43.92 -9.87 22.91
C ASP F 43 -42.97 -10.39 21.83
N ILE F 44 -41.97 -11.19 22.25
CA ILE F 44 -41.02 -11.80 21.31
C ILE F 44 -40.58 -13.15 21.87
N ASP F 45 -40.58 -14.18 21.01
CA ASP F 45 -40.07 -15.51 21.35
C ASP F 45 -38.72 -15.71 20.69
N LEU F 46 -37.71 -16.11 21.48
CA LEU F 46 -36.34 -16.07 21.01
C LEU F 46 -35.62 -17.39 21.34
N THR F 47 -34.65 -17.74 20.48
CA THR F 47 -33.79 -18.89 20.70
C THR F 47 -32.33 -18.50 20.47
N LEU F 48 -31.44 -19.13 21.23
CA LEU F 48 -30.04 -18.73 21.31
C LEU F 48 -29.13 -19.95 21.29
N GLU F 49 -27.90 -19.76 20.83
CA GLU F 49 -26.90 -20.82 20.72
C GLU F 49 -25.66 -20.46 21.52
N VAL F 50 -25.22 -21.37 22.39
CA VAL F 50 -24.10 -21.10 23.29
C VAL F 50 -22.78 -21.29 22.54
N ALA F 51 -21.81 -20.41 22.81
CA ALA F 51 -20.55 -20.47 22.08
C ALA F 51 -19.31 -20.46 22.98
N LEU F 52 -19.38 -19.76 24.11
CA LEU F 52 -18.23 -19.63 25.01
C LEU F 52 -18.68 -19.70 26.45
N HIS F 53 -17.75 -20.09 27.32
CA HIS F 53 -17.93 -20.05 28.76
C HIS F 53 -16.95 -19.04 29.34
N LEU F 54 -17.47 -18.06 30.07
CA LEU F 54 -16.67 -16.95 30.55
C LEU F 54 -16.63 -16.85 32.07
N GLY F 55 -16.85 -17.96 32.76
CA GLY F 55 -16.71 -17.98 34.21
C GLY F 55 -17.75 -17.12 34.91
N ASP F 56 -17.65 -17.11 36.23
CA ASP F 56 -18.60 -16.40 37.09
C ASP F 56 -20.04 -16.81 36.76
N ASP F 57 -20.21 -18.09 36.43
CA ASP F 57 -21.51 -18.69 36.15
C ASP F 57 -22.18 -18.11 34.90
N THR F 58 -21.40 -17.64 33.94
CA THR F 58 -21.94 -17.04 32.72
C THR F 58 -21.42 -17.76 31.49
N VAL F 59 -22.24 -17.76 30.43
CA VAL F 59 -21.85 -18.27 29.12
C VAL F 59 -22.27 -17.27 28.06
N ARG F 60 -21.45 -17.13 27.02
CA ARG F 60 -21.80 -16.29 25.88
C ARG F 60 -22.71 -17.05 24.92
N THR F 61 -23.71 -16.37 24.37
CA THR F 61 -24.56 -16.99 23.38
C THR F 61 -24.82 -16.02 22.23
N ILE F 62 -25.13 -16.60 21.08
CA ILE F 62 -25.38 -15.88 19.84
C ILE F 62 -26.86 -16.02 19.52
N ALA F 63 -27.52 -14.89 19.24
CA ALA F 63 -28.96 -14.88 19.01
C ALA F 63 -29.28 -15.44 17.62
N MET F 64 -30.41 -16.14 17.53
CA MET F 64 -30.88 -16.71 16.29
C MET F 64 -31.93 -15.86 15.59
N ALA F 65 -32.44 -14.83 16.26
CA ALA F 65 -33.45 -13.94 15.69
C ALA F 65 -33.21 -12.54 16.20
N SER F 66 -34.10 -11.62 15.84
CA SER F 66 -33.96 -10.23 16.26
C SER F 66 -34.00 -10.12 17.77
N THR F 67 -33.06 -9.35 18.32
CA THR F 67 -32.91 -9.20 19.76
C THR F 67 -33.54 -7.91 20.28
N ASP F 68 -34.32 -7.22 19.46
CA ASP F 68 -34.95 -5.99 19.90
C ASP F 68 -35.93 -6.26 21.04
N GLY F 69 -35.99 -5.34 21.99
CA GLY F 69 -36.94 -5.43 23.06
C GLY F 69 -36.58 -6.36 24.20
N LEU F 70 -35.36 -6.91 24.23
CA LEU F 70 -34.97 -7.80 25.32
C LEU F 70 -34.76 -6.99 26.60
N ILE F 71 -35.74 -7.06 27.51
CA ILE F 71 -35.59 -6.44 28.81
C ILE F 71 -34.67 -7.30 29.68
N ARG F 72 -33.79 -6.63 30.43
CA ARG F 72 -32.85 -7.34 31.29
C ARG F 72 -33.57 -7.88 32.53
N GLY F 73 -33.19 -9.09 32.94
CA GLY F 73 -33.80 -9.75 34.07
C GLY F 73 -34.81 -10.83 33.72
N MET F 74 -35.04 -11.08 32.44
CA MET F 74 -36.04 -12.06 32.02
C MET F 74 -35.49 -13.49 32.19
N GLU F 75 -36.39 -14.46 32.10
CA GLU F 75 -36.06 -15.86 32.31
C GLU F 75 -35.63 -16.53 31.03
N VAL F 76 -34.75 -17.54 31.18
CA VAL F 76 -34.22 -18.31 30.06
C VAL F 76 -34.43 -19.79 30.35
N ILE F 77 -34.68 -20.56 29.29
CA ILE F 77 -34.92 -22.00 29.37
C ILE F 77 -33.81 -22.71 28.61
N ASP F 78 -33.24 -23.74 29.21
CA ASP F 78 -32.22 -24.54 28.55
C ASP F 78 -32.82 -25.89 28.14
N THR F 79 -32.71 -26.22 26.85
CA THR F 79 -33.22 -27.51 26.38
C THR F 79 -32.29 -28.66 26.76
N GLY F 80 -31.00 -28.38 26.91
CA GLY F 80 -30.03 -29.42 27.24
C GLY F 80 -29.56 -30.25 26.07
N ALA F 81 -30.05 -29.98 24.87
CA ALA F 81 -29.73 -30.73 23.68
C ALA F 81 -29.42 -29.76 22.55
N PRO F 82 -28.69 -30.19 21.54
CA PRO F 82 -28.43 -29.31 20.39
C PRO F 82 -29.72 -28.95 19.66
N ILE F 83 -29.61 -27.99 18.76
CA ILE F 83 -30.74 -27.63 17.91
C ILE F 83 -31.11 -28.84 17.06
N SER F 84 -32.39 -29.20 17.07
CA SER F 84 -32.88 -30.41 16.41
C SER F 84 -33.71 -30.03 15.20
N VAL F 85 -33.38 -30.60 14.05
CA VAL F 85 -34.12 -30.31 12.82
C VAL F 85 -34.61 -31.61 12.18
N PRO F 86 -35.85 -31.66 11.71
CA PRO F 86 -36.37 -32.84 11.05
C PRO F 86 -35.46 -33.33 9.94
N VAL F 87 -35.48 -34.65 9.74
CA VAL F 87 -34.73 -35.26 8.66
C VAL F 87 -35.41 -36.57 8.30
N GLY F 88 -35.29 -36.96 7.03
CA GLY F 88 -35.82 -38.22 6.55
C GLY F 88 -36.76 -38.02 5.36
N GLU F 89 -37.69 -38.96 5.22
CA GLU F 89 -38.63 -38.92 4.11
C GLU F 89 -39.59 -37.74 4.20
N VAL F 90 -39.96 -37.34 5.41
CA VAL F 90 -40.97 -36.30 5.59
C VAL F 90 -40.51 -34.94 5.10
N THR F 91 -39.20 -34.76 4.90
CA THR F 91 -38.64 -33.46 4.55
C THR F 91 -38.54 -33.24 3.04
N LEU F 92 -38.95 -34.20 2.22
CA LEU F 92 -38.89 -34.05 0.78
C LEU F 92 -40.03 -33.16 0.29
N GLY F 93 -39.69 -32.14 -0.50
CA GLY F 93 -40.65 -31.21 -1.04
C GLY F 93 -41.00 -30.04 -0.14
N ARG F 94 -40.59 -30.06 1.11
CA ARG F 94 -40.92 -29.00 2.05
C ARG F 94 -39.78 -27.99 2.15
N VAL F 95 -40.09 -26.85 2.76
CA VAL F 95 -39.14 -25.77 2.96
C VAL F 95 -39.18 -25.34 4.42
N PHE F 96 -38.00 -25.16 5.02
CA PHE F 96 -37.88 -24.81 6.43
C PHE F 96 -36.98 -23.59 6.57
N ASN F 97 -37.02 -22.97 7.74
CA ASN F 97 -36.02 -21.95 8.06
C ASN F 97 -34.84 -22.62 8.78
N VAL F 98 -33.92 -21.80 9.25
CA VAL F 98 -32.73 -22.33 9.93
C VAL F 98 -33.10 -23.05 11.22
N LEU F 99 -34.16 -22.61 11.90
CA LEU F 99 -34.56 -23.27 13.13
C LEU F 99 -35.26 -24.61 12.87
N GLY F 100 -35.62 -24.90 11.63
CA GLY F 100 -36.20 -26.18 11.26
C GLY F 100 -37.70 -26.20 11.06
N GLU F 101 -38.41 -25.14 11.44
CA GLU F 101 -39.86 -25.10 11.27
C GLU F 101 -40.23 -24.89 9.81
N PRO F 102 -41.42 -25.31 9.39
CA PRO F 102 -41.84 -25.06 8.00
C PRO F 102 -42.13 -23.58 7.75
N ILE F 103 -41.76 -23.12 6.56
CA ILE F 103 -42.02 -21.74 6.15
C ILE F 103 -42.77 -21.72 4.82
N ASP F 104 -43.13 -22.91 4.32
CA ASP F 104 -43.94 -23.02 3.12
C ASP F 104 -45.43 -22.92 3.39
N LEU F 105 -45.83 -22.88 4.66
CA LEU F 105 -47.22 -22.69 5.10
C LEU F 105 -48.15 -23.79 4.63
N GLU F 106 -47.63 -24.85 4.00
CA GLU F 106 -48.48 -25.92 3.51
C GLU F 106 -48.96 -26.85 4.63
N GLY F 107 -48.29 -26.85 5.77
CA GLY F 107 -48.68 -27.72 6.86
C GLY F 107 -47.55 -27.85 7.86
N ASP F 108 -47.81 -28.67 8.88
CA ASP F 108 -46.88 -28.92 9.96
C ASP F 108 -46.18 -30.26 9.76
N ILE F 109 -45.22 -30.54 10.63
CA ILE F 109 -44.52 -31.82 10.67
C ILE F 109 -44.47 -32.29 12.12
N PRO F 110 -45.21 -33.33 12.48
CA PRO F 110 -45.29 -33.72 13.89
C PRO F 110 -44.01 -34.34 14.43
N ALA F 111 -44.04 -34.73 15.71
CA ALA F 111 -42.85 -35.23 16.39
C ALA F 111 -42.48 -36.66 16.02
N ASP F 112 -43.34 -37.38 15.31
CA ASP F 112 -43.04 -38.75 14.93
C ASP F 112 -41.91 -38.86 13.91
N ALA F 113 -41.55 -37.75 13.27
CA ALA F 113 -40.42 -37.73 12.35
C ALA F 113 -39.12 -37.56 13.13
N ARG F 114 -38.19 -38.49 12.92
CA ARG F 114 -36.95 -38.48 13.68
C ARG F 114 -36.07 -37.30 13.28
N ARG F 115 -35.47 -36.65 14.30
CA ARG F 115 -34.65 -35.46 14.13
C ARG F 115 -33.34 -35.68 14.88
N ASP F 116 -32.25 -35.19 14.28
CA ASP F 116 -30.93 -35.45 14.84
C ASP F 116 -30.21 -34.17 15.24
N PRO F 117 -29.24 -34.23 16.16
CA PRO F 117 -28.35 -33.10 16.34
C PRO F 117 -27.59 -32.64 15.09
N ILE F 118 -27.30 -31.37 15.04
CA ILE F 118 -26.56 -30.83 13.88
C ILE F 118 -25.09 -31.19 13.95
N HIS F 119 -24.47 -30.99 15.11
CA HIS F 119 -23.02 -31.08 15.23
C HIS F 119 -22.67 -32.49 15.69
N ARG F 120 -21.83 -33.17 14.92
CA ARG F 120 -21.29 -34.48 15.26
C ARG F 120 -19.90 -34.54 14.68
N PRO F 121 -18.99 -35.32 15.28
CA PRO F 121 -17.62 -35.37 14.78
C PRO F 121 -17.52 -36.04 13.42
N ALA F 122 -16.47 -35.69 12.70
CA ALA F 122 -16.25 -36.22 11.36
C ALA F 122 -15.91 -37.71 11.44
N PRO F 123 -16.14 -38.46 10.36
CA PRO F 123 -15.89 -39.90 10.39
C PRO F 123 -14.41 -40.22 10.55
N LYS F 124 -14.15 -41.39 11.15
CA LYS F 124 -12.79 -41.85 11.38
C LYS F 124 -12.17 -42.35 10.07
N PHE F 125 -10.85 -42.55 10.10
CA PHE F 125 -10.14 -42.97 8.89
C PHE F 125 -10.50 -44.38 8.46
N GLU F 126 -10.98 -45.22 9.38
CA GLU F 126 -11.43 -46.56 9.02
C GLU F 126 -12.79 -46.56 8.34
N GLU F 127 -13.50 -45.43 8.32
CA GLU F 127 -14.80 -45.32 7.69
C GLU F 127 -14.75 -44.64 6.33
N LEU F 128 -13.74 -43.80 6.08
CA LEU F 128 -13.67 -43.05 4.84
C LEU F 128 -13.34 -43.96 3.66
N ALA F 129 -13.52 -43.42 2.46
CA ALA F 129 -13.14 -44.09 1.23
C ALA F 129 -12.80 -43.04 0.19
N THR F 130 -12.01 -43.46 -0.81
CA THR F 130 -11.61 -42.58 -1.89
C THR F 130 -11.65 -43.33 -3.21
N GLU F 131 -12.39 -42.79 -4.17
CA GLU F 131 -12.42 -43.30 -5.53
C GLU F 131 -12.58 -42.11 -6.46
N VAL F 132 -12.13 -42.29 -7.69
CA VAL F 132 -12.16 -41.23 -8.71
C VAL F 132 -12.98 -41.72 -9.90
N GLU F 133 -13.99 -40.93 -10.28
CA GLU F 133 -14.79 -41.18 -11.46
C GLU F 133 -15.48 -39.88 -11.87
N ILE F 134 -15.74 -39.75 -13.16
CA ILE F 134 -16.11 -38.46 -13.74
C ILE F 134 -17.58 -38.18 -13.52
N LEU F 135 -17.89 -36.97 -13.06
CA LEU F 135 -19.23 -36.40 -13.12
C LEU F 135 -19.29 -35.42 -14.29
N GLU F 136 -20.31 -35.57 -15.13
CA GLU F 136 -20.37 -34.85 -16.40
C GLU F 136 -21.46 -33.80 -16.39
N THR F 137 -21.19 -32.67 -17.02
CA THR F 137 -22.12 -31.54 -17.08
C THR F 137 -22.41 -31.05 -18.50
N GLY F 138 -21.58 -31.37 -19.49
CA GLY F 138 -21.78 -30.91 -20.85
C GLY F 138 -21.24 -29.53 -21.15
N ILE F 139 -20.62 -28.86 -20.19
CA ILE F 139 -20.05 -27.54 -20.42
C ILE F 139 -18.66 -27.70 -21.06
N LYS F 140 -18.42 -26.95 -22.14
CA LYS F 140 -17.18 -27.11 -22.89
C LYS F 140 -15.96 -26.73 -22.06
N VAL F 141 -16.01 -25.55 -21.43
CA VAL F 141 -14.83 -25.05 -20.72
C VAL F 141 -14.53 -25.88 -19.49
N VAL F 142 -15.57 -26.39 -18.82
CA VAL F 142 -15.36 -27.10 -17.56
C VAL F 142 -14.91 -28.53 -17.80
N ASP F 143 -15.61 -29.25 -18.69
CA ASP F 143 -15.41 -30.68 -18.81
C ASP F 143 -14.01 -31.06 -19.31
N LEU F 144 -13.29 -30.15 -19.96
CA LEU F 144 -11.97 -30.50 -20.46
C LEU F 144 -10.87 -30.17 -19.46
N LEU F 145 -10.75 -28.90 -19.09
CA LEU F 145 -9.62 -28.47 -18.27
C LEU F 145 -9.81 -28.75 -16.79
N ALA F 146 -11.02 -29.15 -16.37
CA ALA F 146 -11.24 -29.48 -14.96
C ALA F 146 -12.47 -30.36 -14.80
N PRO F 147 -12.40 -31.64 -15.19
CA PRO F 147 -13.55 -32.52 -14.97
C PRO F 147 -13.79 -32.75 -13.49
N TYR F 148 -15.05 -32.98 -13.15
CA TYR F 148 -15.45 -33.18 -11.76
C TYR F 148 -15.36 -34.64 -11.36
N ILE F 149 -15.32 -34.87 -10.05
CA ILE F 149 -15.16 -36.19 -9.48
C ILE F 149 -16.38 -36.50 -8.61
N LYS F 150 -16.98 -37.67 -8.81
CA LYS F 150 -18.13 -38.07 -8.02
C LYS F 150 -17.73 -38.17 -6.55
N GLY F 151 -18.55 -37.58 -5.69
CA GLY F 151 -18.28 -37.60 -4.26
C GLY F 151 -17.23 -36.63 -3.80
N GLY F 152 -16.72 -35.77 -4.68
CA GLY F 152 -15.73 -34.79 -4.32
C GLY F 152 -16.34 -33.40 -4.08
N LYS F 153 -15.46 -32.42 -3.96
CA LYS F 153 -15.87 -31.04 -3.75
C LYS F 153 -15.48 -30.21 -4.97
N ILE F 154 -16.43 -29.43 -5.47
CA ILE F 154 -16.23 -28.51 -6.59
C ILE F 154 -16.44 -27.10 -6.08
N GLY F 155 -15.47 -26.24 -6.32
CA GLY F 155 -15.49 -24.87 -5.83
C GLY F 155 -15.64 -23.88 -6.96
N LEU F 156 -16.47 -22.86 -6.72
CA LEU F 156 -16.67 -21.74 -7.64
C LEU F 156 -16.17 -20.47 -6.99
N PHE F 157 -15.33 -19.72 -7.71
CA PHE F 157 -14.74 -18.48 -7.20
C PHE F 157 -15.06 -17.35 -8.16
N GLY F 158 -15.54 -16.24 -7.61
CA GLY F 158 -15.87 -15.09 -8.42
C GLY F 158 -16.12 -13.88 -7.55
N GLY F 159 -16.05 -12.71 -8.17
CA GLY F 159 -16.23 -11.45 -7.47
C GLY F 159 -17.69 -11.15 -7.19
N ALA F 160 -17.97 -9.87 -6.97
CA ALA F 160 -19.33 -9.42 -6.67
C ALA F 160 -20.17 -9.37 -7.95
N GLY F 161 -20.38 -10.55 -8.52
CA GLY F 161 -21.20 -10.71 -9.70
C GLY F 161 -20.42 -11.08 -10.94
N VAL F 162 -20.35 -12.38 -11.25
CA VAL F 162 -19.70 -12.86 -12.45
C VAL F 162 -20.56 -13.92 -13.13
N GLY F 163 -21.54 -14.43 -12.40
CA GLY F 163 -22.40 -15.47 -12.93
C GLY F 163 -22.37 -16.77 -12.14
N LYS F 164 -22.07 -16.68 -10.84
CA LYS F 164 -22.01 -17.87 -10.01
C LYS F 164 -23.37 -18.56 -9.93
N THR F 165 -24.42 -17.80 -9.61
CA THR F 165 -25.75 -18.38 -9.53
C THR F 165 -26.21 -18.90 -10.87
N VAL F 166 -25.81 -18.24 -11.97
CA VAL F 166 -26.15 -18.74 -13.30
C VAL F 166 -25.56 -20.13 -13.52
N LEU F 167 -24.29 -20.31 -13.14
CA LEU F 167 -23.67 -21.62 -13.27
C LEU F 167 -24.34 -22.65 -12.38
N ILE F 168 -24.71 -22.27 -11.15
CA ILE F 168 -25.34 -23.23 -10.25
C ILE F 168 -26.68 -23.70 -10.80
N GLN F 169 -27.50 -22.76 -11.28
CA GLN F 169 -28.80 -23.14 -11.83
C GLN F 169 -28.65 -23.91 -13.14
N GLU F 170 -27.63 -23.58 -13.95
CA GLU F 170 -27.38 -24.37 -15.15
C GLU F 170 -27.01 -25.81 -14.82
N LEU F 171 -26.15 -25.99 -13.82
CA LEU F 171 -25.80 -27.34 -13.38
C LEU F 171 -27.03 -28.08 -12.88
N ILE F 172 -27.89 -27.40 -12.11
CA ILE F 172 -29.10 -28.05 -11.61
C ILE F 172 -29.99 -28.48 -12.77
N HIS F 173 -30.17 -27.60 -13.75
CA HIS F 173 -31.01 -27.95 -14.90
C HIS F 173 -30.41 -29.08 -15.70
N ASN F 174 -29.09 -29.22 -15.71
CA ASN F 174 -28.43 -30.22 -16.55
C ASN F 174 -28.15 -31.53 -15.85
N ILE F 175 -28.11 -31.56 -14.52
CA ILE F 175 -27.71 -32.77 -13.80
C ILE F 175 -28.74 -33.21 -12.79
N ALA F 176 -29.16 -32.29 -11.91
CA ALA F 176 -29.84 -32.67 -10.67
C ALA F 176 -31.13 -33.45 -10.93
N GLN F 177 -31.84 -33.17 -12.01
CA GLN F 177 -33.12 -33.83 -12.24
C GLN F 177 -32.92 -35.27 -12.71
N GLU F 178 -31.94 -35.52 -13.57
CA GLU F 178 -31.74 -36.83 -14.18
C GLU F 178 -30.63 -37.63 -13.55
N HIS F 179 -29.99 -37.12 -12.49
CA HIS F 179 -28.93 -37.88 -11.84
C HIS F 179 -29.47 -39.10 -11.10
N GLY F 180 -30.74 -39.06 -10.68
CA GLY F 180 -31.34 -40.17 -9.96
C GLY F 180 -31.15 -40.15 -8.47
N GLY F 181 -30.46 -39.13 -7.92
CA GLY F 181 -30.20 -39.05 -6.51
C GLY F 181 -31.01 -37.96 -5.82
N ILE F 182 -31.01 -38.03 -4.49
CA ILE F 182 -31.70 -37.04 -3.67
C ILE F 182 -30.97 -35.70 -3.77
N SER F 183 -31.73 -34.63 -3.96
CA SER F 183 -31.16 -33.30 -4.13
C SER F 183 -31.53 -32.41 -2.94
N VAL F 184 -30.55 -31.66 -2.46
CA VAL F 184 -30.75 -30.68 -1.40
C VAL F 184 -30.19 -29.35 -1.87
N PHE F 185 -30.97 -28.29 -1.73
CA PHE F 185 -30.50 -26.94 -2.07
C PHE F 185 -30.66 -26.07 -0.83
N ALA F 186 -29.53 -25.64 -0.28
CA ALA F 186 -29.51 -24.74 0.86
C ALA F 186 -29.30 -23.33 0.35
N GLY F 187 -30.32 -22.49 0.50
CA GLY F 187 -30.24 -21.11 0.09
C GLY F 187 -29.54 -20.25 1.12
N VAL F 188 -28.21 -20.35 1.15
CA VAL F 188 -27.38 -19.67 2.15
C VAL F 188 -27.03 -18.29 1.63
N GLY F 189 -27.65 -17.26 2.20
CA GLY F 189 -27.20 -15.90 2.01
C GLY F 189 -27.45 -15.27 0.66
N ASP F 190 -28.24 -15.90 -0.20
CA ASP F 190 -28.53 -15.31 -1.50
C ASP F 190 -29.69 -14.33 -1.39
N ARG F 191 -30.12 -13.79 -2.54
CA ARG F 191 -31.27 -12.91 -2.58
C ARG F 191 -32.55 -13.70 -2.30
N THR F 192 -33.46 -13.08 -1.54
CA THR F 192 -34.75 -13.72 -1.27
C THR F 192 -35.59 -13.86 -2.53
N ARG F 193 -35.41 -12.98 -3.51
CA ARG F 193 -36.14 -13.08 -4.76
C ARG F 193 -35.81 -14.38 -5.49
N GLU F 194 -34.53 -14.72 -5.56
CA GLU F 194 -34.14 -15.99 -6.18
C GLU F 194 -34.66 -17.17 -5.35
N GLY F 195 -34.65 -17.04 -4.03
CA GLY F 195 -35.14 -18.12 -3.19
C GLY F 195 -36.60 -18.44 -3.42
N ASN F 196 -37.44 -17.41 -3.56
CA ASN F 196 -38.84 -17.65 -3.86
C ASN F 196 -39.12 -17.85 -5.34
N ASP F 197 -38.16 -17.56 -6.22
CA ASP F 197 -38.31 -17.89 -7.63
C ASP F 197 -38.06 -19.37 -7.89
N LEU F 198 -37.01 -19.93 -7.29
CA LEU F 198 -36.74 -21.35 -7.47
C LEU F 198 -37.83 -22.23 -6.86
N TYR F 199 -38.55 -21.74 -5.85
CA TYR F 199 -39.64 -22.54 -5.29
C TYR F 199 -40.73 -22.78 -6.33
N HIS F 200 -41.12 -21.72 -7.05
CA HIS F 200 -42.01 -21.88 -8.20
C HIS F 200 -41.36 -22.75 -9.27
N GLU F 201 -40.08 -22.49 -9.57
CA GLU F 201 -39.40 -23.25 -10.62
C GLU F 201 -39.41 -24.75 -10.33
N MET F 202 -39.35 -25.14 -9.05
CA MET F 202 -39.34 -26.54 -8.68
C MET F 202 -40.74 -27.12 -8.60
N LYS F 203 -41.69 -26.40 -8.02
CA LYS F 203 -43.04 -26.97 -7.86
C LYS F 203 -43.75 -27.12 -9.20
N ASP F 204 -43.68 -26.10 -10.07
CA ASP F 204 -44.40 -26.20 -11.34
C ASP F 204 -43.76 -27.18 -12.31
N SER F 205 -42.55 -27.66 -12.02
CA SER F 205 -41.84 -28.56 -12.92
C SER F 205 -41.87 -30.01 -12.45
N GLY F 206 -42.43 -30.30 -11.27
CA GLY F 206 -42.57 -31.65 -10.80
C GLY F 206 -41.32 -32.27 -10.20
N VAL F 207 -40.21 -31.52 -10.12
CA VAL F 207 -39.00 -32.06 -9.52
C VAL F 207 -39.01 -31.94 -8.00
N ILE F 208 -39.93 -31.14 -7.44
CA ILE F 208 -39.93 -30.89 -6.00
C ILE F 208 -40.14 -32.16 -5.18
N SER F 209 -40.62 -33.24 -5.81
CA SER F 209 -40.83 -34.48 -5.09
C SER F 209 -39.53 -35.15 -4.66
N LYS F 210 -38.39 -34.69 -5.17
CA LYS F 210 -37.09 -35.27 -4.84
C LYS F 210 -36.09 -34.16 -4.50
N THR F 211 -36.49 -33.24 -3.62
CA THR F 211 -35.64 -32.13 -3.24
C THR F 211 -35.98 -31.68 -1.83
N ALA F 212 -34.96 -31.21 -1.11
CA ALA F 212 -35.11 -30.63 0.22
C ALA F 212 -34.37 -29.30 0.30
N MET F 213 -34.96 -28.32 0.97
CA MET F 213 -34.38 -26.98 1.00
C MET F 213 -34.55 -26.31 2.36
N VAL F 214 -33.56 -25.51 2.74
CA VAL F 214 -33.65 -24.59 3.89
C VAL F 214 -33.03 -23.26 3.47
N PHE F 215 -33.57 -22.15 3.97
CA PHE F 215 -33.15 -20.83 3.52
C PHE F 215 -32.63 -19.98 4.68
N GLY F 216 -31.61 -19.17 4.38
CA GLY F 216 -30.97 -18.28 5.34
C GLY F 216 -30.62 -16.90 4.80
N GLN F 217 -31.48 -16.32 3.95
CA GLN F 217 -31.11 -15.23 3.06
C GLN F 217 -30.65 -13.99 3.82
N MET F 218 -30.34 -12.94 3.04
CA MET F 218 -29.56 -11.81 3.53
C MET F 218 -30.22 -11.09 4.70
N ASN F 219 -31.55 -11.06 4.75
CA ASN F 219 -32.25 -10.21 5.72
C ASN F 219 -32.06 -10.67 7.16
N GLU F 220 -31.56 -11.85 7.38
CA GLU F 220 -31.56 -12.49 8.68
C GLU F 220 -30.37 -12.07 9.53
N PRO F 221 -30.52 -12.05 10.85
CA PRO F 221 -29.46 -11.56 11.74
C PRO F 221 -28.21 -12.43 11.65
N PRO F 222 -27.07 -11.94 12.17
CA PRO F 222 -25.80 -12.64 11.94
C PRO F 222 -25.75 -14.06 12.48
N GLY F 223 -26.51 -14.37 13.54
CA GLY F 223 -26.48 -15.71 14.10
C GLY F 223 -27.04 -16.77 13.18
N ALA F 224 -28.06 -16.42 12.39
CA ALA F 224 -28.71 -17.41 11.54
C ALA F 224 -27.88 -17.74 10.30
N ARG F 225 -27.13 -16.77 9.79
CA ARG F 225 -26.44 -16.94 8.51
C ARG F 225 -25.33 -17.98 8.55
N MET F 226 -24.94 -18.44 9.74
CA MET F 226 -23.88 -19.44 9.85
C MET F 226 -24.42 -20.85 9.66
N ARG F 227 -25.52 -21.19 10.33
CA ARG F 227 -25.96 -22.57 10.49
C ARG F 227 -26.83 -23.07 9.35
N VAL F 228 -27.08 -22.25 8.33
CA VAL F 228 -27.86 -22.70 7.18
C VAL F 228 -27.16 -23.84 6.47
N ALA F 229 -25.84 -23.73 6.31
CA ALA F 229 -25.08 -24.80 5.66
C ALA F 229 -25.11 -26.07 6.47
N LEU F 230 -24.99 -25.98 7.80
CA LEU F 230 -25.03 -27.18 8.64
C LEU F 230 -26.41 -27.83 8.61
N THR F 231 -27.48 -27.02 8.64
CA THR F 231 -28.83 -27.57 8.56
C THR F 231 -29.09 -28.18 7.20
N GLY F 232 -28.45 -27.67 6.15
CA GLY F 232 -28.56 -28.31 4.85
C GLY F 232 -27.79 -29.62 4.78
N LEU F 233 -26.62 -29.67 5.42
CA LEU F 233 -25.78 -30.86 5.35
C LEU F 233 -26.29 -32.00 6.23
N THR F 234 -26.95 -31.67 7.34
CA THR F 234 -27.44 -32.73 8.23
C THR F 234 -28.54 -33.58 7.60
N MET F 235 -29.11 -33.15 6.49
CA MET F 235 -30.10 -33.93 5.75
C MET F 235 -29.46 -34.79 4.68
N ALA F 236 -28.50 -34.21 3.94
CA ALA F 236 -27.75 -34.98 2.96
C ALA F 236 -26.98 -36.11 3.63
N GLU F 237 -26.51 -35.89 4.87
CA GLU F 237 -25.82 -36.96 5.60
C GLU F 237 -26.74 -38.16 5.81
N TYR F 238 -27.97 -37.91 6.26
CA TYR F 238 -28.92 -39.00 6.47
C TYR F 238 -29.28 -39.66 5.15
N PHE F 239 -29.49 -38.86 4.09
CA PHE F 239 -29.81 -39.46 2.79
C PHE F 239 -28.68 -40.34 2.27
N ARG F 240 -27.43 -39.97 2.56
CA ARG F 240 -26.32 -40.82 2.16
C ARG F 240 -26.24 -42.09 3.00
N ASP F 241 -26.37 -41.96 4.32
CA ASP F 241 -26.04 -43.09 5.20
C ASP F 241 -27.20 -44.07 5.33
N GLU F 242 -28.32 -43.64 5.90
CA GLU F 242 -29.34 -44.58 6.32
C GLU F 242 -30.25 -45.04 5.19
N GLN F 243 -30.24 -44.37 4.04
CA GLN F 243 -31.04 -44.78 2.90
C GLN F 243 -30.21 -45.26 1.72
N GLY F 244 -28.89 -45.14 1.79
CA GLY F 244 -28.03 -45.61 0.71
C GLY F 244 -28.25 -44.92 -0.61
N GLN F 245 -28.61 -43.64 -0.59
CA GLN F 245 -28.87 -42.88 -1.80
C GLN F 245 -27.73 -41.92 -2.08
N ASP F 246 -27.42 -41.75 -3.37
CA ASP F 246 -26.48 -40.72 -3.78
C ASP F 246 -27.13 -39.35 -3.63
N VAL F 247 -26.37 -38.40 -3.12
CA VAL F 247 -26.91 -37.08 -2.76
C VAL F 247 -26.11 -36.00 -3.46
N LEU F 248 -26.82 -35.03 -4.02
CA LEU F 248 -26.22 -33.80 -4.54
C LEU F 248 -26.60 -32.66 -3.63
N LEU F 249 -25.62 -31.82 -3.28
CA LEU F 249 -25.84 -30.68 -2.40
C LEU F 249 -25.33 -29.42 -3.09
N PHE F 250 -26.16 -28.39 -3.14
CA PHE F 250 -25.81 -27.12 -3.76
C PHE F 250 -25.82 -26.02 -2.71
N ILE F 251 -24.73 -25.27 -2.63
CA ILE F 251 -24.61 -24.12 -1.73
C ILE F 251 -24.04 -22.96 -2.53
N ASP F 252 -24.60 -21.77 -2.35
CA ASP F 252 -24.28 -20.62 -3.18
C ASP F 252 -23.34 -19.62 -2.51
N ASN F 253 -23.56 -19.29 -1.24
CA ASN F 253 -22.79 -18.24 -0.55
C ASN F 253 -22.32 -18.73 0.81
N ILE F 254 -21.68 -19.90 0.83
CA ILE F 254 -21.15 -20.44 2.08
C ILE F 254 -20.11 -19.51 2.71
N PHE F 255 -19.50 -18.63 1.91
CA PHE F 255 -18.58 -17.63 2.46
C PHE F 255 -19.26 -16.78 3.53
N ARG F 256 -20.56 -16.51 3.36
CA ARG F 256 -21.31 -15.74 4.35
C ARG F 256 -21.27 -16.37 5.73
N PHE F 257 -20.82 -17.62 5.84
CA PHE F 257 -20.49 -18.25 7.11
C PHE F 257 -19.39 -17.46 7.80
N THR F 258 -18.20 -17.45 7.19
CA THR F 258 -17.03 -16.88 7.84
C THR F 258 -17.22 -15.40 8.13
N GLN F 259 -17.75 -14.66 7.15
CA GLN F 259 -18.03 -13.24 7.36
C GLN F 259 -18.90 -13.03 8.59
N ALA F 260 -19.92 -13.88 8.76
CA ALA F 260 -20.80 -13.75 9.92
C ALA F 260 -19.99 -13.85 11.20
N GLY F 261 -19.02 -14.77 11.25
CA GLY F 261 -18.17 -14.86 12.42
C GLY F 261 -17.47 -13.54 12.71
N SER F 262 -16.93 -12.89 11.67
CA SER F 262 -16.26 -11.63 11.88
C SER F 262 -17.20 -10.59 12.49
N GLU F 263 -18.49 -10.70 12.18
CA GLU F 263 -19.45 -9.79 12.78
C GLU F 263 -19.59 -10.04 14.28
N VAL F 264 -19.64 -11.32 14.69
CA VAL F 264 -19.92 -11.63 16.08
C VAL F 264 -18.66 -11.71 16.94
N SER F 265 -17.50 -12.02 16.35
CA SER F 265 -16.30 -12.23 17.15
C SER F 265 -15.91 -10.94 17.88
N ALA F 266 -15.95 -9.81 17.19
CA ALA F 266 -15.61 -8.53 17.81
C ALA F 266 -16.52 -8.21 18.99
N LEU F 267 -17.71 -8.82 19.06
CA LEU F 267 -18.57 -8.62 20.21
C LEU F 267 -18.37 -9.70 21.27
N LEU F 268 -17.89 -10.88 20.89
CA LEU F 268 -17.65 -11.92 21.87
C LEU F 268 -16.50 -11.57 22.81
N GLY F 269 -15.49 -10.86 22.30
CA GLY F 269 -14.38 -10.45 23.14
C GLY F 269 -13.04 -11.06 22.76
N ARG F 270 -12.83 -11.29 21.46
CA ARG F 270 -11.59 -11.86 20.96
C ARG F 270 -10.69 -10.78 20.36
N MET F 271 -9.40 -11.07 20.38
CA MET F 271 -8.44 -10.20 19.72
C MET F 271 -8.61 -10.31 18.19
N PRO F 272 -8.33 -9.25 17.44
CA PRO F 272 -8.53 -9.31 16.00
C PRO F 272 -7.38 -9.94 15.23
N SER F 273 -7.71 -10.49 14.07
CA SER F 273 -6.76 -11.13 13.18
C SER F 273 -6.14 -10.06 12.27
N ALA F 274 -5.49 -10.50 11.20
CA ALA F 274 -4.78 -9.57 10.32
C ALA F 274 -5.69 -8.46 9.81
N VAL F 275 -6.87 -8.81 9.33
CA VAL F 275 -7.75 -7.84 8.68
C VAL F 275 -9.06 -7.83 9.49
N GLY F 276 -8.97 -8.26 10.74
CA GLY F 276 -10.11 -8.19 11.64
C GLY F 276 -10.94 -9.45 11.74
N TYR F 277 -10.57 -10.52 11.05
CA TYR F 277 -11.31 -11.76 11.16
C TYR F 277 -11.20 -12.34 12.56
N GLN F 278 -12.07 -13.30 12.84
CA GLN F 278 -11.95 -14.08 14.06
C GLN F 278 -10.71 -14.97 13.96
N PRO F 279 -9.97 -15.15 15.05
CA PRO F 279 -8.79 -16.02 14.97
C PRO F 279 -9.14 -17.50 15.02
N THR F 280 -10.18 -17.90 14.27
CA THR F 280 -10.60 -19.29 14.18
C THR F 280 -11.02 -19.66 12.76
N LEU F 281 -10.58 -18.91 11.75
CA LEU F 281 -11.07 -19.12 10.38
C LEU F 281 -10.79 -20.54 9.90
N ALA F 282 -9.53 -20.96 9.99
CA ALA F 282 -9.15 -22.26 9.45
C ALA F 282 -9.82 -23.40 10.19
N THR F 283 -9.82 -23.36 11.53
CA THR F 283 -10.39 -24.46 12.30
C THR F 283 -11.89 -24.57 12.11
N GLU F 284 -12.61 -23.43 12.07
CA GLU F 284 -14.05 -23.50 11.90
C GLU F 284 -14.42 -23.92 10.48
N MET F 285 -13.71 -23.41 9.47
CA MET F 285 -14.03 -23.87 8.12
C MET F 285 -13.71 -25.36 7.96
N GLY F 286 -12.64 -25.83 8.60
CA GLY F 286 -12.36 -27.25 8.57
C GLY F 286 -13.46 -28.06 9.24
N GLN F 287 -13.89 -27.65 10.43
CA GLN F 287 -14.99 -28.33 11.10
C GLN F 287 -16.26 -28.30 10.27
N LEU F 288 -16.39 -27.34 9.36
CA LEU F 288 -17.54 -27.30 8.47
C LEU F 288 -17.39 -28.28 7.30
N GLN F 289 -16.30 -28.16 6.53
CA GLN F 289 -16.13 -28.92 5.30
C GLN F 289 -15.57 -30.33 5.50
N GLU F 290 -15.20 -30.72 6.72
CA GLU F 290 -14.71 -32.08 6.90
C GLU F 290 -15.83 -33.10 7.05
N ARG F 291 -17.09 -32.66 7.10
CA ARG F 291 -18.21 -33.57 7.15
C ARG F 291 -18.82 -33.84 5.78
N ILE F 292 -18.42 -33.09 4.75
CA ILE F 292 -18.92 -33.33 3.38
C ILE F 292 -17.96 -34.33 2.76
N THR F 293 -18.22 -35.61 3.04
CA THR F 293 -17.34 -36.69 2.63
C THR F 293 -18.15 -37.84 2.03
N SER F 294 -17.49 -38.65 1.22
CA SER F 294 -18.03 -39.92 0.78
C SER F 294 -17.63 -41.01 1.77
N THR F 295 -18.38 -42.11 1.74
CA THR F 295 -18.08 -43.26 2.58
C THR F 295 -18.18 -44.52 1.73
N ALA F 296 -18.02 -45.68 2.38
CA ALA F 296 -18.19 -46.95 1.71
C ALA F 296 -19.66 -47.29 1.46
N LYS F 297 -20.59 -46.54 2.05
CA LYS F 297 -22.01 -46.78 1.88
C LYS F 297 -22.65 -45.88 0.84
N GLY F 298 -22.02 -44.76 0.50
CA GLY F 298 -22.59 -43.84 -0.48
C GLY F 298 -21.64 -42.70 -0.74
N SER F 299 -22.07 -41.81 -1.62
CA SER F 299 -21.26 -40.66 -2.02
C SER F 299 -22.09 -39.38 -1.95
N ILE F 300 -21.47 -38.32 -1.46
CA ILE F 300 -22.08 -37.00 -1.43
C ILE F 300 -21.23 -36.09 -2.32
N THR F 301 -21.86 -35.52 -3.34
CA THR F 301 -21.21 -34.57 -4.24
C THR F 301 -21.80 -33.19 -4.00
N SER F 302 -20.96 -32.22 -3.66
CA SER F 302 -21.40 -30.89 -3.32
C SER F 302 -20.70 -29.88 -4.21
N ILE F 303 -21.47 -28.97 -4.81
CA ILE F 303 -20.95 -27.87 -5.61
C ILE F 303 -21.20 -26.58 -4.83
N GLN F 304 -20.13 -25.86 -4.53
CA GLN F 304 -20.20 -24.68 -3.68
C GLN F 304 -19.54 -23.50 -4.36
N ALA F 305 -19.92 -22.30 -3.92
CA ALA F 305 -19.34 -21.06 -4.40
C ALA F 305 -18.95 -20.20 -3.20
N ILE F 306 -17.83 -19.49 -3.32
CA ILE F 306 -17.29 -18.67 -2.25
C ILE F 306 -17.24 -17.22 -2.73
N TYR F 307 -17.77 -16.31 -1.92
CA TYR F 307 -17.81 -14.89 -2.26
C TYR F 307 -16.44 -14.28 -1.99
N VAL F 308 -15.75 -13.87 -3.05
CA VAL F 308 -14.47 -13.17 -2.89
C VAL F 308 -14.75 -11.71 -2.56
N PRO F 309 -14.19 -11.17 -1.46
CA PRO F 309 -14.57 -9.81 -1.03
C PRO F 309 -14.20 -8.72 -2.01
N ALA F 310 -13.28 -8.96 -2.95
CA ALA F 310 -12.90 -7.98 -3.95
C ALA F 310 -12.17 -8.71 -5.08
N ASP F 311 -11.58 -7.95 -6.01
CA ASP F 311 -10.74 -8.55 -7.03
C ASP F 311 -9.35 -8.81 -6.46
N ASP F 312 -9.30 -9.50 -5.32
CA ASP F 312 -8.03 -9.86 -4.68
C ASP F 312 -8.14 -11.23 -4.02
N TYR F 313 -7.54 -12.23 -4.69
CA TYR F 313 -7.61 -13.61 -4.22
C TYR F 313 -6.65 -13.87 -3.06
N THR F 314 -5.79 -12.90 -2.73
CA THR F 314 -4.87 -13.04 -1.62
C THR F 314 -5.56 -12.86 -0.27
N ASP F 315 -6.84 -12.50 -0.25
CA ASP F 315 -7.55 -12.37 1.01
C ASP F 315 -7.58 -13.72 1.73
N PRO F 316 -7.29 -13.76 3.03
CA PRO F 316 -7.17 -15.05 3.72
C PRO F 316 -8.40 -15.92 3.64
N ALA F 317 -9.61 -15.34 3.76
CA ALA F 317 -10.82 -16.14 3.81
C ALA F 317 -11.04 -16.96 2.54
N PRO F 318 -10.92 -16.41 1.32
CA PRO F 318 -10.99 -17.28 0.13
C PRO F 318 -9.71 -18.02 -0.18
N ALA F 319 -8.54 -17.50 0.22
CA ALA F 319 -7.29 -18.18 -0.06
C ALA F 319 -7.20 -19.51 0.69
N THR F 320 -7.66 -19.55 1.94
CA THR F 320 -7.60 -20.78 2.72
C THR F 320 -8.66 -21.80 2.32
N THR F 321 -9.50 -21.49 1.32
CA THR F 321 -10.45 -22.48 0.81
C THR F 321 -9.77 -23.54 -0.04
N PHE F 322 -8.60 -23.26 -0.60
CA PHE F 322 -7.94 -24.21 -1.50
C PHE F 322 -7.46 -25.47 -0.80
N SER F 323 -7.50 -25.51 0.53
CA SER F 323 -7.09 -26.70 1.27
C SER F 323 -8.11 -27.84 1.21
N HIS F 324 -9.30 -27.61 0.68
CA HIS F 324 -10.35 -28.62 0.66
C HIS F 324 -10.90 -28.94 -0.71
N LEU F 325 -10.72 -28.07 -1.71
CA LEU F 325 -11.35 -28.29 -3.00
C LEU F 325 -10.70 -29.46 -3.74
N ASP F 326 -11.54 -30.22 -4.45
CA ASP F 326 -11.06 -31.25 -5.37
C ASP F 326 -11.11 -30.82 -6.82
N ALA F 327 -12.00 -29.88 -7.17
CA ALA F 327 -12.00 -29.25 -8.48
C ALA F 327 -12.23 -27.77 -8.27
N THR F 328 -11.52 -26.94 -9.02
CA THR F 328 -11.57 -25.49 -8.85
C THR F 328 -12.00 -24.83 -10.14
N THR F 329 -12.92 -23.87 -10.03
CA THR F 329 -13.32 -23.00 -11.12
C THR F 329 -13.22 -21.57 -10.61
N ASN F 330 -12.57 -20.71 -11.39
CA ASN F 330 -12.35 -19.32 -11.00
C ASN F 330 -12.98 -18.40 -12.02
N LEU F 331 -13.62 -17.33 -11.55
CA LEU F 331 -14.15 -16.29 -12.41
C LEU F 331 -13.48 -14.96 -12.08
N GLU F 332 -13.45 -14.08 -13.08
CA GLU F 332 -12.88 -12.75 -12.90
C GLU F 332 -13.68 -11.78 -13.75
N ARG F 333 -13.76 -10.53 -13.30
CA ARG F 333 -14.50 -9.53 -14.06
C ARG F 333 -13.84 -9.27 -15.41
N LYS F 334 -12.50 -9.21 -15.44
CA LYS F 334 -11.76 -8.77 -16.63
C LYS F 334 -12.02 -9.66 -17.84
N LEU F 335 -12.30 -10.95 -17.64
CA LEU F 335 -12.71 -11.75 -18.80
C LEU F 335 -14.21 -11.65 -19.06
N ALA F 336 -15.01 -11.42 -18.02
CA ALA F 336 -16.45 -11.25 -18.24
C ALA F 336 -16.72 -10.02 -19.10
N GLU F 337 -15.85 -9.01 -19.05
CA GLU F 337 -16.17 -7.78 -19.76
C GLU F 337 -15.85 -7.86 -21.24
N MET F 338 -15.16 -8.93 -21.67
CA MET F 338 -14.79 -9.12 -23.08
C MET F 338 -15.95 -9.62 -23.92
N GLY F 339 -17.11 -9.88 -23.33
CA GLY F 339 -18.22 -10.44 -24.07
C GLY F 339 -18.18 -11.94 -24.22
N ILE F 340 -17.50 -12.63 -23.32
CA ILE F 340 -17.35 -14.08 -23.35
C ILE F 340 -17.98 -14.66 -22.09
N TYR F 341 -18.95 -15.55 -22.25
CA TYR F 341 -19.60 -16.20 -21.13
C TYR F 341 -19.63 -17.71 -21.37
N PRO F 342 -19.26 -18.53 -20.37
CA PRO F 342 -18.79 -18.14 -19.04
C PRO F 342 -17.33 -17.69 -19.06
N ALA F 343 -16.93 -16.79 -18.18
CA ALA F 343 -15.57 -16.24 -18.21
C ALA F 343 -14.66 -16.99 -17.24
N VAL F 344 -14.55 -18.29 -17.46
CA VAL F 344 -13.68 -19.14 -16.65
C VAL F 344 -12.25 -18.95 -17.13
N ASP F 345 -11.34 -18.72 -16.20
CA ASP F 345 -9.94 -18.51 -16.55
C ASP F 345 -9.29 -19.85 -16.82
N PRO F 346 -8.70 -20.07 -17.99
CA PRO F 346 -8.12 -21.38 -18.31
C PRO F 346 -6.83 -21.71 -17.59
N LEU F 347 -6.12 -20.72 -17.03
CA LEU F 347 -4.82 -20.96 -16.41
C LEU F 347 -4.87 -20.91 -14.88
N ALA F 348 -6.06 -21.00 -14.29
CA ALA F 348 -6.17 -21.11 -12.84
C ALA F 348 -7.23 -22.10 -12.38
N SER F 349 -7.96 -22.73 -13.30
CA SER F 349 -8.90 -23.78 -12.96
C SER F 349 -8.25 -25.13 -13.22
N THR F 350 -8.14 -25.95 -12.18
CA THR F 350 -7.49 -27.24 -12.26
C THR F 350 -8.34 -28.27 -11.53
N SER F 351 -8.01 -29.54 -11.72
CA SER F 351 -8.74 -30.62 -11.07
C SER F 351 -7.83 -31.82 -10.90
N ARG F 352 -8.11 -32.61 -9.85
CA ARG F 352 -7.35 -33.84 -9.63
C ARG F 352 -7.57 -34.85 -10.74
N ALA F 353 -8.74 -34.79 -11.39
CA ALA F 353 -9.07 -35.76 -12.43
C ALA F 353 -8.30 -35.52 -13.73
N LEU F 354 -7.47 -34.48 -13.81
CA LEU F 354 -6.65 -34.23 -15.00
C LEU F 354 -5.38 -35.07 -14.89
N ALA F 355 -5.53 -36.37 -15.15
CA ALA F 355 -4.46 -37.35 -15.12
C ALA F 355 -4.58 -38.23 -16.36
N PRO F 356 -3.47 -38.76 -16.87
CA PRO F 356 -3.54 -39.49 -18.14
C PRO F 356 -4.10 -40.92 -18.09
N GLU F 357 -4.10 -41.59 -16.94
CA GLU F 357 -4.69 -42.92 -16.81
C GLU F 357 -6.20 -42.89 -16.57
N ILE F 358 -6.78 -41.72 -16.31
CA ILE F 358 -8.20 -41.61 -16.04
C ILE F 358 -8.97 -40.96 -17.18
N VAL F 359 -8.30 -40.21 -18.05
CA VAL F 359 -8.96 -39.52 -19.15
C VAL F 359 -8.46 -39.94 -20.53
N GLY F 360 -7.35 -40.65 -20.62
CA GLY F 360 -6.82 -41.07 -21.90
C GLY F 360 -5.80 -40.08 -22.46
N GLU F 361 -4.99 -40.60 -23.39
CA GLU F 361 -3.93 -39.79 -23.97
C GLU F 361 -4.50 -38.62 -24.78
N GLU F 362 -5.56 -38.87 -25.56
CA GLU F 362 -6.09 -37.85 -26.44
C GLU F 362 -6.73 -36.69 -25.68
N HIS F 363 -7.01 -36.88 -24.40
CA HIS F 363 -7.56 -35.84 -23.52
C HIS F 363 -6.46 -35.05 -22.84
N TYR F 364 -5.52 -35.74 -22.20
CA TYR F 364 -4.41 -35.08 -21.53
C TYR F 364 -3.57 -34.28 -22.51
N GLN F 365 -3.35 -34.83 -23.71
CA GLN F 365 -2.54 -34.14 -24.71
C GLN F 365 -3.17 -32.81 -25.10
N VAL F 366 -4.47 -32.79 -25.41
CA VAL F 366 -5.09 -31.56 -25.85
C VAL F 366 -5.19 -30.57 -24.69
N ALA F 367 -5.45 -31.05 -23.47
CA ALA F 367 -5.49 -30.14 -22.32
C ALA F 367 -4.15 -29.44 -22.12
N ARG F 368 -3.06 -30.22 -22.11
CA ARG F 368 -1.75 -29.63 -21.92
C ARG F 368 -1.38 -28.70 -23.07
N LYS F 369 -1.72 -29.09 -24.31
CA LYS F 369 -1.43 -28.23 -25.45
C LYS F 369 -2.16 -26.89 -25.34
N VAL F 370 -3.43 -26.93 -24.93
CA VAL F 370 -4.20 -25.69 -24.82
C VAL F 370 -3.61 -24.79 -23.73
N GLN F 371 -3.28 -25.37 -22.58
CA GLN F 371 -2.70 -24.56 -21.51
C GLN F 371 -1.36 -23.95 -21.93
N GLN F 372 -0.52 -24.75 -22.60
CA GLN F 372 0.77 -24.24 -23.05
C GLN F 372 0.60 -23.12 -24.07
N THR F 373 -0.33 -23.29 -25.02
CA THR F 373 -0.54 -22.25 -26.02
C THR F 373 -1.10 -20.96 -25.41
N LEU F 374 -1.93 -21.08 -24.37
CA LEU F 374 -2.48 -19.89 -23.74
C LEU F 374 -1.46 -19.17 -22.86
N GLN F 375 -0.50 -19.91 -22.28
CA GLN F 375 0.49 -19.27 -21.42
C GLN F 375 1.32 -18.24 -22.18
N ARG F 376 1.74 -18.56 -23.41
CA ARG F 376 2.55 -17.63 -24.19
C ARG F 376 1.78 -16.35 -24.50
N TYR F 377 0.51 -16.48 -24.87
CA TYR F 377 -0.29 -15.30 -25.16
C TYR F 377 -0.52 -14.47 -23.90
N LYS F 378 -0.66 -15.12 -22.74
CA LYS F 378 -0.73 -14.37 -21.49
C LYS F 378 0.56 -13.61 -21.24
N GLU F 379 1.70 -14.24 -21.51
CA GLU F 379 2.99 -13.59 -21.26
C GLU F 379 3.22 -12.40 -22.19
N LEU F 380 2.76 -12.49 -23.44
CA LEU F 380 2.99 -11.41 -24.40
C LEU F 380 2.12 -10.14 -24.14
N GLN F 381 1.43 -10.11 -22.99
CA GLN F 381 0.39 -9.12 -22.75
C GLN F 381 0.93 -7.70 -22.77
N ASP F 382 1.98 -7.43 -21.98
CA ASP F 382 2.46 -6.06 -21.83
C ASP F 382 2.92 -5.50 -23.16
N ILE F 383 3.67 -6.31 -23.91
CA ILE F 383 4.31 -5.80 -25.12
C ILE F 383 3.28 -5.65 -26.23
N ILE F 384 2.29 -6.55 -26.30
CA ILE F 384 1.24 -6.34 -27.29
C ILE F 384 0.36 -5.15 -26.92
N ALA F 385 0.21 -4.87 -25.62
CA ALA F 385 -0.64 -3.75 -25.21
C ALA F 385 0.03 -2.42 -25.48
N ILE F 386 1.33 -2.30 -25.19
CA ILE F 386 2.01 -1.02 -25.33
C ILE F 386 2.18 -0.65 -26.79
N LEU F 387 2.75 -1.55 -27.59
CA LEU F 387 3.20 -1.18 -28.92
C LEU F 387 2.37 -1.80 -30.05
N GLY F 388 1.77 -2.97 -29.83
CA GLY F 388 0.92 -3.55 -30.85
C GLY F 388 1.25 -4.97 -31.23
N MET F 389 0.27 -5.68 -31.79
CA MET F 389 0.47 -7.07 -32.19
C MET F 389 1.39 -7.20 -33.40
N ASP F 390 1.59 -6.11 -34.15
CA ASP F 390 2.40 -6.18 -35.36
C ASP F 390 3.90 -6.14 -35.08
N GLU F 391 4.31 -5.91 -33.84
CA GLU F 391 5.73 -5.83 -33.55
C GLU F 391 6.40 -7.19 -33.63
N LEU F 392 5.72 -8.22 -33.11
CA LEU F 392 6.36 -9.52 -32.91
C LEU F 392 6.70 -10.17 -34.26
N SER F 393 7.51 -11.21 -34.18
CA SER F 393 7.99 -11.89 -35.38
C SER F 393 6.88 -12.75 -35.98
N ASP F 394 7.20 -13.35 -37.14
CA ASP F 394 6.21 -14.13 -37.87
C ASP F 394 5.75 -15.33 -37.05
N GLU F 395 6.68 -16.01 -36.39
CA GLU F 395 6.32 -17.20 -35.61
C GLU F 395 5.52 -16.84 -34.37
N ASP F 396 5.65 -15.60 -33.88
CA ASP F 396 4.84 -15.12 -32.77
C ASP F 396 3.52 -14.57 -33.27
N LYS F 397 3.51 -13.96 -34.45
CA LYS F 397 2.28 -13.47 -35.06
C LYS F 397 1.31 -14.62 -35.36
N LEU F 398 1.85 -15.74 -35.85
CA LEU F 398 1.02 -16.92 -36.08
C LEU F 398 0.40 -17.42 -34.78
N VAL F 399 1.16 -17.39 -33.68
CA VAL F 399 0.63 -17.80 -32.39
C VAL F 399 -0.43 -16.80 -31.91
N VAL F 400 -0.21 -15.51 -32.13
CA VAL F 400 -1.21 -14.49 -31.78
C VAL F 400 -2.51 -14.75 -32.51
N HIS F 401 -2.45 -15.34 -33.70
CA HIS F 401 -3.65 -15.55 -34.49
C HIS F 401 -4.64 -16.54 -33.86
N ARG F 402 -4.26 -17.29 -32.82
CA ARG F 402 -5.02 -18.46 -32.38
C ARG F 402 -5.58 -18.41 -30.96
N ALA F 403 -4.89 -17.76 -30.02
CA ALA F 403 -5.29 -17.84 -28.61
C ALA F 403 -6.65 -17.19 -28.37
N ARG F 404 -6.91 -16.05 -29.01
CA ARG F 404 -8.20 -15.40 -28.83
C ARG F 404 -9.34 -16.26 -29.39
N ARG F 405 -9.09 -16.98 -30.48
CA ARG F 405 -10.10 -17.89 -31.00
C ARG F 405 -10.38 -19.01 -30.02
N ILE F 406 -9.34 -19.54 -29.38
CA ILE F 406 -9.57 -20.56 -28.34
C ILE F 406 -10.43 -19.98 -27.22
N GLN F 407 -10.11 -18.77 -26.78
CA GLN F 407 -10.86 -18.14 -25.70
C GLN F 407 -12.32 -17.92 -26.11
N PHE F 408 -12.56 -17.51 -27.36
CA PHE F 408 -13.92 -17.38 -27.86
C PHE F 408 -14.63 -18.73 -27.88
N PHE F 409 -13.93 -19.78 -28.29
CA PHE F 409 -14.52 -21.11 -28.30
C PHE F 409 -14.87 -21.62 -26.91
N LEU F 410 -14.27 -21.02 -25.87
CA LEU F 410 -14.69 -21.38 -24.52
C LEU F 410 -16.09 -20.88 -24.16
N SER F 411 -16.71 -20.04 -25.01
CA SER F 411 -18.03 -19.52 -24.71
C SER F 411 -19.12 -20.47 -25.20
N GLN F 412 -20.25 -20.47 -24.48
CA GLN F 412 -21.37 -21.33 -24.82
C GLN F 412 -22.65 -20.74 -24.24
N ASN F 413 -23.76 -20.91 -24.97
CA ASN F 413 -25.05 -20.36 -24.55
C ASN F 413 -25.73 -21.30 -23.54
N PHE F 414 -26.03 -20.76 -22.36
CA PHE F 414 -26.66 -21.55 -21.32
C PHE F 414 -28.16 -21.64 -21.53
N HIS F 415 -28.78 -22.58 -20.81
CA HIS F 415 -30.23 -22.77 -20.93
C HIS F 415 -31.00 -21.64 -20.25
N VAL F 416 -30.47 -21.08 -19.15
CA VAL F 416 -31.12 -19.95 -18.50
C VAL F 416 -30.84 -18.63 -19.19
N ALA F 417 -30.03 -18.63 -20.25
CA ALA F 417 -29.75 -17.42 -21.02
C ALA F 417 -30.70 -17.23 -22.19
N GLU F 418 -31.66 -18.14 -22.37
CA GLU F 418 -32.59 -18.02 -23.48
C GLU F 418 -33.42 -16.75 -23.39
N GLN F 419 -33.71 -16.29 -22.17
CA GLN F 419 -34.44 -15.05 -22.00
C GLN F 419 -33.61 -13.82 -22.37
N PHE F 420 -32.29 -13.97 -22.50
CA PHE F 420 -31.42 -12.86 -22.88
C PHE F 420 -30.77 -13.05 -24.24
N THR F 421 -31.03 -14.17 -24.92
CA THR F 421 -30.36 -14.50 -26.16
C THR F 421 -31.37 -15.14 -27.10
N GLY F 422 -31.18 -14.93 -28.40
CA GLY F 422 -32.09 -15.43 -29.40
C GLY F 422 -32.04 -16.93 -29.63
N GLN F 423 -31.20 -17.65 -28.89
CA GLN F 423 -31.10 -19.10 -29.02
C GLN F 423 -31.20 -19.74 -27.64
N PRO F 424 -31.72 -20.96 -27.56
CA PRO F 424 -31.76 -21.68 -26.28
C PRO F 424 -30.42 -22.33 -25.98
N GLY F 425 -30.34 -22.90 -24.79
CA GLY F 425 -29.11 -23.55 -24.37
C GLY F 425 -28.80 -24.78 -25.21
N SER F 426 -27.52 -24.97 -25.48
CA SER F 426 -27.04 -26.09 -26.29
C SER F 426 -26.14 -26.99 -25.44
N TYR F 427 -26.03 -28.24 -25.86
CA TYR F 427 -25.31 -29.27 -25.11
C TYR F 427 -24.15 -29.80 -25.94
N VAL F 428 -22.99 -29.92 -25.30
CA VAL F 428 -21.80 -30.48 -25.94
C VAL F 428 -21.22 -31.55 -25.01
N PRO F 429 -21.31 -32.84 -25.36
CA PRO F 429 -20.80 -33.89 -24.48
C PRO F 429 -19.29 -33.85 -24.35
N VAL F 430 -18.79 -34.64 -23.40
CA VAL F 430 -17.35 -34.70 -23.14
C VAL F 430 -16.60 -35.19 -24.37
N LYS F 431 -17.11 -36.25 -25.02
CA LYS F 431 -16.46 -36.79 -26.20
C LYS F 431 -16.42 -35.73 -27.31
N GLU F 432 -17.34 -34.78 -27.29
CA GLU F 432 -17.35 -33.71 -28.27
C GLU F 432 -16.48 -32.53 -27.88
N THR F 433 -16.44 -32.18 -26.58
CA THR F 433 -15.60 -31.08 -26.15
C THR F 433 -14.11 -31.44 -26.23
N VAL F 434 -13.77 -32.71 -26.04
CA VAL F 434 -12.39 -33.14 -26.23
C VAL F 434 -12.03 -33.10 -27.71
N ARG F 435 -12.96 -33.51 -28.56
CA ARG F 435 -12.72 -33.49 -30.01
C ARG F 435 -12.54 -32.06 -30.52
N GLY F 436 -13.34 -31.12 -30.01
CA GLY F 436 -13.47 -29.83 -30.67
C GLY F 436 -12.16 -29.07 -30.80
N PHE F 437 -11.37 -29.02 -29.73
CA PHE F 437 -10.15 -28.21 -29.75
C PHE F 437 -9.11 -28.76 -30.73
N LYS F 438 -9.22 -30.03 -31.11
CA LYS F 438 -8.27 -30.62 -32.04
C LYS F 438 -8.30 -29.90 -33.39
N GLU F 439 -9.50 -29.61 -33.90
CA GLU F 439 -9.62 -28.97 -35.21
C GLU F 439 -8.96 -27.59 -35.21
N ILE F 440 -9.18 -26.81 -34.17
CA ILE F 440 -8.57 -25.48 -34.10
C ILE F 440 -7.06 -25.60 -33.91
N LEU F 441 -6.61 -26.56 -33.11
CA LEU F 441 -5.17 -26.69 -32.86
C LEU F 441 -4.42 -27.10 -34.12
N GLU F 442 -4.99 -28.00 -34.94
CA GLU F 442 -4.30 -28.35 -36.18
C GLU F 442 -4.60 -27.42 -37.34
N GLY F 443 -5.43 -26.39 -37.15
CA GLY F 443 -5.69 -25.47 -38.23
C GLY F 443 -6.74 -25.89 -39.22
N LYS F 444 -7.70 -26.72 -38.80
CA LYS F 444 -8.78 -27.13 -39.69
C LYS F 444 -9.83 -26.03 -39.88
N TYR F 445 -10.06 -25.22 -38.85
CA TYR F 445 -11.11 -24.21 -38.87
C TYR F 445 -10.63 -22.86 -38.35
N ASP F 446 -9.32 -22.68 -38.19
CA ASP F 446 -8.77 -21.51 -37.53
C ASP F 446 -8.92 -20.24 -38.38
N HIS F 447 -9.15 -20.37 -39.69
CA HIS F 447 -9.15 -19.23 -40.59
C HIS F 447 -10.45 -18.45 -40.56
N LEU F 448 -11.46 -18.93 -39.83
CA LEU F 448 -12.71 -18.22 -39.69
C LEU F 448 -12.51 -16.91 -38.94
N PRO F 449 -13.42 -15.95 -39.09
CA PRO F 449 -13.21 -14.66 -38.46
C PRO F 449 -13.37 -14.61 -36.94
N GLU F 450 -13.03 -13.45 -36.38
CA GLU F 450 -12.76 -13.38 -34.95
C GLU F 450 -14.01 -13.62 -34.11
N ASP F 451 -15.16 -13.19 -34.59
CA ASP F 451 -16.38 -13.21 -33.79
C ASP F 451 -17.24 -14.46 -34.00
N ALA F 452 -16.92 -15.32 -34.98
CA ALA F 452 -17.79 -16.45 -35.26
C ALA F 452 -17.77 -17.50 -34.17
N PHE F 453 -16.68 -17.58 -33.41
CA PHE F 453 -16.54 -18.58 -32.37
C PHE F 453 -17.25 -18.19 -31.08
N ARG F 454 -17.93 -17.04 -31.06
CA ARG F 454 -18.65 -16.60 -29.87
C ARG F 454 -20.06 -17.17 -29.86
N LEU F 455 -20.48 -17.67 -28.70
CA LEU F 455 -21.83 -18.18 -28.47
C LEU F 455 -22.18 -19.29 -29.47
N VAL F 456 -21.41 -20.37 -29.40
CA VAL F 456 -21.56 -21.49 -30.32
C VAL F 456 -21.60 -22.80 -29.51
N GLY F 457 -22.18 -23.83 -30.11
CA GLY F 457 -22.20 -25.15 -29.54
C GLY F 457 -21.07 -26.02 -30.08
N ARG F 458 -21.41 -27.00 -30.92
CA ARG F 458 -20.39 -27.85 -31.52
C ARG F 458 -19.61 -27.08 -32.58
N ILE F 459 -18.54 -27.70 -33.07
CA ILE F 459 -17.67 -27.03 -34.03
C ILE F 459 -18.37 -26.87 -35.38
N GLU F 460 -19.37 -27.70 -35.67
CA GLU F 460 -20.10 -27.57 -36.94
C GLU F 460 -20.91 -26.28 -36.99
N GLU F 461 -21.47 -25.86 -35.86
CA GLU F 461 -22.27 -24.63 -35.85
C GLU F 461 -21.44 -23.41 -36.17
N VAL F 462 -20.12 -23.46 -35.88
CA VAL F 462 -19.25 -22.32 -36.14
C VAL F 462 -19.22 -22.00 -37.63
N VAL F 463 -19.10 -23.02 -38.46
CA VAL F 463 -18.97 -22.80 -39.90
C VAL F 463 -20.28 -22.28 -40.49
N GLU F 464 -21.42 -22.76 -39.99
CA GLU F 464 -22.69 -22.28 -40.52
C GLU F 464 -22.98 -20.86 -40.04
N LYS F 465 -22.54 -20.51 -38.83
CA LYS F 465 -22.66 -19.12 -38.38
C LYS F 465 -21.77 -18.20 -39.20
N ALA F 466 -20.56 -18.65 -39.53
CA ALA F 466 -19.69 -17.86 -40.39
C ALA F 466 -20.29 -17.68 -41.78
N LYS F 467 -20.90 -18.74 -42.32
CA LYS F 467 -21.57 -18.63 -43.60
C LYS F 467 -22.74 -17.66 -43.53
N ALA F 468 -23.49 -17.68 -42.42
CA ALA F 468 -24.56 -16.72 -42.23
C ALA F 468 -24.03 -15.29 -42.17
N MET F 469 -22.77 -15.12 -41.77
CA MET F 469 -22.14 -13.81 -41.75
C MET F 469 -21.55 -13.41 -43.10
N GLY F 470 -21.66 -14.27 -44.11
CA GLY F 470 -21.14 -13.96 -45.43
C GLY F 470 -19.91 -14.75 -45.80
N SER G 1 4.10 -5.65 -4.75
CA SER G 1 5.33 -4.91 -4.48
C SER G 1 5.21 -3.48 -4.99
N LEU G 2 5.22 -2.52 -4.05
CA LEU G 2 5.09 -1.12 -4.42
C LEU G 2 6.29 -0.64 -5.24
N ARG G 3 7.46 -1.19 -4.97
CA ARG G 3 8.64 -0.81 -5.75
C ARG G 3 8.51 -1.22 -7.20
N ASP G 4 7.88 -2.36 -7.47
CA ASP G 4 7.65 -2.79 -8.84
C ASP G 4 6.85 -1.76 -9.61
N ILE G 5 5.71 -1.33 -9.06
CA ILE G 5 4.88 -0.36 -9.76
C ILE G 5 5.57 1.00 -9.83
N LYS G 6 6.35 1.37 -8.81
CA LYS G 6 7.10 2.63 -8.90
C LYS G 6 8.07 2.60 -10.08
N THR G 7 8.87 1.53 -10.17
CA THR G 7 9.84 1.42 -11.25
C THR G 7 9.16 1.36 -12.61
N ARG G 8 8.03 0.67 -12.69
CA ARG G 8 7.26 0.66 -13.93
C ARG G 8 6.76 2.06 -14.27
N ILE G 9 6.39 2.85 -13.26
CA ILE G 9 5.95 4.22 -13.52
C ILE G 9 7.09 5.03 -14.15
N ASN G 10 8.27 4.99 -13.55
CA ASN G 10 9.37 5.77 -14.13
C ASN G 10 9.73 5.26 -15.53
N ALA G 11 9.77 3.94 -15.70
CA ALA G 11 10.13 3.38 -17.01
C ALA G 11 9.12 3.77 -18.08
N THR G 12 7.82 3.68 -17.76
CA THR G 12 6.79 4.07 -18.71
C THR G 12 6.86 5.56 -19.01
N LYS G 13 7.10 6.39 -17.99
CA LYS G 13 7.24 7.83 -18.22
C LYS G 13 8.36 8.12 -19.20
N LYS G 14 9.54 7.54 -18.97
CA LYS G 14 10.69 7.87 -19.81
C LYS G 14 10.53 7.29 -21.21
N THR G 15 9.98 6.08 -21.33
CA THR G 15 9.72 5.52 -22.66
C THR G 15 8.70 6.36 -23.41
N SER G 16 7.66 6.85 -22.73
CA SER G 16 6.67 7.71 -23.38
C SER G 16 7.28 9.02 -23.84
N GLN G 17 8.17 9.60 -23.02
CA GLN G 17 8.85 10.82 -23.45
C GLN G 17 9.71 10.55 -24.68
N ILE G 18 10.39 9.40 -24.71
CA ILE G 18 11.22 9.05 -25.87
C ILE G 18 10.35 8.88 -27.11
N THR G 19 9.18 8.24 -26.96
CA THR G 19 8.27 8.08 -28.09
C THR G 19 7.73 9.42 -28.57
N LYS G 20 7.48 10.36 -27.64
CA LYS G 20 7.04 11.70 -28.05
C LYS G 20 8.14 12.41 -28.83
N ALA G 21 9.39 12.25 -28.40
CA ALA G 21 10.51 12.78 -29.18
C ALA G 21 10.55 12.18 -30.57
N MET G 22 10.40 10.85 -30.66
CA MET G 22 10.36 10.21 -31.97
C MET G 22 9.23 10.79 -32.81
N GLU G 23 8.10 11.09 -32.18
CA GLU G 23 6.97 11.67 -32.90
C GLU G 23 7.33 13.02 -33.49
N MET G 24 7.94 13.91 -32.71
CA MET G 24 8.13 15.25 -33.27
C MET G 24 9.22 15.26 -34.33
N VAL G 25 10.28 14.47 -34.14
CA VAL G 25 11.31 14.41 -35.17
C VAL G 25 10.73 13.81 -36.45
N SER G 26 9.88 12.79 -36.31
CA SER G 26 9.24 12.21 -37.48
C SER G 26 8.33 13.21 -38.18
N THR G 27 7.59 14.02 -37.42
CA THR G 27 6.73 15.02 -38.04
C THR G 27 7.54 16.04 -38.83
N SER G 28 8.63 16.55 -38.24
CA SER G 28 9.43 17.54 -38.96
C SER G 28 10.07 16.94 -40.20
N LYS G 29 10.68 15.76 -40.07
CA LYS G 29 11.29 15.11 -41.21
C LYS G 29 10.26 14.74 -42.27
N LEU G 30 9.01 14.46 -41.84
CA LEU G 30 7.97 14.14 -42.80
C LEU G 30 7.57 15.36 -43.59
N ASN G 31 7.44 16.51 -42.93
CA ASN G 31 7.14 17.73 -43.67
C ASN G 31 8.22 18.01 -44.70
N ARG G 32 9.49 17.89 -44.29
CA ARG G 32 10.58 18.20 -45.22
C ARG G 32 10.65 17.17 -46.35
N ALA G 33 10.39 15.90 -46.04
CA ALA G 33 10.38 14.86 -47.06
C ALA G 33 9.24 15.05 -48.05
N GLU G 34 8.06 15.44 -47.55
CA GLU G 34 6.94 15.70 -48.45
C GLU G 34 7.26 16.87 -49.36
N GLN G 35 7.89 17.91 -48.82
CA GLN G 35 8.28 19.04 -49.65
C GLN G 35 9.30 18.61 -50.72
N ASN G 36 10.27 17.77 -50.34
CA ASN G 36 11.22 17.27 -51.32
C ASN G 36 10.54 16.48 -52.43
N ALA G 37 9.63 15.58 -52.05
CA ALA G 37 8.91 14.78 -53.04
C ALA G 37 8.10 15.68 -53.97
N LYS G 38 7.39 16.66 -53.40
CA LYS G 38 6.58 17.55 -54.22
C LYS G 38 7.45 18.35 -55.18
N SER G 39 8.61 18.83 -54.72
CA SER G 39 9.50 19.56 -55.61
C SER G 39 10.00 18.66 -56.73
N PHE G 40 10.19 17.36 -56.44
CA PHE G 40 10.60 16.43 -57.49
C PHE G 40 9.48 16.07 -58.46
N VAL G 41 8.20 16.17 -58.06
CA VAL G 41 7.12 15.75 -58.96
C VAL G 41 7.18 16.42 -60.34
N PRO G 42 7.34 17.74 -60.46
CA PRO G 42 7.33 18.32 -61.82
C PRO G 42 8.40 17.76 -62.74
N TYR G 43 9.56 17.38 -62.19
CA TYR G 43 10.63 16.89 -63.06
C TYR G 43 10.29 15.51 -63.62
N MET G 44 9.76 14.60 -62.78
CA MET G 44 9.17 13.37 -63.32
C MET G 44 8.07 13.66 -64.34
N GLU G 45 7.18 14.62 -64.05
CA GLU G 45 6.09 14.86 -64.99
C GLU G 45 6.62 15.28 -66.36
N LYS G 46 7.57 16.21 -66.37
CA LYS G 46 8.10 16.71 -67.64
C LYS G 46 8.96 15.65 -68.35
N ILE G 47 9.76 14.90 -67.59
CA ILE G 47 10.61 13.90 -68.24
C ILE G 47 9.77 12.75 -68.78
N GLN G 48 8.68 12.40 -68.10
CA GLN G 48 7.77 11.39 -68.62
C GLN G 48 7.03 11.90 -69.85
N GLU G 49 6.66 13.18 -69.85
CA GLU G 49 5.99 13.75 -71.03
C GLU G 49 6.88 13.70 -72.26
N VAL G 50 8.14 14.09 -72.12
CA VAL G 50 9.04 14.15 -73.26
C VAL G 50 9.47 12.75 -73.68
N GLY G 75 10.51 -11.25 -62.42
CA GLY G 75 11.18 -10.42 -61.43
C GLY G 75 10.22 -9.53 -60.67
N TYR G 76 10.49 -9.33 -59.38
CA TYR G 76 9.66 -8.50 -58.54
C TYR G 76 10.53 -7.68 -57.60
N LEU G 77 10.08 -6.48 -57.30
CA LEU G 77 10.78 -5.57 -56.41
C LEU G 77 9.89 -5.30 -55.20
N VAL G 78 10.45 -5.46 -54.00
CA VAL G 78 9.75 -5.15 -52.76
C VAL G 78 10.67 -4.32 -51.89
N ILE G 79 10.12 -3.30 -51.25
CA ILE G 79 10.87 -2.38 -50.40
C ILE G 79 10.15 -2.22 -49.07
N THR G 80 10.94 -2.10 -48.00
CA THR G 80 10.43 -2.03 -46.64
C THR G 80 11.19 -0.97 -45.87
N SER G 81 10.71 -0.68 -44.66
CA SER G 81 11.39 0.24 -43.77
C SER G 81 12.70 -0.37 -43.26
N ASP G 82 13.60 0.50 -42.81
CA ASP G 82 14.95 0.07 -42.47
C ASP G 82 15.13 -0.29 -41.00
N ARG G 83 14.16 0.02 -40.12
CA ARG G 83 14.24 -0.44 -38.74
C ARG G 83 12.86 -0.36 -38.10
N GLY G 84 12.80 -0.78 -36.84
CA GLY G 84 11.56 -1.06 -36.16
C GLY G 84 10.78 0.19 -35.77
N LEU G 85 9.70 -0.07 -35.03
CA LEU G 85 8.73 0.94 -34.59
C LEU G 85 8.04 1.65 -35.77
N ALA G 86 8.02 1.00 -36.93
CA ALA G 86 7.40 1.55 -38.13
C ALA G 86 5.92 1.22 -38.23
N GLY G 87 5.38 0.42 -37.31
CA GLY G 87 3.98 0.03 -37.40
C GLY G 87 3.77 -1.06 -38.44
N ALA G 88 2.59 -1.02 -39.06
CA ALA G 88 2.18 -2.03 -40.03
C ALA G 88 2.71 -1.77 -41.43
N TYR G 89 3.67 -0.85 -41.59
CA TYR G 89 4.24 -0.58 -42.91
C TYR G 89 4.90 -1.81 -43.50
N ASN G 90 5.56 -2.63 -42.68
CA ASN G 90 6.39 -3.70 -43.21
C ASN G 90 5.56 -4.90 -43.65
N SER G 91 4.61 -5.33 -42.81
CA SER G 91 3.88 -6.56 -43.07
C SER G 91 2.99 -6.44 -44.30
N ASN G 92 2.26 -5.32 -44.43
CA ASN G 92 1.22 -5.20 -45.43
C ASN G 92 1.74 -5.31 -46.86
N VAL G 93 3.03 -5.07 -47.08
CA VAL G 93 3.61 -5.19 -48.41
C VAL G 93 4.29 -6.55 -48.63
N LEU G 94 5.00 -7.07 -47.61
CA LEU G 94 5.65 -8.36 -47.79
C LEU G 94 4.62 -9.46 -47.98
N ARG G 95 3.53 -9.41 -47.21
CA ARG G 95 2.49 -10.42 -47.34
C ARG G 95 1.89 -10.43 -48.73
N LEU G 96 1.48 -9.25 -49.21
CA LEU G 96 0.81 -9.17 -50.51
C LEU G 96 1.74 -9.58 -51.64
N VAL G 97 3.00 -9.13 -51.61
CA VAL G 97 3.90 -9.53 -52.69
C VAL G 97 4.09 -11.04 -52.68
N TYR G 98 4.31 -11.63 -51.49
CA TYR G 98 4.49 -13.07 -51.40
C TYR G 98 3.27 -13.83 -51.93
N GLN G 99 2.07 -13.41 -51.52
CA GLN G 99 0.88 -14.12 -51.96
C GLN G 99 0.71 -14.03 -53.46
N THR G 100 0.81 -12.81 -54.01
CA THR G 100 0.54 -12.65 -55.44
C THR G 100 1.57 -13.37 -56.29
N ILE G 101 2.77 -13.63 -55.76
CA ILE G 101 3.68 -14.47 -56.55
C ILE G 101 3.45 -15.97 -56.37
N GLN G 102 3.18 -16.47 -55.14
CA GLN G 102 3.16 -17.93 -55.13
C GLN G 102 1.83 -18.45 -55.63
N LYS G 103 0.80 -17.58 -55.69
CA LYS G 103 -0.50 -18.01 -56.18
C LYS G 103 -0.43 -18.41 -57.65
N ARG G 104 0.30 -17.66 -58.46
CA ARG G 104 0.42 -17.97 -59.88
C ARG G 104 1.73 -18.67 -60.18
N ILE G 114 14.39 -8.88 -55.96
CA ILE G 114 15.23 -7.75 -55.54
C ILE G 114 14.54 -7.00 -54.41
N VAL G 115 15.27 -6.78 -53.32
CA VAL G 115 14.72 -6.25 -52.08
C VAL G 115 15.57 -5.09 -51.59
N ILE G 116 14.92 -4.07 -51.03
CA ILE G 116 15.58 -2.95 -50.38
C ILE G 116 15.06 -2.86 -48.95
N GLY G 117 15.98 -2.81 -47.99
CA GLY G 117 15.59 -2.78 -46.58
C GLY G 117 16.04 -4.00 -45.83
N ARG G 118 16.59 -3.81 -44.63
CA ARG G 118 17.16 -4.94 -43.88
C ARG G 118 16.08 -5.86 -43.35
N VAL G 119 14.93 -5.32 -42.93
CA VAL G 119 13.84 -6.21 -42.54
C VAL G 119 13.32 -6.95 -43.77
N GLY G 120 13.43 -6.35 -44.95
CA GLY G 120 13.10 -7.06 -46.17
C GLY G 120 14.01 -8.24 -46.41
N LEU G 121 15.31 -8.08 -46.15
CA LEU G 121 16.23 -9.21 -46.29
C LEU G 121 15.96 -10.26 -45.22
N SER G 122 15.58 -9.82 -44.01
CA SER G 122 15.27 -10.77 -42.95
C SER G 122 14.04 -11.59 -43.29
N PHE G 123 13.06 -10.99 -43.98
CA PHE G 123 11.85 -11.72 -44.34
C PHE G 123 12.13 -12.83 -45.34
N PHE G 124 13.23 -12.71 -46.11
CA PHE G 124 13.71 -13.82 -46.94
C PHE G 124 14.75 -14.69 -46.25
N ARG G 125 15.39 -14.21 -45.19
CA ARG G 125 16.22 -15.08 -44.37
C ARG G 125 15.36 -16.16 -43.71
N LYS G 126 14.21 -15.76 -43.17
CA LYS G 126 13.17 -16.72 -42.87
C LYS G 126 12.54 -17.21 -44.17
N ARG G 127 11.96 -18.39 -44.13
CA ARG G 127 11.47 -19.07 -45.34
C ARG G 127 12.66 -19.25 -46.27
N ASN G 128 12.43 -19.21 -47.58
CA ASN G 128 13.51 -19.28 -48.55
C ASN G 128 13.06 -18.64 -49.86
N MET G 129 13.91 -17.77 -50.40
CA MET G 129 13.68 -17.11 -51.69
C MET G 129 15.00 -16.72 -52.33
N LEU G 133 19.65 -8.49 -55.20
CA LEU G 133 20.47 -7.39 -54.70
C LEU G 133 19.99 -6.96 -53.33
N ASP G 134 20.88 -6.37 -52.54
CA ASP G 134 20.58 -6.03 -51.14
C ASP G 134 21.05 -4.62 -50.82
N ILE G 135 20.67 -3.66 -51.66
CA ILE G 135 20.96 -2.26 -51.38
C ILE G 135 20.25 -1.85 -50.09
N THR G 136 21.02 -1.43 -49.10
CA THR G 136 20.48 -1.06 -47.79
C THR G 136 21.15 0.20 -47.28
N ARG G 137 20.51 0.82 -46.29
CA ARG G 137 21.07 1.94 -45.53
C ARG G 137 21.47 3.10 -46.43
N LEU G 138 20.67 3.35 -47.46
CA LEU G 138 20.87 4.60 -48.17
C LEU G 138 20.42 5.76 -47.29
N PRO G 139 21.05 6.92 -47.43
CA PRO G 139 20.74 8.04 -46.53
C PRO G 139 19.29 8.49 -46.68
N ASP G 140 18.74 9.01 -45.59
CA ASP G 140 17.40 9.56 -45.60
C ASP G 140 17.31 10.72 -46.57
N GLN G 141 16.11 10.97 -47.07
CA GLN G 141 15.88 11.76 -48.29
C GLN G 141 17.02 11.53 -49.29
N PRO G 142 17.13 10.32 -49.84
CA PRO G 142 18.25 10.00 -50.73
C PRO G 142 18.17 10.73 -52.05
N SER G 143 19.34 10.97 -52.64
CA SER G 143 19.48 11.56 -53.96
C SER G 143 19.46 10.47 -55.03
N PHE G 144 19.58 10.89 -56.29
CA PHE G 144 19.55 9.94 -57.41
C PHE G 144 20.84 9.15 -57.48
N TYR G 167 7.73 -6.41 -62.01
CA TYR G 167 6.79 -5.58 -61.27
C TYR G 167 7.46 -4.87 -60.10
N MET G 168 6.81 -3.82 -59.62
CA MET G 168 7.22 -3.12 -58.42
C MET G 168 6.03 -3.01 -57.46
N TYR G 169 6.26 -3.38 -56.20
CA TYR G 169 5.21 -3.36 -55.17
C TYR G 169 5.67 -2.40 -54.09
N TYR G 170 4.86 -1.39 -53.81
CA TYR G 170 5.29 -0.39 -52.84
C TYR G 170 4.10 0.27 -52.16
N ASN G 171 4.38 0.83 -50.98
CA ASN G 171 3.43 1.65 -50.24
C ASN G 171 3.32 3.01 -50.92
N HIS G 172 2.18 3.27 -51.56
CA HIS G 172 1.94 4.52 -52.25
C HIS G 172 1.73 5.65 -51.25
N TYR G 173 1.68 6.87 -51.77
CA TYR G 173 1.81 8.07 -50.96
C TYR G 173 0.44 8.67 -50.68
N VAL G 174 0.13 8.82 -49.39
CA VAL G 174 -0.87 9.77 -48.92
C VAL G 174 -0.41 10.25 -47.55
N SER G 175 -0.74 11.49 -47.22
CA SER G 175 -0.12 12.16 -46.09
C SER G 175 -0.77 11.88 -44.74
N ALA G 176 -2.07 11.58 -44.71
CA ALA G 176 -2.78 11.67 -43.44
C ALA G 176 -2.56 10.43 -42.56
N ILE G 177 -3.12 9.29 -42.98
CA ILE G 177 -3.13 8.11 -42.15
C ILE G 177 -2.68 6.88 -42.93
N GLN G 178 -3.33 6.67 -44.07
CA GLN G 178 -3.44 5.37 -44.72
C GLN G 178 -2.22 5.13 -45.63
N GLN G 179 -2.00 3.85 -45.99
CA GLN G 179 -0.95 3.49 -46.94
C GLN G 179 -1.50 2.43 -47.90
N GLU G 180 -1.42 2.70 -49.20
CA GLU G 180 -1.97 1.83 -50.23
C GLU G 180 -0.89 0.87 -50.74
N VAL G 181 -1.12 -0.43 -50.63
CA VAL G 181 -0.26 -1.38 -51.32
C VAL G 181 -0.54 -1.28 -52.81
N THR G 182 0.51 -1.06 -53.61
CA THR G 182 0.30 -0.80 -55.02
C THR G 182 1.29 -1.58 -55.86
N GLU G 183 0.80 -2.06 -57.01
CA GLU G 183 1.56 -2.80 -58.00
C GLU G 183 1.69 -1.99 -59.28
N ARG G 184 2.90 -1.97 -59.83
CA ARG G 184 3.14 -1.40 -61.16
C ARG G 184 4.01 -2.32 -62.00
N LEU G 215 15.46 4.60 -72.74
CA LEU G 215 14.95 3.56 -71.85
C LEU G 215 15.62 3.61 -70.46
N PRO G 216 16.95 3.75 -70.38
CA PRO G 216 17.56 3.95 -69.05
C PRO G 216 17.01 5.17 -68.33
N GLN G 217 16.77 6.27 -69.06
CA GLN G 217 16.16 7.45 -68.45
C GLN G 217 14.75 7.14 -67.95
N TYR G 218 13.98 6.41 -68.75
CA TYR G 218 12.64 6.02 -68.35
C TYR G 218 12.67 5.19 -67.07
N ALA G 219 13.52 4.15 -67.05
CA ALA G 219 13.63 3.30 -65.89
C ALA G 219 14.07 4.10 -64.66
N GLU G 220 15.07 4.96 -64.83
CA GLU G 220 15.54 5.75 -63.69
C GLU G 220 14.44 6.64 -63.14
N SER G 221 13.67 7.29 -64.02
CA SER G 221 12.62 8.19 -63.57
C SER G 221 11.55 7.42 -62.79
N LEU G 222 11.08 6.29 -63.31
CA LEU G 222 10.06 5.54 -62.57
C LEU G 222 10.58 4.96 -61.26
N ILE G 223 11.78 4.36 -61.25
CA ILE G 223 12.25 3.83 -59.97
C ILE G 223 12.46 4.94 -58.96
N TYR G 224 13.00 6.09 -59.38
CA TYR G 224 13.20 7.19 -58.45
C TYR G 224 11.90 7.75 -57.93
N GLY G 225 10.89 7.92 -58.81
CA GLY G 225 9.59 8.37 -58.32
C GLY G 225 8.98 7.40 -57.34
N ALA G 226 9.06 6.10 -57.65
CA ALA G 226 8.53 5.08 -56.75
C ALA G 226 9.22 5.12 -55.40
N LEU G 227 10.55 5.22 -55.41
CA LEU G 227 11.30 5.20 -54.16
C LEU G 227 11.02 6.44 -53.34
N LEU G 228 10.88 7.60 -54.00
CA LEU G 228 10.52 8.81 -53.26
C LEU G 228 9.15 8.70 -52.64
N ASP G 229 8.17 8.18 -53.38
CA ASP G 229 6.84 8.00 -52.82
C ASP G 229 6.88 7.06 -51.62
N ALA G 230 7.64 5.97 -51.74
CA ALA G 230 7.75 5.03 -50.63
C ALA G 230 8.43 5.66 -49.43
N LYS G 231 9.48 6.46 -49.66
CA LYS G 231 10.18 7.08 -48.54
C LYS G 231 9.31 8.13 -47.84
N ALA G 232 8.41 8.78 -48.57
CA ALA G 232 7.47 9.69 -47.92
C ALA G 232 6.43 8.92 -47.12
N SER G 233 5.90 7.84 -47.70
CA SER G 233 4.92 7.03 -46.98
C SER G 233 5.54 6.37 -45.75
N GLU G 234 6.85 6.10 -45.79
CA GLU G 234 7.52 5.53 -44.63
C GLU G 234 7.49 6.49 -43.44
N HIS G 235 7.85 7.75 -43.68
CA HIS G 235 7.80 8.73 -42.61
C HIS G 235 6.36 9.00 -42.17
N ALA G 236 5.40 8.93 -43.10
CA ALA G 236 4.00 9.05 -42.69
C ALA G 236 3.59 7.92 -41.76
N ALA G 237 3.96 6.68 -42.11
CA ALA G 237 3.63 5.53 -41.28
C ALA G 237 4.32 5.62 -39.92
N ARG G 238 5.57 6.10 -39.90
CA ARG G 238 6.26 6.29 -38.62
C ARG G 238 5.55 7.34 -37.77
N MET G 239 5.13 8.45 -38.38
CA MET G 239 4.36 9.45 -37.64
C MET G 239 3.13 8.81 -37.01
N THR G 240 2.40 8.03 -37.79
CA THR G 240 1.20 7.38 -37.26
C THR G 240 1.56 6.42 -36.14
N ALA G 241 2.64 5.65 -36.30
CA ALA G 241 3.02 4.68 -35.28
C ALA G 241 3.32 5.37 -33.95
N MET G 242 4.07 6.47 -33.99
CA MET G 242 4.35 7.19 -32.75
C MET G 242 3.09 7.83 -32.17
N LYS G 243 2.21 8.33 -33.04
CA LYS G 243 0.98 8.97 -32.53
C LYS G 243 0.08 7.97 -31.81
N ASN G 244 -0.04 6.74 -32.32
CA ASN G 244 -0.72 5.70 -31.56
C ASN G 244 0.05 5.29 -30.31
N ALA G 245 1.38 5.19 -30.39
CA ALA G 245 2.14 4.67 -29.27
C ALA G 245 2.14 5.61 -28.08
N THR G 246 2.05 6.92 -28.32
CA THR G 246 2.19 7.88 -27.23
C THR G 246 0.97 7.98 -26.33
N ASP G 247 -0.14 7.32 -26.67
CA ASP G 247 -1.39 7.54 -25.95
C ASP G 247 -1.56 6.62 -24.73
N ASN G 248 -1.51 5.30 -24.96
CA ASN G 248 -1.84 4.34 -23.89
C ASN G 248 -0.92 4.50 -22.68
N ALA G 249 0.24 5.14 -22.88
CA ALA G 249 1.16 5.35 -21.77
C ALA G 249 0.48 6.12 -20.64
N ASN G 250 -0.22 7.21 -20.97
CA ASN G 250 -0.81 8.06 -19.94
C ASN G 250 -1.88 7.33 -19.14
N GLU G 251 -2.72 6.55 -19.83
CA GLU G 251 -3.71 5.75 -19.12
C GLU G 251 -3.03 4.75 -18.18
N LEU G 252 -1.95 4.13 -18.66
CA LEU G 252 -1.27 3.15 -17.83
C LEU G 252 -0.61 3.81 -16.61
N ILE G 253 -0.04 5.01 -16.79
CA ILE G 253 0.50 5.75 -15.65
C ILE G 253 -0.60 6.14 -14.67
N ARG G 254 -1.73 6.63 -15.17
CA ARG G 254 -2.76 7.08 -14.22
C ARG G 254 -3.30 5.90 -13.42
N THR G 255 -3.50 4.74 -14.07
CA THR G 255 -4.01 3.61 -13.32
C THR G 255 -2.97 3.04 -12.35
N LEU G 256 -1.69 3.02 -12.73
CA LEU G 256 -0.68 2.59 -11.76
C LEU G 256 -0.59 3.57 -10.61
N THR G 257 -0.71 4.87 -10.89
CA THR G 257 -0.61 5.84 -9.80
C THR G 257 -1.76 5.66 -8.84
N LEU G 258 -2.97 5.41 -9.36
CA LEU G 258 -4.09 5.10 -8.49
C LEU G 258 -3.80 3.87 -7.64
N SER G 259 -3.30 2.81 -8.26
CA SER G 259 -2.93 1.62 -7.50
C SER G 259 -1.88 1.95 -6.44
N TYR G 260 -1.01 2.92 -6.75
CA TYR G 260 0.04 3.29 -5.81
C TYR G 260 -0.57 3.99 -4.60
N ASN G 261 -1.52 4.90 -4.81
CA ASN G 261 -2.15 5.54 -3.65
C ASN G 261 -2.97 4.53 -2.85
N ARG G 262 -3.66 3.61 -3.52
CA ARG G 262 -4.41 2.60 -2.77
C ARG G 262 -3.48 1.70 -1.97
N ALA G 263 -2.34 1.31 -2.55
CA ALA G 263 -1.36 0.53 -1.80
C ALA G 263 -0.82 1.32 -0.61
N ARG G 264 -0.52 2.60 -0.81
CA ARG G 264 -0.14 3.46 0.31
C ARG G 264 -1.19 3.41 1.40
N GLN G 265 -2.42 3.82 1.08
CA GLN G 265 -3.48 3.94 2.08
C GLN G 265 -3.69 2.62 2.82
N ALA G 266 -3.66 1.51 2.09
CA ALA G 266 -3.79 0.21 2.74
C ALA G 266 -2.63 -0.05 3.69
N ALA G 267 -1.40 0.30 3.28
CA ALA G 267 -0.25 0.07 4.14
C ALA G 267 -0.34 0.92 5.42
N ILE G 268 -0.68 2.20 5.28
CA ILE G 268 -0.79 3.05 6.47
C ILE G 268 -1.90 2.56 7.37
N THR G 269 -3.05 2.19 6.79
CA THR G 269 -4.17 1.73 7.62
C THR G 269 -3.80 0.47 8.38
N GLN G 270 -3.14 -0.48 7.70
CA GLN G 270 -2.73 -1.71 8.38
C GLN G 270 -1.73 -1.40 9.50
N GLU G 271 -0.80 -0.49 9.23
CA GLU G 271 0.20 -0.15 10.24
C GLU G 271 -0.44 0.49 11.47
N ILE G 272 -1.35 1.46 11.26
CA ILE G 272 -1.99 2.08 12.41
C ILE G 272 -2.87 1.09 13.15
N THR G 273 -3.57 0.20 12.43
CA THR G 273 -4.41 -0.77 13.10
C THR G 273 -3.58 -1.68 14.00
N GLU G 274 -2.44 -2.15 13.49
CA GLU G 274 -1.56 -2.98 14.31
C GLU G 274 -1.04 -2.20 15.51
N ILE G 275 -0.64 -0.94 15.30
CA ILE G 275 -0.08 -0.14 16.39
C ILE G 275 -1.11 0.10 17.48
N VAL G 276 -2.34 0.46 17.08
CA VAL G 276 -3.37 0.75 18.07
C VAL G 276 -3.84 -0.52 18.75
N ALA G 277 -3.84 -1.66 18.05
CA ALA G 277 -4.16 -2.93 18.70
C ALA G 277 -3.11 -3.26 19.75
N GLY G 278 -1.83 -3.07 19.43
CA GLY G 278 -0.79 -3.28 20.43
C GLY G 278 -0.90 -2.34 21.60
N ALA G 279 -1.22 -1.07 21.33
CA ALA G 279 -1.37 -0.09 22.40
C ALA G 279 -2.54 -0.45 23.32
N ASN G 280 -3.66 -0.87 22.73
CA ASN G 280 -4.81 -1.28 23.53
C ASN G 280 -4.49 -2.52 24.35
N ALA G 281 -3.76 -3.48 23.77
CA ALA G 281 -3.38 -4.67 24.51
C ALA G 281 -2.48 -4.32 25.68
N LEU G 282 -1.53 -3.42 25.48
CA LEU G 282 -0.62 -3.01 26.53
C LEU G 282 -0.98 -1.61 27.04
#